data_6G04
#
_entry.id   6G04
#
_cell.length_a   1.000
_cell.length_b   1.000
_cell.length_c   1.000
_cell.angle_alpha   90.00
_cell.angle_beta   90.00
_cell.angle_gamma   90.00
#
_symmetry.space_group_name_H-M   'P 1'
#
loop_
_entity.id
_entity.type
_entity.pdbx_description
1 polymer 'Pre-rRNA-processing protein TSR2'
2 polymer '40S ribosomal protein S26-A'
#
loop_
_entity_poly.entity_id
_entity_poly.type
_entity_poly.pdbx_seq_one_letter_code
_entity_poly.pdbx_strand_id
1 'polypeptide(L)'
;SGSHMSTQYIDETAFVQAEQGKTNLMFSDEKQQARFELGVSMVIYKWDALDVAVENSWGGPDSAEKRDWITGIVVDLFKN
EKVVDAALIEETLLYAMIDEFETNVEDDSALPIAVEVINIYNDCFNLNYNKVEKLYLEWQEKQRTKKSKRVVHIEG
;
A
2 'polypeptide(L)' SGSQHMRPRFNRENKVSPADAAKKAL B
#
# COMPACT_ATOMS: atom_id res chain seq x y z
N SER A 1 23.78 3.91 -9.29
CA SER A 1 23.28 5.29 -9.27
C SER A 1 22.03 5.40 -8.39
N GLY A 2 21.73 6.61 -7.91
CA GLY A 2 20.60 6.86 -7.04
C GLY A 2 20.87 6.33 -5.62
N SER A 3 19.86 6.41 -4.75
CA SER A 3 19.96 5.95 -3.38
C SER A 3 18.58 5.60 -2.81
N HIS A 4 18.55 4.88 -1.69
CA HIS A 4 17.32 4.48 -1.03
C HIS A 4 16.59 5.69 -0.46
N MET A 5 15.25 5.62 -0.43
CA MET A 5 14.42 6.71 0.09
C MET A 5 14.42 6.75 1.62
N SER A 6 14.73 5.62 2.26
CA SER A 6 14.74 5.50 3.71
C SER A 6 15.52 4.27 4.15
N THR A 7 15.88 4.19 5.43
CA THR A 7 16.55 3.03 6.01
C THR A 7 15.94 2.55 7.31
N GLN A 8 15.35 3.46 8.09
CA GLN A 8 14.65 3.16 9.32
C GLN A 8 13.80 4.36 9.74
N TYR A 9 14.30 5.58 9.50
CA TYR A 9 13.60 6.81 9.81
C TYR A 9 12.93 7.52 8.63
N ILE A 10 11.91 8.31 8.93
CA ILE A 10 11.16 9.06 7.92
C ILE A 10 10.48 10.27 8.55
N ASP A 11 9.57 10.03 9.49
CA ASP A 11 8.86 11.07 10.22
C ASP A 11 8.16 10.35 11.38
N GLU A 12 7.47 11.10 12.23
CA GLU A 12 6.77 10.56 13.39
C GLU A 12 5.40 11.22 13.56
N THR A 13 5.05 12.15 12.66
CA THR A 13 3.81 12.91 12.75
C THR A 13 3.24 13.27 11.38
N ALA A 14 3.60 12.50 10.35
CA ALA A 14 3.16 12.74 8.99
C ALA A 14 1.64 12.57 8.84
N PHE A 15 1.01 13.42 8.04
CA PHE A 15 -0.42 13.35 7.82
C PHE A 15 -0.74 14.26 6.62
N VAL A 16 -2.00 14.23 6.19
CA VAL A 16 -2.49 15.01 5.06
C VAL A 16 -3.92 15.46 5.38
N GLN A 17 -4.34 16.55 4.74
CA GLN A 17 -5.69 17.08 4.89
C GLN A 17 -6.21 17.60 3.54
N ALA A 18 -7.53 17.49 3.35
CA ALA A 18 -8.21 17.94 2.15
C ALA A 18 -8.48 19.45 2.21
N GLU A 19 -8.89 20.03 1.07
CA GLU A 19 -9.26 21.43 1.03
C GLU A 19 -10.65 21.64 1.63
N GLN A 20 -10.98 22.90 1.92
CA GLN A 20 -12.26 23.23 2.54
C GLN A 20 -13.43 23.03 1.58
N GLY A 21 -13.14 22.87 0.28
CA GLY A 21 -14.14 22.62 -0.74
C GLY A 21 -14.36 21.13 -0.99
N LYS A 22 -13.71 20.26 -0.20
CA LYS A 22 -13.76 18.82 -0.38
C LYS A 22 -14.22 18.07 0.87
N THR A 23 -14.62 16.82 0.67
CA THR A 23 -15.06 15.93 1.74
C THR A 23 -14.24 14.65 1.91
N ASN A 24 -13.21 14.52 1.07
CA ASN A 24 -12.28 13.41 1.08
C ASN A 24 -10.96 13.81 0.42
N LEU A 25 -9.90 13.03 0.65
CA LEU A 25 -8.59 13.29 0.07
C LEU A 25 -8.53 12.87 -1.39
N MET A 26 -9.63 12.34 -1.94
CA MET A 26 -9.68 11.90 -3.33
C MET A 26 -9.43 13.07 -4.28
N PHE A 27 -8.76 12.78 -5.41
CA PHE A 27 -8.43 13.78 -6.41
C PHE A 27 -9.58 14.26 -7.29
N SER A 28 -9.46 15.46 -7.86
CA SER A 28 -10.51 16.04 -8.69
C SER A 28 -10.65 15.31 -10.04
N ASP A 29 -9.57 14.64 -10.47
CA ASP A 29 -9.55 13.89 -11.71
C ASP A 29 -9.24 12.41 -11.51
N GLU A 30 -9.98 11.53 -12.19
CA GLU A 30 -9.76 10.09 -12.07
C GLU A 30 -8.46 9.69 -12.78
N LYS A 31 -8.01 10.49 -13.74
CA LYS A 31 -6.75 10.26 -14.44
C LYS A 31 -5.57 10.53 -13.52
N GLN A 32 -5.71 11.48 -12.59
CA GLN A 32 -4.65 11.83 -11.66
C GLN A 32 -4.70 10.94 -10.42
N GLN A 33 -5.87 10.42 -10.07
CA GLN A 33 -6.03 9.55 -8.92
C GLN A 33 -5.31 8.21 -9.14
N ALA A 34 -5.08 7.85 -10.42
CA ALA A 34 -4.37 6.66 -10.79
C ALA A 34 -2.94 6.66 -10.23
N ARG A 35 -2.28 7.82 -10.23
CA ARG A 35 -0.93 7.95 -9.70
C ARG A 35 -0.88 7.53 -8.24
N PHE A 36 -1.96 7.79 -7.50
CA PHE A 36 -1.99 7.47 -6.08
C PHE A 36 -2.14 5.99 -5.75
N GLU A 37 -2.99 5.26 -6.47
CA GLU A 37 -3.15 3.83 -6.23
C GLU A 37 -1.88 3.08 -6.64
N LEU A 38 -1.19 3.57 -7.66
CA LEU A 38 0.05 2.94 -8.09
C LEU A 38 1.10 3.16 -7.02
N GLY A 39 1.13 4.38 -6.47
CA GLY A 39 2.14 4.76 -5.50
C GLY A 39 2.04 3.90 -4.23
N VAL A 40 0.83 3.70 -3.70
CA VAL A 40 0.67 2.91 -2.48
C VAL A 40 1.00 1.45 -2.76
N SER A 41 0.63 0.95 -3.94
CA SER A 41 0.92 -0.42 -4.32
C SER A 41 2.43 -0.69 -4.26
N MET A 42 3.26 0.34 -4.46
CA MET A 42 4.71 0.21 -4.42
C MET A 42 5.25 0.22 -2.99
N VAL A 43 4.65 0.98 -2.07
CA VAL A 43 5.15 1.02 -0.70
C VAL A 43 4.79 -0.20 0.13
N ILE A 44 3.61 -0.78 -0.12
CA ILE A 44 3.19 -1.98 0.60
C ILE A 44 4.05 -3.16 0.19
N TYR A 45 4.60 -3.12 -1.03
CA TYR A 45 5.54 -4.13 -1.51
C TYR A 45 6.92 -4.12 -0.86
N LYS A 46 7.25 -3.06 -0.12
CA LYS A 46 8.52 -2.92 0.55
C LYS A 46 8.44 -3.29 2.03
N TRP A 47 7.24 -3.63 2.53
CA TRP A 47 7.07 -4.04 3.91
C TRP A 47 7.59 -5.48 4.06
N ASP A 48 8.34 -5.75 5.12
CA ASP A 48 8.96 -7.05 5.34
C ASP A 48 8.07 -8.12 5.98
N ALA A 49 7.24 -7.74 6.96
CA ALA A 49 6.43 -8.70 7.67
C ALA A 49 5.34 -9.30 6.79
N LEU A 50 4.80 -8.51 5.85
CA LEU A 50 3.78 -8.99 4.94
C LEU A 50 4.42 -9.85 3.85
N ASP A 51 5.61 -9.47 3.38
CA ASP A 51 6.29 -10.21 2.33
C ASP A 51 6.60 -11.66 2.74
N VAL A 52 7.02 -11.83 4.00
CA VAL A 52 7.35 -13.15 4.53
C VAL A 52 6.08 -13.97 4.72
N ALA A 53 4.94 -13.32 5.01
CA ALA A 53 3.71 -14.03 5.30
C ALA A 53 3.07 -14.64 4.04
N VAL A 54 3.26 -14.01 2.87
CA VAL A 54 2.72 -14.54 1.63
C VAL A 54 3.62 -15.63 1.06
N GLU A 55 4.92 -15.56 1.36
CA GLU A 55 5.88 -16.56 0.93
C GLU A 55 5.76 -17.83 1.78
N ASN A 56 5.32 -17.68 3.03
CA ASN A 56 5.12 -18.82 3.92
C ASN A 56 3.64 -19.25 3.95
N SER A 57 2.80 -18.57 3.16
CA SER A 57 1.37 -18.89 3.05
C SER A 57 0.66 -18.89 4.41
N TRP A 58 1.07 -18.01 5.32
CA TRP A 58 0.46 -17.91 6.64
C TRP A 58 -1.03 -17.54 6.60
N GLY A 59 -1.47 -17.02 5.46
CA GLY A 59 -2.86 -16.62 5.25
C GLY A 59 -3.60 -17.61 4.35
N GLY A 60 -2.99 -18.76 4.06
CA GLY A 60 -3.56 -19.75 3.16
C GLY A 60 -3.28 -19.38 1.71
N PRO A 61 -3.88 -20.11 0.76
CA PRO A 61 -3.72 -19.88 -0.67
C PRO A 61 -4.30 -18.54 -1.09
N ASP A 62 -5.19 -17.97 -0.26
CA ASP A 62 -5.78 -16.66 -0.53
C ASP A 62 -4.87 -15.48 -0.17
N SER A 63 -3.73 -15.77 0.47
CA SER A 63 -2.78 -14.74 0.89
C SER A 63 -2.19 -13.99 -0.31
N ALA A 64 -2.23 -14.60 -1.50
CA ALA A 64 -1.71 -13.96 -2.69
C ALA A 64 -2.60 -12.80 -3.11
N GLU A 65 -3.89 -12.85 -2.76
CA GLU A 65 -4.80 -11.75 -3.02
C GLU A 65 -4.88 -10.82 -1.81
N LYS A 66 -4.61 -11.34 -0.60
CA LYS A 66 -4.58 -10.53 0.59
C LYS A 66 -3.39 -9.58 0.55
N ARG A 67 -2.38 -9.93 -0.23
CA ARG A 67 -1.18 -9.11 -0.44
C ARG A 67 -1.54 -7.80 -1.13
N ASP A 68 -2.28 -7.89 -2.23
CA ASP A 68 -2.69 -6.72 -2.99
C ASP A 68 -3.89 -6.01 -2.36
N TRP A 69 -4.56 -6.69 -1.43
CA TRP A 69 -5.71 -6.13 -0.74
C TRP A 69 -5.29 -5.14 0.36
N ILE A 70 -4.07 -5.29 0.88
CA ILE A 70 -3.56 -4.46 1.96
C ILE A 70 -3.34 -3.01 1.49
N THR A 71 -3.04 -2.78 0.21
CA THR A 71 -2.91 -1.42 -0.30
C THR A 71 -4.32 -0.93 -0.62
N GLY A 72 -5.22 -1.84 -1.04
CA GLY A 72 -6.57 -1.46 -1.42
C GLY A 72 -7.38 -0.94 -0.24
N ILE A 73 -7.16 -1.50 0.96
CA ILE A 73 -7.88 -1.05 2.14
C ILE A 73 -7.33 0.28 2.66
N VAL A 74 -6.06 0.59 2.40
CA VAL A 74 -5.45 1.83 2.86
C VAL A 74 -5.83 2.94 1.90
N VAL A 75 -6.03 2.62 0.62
CA VAL A 75 -6.38 3.62 -0.38
C VAL A 75 -7.77 4.12 -0.04
N ASP A 76 -8.63 3.26 0.52
CA ASP A 76 -10.00 3.63 0.87
C ASP A 76 -10.13 4.68 1.98
N LEU A 77 -9.06 4.94 2.73
CA LEU A 77 -9.05 5.97 3.76
C LEU A 77 -9.13 7.33 3.08
N PHE A 78 -8.35 7.50 2.02
CA PHE A 78 -8.30 8.74 1.26
C PHE A 78 -9.57 8.98 0.44
N LYS A 79 -10.33 7.92 0.16
CA LYS A 79 -11.56 8.04 -0.62
C LYS A 79 -12.78 8.36 0.25
N ASN A 80 -12.64 8.23 1.58
CA ASN A 80 -13.78 8.38 2.48
C ASN A 80 -13.50 9.34 3.65
N GLU A 81 -12.24 9.72 3.87
CA GLU A 81 -11.90 10.70 4.90
C GLU A 81 -11.19 11.90 4.27
N LYS A 82 -11.49 13.10 4.79
CA LYS A 82 -10.91 14.35 4.32
C LYS A 82 -9.56 14.62 4.98
N VAL A 83 -9.10 13.73 5.86
CA VAL A 83 -7.82 13.89 6.51
C VAL A 83 -7.44 12.51 7.03
N VAL A 84 -6.14 12.19 6.92
CA VAL A 84 -5.60 10.89 7.30
C VAL A 84 -4.19 11.13 7.82
N ASP A 85 -3.78 10.36 8.83
CA ASP A 85 -2.43 10.43 9.36
C ASP A 85 -1.70 9.08 9.32
N ALA A 86 -0.39 9.11 9.50
CA ALA A 86 0.42 7.90 9.46
C ALA A 86 -0.03 6.90 10.52
N ALA A 87 -0.64 7.38 11.61
CA ALA A 87 -1.14 6.52 12.67
C ALA A 87 -2.39 5.77 12.23
N LEU A 88 -3.16 6.35 11.30
CA LEU A 88 -4.37 5.73 10.79
C LEU A 88 -4.01 4.54 9.91
N ILE A 89 -3.09 4.77 8.96
CA ILE A 89 -2.68 3.77 8.00
C ILE A 89 -1.90 2.65 8.69
N GLU A 90 -1.13 2.98 9.73
CA GLU A 90 -0.34 1.97 10.42
C GLU A 90 -1.26 0.95 11.08
N GLU A 91 -2.36 1.39 11.68
CA GLU A 91 -3.31 0.48 12.31
C GLU A 91 -4.02 -0.36 11.25
N THR A 92 -4.16 0.18 10.03
CA THR A 92 -4.75 -0.56 8.93
C THR A 92 -3.85 -1.66 8.38
N LEU A 93 -2.53 -1.57 8.64
CA LEU A 93 -1.57 -2.59 8.28
C LEU A 93 -1.38 -3.56 9.44
N LEU A 94 -1.30 -3.07 10.68
CA LEU A 94 -1.07 -3.93 11.83
C LEU A 94 -2.23 -4.89 12.01
N TYR A 95 -3.47 -4.41 11.85
CA TYR A 95 -4.62 -5.29 11.93
C TYR A 95 -4.79 -6.23 10.75
N ALA A 96 -4.24 -5.88 9.59
CA ALA A 96 -4.30 -6.71 8.40
C ALA A 96 -3.36 -7.92 8.51
N MET A 97 -2.48 -7.93 9.51
CA MET A 97 -1.60 -9.06 9.76
C MET A 97 -2.16 -9.96 10.84
N ILE A 98 -3.14 -9.47 11.60
CA ILE A 98 -3.70 -10.17 12.74
C ILE A 98 -5.11 -10.70 12.42
N ASP A 99 -5.78 -10.11 11.43
CA ASP A 99 -7.15 -10.49 11.08
C ASP A 99 -7.25 -11.83 10.36
N GLU A 100 -6.16 -12.29 9.75
CA GLU A 100 -6.15 -13.58 9.08
C GLU A 100 -4.73 -14.17 9.01
N PHE A 101 -3.69 -13.31 8.97
CA PHE A 101 -2.31 -13.79 9.01
C PHE A 101 -1.84 -14.35 10.35
N GLU A 102 -2.63 -14.13 11.41
CA GLU A 102 -2.30 -14.57 12.77
C GLU A 102 -0.91 -14.11 13.20
N THR A 103 -0.44 -12.98 12.65
CA THR A 103 0.89 -12.45 12.88
C THR A 103 0.82 -11.04 13.44
N ASN A 104 1.51 -10.82 14.56
CA ASN A 104 1.64 -9.50 15.14
C ASN A 104 2.91 -8.82 14.61
N VAL A 105 2.84 -7.50 14.44
CA VAL A 105 3.96 -6.70 13.95
C VAL A 105 4.31 -5.55 14.88
N GLU A 106 4.64 -5.90 16.12
CA GLU A 106 4.95 -4.94 17.17
C GLU A 106 6.35 -4.34 17.00
N ASP A 107 7.07 -4.78 15.97
CA ASP A 107 8.38 -4.23 15.62
C ASP A 107 8.31 -2.83 14.99
N ASP A 108 7.10 -2.28 14.89
CA ASP A 108 6.86 -0.98 14.29
C ASP A 108 7.30 -0.84 12.83
N SER A 109 7.50 -1.97 12.16
CA SER A 109 7.97 -1.97 10.78
C SER A 109 6.89 -1.44 9.82
N ALA A 110 5.65 -1.31 10.30
CA ALA A 110 4.56 -0.75 9.51
C ALA A 110 4.53 0.77 9.58
N LEU A 111 5.24 1.37 10.55
CA LEU A 111 5.30 2.82 10.69
C LEU A 111 5.87 3.49 9.45
N PRO A 112 7.07 3.13 8.99
CA PRO A 112 7.67 3.75 7.82
C PRO A 112 6.89 3.44 6.55
N ILE A 113 6.06 2.38 6.56
CA ILE A 113 5.25 2.04 5.41
C ILE A 113 4.04 2.96 5.34
N ALA A 114 3.51 3.38 6.50
CA ALA A 114 2.38 4.28 6.56
C ALA A 114 2.79 5.69 6.16
N VAL A 115 3.96 6.15 6.60
CA VAL A 115 4.42 7.51 6.31
C VAL A 115 4.69 7.67 4.81
N GLU A 116 5.04 6.59 4.11
CA GLU A 116 5.25 6.68 2.68
C GLU A 116 3.95 6.90 1.93
N VAL A 117 2.85 6.28 2.35
CA VAL A 117 1.57 6.44 1.66
C VAL A 117 1.10 7.88 1.78
N ILE A 118 1.49 8.56 2.87
CA ILE A 118 1.08 9.93 3.14
C ILE A 118 1.77 10.88 2.16
N ASN A 119 3.00 10.57 1.76
CA ASN A 119 3.74 11.45 0.88
C ASN A 119 3.40 11.19 -0.59
N ILE A 120 2.72 10.08 -0.90
CA ILE A 120 2.26 9.85 -2.26
C ILE A 120 1.22 10.91 -2.58
N TYR A 121 0.40 11.27 -1.60
CA TYR A 121 -0.61 12.31 -1.78
C TYR A 121 -0.03 13.71 -1.99
N ASN A 122 1.06 14.01 -1.30
CA ASN A 122 1.71 15.32 -1.39
C ASN A 122 2.30 15.54 -2.78
N ASP A 123 2.83 14.48 -3.39
CA ASP A 123 3.37 14.57 -4.73
C ASP A 123 2.28 14.65 -5.79
N CYS A 124 1.21 13.86 -5.62
CA CYS A 124 0.09 13.87 -6.54
C CYS A 124 -0.70 15.18 -6.45
N PHE A 125 -0.51 15.94 -5.36
CA PHE A 125 -1.16 17.23 -5.18
C PHE A 125 -0.64 18.35 -6.07
N ASN A 126 0.49 18.10 -6.76
CA ASN A 126 1.07 19.04 -7.70
C ASN A 126 1.56 18.31 -8.96
N LEU A 127 0.84 17.23 -9.31
CA LEU A 127 1.06 16.45 -10.52
C LEU A 127 2.45 15.79 -10.62
N ASN A 128 3.16 15.60 -9.50
CA ASN A 128 4.41 14.88 -9.50
C ASN A 128 4.18 13.38 -9.24
N TYR A 129 4.99 12.54 -9.86
CA TYR A 129 4.92 11.08 -9.71
C TYR A 129 6.22 10.33 -9.96
N ASN A 130 7.36 11.03 -9.85
CA ASN A 130 8.66 10.47 -10.20
C ASN A 130 9.05 9.27 -9.34
N LYS A 131 8.68 9.26 -8.05
CA LYS A 131 9.01 8.14 -7.18
C LYS A 131 8.04 6.98 -7.40
N VAL A 132 6.82 7.28 -7.85
CA VAL A 132 5.81 6.27 -8.09
C VAL A 132 6.19 5.47 -9.33
N GLU A 133 6.79 6.12 -10.33
CA GLU A 133 7.25 5.43 -11.52
C GLU A 133 8.58 4.72 -11.25
N LYS A 134 9.44 5.32 -10.41
CA LYS A 134 10.74 4.76 -10.10
C LYS A 134 10.61 3.41 -9.40
N LEU A 135 9.77 3.34 -8.36
CA LEU A 135 9.57 2.09 -7.64
C LEU A 135 8.91 1.05 -8.54
N TYR A 136 8.11 1.48 -9.52
CA TYR A 136 7.49 0.54 -10.44
C TYR A 136 8.44 -0.08 -11.45
N LEU A 137 9.53 0.63 -11.75
CA LEU A 137 10.56 0.14 -12.66
C LEU A 137 11.57 -0.72 -11.89
N GLU A 138 11.83 -0.39 -10.62
CA GLU A 138 12.75 -1.14 -9.79
C GLU A 138 12.09 -2.40 -9.23
N TRP A 139 10.75 -2.45 -9.24
CA TRP A 139 10.01 -3.63 -8.82
C TRP A 139 10.13 -4.80 -9.78
N GLN A 140 10.39 -4.53 -11.07
CA GLN A 140 10.42 -5.55 -12.09
C GLN A 140 11.71 -6.36 -12.13
N GLU A 141 12.76 -5.93 -11.40
CA GLU A 141 14.07 -6.58 -11.50
C GLU A 141 14.07 -7.96 -10.85
N LYS A 142 13.07 -8.26 -10.02
CA LYS A 142 12.97 -9.55 -9.35
C LYS A 142 11.73 -10.33 -9.76
N GLN A 143 10.80 -9.69 -10.46
CA GLN A 143 9.63 -10.42 -10.98
C GLN A 143 10.04 -11.27 -12.19
N ARG A 144 11.20 -10.98 -12.77
CA ARG A 144 11.74 -11.75 -13.89
C ARG A 144 12.57 -12.94 -13.42
N THR A 145 12.43 -13.33 -12.14
CA THR A 145 13.20 -14.44 -11.58
C THR A 145 12.45 -15.08 -10.41
N LYS A 146 11.59 -14.32 -9.70
CA LYS A 146 10.77 -14.85 -8.62
C LYS A 146 9.37 -15.24 -9.08
N LYS A 147 9.11 -15.20 -10.39
CA LYS A 147 7.79 -15.52 -10.94
C LYS A 147 7.88 -16.17 -12.32
N SER A 148 8.87 -15.78 -13.12
CA SER A 148 9.11 -16.34 -14.44
C SER A 148 10.49 -15.90 -14.89
N LYS A 149 11.41 -16.86 -15.01
CA LYS A 149 12.79 -16.58 -15.41
C LYS A 149 12.83 -16.03 -16.83
N ARG A 150 13.83 -15.19 -17.11
CA ARG A 150 14.02 -14.59 -18.43
C ARG A 150 15.48 -14.22 -18.63
N VAL A 151 16.02 -14.56 -19.80
CA VAL A 151 17.37 -14.19 -20.17
C VAL A 151 17.36 -12.77 -20.70
N VAL A 152 18.03 -11.87 -19.99
CA VAL A 152 18.14 -10.47 -20.39
C VAL A 152 19.03 -10.26 -21.61
N HIS A 153 18.86 -9.13 -22.29
CA HIS A 153 19.63 -8.78 -23.48
C HIS A 153 19.73 -7.26 -23.63
N ILE A 154 19.60 -6.54 -22.51
CA ILE A 154 19.62 -5.08 -22.49
C ILE A 154 21.02 -4.57 -22.85
N GLU A 155 21.08 -3.45 -23.58
CA GLU A 155 22.34 -2.85 -23.99
C GLU A 155 22.20 -1.33 -24.18
N GLY A 156 21.10 -0.76 -23.66
CA GLY A 156 20.81 0.66 -23.79
C GLY A 156 20.41 1.01 -25.21
N SER B 1 -9.63 -1.37 26.74
CA SER B 1 -10.78 -1.15 25.84
C SER B 1 -10.52 -0.01 24.87
N GLY B 2 -11.29 0.06 23.78
CA GLY B 2 -11.15 1.10 22.77
C GLY B 2 -12.14 0.90 21.63
N SER B 3 -12.05 1.76 20.61
CA SER B 3 -12.95 1.69 19.45
C SER B 3 -12.71 0.43 18.64
N GLN B 4 -13.71 0.01 17.86
CA GLN B 4 -13.62 -1.20 17.05
C GLN B 4 -12.69 -1.03 15.85
N HIS B 5 -12.22 0.19 15.60
CA HIS B 5 -11.38 0.54 14.45
C HIS B 5 -12.06 0.23 13.11
N MET B 6 -11.44 0.75 12.03
CA MET B 6 -11.91 0.54 10.66
C MET B 6 -11.41 -0.79 10.11
N ARG B 7 -10.64 -1.54 10.91
CA ARG B 7 -9.97 -2.76 10.50
C ARG B 7 -10.92 -3.72 9.77
N PRO B 8 -10.70 -3.92 8.45
CA PRO B 8 -11.41 -4.89 7.66
C PRO B 8 -10.89 -6.30 7.97
N ARG B 9 -11.32 -7.30 7.20
CA ARG B 9 -10.90 -8.68 7.38
C ARG B 9 -10.25 -9.22 6.11
N PHE B 10 -11.04 -9.34 5.04
CA PHE B 10 -10.55 -9.75 3.73
C PHE B 10 -11.48 -9.37 2.58
N ASN B 11 -10.89 -9.03 1.42
CA ASN B 11 -11.65 -8.70 0.23
C ASN B 11 -10.72 -8.85 -0.98
N ARG B 12 -11.28 -8.76 -2.19
CA ARG B 12 -10.51 -8.90 -3.41
C ARG B 12 -11.04 -7.96 -4.50
N GLU B 13 -11.93 -7.03 -4.14
CA GLU B 13 -12.51 -6.10 -5.09
C GLU B 13 -11.82 -4.73 -5.03
N ASN B 14 -11.25 -4.37 -3.87
CA ASN B 14 -10.59 -3.09 -3.70
C ASN B 14 -9.08 -3.23 -3.84
N LYS B 15 -8.57 -4.47 -3.89
CA LYS B 15 -7.15 -4.74 -3.95
C LYS B 15 -6.51 -4.01 -5.14
N VAL B 16 -5.22 -3.67 -5.00
CA VAL B 16 -4.47 -2.96 -6.04
C VAL B 16 -3.23 -3.73 -6.45
N SER B 17 -3.17 -4.08 -7.74
CA SER B 17 -2.00 -4.72 -8.34
C SER B 17 -0.98 -3.66 -8.73
N PRO B 18 0.32 -3.99 -8.70
CA PRO B 18 1.38 -3.08 -9.10
C PRO B 18 1.25 -2.68 -10.56
N ALA B 19 0.45 -3.40 -11.35
CA ALA B 19 0.25 -3.10 -12.76
C ALA B 19 -1.13 -2.50 -13.02
N ASP B 20 -2.14 -2.92 -12.26
CA ASP B 20 -3.51 -2.46 -12.47
C ASP B 20 -3.63 -0.96 -12.22
N ALA B 21 -2.66 -0.38 -11.50
CA ALA B 21 -2.65 1.05 -11.24
C ALA B 21 -1.60 1.74 -12.11
N ALA B 22 -0.74 0.96 -12.77
CA ALA B 22 0.30 1.52 -13.61
C ALA B 22 -0.20 1.66 -15.04
N LYS B 23 -1.00 0.70 -15.50
CA LYS B 23 -1.56 0.74 -16.85
C LYS B 23 -2.49 1.94 -17.05
N LYS B 24 -2.85 2.63 -15.96
CA LYS B 24 -3.68 3.82 -15.99
C LYS B 24 -2.88 5.07 -15.57
N ALA B 25 -1.84 4.90 -14.75
CA ALA B 25 -1.06 6.01 -14.22
C ALA B 25 0.14 6.36 -15.10
N LEU B 26 0.82 5.35 -15.65
CA LEU B 26 1.98 5.56 -16.51
C LEU B 26 1.60 6.33 -17.77
N SER A 1 15.71 20.64 5.29
CA SER A 1 16.23 19.62 4.35
C SER A 1 15.36 18.38 4.38
N GLY A 2 15.35 17.61 3.28
CA GLY A 2 14.55 16.40 3.16
C GLY A 2 14.67 15.78 1.77
N SER A 3 14.00 14.65 1.58
CA SER A 3 14.01 13.93 0.30
C SER A 3 12.77 13.05 0.17
N HIS A 4 12.43 12.66 -1.06
CA HIS A 4 11.29 11.81 -1.34
C HIS A 4 11.55 10.35 -0.98
N MET A 5 12.78 10.02 -0.59
CA MET A 5 13.16 8.68 -0.16
C MET A 5 14.21 8.75 0.95
N SER A 6 14.41 7.64 1.65
CA SER A 6 15.40 7.56 2.73
C SER A 6 15.84 6.11 2.94
N THR A 7 17.01 5.93 3.55
CA THR A 7 17.58 4.62 3.81
C THR A 7 17.01 3.90 5.05
N GLN A 8 16.36 4.64 5.94
CA GLN A 8 15.80 4.04 7.16
C GLN A 8 14.69 4.91 7.76
N TYR A 9 15.02 6.13 8.19
CA TYR A 9 14.06 7.01 8.84
C TYR A 9 13.16 7.83 7.92
N ILE A 10 12.07 8.39 8.47
CA ILE A 10 11.10 9.13 7.70
C ILE A 10 10.50 10.26 8.52
N ASP A 11 9.57 9.93 9.42
CA ASP A 11 8.89 10.89 10.28
C ASP A 11 8.17 10.07 11.34
N GLU A 12 7.51 10.74 12.29
CA GLU A 12 6.79 10.09 13.38
C GLU A 12 5.40 10.70 13.58
N THR A 13 5.05 11.69 12.75
CA THR A 13 3.80 12.42 12.88
C THR A 13 3.27 12.93 11.53
N ALA A 14 3.69 12.27 10.44
CA ALA A 14 3.28 12.64 9.09
C ALA A 14 1.78 12.45 8.91
N PHE A 15 1.16 13.32 8.12
CA PHE A 15 -0.28 13.26 7.89
C PHE A 15 -0.62 14.19 6.72
N VAL A 16 -1.88 14.14 6.29
CA VAL A 16 -2.40 14.97 5.21
C VAL A 16 -3.84 15.30 5.53
N GLN A 17 -4.32 16.41 4.93
CA GLN A 17 -5.69 16.85 5.07
C GLN A 17 -6.20 17.45 3.76
N ALA A 18 -7.49 17.28 3.49
CA ALA A 18 -8.14 17.80 2.30
C ALA A 18 -8.39 19.30 2.42
N GLU A 19 -8.71 19.95 1.30
CA GLU A 19 -9.05 21.37 1.29
C GLU A 19 -10.47 21.59 1.81
N GLN A 20 -10.82 22.84 2.10
CA GLN A 20 -12.12 23.19 2.65
C GLN A 20 -13.22 23.00 1.61
N GLY A 21 -12.84 22.85 0.34
CA GLY A 21 -13.78 22.63 -0.77
C GLY A 21 -14.02 21.14 -1.02
N LYS A 22 -13.47 20.27 -0.17
CA LYS A 22 -13.55 18.83 -0.35
C LYS A 22 -14.03 18.10 0.91
N THR A 23 -14.47 16.86 0.73
CA THR A 23 -14.94 16.00 1.82
C THR A 23 -14.10 14.74 2.01
N ASN A 24 -13.07 14.59 1.18
CA ASN A 24 -12.13 13.47 1.22
C ASN A 24 -10.82 13.87 0.56
N LEU A 25 -9.77 13.06 0.76
CA LEU A 25 -8.46 13.30 0.17
C LEU A 25 -8.44 12.93 -1.32
N MET A 26 -9.56 12.43 -1.86
CA MET A 26 -9.64 12.07 -3.28
C MET A 26 -9.48 13.30 -4.17
N PHE A 27 -8.87 13.12 -5.35
CA PHE A 27 -8.64 14.18 -6.30
C PHE A 27 -9.79 14.50 -7.26
N SER A 28 -9.78 15.69 -7.86
CA SER A 28 -10.83 16.13 -8.76
C SER A 28 -10.83 15.36 -10.08
N ASP A 29 -9.71 14.71 -10.42
CA ASP A 29 -9.57 13.94 -11.65
C ASP A 29 -9.33 12.45 -11.43
N GLU A 30 -10.00 11.61 -12.22
CA GLU A 30 -9.85 10.16 -12.11
C GLU A 30 -8.50 9.72 -12.67
N LYS A 31 -7.92 10.50 -13.59
CA LYS A 31 -6.63 10.20 -14.17
C LYS A 31 -5.52 10.34 -13.13
N GLN A 32 -5.74 11.16 -12.11
CA GLN A 32 -4.73 11.36 -11.07
C GLN A 32 -4.86 10.30 -9.98
N GLN A 33 -6.07 9.74 -9.79
CA GLN A 33 -6.26 8.66 -8.84
C GLN A 33 -5.52 7.40 -9.28
N ALA A 34 -5.29 7.26 -10.59
CA ALA A 34 -4.51 6.15 -11.11
C ALA A 34 -3.08 6.21 -10.58
N ARG A 35 -2.48 7.41 -10.62
CA ARG A 35 -1.12 7.61 -10.14
C ARG A 35 -1.07 7.47 -8.62
N PHE A 36 -2.19 7.77 -7.94
CA PHE A 36 -2.22 7.61 -6.50
C PHE A 36 -2.27 6.14 -6.05
N GLU A 37 -3.02 5.31 -6.77
CA GLU A 37 -3.12 3.88 -6.45
C GLU A 37 -1.80 3.18 -6.80
N LEU A 38 -1.12 3.63 -7.85
CA LEU A 38 0.18 3.07 -8.22
C LEU A 38 1.20 3.42 -7.14
N GLY A 39 1.02 4.60 -6.52
CA GLY A 39 1.92 5.05 -5.47
C GLY A 39 1.88 4.13 -4.25
N VAL A 40 0.69 3.78 -3.77
CA VAL A 40 0.56 2.94 -2.58
C VAL A 40 0.97 1.49 -2.83
N SER A 41 0.61 0.96 -4.01
CA SER A 41 0.92 -0.43 -4.35
C SER A 41 2.44 -0.66 -4.35
N MET A 42 3.23 0.41 -4.52
CA MET A 42 4.68 0.31 -4.53
C MET A 42 5.29 0.34 -3.13
N VAL A 43 4.59 0.91 -2.14
CA VAL A 43 5.13 0.98 -0.78
C VAL A 43 4.82 -0.25 0.05
N ILE A 44 3.65 -0.85 -0.15
CA ILE A 44 3.26 -2.06 0.58
C ILE A 44 4.15 -3.22 0.12
N TYR A 45 4.66 -3.14 -1.12
CA TYR A 45 5.63 -4.08 -1.65
C TYR A 45 7.02 -4.05 -1.02
N LYS A 46 7.24 -3.16 -0.05
CA LYS A 46 8.52 -3.01 0.63
C LYS A 46 8.41 -3.29 2.13
N TRP A 47 7.24 -3.73 2.60
CA TRP A 47 7.04 -4.05 4.00
C TRP A 47 7.54 -5.47 4.28
N ASP A 48 8.55 -5.61 5.15
CA ASP A 48 9.18 -6.90 5.41
C ASP A 48 8.34 -7.93 6.15
N ALA A 49 7.36 -7.50 6.96
CA ALA A 49 6.55 -8.43 7.72
C ALA A 49 5.47 -9.07 6.84
N LEU A 50 4.97 -8.32 5.84
CA LEU A 50 3.96 -8.84 4.93
C LEU A 50 4.63 -9.67 3.85
N ASP A 51 5.83 -9.28 3.41
CA ASP A 51 6.57 -10.05 2.40
C ASP A 51 6.89 -11.47 2.83
N VAL A 52 7.01 -11.71 4.15
CA VAL A 52 7.30 -13.03 4.69
C VAL A 52 6.01 -13.83 4.83
N ALA A 53 4.88 -13.16 5.06
CA ALA A 53 3.62 -13.85 5.26
C ALA A 53 3.09 -14.48 3.97
N VAL A 54 3.38 -13.88 2.82
CA VAL A 54 2.96 -14.43 1.53
C VAL A 54 3.92 -15.51 1.03
N GLU A 55 5.19 -15.43 1.43
CA GLU A 55 6.20 -16.43 1.09
C GLU A 55 5.96 -17.73 1.85
N ASN A 56 5.25 -17.65 2.98
CA ASN A 56 4.92 -18.82 3.79
C ASN A 56 3.42 -19.11 3.79
N SER A 57 2.64 -18.33 3.04
CA SER A 57 1.19 -18.53 2.90
C SER A 57 0.49 -18.64 4.26
N TRP A 58 0.86 -17.81 5.23
CA TRP A 58 0.28 -17.82 6.55
C TRP A 58 -1.22 -17.49 6.55
N GLY A 59 -1.72 -16.92 5.44
CA GLY A 59 -3.11 -16.57 5.27
C GLY A 59 -3.85 -17.58 4.40
N GLY A 60 -3.19 -18.69 4.05
CA GLY A 60 -3.74 -19.69 3.15
C GLY A 60 -3.40 -19.36 1.71
N PRO A 61 -4.02 -20.04 0.74
CA PRO A 61 -3.78 -19.85 -0.68
C PRO A 61 -4.23 -18.46 -1.12
N ASP A 62 -5.07 -17.79 -0.32
CA ASP A 62 -5.54 -16.44 -0.62
C ASP A 62 -4.55 -15.34 -0.25
N SER A 63 -3.38 -15.71 0.28
CA SER A 63 -2.36 -14.75 0.71
C SER A 63 -1.88 -13.86 -0.44
N ALA A 64 -2.01 -14.31 -1.68
CA ALA A 64 -1.58 -13.54 -2.82
C ALA A 64 -2.59 -12.44 -3.16
N GLU A 65 -3.87 -12.66 -2.86
CA GLU A 65 -4.91 -11.64 -3.02
C GLU A 65 -4.91 -10.73 -1.80
N LYS A 66 -4.50 -11.27 -0.65
CA LYS A 66 -4.37 -10.52 0.59
C LYS A 66 -3.26 -9.49 0.47
N ARG A 67 -2.24 -9.78 -0.36
CA ARG A 67 -1.10 -8.90 -0.56
C ARG A 67 -1.53 -7.62 -1.27
N ASP A 68 -2.33 -7.75 -2.32
CA ASP A 68 -2.84 -6.61 -3.07
C ASP A 68 -3.97 -5.90 -2.34
N TRP A 69 -4.61 -6.60 -1.39
CA TRP A 69 -5.74 -6.05 -0.67
C TRP A 69 -5.32 -5.08 0.43
N ILE A 70 -4.10 -5.24 0.94
CA ILE A 70 -3.57 -4.41 2.01
C ILE A 70 -3.35 -2.96 1.55
N THR A 71 -3.04 -2.75 0.27
CA THR A 71 -2.89 -1.39 -0.25
C THR A 71 -4.29 -0.89 -0.58
N GLY A 72 -5.21 -1.78 -0.99
CA GLY A 72 -6.55 -1.37 -1.38
C GLY A 72 -7.34 -0.80 -0.20
N ILE A 73 -7.17 -1.36 0.99
CA ILE A 73 -7.89 -0.87 2.17
C ILE A 73 -7.28 0.43 2.68
N VAL A 74 -5.99 0.67 2.40
CA VAL A 74 -5.33 1.90 2.83
C VAL A 74 -5.71 3.01 1.86
N VAL A 75 -5.87 2.66 0.57
CA VAL A 75 -6.23 3.63 -0.45
C VAL A 75 -7.65 4.10 -0.13
N ASP A 76 -8.49 3.21 0.39
CA ASP A 76 -9.88 3.55 0.71
C ASP A 76 -10.05 4.57 1.84
N LEU A 77 -8.99 4.85 2.60
CA LEU A 77 -9.05 5.86 3.65
C LEU A 77 -9.09 7.25 3.01
N PHE A 78 -8.27 7.45 1.97
CA PHE A 78 -8.20 8.70 1.24
C PHE A 78 -9.46 8.98 0.42
N LYS A 79 -10.21 7.92 0.09
CA LYS A 79 -11.42 8.06 -0.70
C LYS A 79 -12.66 8.32 0.16
N ASN A 80 -12.54 8.19 1.48
CA ASN A 80 -13.70 8.28 2.37
C ASN A 80 -13.47 9.19 3.57
N GLU A 81 -12.24 9.67 3.77
CA GLU A 81 -11.94 10.61 4.83
C GLU A 81 -11.13 11.79 4.30
N LYS A 82 -11.40 12.98 4.85
CA LYS A 82 -10.67 14.20 4.49
C LYS A 82 -9.37 14.31 5.29
N VAL A 83 -9.10 13.36 6.19
CA VAL A 83 -7.91 13.38 7.01
C VAL A 83 -7.39 11.96 7.20
N VAL A 84 -6.08 11.78 7.01
CA VAL A 84 -5.42 10.50 7.15
C VAL A 84 -4.01 10.81 7.67
N ASP A 85 -3.50 9.99 8.58
CA ASP A 85 -2.16 10.16 9.14
C ASP A 85 -1.39 8.86 9.18
N ALA A 86 -0.08 8.96 9.46
CA ALA A 86 0.79 7.80 9.49
C ALA A 86 0.32 6.79 10.53
N ALA A 87 -0.39 7.25 11.58
CA ALA A 87 -0.89 6.35 12.61
C ALA A 87 -2.15 5.63 12.15
N LEU A 88 -3.01 6.30 11.37
CA LEU A 88 -4.26 5.71 10.89
C LEU A 88 -3.98 4.67 9.82
N ILE A 89 -2.93 4.86 9.02
CA ILE A 89 -2.54 3.87 8.02
C ILE A 89 -1.83 2.70 8.68
N GLU A 90 -1.04 2.96 9.72
CA GLU A 90 -0.27 1.92 10.39
C GLU A 90 -1.20 0.92 11.06
N GLU A 91 -2.30 1.39 11.64
CA GLU A 91 -3.27 0.49 12.26
C GLU A 91 -3.94 -0.38 11.21
N THR A 92 -4.15 0.17 10.00
CA THR A 92 -4.73 -0.61 8.91
C THR A 92 -3.82 -1.72 8.37
N LEU A 93 -2.51 -1.58 8.61
CA LEU A 93 -1.54 -2.60 8.26
C LEU A 93 -1.40 -3.61 9.41
N LEU A 94 -1.30 -3.12 10.66
CA LEU A 94 -1.12 -4.01 11.79
C LEU A 94 -2.34 -4.91 11.95
N TYR A 95 -3.54 -4.36 11.80
CA TYR A 95 -4.74 -5.18 11.87
C TYR A 95 -4.91 -6.16 10.71
N ALA A 96 -4.28 -5.86 9.57
CA ALA A 96 -4.34 -6.73 8.39
C ALA A 96 -3.43 -7.95 8.54
N MET A 97 -2.56 -7.96 9.55
CA MET A 97 -1.70 -9.10 9.84
C MET A 97 -2.33 -9.98 10.94
N ILE A 98 -3.18 -9.37 11.76
CA ILE A 98 -3.79 -10.05 12.89
C ILE A 98 -5.17 -10.59 12.54
N ASP A 99 -5.81 -10.04 11.50
CA ASP A 99 -7.16 -10.44 11.14
C ASP A 99 -7.21 -11.74 10.34
N GLU A 100 -6.08 -12.19 9.79
CA GLU A 100 -6.06 -13.42 9.00
C GLU A 100 -4.67 -14.05 8.96
N PHE A 101 -3.60 -13.24 8.99
CA PHE A 101 -2.24 -13.77 9.03
C PHE A 101 -1.80 -14.36 10.37
N GLU A 102 -2.63 -14.20 11.41
CA GLU A 102 -2.32 -14.65 12.76
C GLU A 102 -0.95 -14.14 13.22
N THR A 103 -0.55 -12.97 12.73
CA THR A 103 0.77 -12.41 12.98
C THR A 103 0.63 -10.99 13.52
N ASN A 104 1.36 -10.69 14.59
CA ASN A 104 1.43 -9.35 15.14
C ASN A 104 2.68 -8.63 14.64
N VAL A 105 2.61 -7.31 14.51
CA VAL A 105 3.72 -6.49 14.06
C VAL A 105 4.00 -5.34 15.02
N GLU A 106 4.28 -5.70 16.27
CA GLU A 106 4.51 -4.74 17.34
C GLU A 106 5.88 -4.08 17.20
N ASP A 107 6.68 -4.54 16.23
CA ASP A 107 8.00 -4.01 15.94
C ASP A 107 8.01 -2.67 15.21
N ASP A 108 6.83 -2.07 15.01
CA ASP A 108 6.68 -0.81 14.29
C ASP A 108 7.17 -0.84 12.84
N SER A 109 7.29 -2.05 12.28
CA SER A 109 7.77 -2.23 10.91
C SER A 109 6.83 -1.59 9.89
N ALA A 110 5.58 -1.33 10.28
CA ALA A 110 4.60 -0.71 9.40
C ALA A 110 4.63 0.81 9.49
N LEU A 111 5.34 1.37 10.47
CA LEU A 111 5.43 2.81 10.63
C LEU A 111 6.01 3.50 9.40
N PRO A 112 7.20 3.11 8.91
CA PRO A 112 7.81 3.77 7.77
C PRO A 112 7.02 3.48 6.49
N ILE A 113 6.22 2.41 6.48
CA ILE A 113 5.41 2.08 5.32
C ILE A 113 4.21 3.02 5.24
N ALA A 114 3.68 3.42 6.39
CA ALA A 114 2.55 4.33 6.44
C ALA A 114 2.95 5.74 5.97
N VAL A 115 4.14 6.21 6.37
CA VAL A 115 4.58 7.55 6.00
C VAL A 115 4.81 7.64 4.50
N GLU A 116 5.17 6.53 3.84
CA GLU A 116 5.39 6.56 2.41
C GLU A 116 4.08 6.71 1.64
N VAL A 117 2.97 6.23 2.19
CA VAL A 117 1.66 6.41 1.55
C VAL A 117 1.23 7.87 1.66
N ILE A 118 1.62 8.53 2.76
CA ILE A 118 1.27 9.92 3.00
C ILE A 118 2.02 10.80 2.00
N ASN A 119 3.22 10.38 1.59
CA ASN A 119 4.02 11.10 0.62
C ASN A 119 3.42 11.01 -0.78
N ILE A 120 2.58 10.00 -1.04
CA ILE A 120 1.95 9.84 -2.36
C ILE A 120 0.93 10.95 -2.57
N TYR A 121 0.23 11.35 -1.51
CA TYR A 121 -0.75 12.42 -1.62
C TYR A 121 -0.12 13.80 -1.83
N ASN A 122 1.05 14.03 -1.23
CA ASN A 122 1.76 15.30 -1.36
C ASN A 122 2.24 15.48 -2.80
N ASP A 123 2.63 14.39 -3.46
CA ASP A 123 3.00 14.42 -4.87
C ASP A 123 1.80 14.59 -5.80
N CYS A 124 0.70 13.89 -5.50
CA CYS A 124 -0.51 13.99 -6.31
C CYS A 124 -1.14 15.37 -6.20
N PHE A 125 -0.82 16.12 -5.13
CA PHE A 125 -1.33 17.47 -4.95
C PHE A 125 -0.74 18.52 -5.89
N ASN A 126 0.27 18.13 -6.66
CA ASN A 126 0.88 18.97 -7.68
C ASN A 126 1.16 18.15 -8.94
N LEU A 127 0.42 17.04 -9.11
CA LEU A 127 0.51 16.16 -10.26
C LEU A 127 1.89 15.55 -10.49
N ASN A 128 2.71 15.47 -9.43
CA ASN A 128 4.02 14.83 -9.50
C ASN A 128 3.87 13.31 -9.40
N TYR A 129 4.83 12.57 -9.97
CA TYR A 129 4.86 11.11 -9.91
C TYR A 129 6.24 10.48 -10.00
N ASN A 130 7.29 11.27 -9.75
CA ASN A 130 8.66 10.84 -9.99
C ASN A 130 9.06 9.62 -9.16
N LYS A 131 8.52 9.46 -7.94
CA LYS A 131 8.81 8.28 -7.14
C LYS A 131 7.82 7.16 -7.42
N VAL A 132 6.60 7.51 -7.85
CA VAL A 132 5.56 6.54 -8.12
C VAL A 132 5.95 5.68 -9.32
N GLU A 133 6.54 6.30 -10.36
CA GLU A 133 6.99 5.56 -11.53
C GLU A 133 8.32 4.84 -11.24
N LYS A 134 9.22 5.49 -10.51
CA LYS A 134 10.55 4.93 -10.26
C LYS A 134 10.44 3.62 -9.48
N LEU A 135 9.64 3.58 -8.42
CA LEU A 135 9.48 2.36 -7.64
C LEU A 135 8.87 1.26 -8.51
N TYR A 136 8.11 1.63 -9.55
CA TYR A 136 7.55 0.64 -10.45
C TYR A 136 8.55 0.02 -11.42
N LEU A 137 9.66 0.74 -11.70
CA LEU A 137 10.75 0.18 -12.48
C LEU A 137 11.64 -0.68 -11.57
N GLU A 138 11.80 -0.26 -10.32
CA GLU A 138 12.62 -0.99 -9.35
C GLU A 138 11.89 -2.24 -8.85
N TRP A 139 10.57 -2.28 -8.99
CA TRP A 139 9.77 -3.44 -8.62
C TRP A 139 9.96 -4.64 -9.54
N GLN A 140 10.36 -4.42 -10.79
CA GLN A 140 10.46 -5.48 -11.78
C GLN A 140 11.73 -6.33 -11.63
N GLU A 141 12.67 -5.93 -10.78
CA GLU A 141 13.95 -6.63 -10.68
C GLU A 141 13.78 -7.98 -9.98
N LYS A 142 12.67 -8.19 -9.27
CA LYS A 142 12.41 -9.45 -8.58
C LYS A 142 11.21 -10.18 -9.18
N GLN A 143 10.42 -9.53 -10.03
CA GLN A 143 9.32 -10.21 -10.70
C GLN A 143 9.85 -11.08 -11.85
N ARG A 144 11.11 -10.87 -12.23
CA ARG A 144 11.78 -11.67 -13.25
C ARG A 144 12.44 -12.93 -12.67
N THR A 145 12.16 -13.23 -11.40
CA THR A 145 12.74 -14.40 -10.74
C THR A 145 11.69 -15.03 -9.83
N LYS A 146 10.83 -14.23 -9.18
CA LYS A 146 9.77 -14.75 -8.33
C LYS A 146 8.65 -15.41 -9.16
N LYS A 147 8.81 -15.42 -10.48
CA LYS A 147 7.89 -16.10 -11.38
C LYS A 147 7.96 -17.61 -11.19
N SER A 148 9.02 -18.10 -10.51
CA SER A 148 9.20 -19.52 -10.24
C SER A 148 9.90 -19.74 -8.90
N LYS A 149 10.74 -18.79 -8.49
CA LYS A 149 11.45 -18.85 -7.21
C LYS A 149 10.51 -18.59 -6.04
N ARG A 150 10.79 -19.20 -4.89
CA ARG A 150 10.05 -18.97 -3.66
C ARG A 150 11.01 -19.12 -2.48
N VAL A 151 10.83 -18.30 -1.44
CA VAL A 151 11.73 -18.26 -0.30
C VAL A 151 11.37 -19.23 0.82
N VAL A 152 10.91 -20.43 0.46
CA VAL A 152 10.58 -21.48 1.42
C VAL A 152 10.85 -22.87 0.86
N HIS A 153 11.13 -23.84 1.74
CA HIS A 153 11.41 -25.21 1.35
C HIS A 153 11.05 -26.18 2.49
N ILE A 154 10.90 -27.46 2.17
CA ILE A 154 10.54 -28.49 3.13
C ILE A 154 11.19 -29.83 2.76
N GLU A 155 11.22 -30.77 3.71
CA GLU A 155 11.80 -32.09 3.50
C GLU A 155 10.93 -32.99 2.63
N GLY A 156 9.84 -32.44 2.09
CA GLY A 156 8.90 -33.16 1.25
C GLY A 156 9.51 -33.46 -0.12
N SER B 1 -19.03 -6.72 21.31
CA SER B 1 -19.03 -5.96 20.04
C SER B 1 -17.61 -5.78 19.52
N GLY B 2 -17.49 -5.40 18.24
CA GLY B 2 -16.19 -5.18 17.61
C GLY B 2 -15.55 -3.88 18.08
N SER B 3 -14.27 -3.69 17.72
CA SER B 3 -13.53 -2.49 18.09
C SER B 3 -14.02 -1.27 17.33
N GLN B 4 -13.64 -0.09 17.80
CA GLN B 4 -13.98 1.18 17.18
C GLN B 4 -13.24 1.39 15.86
N HIS B 5 -12.21 0.58 15.62
CA HIS B 5 -11.38 0.69 14.43
C HIS B 5 -12.15 0.29 13.16
N MET B 6 -11.71 0.81 12.02
CA MET B 6 -12.27 0.55 10.70
C MET B 6 -11.74 -0.76 10.12
N ARG B 7 -10.90 -1.46 10.88
CA ARG B 7 -10.19 -2.66 10.43
C ARG B 7 -11.13 -3.63 9.69
N PRO B 8 -10.92 -3.79 8.37
CA PRO B 8 -11.61 -4.78 7.57
C PRO B 8 -11.08 -6.18 7.86
N ARG B 9 -11.52 -7.17 7.09
CA ARG B 9 -11.10 -8.57 7.28
C ARG B 9 -10.43 -9.10 6.02
N PHE B 10 -11.21 -9.27 4.95
CA PHE B 10 -10.69 -9.69 3.66
C PHE B 10 -11.58 -9.29 2.49
N ASN B 11 -10.97 -8.96 1.36
CA ASN B 11 -11.68 -8.62 0.14
C ASN B 11 -10.72 -8.75 -1.04
N ARG B 12 -11.25 -8.70 -2.26
CA ARG B 12 -10.44 -8.78 -3.47
C ARG B 12 -10.99 -7.86 -4.55
N GLU B 13 -11.89 -6.95 -4.18
CA GLU B 13 -12.48 -6.02 -5.13
C GLU B 13 -11.81 -4.65 -5.07
N ASN B 14 -11.25 -4.29 -3.90
CA ASN B 14 -10.59 -3.00 -3.72
C ASN B 14 -9.07 -3.14 -3.83
N LYS B 15 -8.58 -4.39 -3.87
CA LYS B 15 -7.15 -4.66 -3.93
C LYS B 15 -6.50 -3.94 -5.11
N VAL B 16 -5.22 -3.58 -4.95
CA VAL B 16 -4.46 -2.90 -5.98
C VAL B 16 -3.23 -3.72 -6.39
N SER B 17 -3.14 -4.06 -7.68
CA SER B 17 -1.99 -4.73 -8.24
C SER B 17 -0.94 -3.70 -8.67
N PRO B 18 0.35 -4.04 -8.60
CA PRO B 18 1.43 -3.17 -9.04
C PRO B 18 1.32 -2.83 -10.53
N ALA B 19 0.54 -3.58 -11.29
CA ALA B 19 0.37 -3.36 -12.71
C ALA B 19 -1.01 -2.82 -13.04
N ASP B 20 -2.05 -3.23 -12.32
CA ASP B 20 -3.41 -2.78 -12.59
C ASP B 20 -3.51 -1.29 -12.33
N ALA B 21 -2.57 -0.73 -11.56
CA ALA B 21 -2.53 0.70 -11.30
C ALA B 21 -1.51 1.40 -12.19
N ALA B 22 -0.64 0.63 -12.86
CA ALA B 22 0.39 1.21 -13.70
C ALA B 22 -0.11 1.33 -15.13
N LYS B 23 -0.88 0.34 -15.59
CA LYS B 23 -1.42 0.35 -16.94
C LYS B 23 -2.39 1.51 -17.16
N LYS B 24 -2.77 2.19 -16.07
CA LYS B 24 -3.64 3.36 -16.12
C LYS B 24 -2.91 4.64 -15.70
N ALA B 25 -1.85 4.54 -14.90
CA ALA B 25 -1.12 5.69 -14.39
C ALA B 25 0.06 6.08 -15.28
N LEU B 26 0.78 5.09 -15.81
CA LEU B 26 1.95 5.33 -16.66
C LEU B 26 1.54 6.05 -17.94
N SER A 1 24.76 3.27 0.51
CA SER A 1 24.27 3.67 1.84
C SER A 1 22.75 3.59 1.91
N GLY A 2 22.19 3.63 3.12
CA GLY A 2 20.76 3.57 3.33
C GLY A 2 20.08 4.88 2.96
N SER A 3 18.75 4.86 2.89
CA SER A 3 17.95 6.03 2.53
C SER A 3 16.55 5.92 3.12
N HIS A 4 15.89 7.06 3.35
CA HIS A 4 14.55 7.11 3.92
C HIS A 4 13.52 6.35 3.06
N MET A 5 13.91 5.98 1.84
CA MET A 5 13.05 5.21 0.95
C MET A 5 12.90 3.76 1.44
N SER A 6 13.71 3.31 2.39
CA SER A 6 13.65 1.93 2.86
C SER A 6 14.08 1.74 4.32
N THR A 7 14.69 2.75 4.95
CA THR A 7 15.13 2.62 6.34
C THR A 7 13.90 2.69 7.24
N GLN A 8 14.10 2.32 8.51
CA GLN A 8 13.04 2.27 9.51
C GLN A 8 12.48 3.65 9.85
N TYR A 9 13.30 4.70 9.73
CA TYR A 9 12.88 6.04 10.11
C TYR A 9 12.71 7.06 8.99
N ILE A 10 11.75 7.97 9.19
CA ILE A 10 11.28 8.90 8.18
C ILE A 10 10.63 10.13 8.82
N ASP A 11 9.64 9.90 9.68
CA ASP A 11 8.89 10.94 10.35
C ASP A 11 8.12 10.23 11.47
N GLU A 12 7.43 10.99 12.33
CA GLU A 12 6.69 10.46 13.46
C GLU A 12 5.34 11.15 13.63
N THR A 13 5.02 12.08 12.72
CA THR A 13 3.80 12.87 12.80
C THR A 13 3.27 13.26 11.42
N ALA A 14 3.58 12.46 10.40
CA ALA A 14 3.16 12.69 9.02
C ALA A 14 1.65 12.49 8.89
N PHE A 15 1.00 13.34 8.08
CA PHE A 15 -0.44 13.25 7.86
C PHE A 15 -0.79 14.16 6.68
N VAL A 16 -2.06 14.10 6.24
CA VAL A 16 -2.57 14.92 5.15
C VAL A 16 -4.02 15.27 5.47
N GLN A 17 -4.49 16.35 4.84
CA GLN A 17 -5.87 16.81 4.96
C GLN A 17 -6.35 17.37 3.62
N ALA A 18 -7.65 17.21 3.35
CA ALA A 18 -8.27 17.70 2.14
C ALA A 18 -8.56 19.20 2.23
N GLU A 19 -8.91 19.81 1.09
CA GLU A 19 -9.27 21.23 1.06
C GLU A 19 -10.68 21.42 1.62
N GLN A 20 -11.04 22.68 1.89
CA GLN A 20 -12.34 23.00 2.48
C GLN A 20 -13.46 22.80 1.47
N GLY A 21 -13.11 22.65 0.18
CA GLY A 21 -14.07 22.41 -0.89
C GLY A 21 -14.27 20.92 -1.13
N LYS A 22 -13.67 20.06 -0.31
CA LYS A 22 -13.73 18.61 -0.50
C LYS A 22 -14.19 17.89 0.76
N THR A 23 -14.62 16.65 0.59
CA THR A 23 -15.05 15.77 1.68
C THR A 23 -14.21 14.51 1.87
N ASN A 24 -13.18 14.38 1.03
CA ASN A 24 -12.24 13.26 1.05
C ASN A 24 -10.92 13.67 0.38
N LEU A 25 -9.86 12.89 0.62
CA LEU A 25 -8.55 13.13 0.05
C LEU A 25 -8.48 12.68 -1.42
N MET A 26 -9.57 12.15 -1.97
CA MET A 26 -9.60 11.68 -3.35
C MET A 26 -9.31 12.82 -4.32
N PHE A 27 -8.61 12.51 -5.42
CA PHE A 27 -8.27 13.49 -6.44
C PHE A 27 -9.40 13.91 -7.38
N SER A 28 -9.31 15.12 -7.93
CA SER A 28 -10.37 15.68 -8.77
C SER A 28 -10.38 15.07 -10.17
N ASP A 29 -9.25 14.49 -10.61
CA ASP A 29 -9.13 13.89 -11.93
C ASP A 29 -8.84 12.38 -11.91
N GLU A 30 -9.34 11.66 -12.92
CA GLU A 30 -9.22 10.21 -12.96
C GLU A 30 -7.78 9.75 -13.22
N LYS A 31 -6.99 10.52 -13.99
CA LYS A 31 -5.60 10.17 -14.25
C LYS A 31 -4.70 10.63 -13.11
N GLN A 32 -5.23 11.45 -12.19
CA GLN A 32 -4.50 11.89 -11.01
C GLN A 32 -4.70 10.88 -9.88
N GLN A 33 -5.90 10.31 -9.78
CA GLN A 33 -6.19 9.28 -8.80
C GLN A 33 -5.44 7.99 -9.15
N ALA A 34 -5.20 7.76 -10.45
CA ALA A 34 -4.45 6.62 -10.93
C ALA A 34 -3.01 6.66 -10.41
N ARG A 35 -2.36 7.82 -10.53
CA ARG A 35 -0.99 8.00 -10.07
C ARG A 35 -0.90 7.87 -8.55
N PHE A 36 -1.99 8.14 -7.83
CA PHE A 36 -2.01 7.93 -6.40
C PHE A 36 -2.10 6.46 -5.98
N GLU A 37 -2.95 5.69 -6.66
CA GLU A 37 -3.12 4.28 -6.35
C GLU A 37 -1.89 3.46 -6.73
N LEU A 38 -1.16 3.89 -7.76
CA LEU A 38 0.09 3.25 -8.12
C LEU A 38 1.13 3.55 -7.03
N GLY A 39 1.03 4.72 -6.41
CA GLY A 39 1.94 5.11 -5.35
C GLY A 39 1.80 4.19 -4.15
N VAL A 40 0.58 4.05 -3.61
CA VAL A 40 0.38 3.18 -2.44
C VAL A 40 0.71 1.74 -2.73
N SER A 41 0.34 1.27 -3.92
CA SER A 41 0.59 -0.10 -4.35
C SER A 41 2.07 -0.42 -4.35
N MET A 42 2.93 0.59 -4.49
CA MET A 42 4.38 0.39 -4.51
C MET A 42 5.00 0.39 -3.12
N VAL A 43 4.40 1.09 -2.14
CA VAL A 43 4.99 1.12 -0.81
C VAL A 43 4.72 -0.11 0.03
N ILE A 44 3.56 -0.75 -0.17
CA ILE A 44 3.20 -1.96 0.59
C ILE A 44 4.13 -3.11 0.19
N TYR A 45 4.68 -3.08 -1.02
CA TYR A 45 5.64 -4.07 -1.48
C TYR A 45 7.01 -4.04 -0.78
N LYS A 46 7.32 -2.95 -0.06
CA LYS A 46 8.57 -2.81 0.64
C LYS A 46 8.47 -3.23 2.10
N TRP A 47 7.27 -3.58 2.57
CA TRP A 47 7.08 -4.03 3.93
C TRP A 47 7.57 -5.47 4.05
N ASP A 48 8.30 -5.79 5.12
CA ASP A 48 8.90 -7.10 5.30
C ASP A 48 7.98 -8.17 5.87
N ALA A 49 7.16 -7.81 6.86
CA ALA A 49 6.31 -8.78 7.54
C ALA A 49 5.23 -9.32 6.61
N LEU A 50 4.68 -8.48 5.72
CA LEU A 50 3.68 -8.92 4.77
C LEU A 50 4.34 -9.74 3.66
N ASP A 51 5.53 -9.34 3.22
CA ASP A 51 6.24 -10.05 2.17
C ASP A 51 6.52 -11.51 2.53
N VAL A 52 7.00 -11.74 3.75
CA VAL A 52 7.34 -13.07 4.22
C VAL A 52 6.07 -13.91 4.42
N ALA A 53 4.95 -13.26 4.77
CA ALA A 53 3.72 -13.97 5.06
C ALA A 53 3.03 -14.51 3.79
N VAL A 54 3.19 -13.83 2.66
CA VAL A 54 2.61 -14.30 1.41
C VAL A 54 3.56 -15.28 0.71
N GLU A 55 4.87 -15.16 0.96
CA GLU A 55 5.85 -16.08 0.41
C GLU A 55 5.84 -17.42 1.16
N ASN A 56 5.21 -17.47 2.34
CA ASN A 56 5.05 -18.69 3.10
C ASN A 56 3.58 -19.05 3.31
N SER A 57 2.67 -18.31 2.68
CA SER A 57 1.24 -18.58 2.69
C SER A 57 0.66 -18.72 4.09
N TRP A 58 1.17 -17.93 5.06
CA TRP A 58 0.71 -17.98 6.44
C TRP A 58 -0.76 -17.60 6.59
N GLY A 59 -1.35 -16.96 5.57
CA GLY A 59 -2.74 -16.52 5.60
C GLY A 59 -3.66 -17.51 4.89
N GLY A 60 -3.12 -18.64 4.40
CA GLY A 60 -3.87 -19.62 3.64
C GLY A 60 -3.64 -19.43 2.14
N PRO A 61 -4.29 -20.25 1.32
CA PRO A 61 -4.14 -20.24 -0.13
C PRO A 61 -4.69 -18.95 -0.76
N ASP A 62 -5.51 -18.20 -0.01
CA ASP A 62 -6.05 -16.92 -0.47
C ASP A 62 -5.22 -15.70 -0.06
N SER A 63 -4.11 -15.94 0.63
CA SER A 63 -3.22 -14.86 1.08
C SER A 63 -2.53 -14.16 -0.08
N ALA A 64 -2.63 -14.72 -1.28
CA ALA A 64 -2.06 -14.09 -2.46
C ALA A 64 -2.83 -12.80 -2.80
N GLU A 65 -4.08 -12.68 -2.33
CA GLU A 65 -4.88 -11.48 -2.53
C GLU A 65 -4.57 -10.43 -1.46
N LYS A 66 -4.11 -10.86 -0.28
CA LYS A 66 -3.78 -9.95 0.82
C LYS A 66 -2.70 -8.97 0.40
N ARG A 67 -1.80 -9.40 -0.50
CA ARG A 67 -0.69 -8.59 -0.98
C ARG A 67 -1.20 -7.34 -1.70
N ASP A 68 -2.30 -7.49 -2.43
CA ASP A 68 -2.89 -6.39 -3.19
C ASP A 68 -4.04 -5.75 -2.44
N TRP A 69 -4.65 -6.48 -1.51
CA TRP A 69 -5.79 -5.97 -0.75
C TRP A 69 -5.36 -5.01 0.35
N ILE A 70 -4.14 -5.18 0.86
CA ILE A 70 -3.62 -4.34 1.95
C ILE A 70 -3.41 -2.91 1.48
N THR A 71 -3.12 -2.67 0.19
CA THR A 71 -3.00 -1.31 -0.30
C THR A 71 -4.39 -0.80 -0.63
N GLY A 72 -5.31 -1.69 -1.01
CA GLY A 72 -6.66 -1.31 -1.38
C GLY A 72 -7.45 -0.75 -0.20
N ILE A 73 -7.27 -1.34 0.98
CA ILE A 73 -7.97 -0.86 2.18
C ILE A 73 -7.36 0.44 2.69
N VAL A 74 -6.08 0.70 2.40
CA VAL A 74 -5.43 1.92 2.82
C VAL A 74 -5.80 3.02 1.84
N VAL A 75 -5.91 2.68 0.56
CA VAL A 75 -6.25 3.64 -0.48
C VAL A 75 -7.67 4.11 -0.21
N ASP A 76 -8.55 3.23 0.29
CA ASP A 76 -9.93 3.58 0.56
C ASP A 76 -10.13 4.63 1.65
N LEU A 77 -9.14 4.81 2.54
CA LEU A 77 -9.23 5.81 3.60
C LEU A 77 -9.25 7.19 2.98
N PHE A 78 -8.46 7.39 1.94
CA PHE A 78 -8.39 8.64 1.21
C PHE A 78 -9.66 8.92 0.40
N LYS A 79 -10.49 7.89 0.18
CA LYS A 79 -11.71 8.01 -0.62
C LYS A 79 -12.94 8.32 0.23
N ASN A 80 -12.87 8.15 1.56
CA ASN A 80 -14.02 8.35 2.42
C ASN A 80 -13.73 9.21 3.65
N GLU A 81 -12.48 9.63 3.83
CA GLU A 81 -12.11 10.56 4.88
C GLU A 81 -11.29 11.72 4.30
N LYS A 82 -11.58 12.94 4.77
CA LYS A 82 -10.84 14.13 4.37
C LYS A 82 -9.55 14.27 5.18
N VAL A 83 -9.28 13.32 6.08
CA VAL A 83 -8.10 13.35 6.92
C VAL A 83 -7.58 11.93 7.13
N VAL A 84 -6.27 11.75 6.94
CA VAL A 84 -5.59 10.46 7.11
C VAL A 84 -4.20 10.78 7.63
N ASP A 85 -3.70 9.95 8.54
CA ASP A 85 -2.36 10.12 9.09
C ASP A 85 -1.58 8.81 9.13
N ALA A 86 -0.27 8.91 9.41
CA ALA A 86 0.59 7.76 9.43
C ALA A 86 0.13 6.73 10.47
N ALA A 87 -0.57 7.17 11.52
CA ALA A 87 -1.07 6.28 12.55
C ALA A 87 -2.33 5.55 12.08
N LEU A 88 -3.19 6.23 11.33
CA LEU A 88 -4.44 5.66 10.84
C LEU A 88 -4.16 4.62 9.76
N ILE A 89 -3.12 4.81 8.95
CA ILE A 89 -2.73 3.84 7.95
C ILE A 89 -2.03 2.65 8.61
N GLU A 90 -1.22 2.91 9.65
CA GLU A 90 -0.46 1.86 10.29
C GLU A 90 -1.38 0.86 10.99
N GLU A 91 -2.47 1.33 11.60
CA GLU A 91 -3.42 0.43 12.24
C GLU A 91 -4.11 -0.45 11.21
N THR A 92 -4.32 0.06 10.00
CA THR A 92 -4.90 -0.72 8.92
C THR A 92 -3.98 -1.84 8.41
N LEU A 93 -2.67 -1.67 8.60
CA LEU A 93 -1.69 -2.69 8.26
C LEU A 93 -1.49 -3.65 9.42
N LEU A 94 -1.43 -3.15 10.67
CA LEU A 94 -1.17 -3.99 11.82
C LEU A 94 -2.32 -4.97 12.03
N TYR A 95 -3.57 -4.51 11.91
CA TYR A 95 -4.70 -5.41 12.02
C TYR A 95 -4.88 -6.39 10.86
N ALA A 96 -4.34 -6.05 9.69
CA ALA A 96 -4.40 -6.91 8.53
C ALA A 96 -3.50 -8.14 8.70
N MET A 97 -2.49 -8.05 9.58
CA MET A 97 -1.58 -9.15 9.86
C MET A 97 -2.06 -10.01 11.02
N ILE A 98 -2.84 -9.43 11.95
CA ILE A 98 -3.29 -10.13 13.13
C ILE A 98 -4.65 -10.80 12.91
N ASP A 99 -5.43 -10.28 11.96
CA ASP A 99 -6.78 -10.78 11.71
C ASP A 99 -6.88 -12.09 10.93
N GLU A 100 -5.88 -12.40 10.08
CA GLU A 100 -5.86 -13.64 9.33
C GLU A 100 -4.46 -14.23 9.18
N PHE A 101 -3.42 -13.40 9.20
CA PHE A 101 -2.05 -13.89 9.17
C PHE A 101 -1.53 -14.46 10.49
N GLU A 102 -2.31 -14.28 11.56
CA GLU A 102 -1.93 -14.72 12.90
C GLU A 102 -0.54 -14.20 13.29
N THR A 103 -0.14 -13.06 12.74
CA THR A 103 1.19 -12.50 12.91
C THR A 103 1.10 -11.09 13.46
N ASN A 104 1.84 -10.84 14.54
CA ASN A 104 1.96 -9.51 15.11
C ASN A 104 3.19 -8.81 14.51
N VAL A 105 3.08 -7.49 14.34
CA VAL A 105 4.18 -6.67 13.84
C VAL A 105 4.55 -5.54 14.79
N GLU A 106 5.01 -5.93 15.98
CA GLU A 106 5.30 -5.00 17.05
C GLU A 106 6.63 -4.28 16.83
N ASP A 107 7.36 -4.65 15.76
CA ASP A 107 8.62 -4.03 15.41
C ASP A 107 8.49 -2.64 14.80
N ASP A 108 7.26 -2.13 14.70
CA ASP A 108 6.97 -0.83 14.10
C ASP A 108 7.42 -0.68 12.65
N SER A 109 7.62 -1.81 11.96
CA SER A 109 8.08 -1.80 10.58
C SER A 109 6.98 -1.31 9.64
N ALA A 110 5.74 -1.23 10.12
CA ALA A 110 4.62 -0.72 9.34
C ALA A 110 4.55 0.80 9.40
N LEU A 111 5.26 1.43 10.34
CA LEU A 111 5.26 2.88 10.48
C LEU A 111 5.84 3.57 9.25
N PRO A 112 7.06 3.23 8.79
CA PRO A 112 7.66 3.84 7.62
C PRO A 112 6.88 3.49 6.35
N ILE A 113 6.09 2.42 6.38
CA ILE A 113 5.25 2.05 5.24
C ILE A 113 4.05 2.98 5.17
N ALA A 114 3.51 3.37 6.32
CA ALA A 114 2.37 4.27 6.37
C ALA A 114 2.78 5.68 5.98
N VAL A 115 3.95 6.13 6.40
CA VAL A 115 4.40 7.49 6.12
C VAL A 115 4.66 7.65 4.63
N GLU A 116 5.05 6.58 3.93
CA GLU A 116 5.28 6.69 2.49
C GLU A 116 3.97 6.87 1.73
N VAL A 117 2.87 6.30 2.21
CA VAL A 117 1.56 6.47 1.57
C VAL A 117 1.12 7.92 1.68
N ILE A 118 1.50 8.59 2.78
CA ILE A 118 1.15 9.97 3.02
C ILE A 118 1.92 10.86 2.05
N ASN A 119 3.14 10.45 1.69
CA ASN A 119 3.98 11.20 0.77
C ASN A 119 3.47 11.10 -0.66
N ILE A 120 2.67 10.07 -0.97
CA ILE A 120 2.11 9.93 -2.31
C ILE A 120 1.10 11.04 -2.57
N TYR A 121 0.32 11.40 -1.54
CA TYR A 121 -0.66 12.47 -1.68
C TYR A 121 -0.04 13.86 -1.82
N ASN A 122 1.09 14.08 -1.13
CA ASN A 122 1.78 15.36 -1.16
C ASN A 122 2.40 15.63 -2.53
N ASP A 123 2.89 14.59 -3.20
CA ASP A 123 3.49 14.73 -4.51
C ASP A 123 2.45 14.71 -5.64
N CYS A 124 1.41 13.90 -5.48
CA CYS A 124 0.36 13.81 -6.48
C CYS A 124 -0.50 15.08 -6.45
N PHE A 125 -0.45 15.84 -5.36
CA PHE A 125 -1.16 17.12 -5.24
C PHE A 125 -0.69 18.21 -6.21
N ASN A 126 0.44 17.96 -6.87
CA ASN A 126 0.98 18.84 -7.89
C ASN A 126 1.41 18.04 -9.12
N LEU A 127 0.76 16.89 -9.33
CA LEU A 127 0.95 16.02 -10.48
C LEU A 127 2.36 15.45 -10.62
N ASN A 128 3.16 15.39 -9.54
CA ASN A 128 4.45 14.73 -9.59
C ASN A 128 4.29 13.22 -9.39
N TYR A 129 5.18 12.45 -10.00
CA TYR A 129 5.18 10.98 -9.89
C TYR A 129 6.54 10.31 -9.99
N ASN A 130 7.61 11.10 -9.81
CA ASN A 130 8.97 10.62 -10.01
C ASN A 130 9.35 9.46 -9.09
N LYS A 131 8.76 9.38 -7.88
CA LYS A 131 9.03 8.26 -6.98
C LYS A 131 8.06 7.11 -7.24
N VAL A 132 6.87 7.42 -7.74
CA VAL A 132 5.84 6.42 -8.00
C VAL A 132 6.24 5.53 -9.18
N GLU A 133 6.85 6.12 -10.21
CA GLU A 133 7.29 5.36 -11.38
C GLU A 133 8.59 4.63 -11.05
N LYS A 134 9.45 5.23 -10.22
CA LYS A 134 10.74 4.66 -9.88
C LYS A 134 10.55 3.35 -9.14
N LEU A 135 9.68 3.33 -8.11
CA LEU A 135 9.43 2.12 -7.36
C LEU A 135 8.80 1.04 -8.24
N TYR A 136 8.05 1.44 -9.28
CA TYR A 136 7.46 0.49 -10.21
C TYR A 136 8.45 -0.17 -11.16
N LEU A 137 9.57 0.51 -11.41
CA LEU A 137 10.66 -0.02 -12.22
C LEU A 137 11.57 -0.90 -11.36
N GLU A 138 11.71 -0.59 -10.07
CA GLU A 138 12.50 -1.40 -9.14
C GLU A 138 11.71 -2.63 -8.70
N TRP A 139 10.38 -2.59 -8.79
CA TRP A 139 9.52 -3.71 -8.43
C TRP A 139 9.66 -4.93 -9.35
N GLN A 140 10.06 -4.72 -10.61
CA GLN A 140 10.09 -5.79 -11.60
C GLN A 140 11.30 -6.71 -11.46
N GLU A 141 12.29 -6.36 -10.64
CA GLU A 141 13.54 -7.12 -10.59
C GLU A 141 13.39 -8.44 -9.82
N LYS A 142 12.32 -8.59 -9.04
CA LYS A 142 12.11 -9.81 -8.26
C LYS A 142 10.85 -10.56 -8.69
N GLN A 143 9.99 -9.95 -9.50
CA GLN A 143 8.83 -10.65 -10.02
C GLN A 143 9.24 -11.66 -11.09
N ARG A 144 10.46 -11.51 -11.62
CA ARG A 144 11.03 -12.39 -12.63
C ARG A 144 11.73 -13.60 -12.02
N THR A 145 11.57 -13.82 -10.70
CA THR A 145 12.26 -14.90 -10.02
C THR A 145 11.42 -15.43 -8.84
N LYS A 146 10.57 -14.59 -8.23
CA LYS A 146 9.69 -15.05 -7.16
C LYS A 146 8.43 -15.73 -7.70
N LYS A 147 8.29 -15.81 -9.03
CA LYS A 147 7.17 -16.46 -9.69
C LYS A 147 7.36 -17.97 -9.78
N SER A 148 8.53 -18.48 -9.40
CA SER A 148 8.86 -19.90 -9.53
C SER A 148 8.07 -20.79 -8.57
N LYS A 149 7.35 -20.19 -7.62
CA LYS A 149 6.53 -20.95 -6.66
C LYS A 149 5.10 -21.15 -7.17
N ARG A 150 4.86 -20.88 -8.46
CA ARG A 150 3.53 -20.96 -9.05
C ARG A 150 2.90 -22.33 -8.83
N VAL A 151 1.64 -22.32 -8.41
CA VAL A 151 0.92 -23.53 -8.11
C VAL A 151 0.59 -24.35 -9.35
N VAL A 152 0.80 -25.66 -9.24
CA VAL A 152 0.48 -26.61 -10.30
C VAL A 152 -1.02 -26.74 -10.56
N HIS A 153 -1.37 -27.25 -11.74
CA HIS A 153 -2.76 -27.41 -12.15
C HIS A 153 -2.90 -28.56 -13.16
N ILE A 154 -1.97 -29.51 -13.09
CA ILE A 154 -1.93 -30.65 -14.00
C ILE A 154 -3.12 -31.58 -13.74
N GLU A 155 -3.60 -32.24 -14.79
CA GLU A 155 -4.73 -33.16 -14.72
C GLU A 155 -4.27 -34.51 -14.14
N GLY A 156 -3.86 -34.50 -12.87
CA GLY A 156 -3.42 -35.70 -12.17
C GLY A 156 -4.59 -36.65 -11.90
N SER B 1 -14.01 8.56 24.60
CA SER B 1 -14.49 7.33 23.96
C SER B 1 -14.81 7.56 22.48
N GLY B 2 -15.07 6.50 21.74
CA GLY B 2 -15.41 6.59 20.33
C GLY B 2 -15.80 5.25 19.74
N SER B 3 -16.09 5.23 18.44
CA SER B 3 -16.47 4.02 17.72
C SER B 3 -15.29 3.06 17.55
N GLN B 4 -15.58 1.83 17.14
CA GLN B 4 -14.56 0.81 16.92
C GLN B 4 -13.69 1.17 15.70
N HIS B 5 -12.54 0.50 15.59
CA HIS B 5 -11.61 0.73 14.49
C HIS B 5 -12.21 0.28 13.15
N MET B 6 -11.69 0.84 12.06
CA MET B 6 -12.12 0.56 10.69
C MET B 6 -11.54 -0.74 10.16
N ARG B 7 -10.70 -1.42 10.98
CA ARG B 7 -9.96 -2.62 10.59
C ARG B 7 -10.85 -3.62 9.84
N PRO B 8 -10.64 -3.76 8.52
CA PRO B 8 -11.35 -4.72 7.70
C PRO B 8 -10.79 -6.13 7.92
N ARG B 9 -11.38 -7.11 7.24
CA ARG B 9 -11.01 -8.51 7.39
C ARG B 9 -10.38 -9.03 6.10
N PHE B 10 -11.20 -9.27 5.07
CA PHE B 10 -10.72 -9.71 3.77
C PHE B 10 -11.62 -9.34 2.61
N ASN B 11 -11.02 -8.99 1.46
CA ASN B 11 -11.76 -8.65 0.26
C ASN B 11 -10.80 -8.76 -0.94
N ARG B 12 -11.34 -8.69 -2.14
CA ARG B 12 -10.53 -8.72 -3.35
C ARG B 12 -11.11 -7.83 -4.43
N GLU B 13 -12.04 -6.93 -4.06
CA GLU B 13 -12.66 -6.01 -5.01
C GLU B 13 -12.01 -4.63 -4.95
N ASN B 14 -11.44 -4.27 -3.80
CA ASN B 14 -10.81 -2.96 -3.61
C ASN B 14 -9.29 -3.06 -3.76
N LYS B 15 -8.76 -4.28 -3.83
CA LYS B 15 -7.33 -4.52 -3.92
C LYS B 15 -6.71 -3.77 -5.11
N VAL B 16 -5.43 -3.41 -4.97
CA VAL B 16 -4.70 -2.71 -6.02
C VAL B 16 -3.46 -3.50 -6.44
N SER B 17 -3.40 -3.84 -7.72
CA SER B 17 -2.25 -4.52 -8.29
C SER B 17 -1.18 -3.52 -8.69
N PRO B 18 0.11 -3.91 -8.64
CA PRO B 18 1.22 -3.07 -9.05
C PRO B 18 1.13 -2.71 -10.54
N ALA B 19 0.31 -3.43 -11.32
CA ALA B 19 0.15 -3.18 -12.75
C ALA B 19 -1.21 -2.56 -13.05
N ASP B 20 -2.26 -2.96 -12.34
CA ASP B 20 -3.61 -2.45 -12.60
C ASP B 20 -3.65 -0.95 -12.32
N ALA B 21 -2.69 -0.43 -11.54
CA ALA B 21 -2.60 0.99 -11.27
C ALA B 21 -1.55 1.65 -12.13
N ALA B 22 -0.69 0.86 -12.79
CA ALA B 22 0.38 1.40 -13.60
C ALA B 22 -0.09 1.57 -15.05
N LYS B 23 -0.90 0.62 -15.53
CA LYS B 23 -1.42 0.67 -16.88
C LYS B 23 -2.33 1.88 -17.10
N LYS B 24 -2.73 2.55 -16.00
CA LYS B 24 -3.56 3.75 -16.05
C LYS B 24 -2.77 4.99 -15.63
N ALA B 25 -1.73 4.84 -14.80
CA ALA B 25 -0.97 5.97 -14.28
C ALA B 25 0.26 6.30 -15.12
N LEU B 26 0.96 5.28 -15.63
CA LEU B 26 2.15 5.47 -16.46
C LEU B 26 1.80 6.23 -17.73
N SER A 1 24.47 7.39 1.56
CA SER A 1 23.27 8.24 1.52
C SER A 1 22.30 7.74 0.45
N GLY A 2 21.02 8.11 0.57
CA GLY A 2 19.99 7.70 -0.36
C GLY A 2 18.63 8.29 0.01
N SER A 3 17.61 7.98 -0.78
CA SER A 3 16.26 8.48 -0.53
C SER A 3 15.67 7.84 0.73
N HIS A 4 14.74 8.56 1.38
CA HIS A 4 14.10 8.06 2.60
C HIS A 4 13.16 6.89 2.29
N MET A 5 12.93 6.59 1.01
CA MET A 5 12.08 5.50 0.58
C MET A 5 12.67 4.12 0.89
N SER A 6 13.87 4.08 1.48
CA SER A 6 14.53 2.83 1.85
C SER A 6 15.15 2.89 3.24
N THR A 7 15.25 4.08 3.82
CA THR A 7 15.78 4.28 5.16
C THR A 7 14.85 3.87 6.30
N GLN A 8 15.41 3.52 7.45
CA GLN A 8 14.60 3.13 8.61
C GLN A 8 13.81 4.31 9.15
N TYR A 9 14.35 5.53 8.99
CA TYR A 9 13.68 6.76 9.42
C TYR A 9 13.01 7.55 8.31
N ILE A 10 11.99 8.33 8.67
CA ILE A 10 11.21 9.11 7.72
C ILE A 10 10.56 10.31 8.41
N ASP A 11 9.66 10.03 9.36
CA ASP A 11 8.94 11.06 10.12
C ASP A 11 8.29 10.31 11.29
N GLU A 12 7.59 11.03 12.16
CA GLU A 12 6.94 10.45 13.33
C GLU A 12 5.54 11.04 13.53
N THR A 13 5.12 11.94 12.65
CA THR A 13 3.85 12.63 12.77
C THR A 13 3.25 13.03 11.42
N ALA A 14 3.64 12.33 10.35
CA ALA A 14 3.19 12.59 9.00
C ALA A 14 1.69 12.39 8.87
N PHE A 15 1.04 13.26 8.08
CA PHE A 15 -0.41 13.19 7.88
C PHE A 15 -0.75 14.12 6.71
N VAL A 16 -2.02 14.06 6.29
CA VAL A 16 -2.54 14.89 5.21
C VAL A 16 -3.99 15.24 5.53
N GLN A 17 -4.47 16.34 4.96
CA GLN A 17 -5.85 16.80 5.11
C GLN A 17 -6.34 17.43 3.80
N ALA A 18 -7.63 17.25 3.51
CA ALA A 18 -8.26 17.79 2.32
C ALA A 18 -8.51 19.30 2.46
N GLU A 19 -8.84 19.95 1.34
CA GLU A 19 -9.16 21.36 1.34
C GLU A 19 -10.55 21.59 1.96
N GLN A 20 -10.84 22.85 2.31
CA GLN A 20 -12.11 23.21 2.94
C GLN A 20 -13.27 23.06 1.96
N GLY A 21 -12.97 22.97 0.66
CA GLY A 21 -13.96 22.79 -0.39
C GLY A 21 -14.22 21.31 -0.70
N LYS A 22 -13.60 20.41 0.06
CA LYS A 22 -13.68 18.97 -0.17
C LYS A 22 -14.09 18.21 1.08
N THR A 23 -14.53 16.96 0.88
CA THR A 23 -14.94 16.07 1.96
C THR A 23 -14.17 14.75 2.02
N ASN A 24 -13.12 14.65 1.21
CA ASN A 24 -12.25 13.48 1.13
C ASN A 24 -10.92 13.85 0.49
N LEU A 25 -9.88 13.05 0.75
CA LEU A 25 -8.55 13.28 0.19
C LEU A 25 -8.49 12.89 -1.29
N MET A 26 -9.58 12.36 -1.85
CA MET A 26 -9.62 12.00 -3.25
C MET A 26 -9.36 13.20 -4.14
N PHE A 27 -8.69 12.97 -5.27
CA PHE A 27 -8.31 14.03 -6.21
C PHE A 27 -9.45 14.68 -6.99
N SER A 28 -9.20 15.89 -7.50
CA SER A 28 -10.17 16.65 -8.29
C SER A 28 -10.36 16.07 -9.69
N ASP A 29 -9.70 14.95 -9.98
CA ASP A 29 -9.79 14.28 -11.28
C ASP A 29 -9.67 12.77 -11.15
N GLU A 30 -10.60 12.02 -11.76
CA GLU A 30 -10.62 10.57 -11.64
C GLU A 30 -9.46 9.91 -12.40
N LYS A 31 -8.87 10.62 -13.36
CA LYS A 31 -7.68 10.13 -14.07
C LYS A 31 -6.43 10.32 -13.22
N GLN A 32 -6.46 11.24 -12.26
CA GLN A 32 -5.32 11.51 -11.38
C GLN A 32 -5.19 10.43 -10.31
N GLN A 33 -6.25 9.65 -10.09
CA GLN A 33 -6.23 8.56 -9.12
C GLN A 33 -5.29 7.43 -9.56
N ALA A 34 -4.98 7.34 -10.86
CA ALA A 34 -4.09 6.30 -11.35
C ALA A 34 -2.67 6.48 -10.78
N ARG A 35 -2.11 7.70 -10.91
CA ARG A 35 -0.79 8.00 -10.39
C ARG A 35 -0.77 7.83 -8.87
N PHE A 36 -1.94 7.98 -8.23
CA PHE A 36 -2.03 7.84 -6.79
C PHE A 36 -2.19 6.42 -6.25
N GLU A 37 -2.94 5.57 -6.95
CA GLU A 37 -3.10 4.18 -6.54
C GLU A 37 -1.83 3.37 -6.79
N LEU A 38 -1.10 3.70 -7.86
CA LEU A 38 0.15 3.03 -8.16
C LEU A 38 1.18 3.37 -7.09
N GLY A 39 1.07 4.57 -6.50
CA GLY A 39 1.98 5.00 -5.46
C GLY A 39 1.88 4.10 -4.24
N VAL A 40 0.66 3.89 -3.71
CA VAL A 40 0.48 3.07 -2.52
C VAL A 40 0.87 1.62 -2.74
N SER A 41 0.55 1.09 -3.92
CA SER A 41 0.84 -0.29 -4.27
C SER A 41 2.35 -0.56 -4.23
N MET A 42 3.17 0.47 -4.49
CA MET A 42 4.62 0.32 -4.48
C MET A 42 5.22 0.35 -3.08
N VAL A 43 4.55 0.99 -2.11
CA VAL A 43 5.08 1.05 -0.75
C VAL A 43 4.77 -0.17 0.10
N ILE A 44 3.60 -0.78 -0.09
CA ILE A 44 3.23 -1.97 0.66
C ILE A 44 4.13 -3.14 0.24
N TYR A 45 4.63 -3.11 -1.00
CA TYR A 45 5.58 -4.11 -1.49
C TYR A 45 6.97 -4.07 -0.87
N LYS A 46 7.24 -3.07 -0.02
CA LYS A 46 8.53 -2.93 0.66
C LYS A 46 8.41 -3.25 2.15
N TRP A 47 7.23 -3.65 2.62
CA TRP A 47 7.02 -4.04 4.01
C TRP A 47 7.50 -5.48 4.19
N ASP A 48 8.46 -5.69 5.10
CA ASP A 48 9.06 -7.00 5.29
C ASP A 48 8.21 -8.03 6.02
N ALA A 49 7.25 -7.61 6.85
CA ALA A 49 6.45 -8.54 7.63
C ALA A 49 5.37 -9.19 6.77
N LEU A 50 4.77 -8.42 5.84
CA LEU A 50 3.72 -8.92 4.98
C LEU A 50 4.35 -9.76 3.85
N ASP A 51 5.49 -9.31 3.33
CA ASP A 51 6.13 -10.00 2.22
C ASP A 51 6.52 -11.43 2.59
N VAL A 52 6.91 -11.64 3.85
CA VAL A 52 7.31 -12.96 4.32
C VAL A 52 6.07 -13.83 4.55
N ALA A 53 4.96 -13.21 4.94
CA ALA A 53 3.75 -13.94 5.29
C ALA A 53 3.04 -14.51 4.05
N VAL A 54 3.16 -13.85 2.90
CA VAL A 54 2.54 -14.32 1.67
C VAL A 54 3.43 -15.38 1.01
N GLU A 55 4.75 -15.28 1.22
CA GLU A 55 5.69 -16.27 0.70
C GLU A 55 5.64 -17.57 1.49
N ASN A 56 5.19 -17.49 2.75
CA ASN A 56 5.03 -18.66 3.60
C ASN A 56 3.57 -19.07 3.74
N SER A 57 2.66 -18.37 3.03
CA SER A 57 1.24 -18.68 3.00
C SER A 57 0.60 -18.71 4.39
N TRP A 58 1.09 -17.89 5.32
CA TRP A 58 0.57 -17.84 6.68
C TRP A 58 -0.89 -17.38 6.72
N GLY A 59 -1.37 -16.77 5.64
CA GLY A 59 -2.74 -16.29 5.54
C GLY A 59 -3.67 -17.28 4.83
N GLY A 60 -3.16 -18.46 4.46
CA GLY A 60 -3.92 -19.45 3.73
C GLY A 60 -3.70 -19.32 2.23
N PRO A 61 -4.41 -20.12 1.43
CA PRO A 61 -4.26 -20.18 -0.02
C PRO A 61 -4.73 -18.90 -0.69
N ASP A 62 -5.47 -18.04 0.02
CA ASP A 62 -5.92 -16.76 -0.50
C ASP A 62 -5.02 -15.58 -0.12
N SER A 63 -3.89 -15.88 0.52
CA SER A 63 -2.95 -14.85 0.96
C SER A 63 -2.29 -14.12 -0.21
N ALA A 64 -2.35 -14.69 -1.42
CA ALA A 64 -1.79 -14.04 -2.58
C ALA A 64 -2.65 -12.82 -2.97
N GLU A 65 -3.96 -12.89 -2.71
CA GLU A 65 -4.86 -11.77 -2.94
C GLU A 65 -4.79 -10.77 -1.79
N LYS A 66 -4.35 -11.21 -0.61
CA LYS A 66 -4.22 -10.33 0.55
C LYS A 66 -3.07 -9.33 0.33
N ARG A 67 -2.09 -9.70 -0.50
CA ARG A 67 -0.92 -8.86 -0.74
C ARG A 67 -1.31 -7.58 -1.47
N ASP A 68 -2.28 -7.68 -2.39
CA ASP A 68 -2.79 -6.54 -3.13
C ASP A 68 -3.96 -5.86 -2.42
N TRP A 69 -4.63 -6.59 -1.53
CA TRP A 69 -5.79 -6.06 -0.83
C TRP A 69 -5.40 -5.12 0.30
N ILE A 70 -4.20 -5.28 0.86
CA ILE A 70 -3.70 -4.46 1.94
C ILE A 70 -3.49 -3.01 1.51
N THR A 71 -3.17 -2.76 0.25
CA THR A 71 -3.03 -1.39 -0.25
C THR A 71 -4.43 -0.91 -0.64
N GLY A 72 -5.33 -1.83 -1.01
CA GLY A 72 -6.68 -1.47 -1.43
C GLY A 72 -7.54 -0.99 -0.27
N ILE A 73 -7.26 -1.44 0.95
CA ILE A 73 -7.98 -0.97 2.13
C ILE A 73 -7.39 0.33 2.66
N VAL A 74 -6.09 0.57 2.42
CA VAL A 74 -5.44 1.78 2.88
C VAL A 74 -5.81 2.92 1.94
N VAL A 75 -5.92 2.64 0.65
CA VAL A 75 -6.27 3.68 -0.30
C VAL A 75 -7.70 4.16 -0.13
N ASP A 76 -8.58 3.28 0.36
CA ASP A 76 -9.98 3.63 0.61
C ASP A 76 -10.18 4.63 1.74
N LEU A 77 -9.15 4.87 2.55
CA LEU A 77 -9.23 5.86 3.62
C LEU A 77 -9.24 7.26 3.00
N PHE A 78 -8.43 7.46 1.96
CA PHE A 78 -8.35 8.72 1.24
C PHE A 78 -9.62 8.98 0.42
N LYS A 79 -10.33 7.92 0.05
CA LYS A 79 -11.53 8.02 -0.76
C LYS A 79 -12.79 8.23 0.08
N ASN A 80 -12.68 8.17 1.42
CA ASN A 80 -13.84 8.26 2.28
C ASN A 80 -13.62 9.17 3.50
N GLU A 81 -12.39 9.65 3.71
CA GLU A 81 -12.10 10.58 4.79
C GLU A 81 -11.29 11.77 4.29
N LYS A 82 -11.58 12.96 4.83
CA LYS A 82 -10.85 14.18 4.50
C LYS A 82 -9.54 14.27 5.28
N VAL A 83 -9.27 13.30 6.17
CA VAL A 83 -8.07 13.31 6.99
C VAL A 83 -7.56 11.88 7.15
N VAL A 84 -6.24 11.70 6.98
CA VAL A 84 -5.57 10.43 7.14
C VAL A 84 -4.17 10.75 7.66
N ASP A 85 -3.66 9.90 8.56
CA ASP A 85 -2.32 10.08 9.11
C ASP A 85 -1.54 8.77 9.14
N ALA A 86 -0.24 8.86 9.40
CA ALA A 86 0.63 7.69 9.40
C ALA A 86 0.16 6.67 10.44
N ALA A 87 -0.51 7.11 11.51
CA ALA A 87 -1.00 6.22 12.54
C ALA A 87 -2.28 5.51 12.09
N LEU A 88 -3.16 6.21 11.35
CA LEU A 88 -4.41 5.64 10.89
C LEU A 88 -4.15 4.60 9.79
N ILE A 89 -3.09 4.79 9.00
CA ILE A 89 -2.72 3.79 8.00
C ILE A 89 -2.02 2.62 8.67
N GLU A 90 -1.20 2.87 9.69
CA GLU A 90 -0.42 1.83 10.35
C GLU A 90 -1.34 0.86 11.08
N GLU A 91 -2.43 1.35 11.67
CA GLU A 91 -3.38 0.48 12.35
C GLU A 91 -4.08 -0.43 11.34
N THR A 92 -4.33 0.07 10.14
CA THR A 92 -4.93 -0.74 9.08
C THR A 92 -4.02 -1.86 8.58
N LEU A 93 -2.71 -1.68 8.72
CA LEU A 93 -1.72 -2.70 8.39
C LEU A 93 -1.54 -3.69 9.53
N LEU A 94 -1.43 -3.22 10.77
CA LEU A 94 -1.20 -4.09 11.92
C LEU A 94 -2.40 -5.01 12.13
N TYR A 95 -3.62 -4.47 12.01
CA TYR A 95 -4.80 -5.31 12.14
C TYR A 95 -5.03 -6.29 10.99
N ALA A 96 -4.46 -5.98 9.82
CA ALA A 96 -4.56 -6.86 8.67
C ALA A 96 -3.63 -8.08 8.82
N MET A 97 -2.55 -7.93 9.60
CA MET A 97 -1.63 -9.03 9.84
C MET A 97 -2.11 -9.94 10.97
N ILE A 98 -2.82 -9.37 11.95
CA ILE A 98 -3.28 -10.14 13.09
C ILE A 98 -4.60 -10.85 12.80
N ASP A 99 -5.42 -10.28 11.89
CA ASP A 99 -6.73 -10.84 11.57
C ASP A 99 -6.73 -11.75 10.36
N GLU A 100 -5.66 -11.74 9.54
CA GLU A 100 -5.61 -12.51 8.31
C GLU A 100 -4.27 -13.19 8.11
N PHE A 101 -3.34 -13.02 9.06
CA PHE A 101 -2.04 -13.66 9.03
C PHE A 101 -1.58 -14.27 10.36
N GLU A 102 -2.38 -14.10 11.41
CA GLU A 102 -2.06 -14.55 12.75
C GLU A 102 -0.66 -14.09 13.19
N THR A 103 -0.24 -12.93 12.70
CA THR A 103 1.09 -12.40 12.93
C THR A 103 0.98 -10.99 13.49
N ASN A 104 1.69 -10.74 14.60
CA ASN A 104 1.77 -9.42 15.18
C ASN A 104 2.96 -8.67 14.61
N VAL A 105 2.82 -7.36 14.45
CA VAL A 105 3.87 -6.50 13.93
C VAL A 105 4.20 -5.37 14.91
N GLU A 106 4.71 -5.78 16.08
CA GLU A 106 4.99 -4.86 17.17
C GLU A 106 6.33 -4.15 16.98
N ASP A 107 7.10 -4.51 15.94
CA ASP A 107 8.39 -3.91 15.67
C ASP A 107 8.29 -2.55 14.98
N ASP A 108 7.07 -2.05 14.81
CA ASP A 108 6.80 -0.79 14.14
C ASP A 108 7.29 -0.72 12.69
N SER A 109 7.54 -1.87 12.08
CA SER A 109 8.01 -1.91 10.69
C SER A 109 6.95 -1.38 9.72
N ALA A 110 5.70 -1.24 10.18
CA ALA A 110 4.64 -0.69 9.36
C ALA A 110 4.59 0.84 9.43
N LEU A 111 5.30 1.44 10.38
CA LEU A 111 5.35 2.89 10.52
C LEU A 111 5.93 3.55 9.28
N PRO A 112 7.15 3.19 8.84
CA PRO A 112 7.77 3.80 7.68
C PRO A 112 7.01 3.47 6.39
N ILE A 113 6.19 2.42 6.42
CA ILE A 113 5.38 2.06 5.26
C ILE A 113 4.19 2.99 5.16
N ALA A 114 3.62 3.39 6.30
CA ALA A 114 2.47 4.27 6.34
C ALA A 114 2.87 5.68 5.93
N VAL A 115 4.04 6.14 6.36
CA VAL A 115 4.48 7.51 6.07
C VAL A 115 4.73 7.67 4.58
N GLU A 116 5.10 6.60 3.86
CA GLU A 116 5.32 6.72 2.43
C GLU A 116 3.99 6.85 1.67
N VAL A 117 2.90 6.26 2.19
CA VAL A 117 1.59 6.41 1.55
C VAL A 117 1.13 7.87 1.67
N ILE A 118 1.53 8.53 2.76
CA ILE A 118 1.18 9.91 3.01
C ILE A 118 1.93 10.82 2.04
N ASN A 119 3.14 10.40 1.65
CA ASN A 119 3.95 11.14 0.71
C ASN A 119 3.38 11.06 -0.71
N ILE A 120 2.66 9.98 -1.03
CA ILE A 120 2.09 9.83 -2.36
C ILE A 120 1.05 10.93 -2.59
N TYR A 121 0.31 11.30 -1.55
CA TYR A 121 -0.67 12.37 -1.67
C TYR A 121 -0.06 13.76 -1.85
N ASN A 122 1.00 14.05 -1.10
CA ASN A 122 1.69 15.33 -1.18
C ASN A 122 2.52 15.45 -2.46
N ASP A 123 2.97 14.31 -3.00
CA ASP A 123 3.70 14.30 -4.25
C ASP A 123 2.77 14.44 -5.45
N CYS A 124 1.64 13.73 -5.44
CA CYS A 124 0.68 13.77 -6.52
C CYS A 124 -0.07 15.12 -6.53
N PHE A 125 -0.13 15.81 -5.40
CA PHE A 125 -0.77 17.11 -5.30
C PHE A 125 -0.09 18.25 -6.07
N ASN A 126 1.09 17.97 -6.61
CA ASN A 126 1.85 18.90 -7.42
C ASN A 126 2.50 18.17 -8.61
N LEU A 127 1.95 17.01 -8.96
CA LEU A 127 2.40 16.19 -10.09
C LEU A 127 3.85 15.69 -9.97
N ASN A 128 4.40 15.65 -8.75
CA ASN A 128 5.74 15.15 -8.50
C ASN A 128 5.76 13.62 -8.34
N TYR A 129 4.84 12.92 -9.03
CA TYR A 129 4.72 11.48 -8.98
C TYR A 129 5.84 10.68 -9.66
N ASN A 130 6.98 11.32 -9.95
CA ASN A 130 8.09 10.63 -10.57
C ASN A 130 8.69 9.58 -9.63
N LYS A 131 8.37 9.63 -8.33
CA LYS A 131 8.81 8.63 -7.36
C LYS A 131 7.92 7.40 -7.43
N VAL A 132 6.70 7.57 -7.95
CA VAL A 132 5.79 6.45 -8.17
C VAL A 132 6.25 5.65 -9.38
N GLU A 133 6.84 6.33 -10.38
CA GLU A 133 7.37 5.69 -11.56
C GLU A 133 8.66 4.94 -11.21
N LYS A 134 9.46 5.52 -10.32
CA LYS A 134 10.76 5.01 -9.93
C LYS A 134 10.65 3.69 -9.18
N LEU A 135 9.69 3.58 -8.25
CA LEU A 135 9.54 2.35 -7.48
C LEU A 135 8.99 1.23 -8.35
N TYR A 136 8.18 1.56 -9.36
CA TYR A 136 7.64 0.55 -10.26
C TYR A 136 8.64 -0.08 -11.20
N LEU A 137 9.67 0.67 -11.58
CA LEU A 137 10.73 0.20 -12.44
C LEU A 137 11.73 -0.64 -11.65
N GLU A 138 11.95 -0.31 -10.38
CA GLU A 138 12.82 -1.07 -9.50
C GLU A 138 12.10 -2.29 -8.91
N TRP A 139 10.76 -2.30 -8.94
CA TRP A 139 9.99 -3.46 -8.51
C TRP A 139 10.18 -4.66 -9.42
N GLN A 140 10.47 -4.44 -10.71
CA GLN A 140 10.57 -5.52 -11.68
C GLN A 140 11.90 -6.29 -11.60
N GLU A 141 12.90 -5.78 -10.87
CA GLU A 141 14.23 -6.38 -10.90
C GLU A 141 14.29 -7.73 -10.20
N LYS A 142 13.30 -8.04 -9.34
CA LYS A 142 13.24 -9.31 -8.64
C LYS A 142 12.05 -10.14 -9.08
N GLN A 143 11.11 -9.55 -9.81
CA GLN A 143 9.97 -10.28 -10.35
C GLN A 143 10.40 -11.10 -11.58
N ARG A 144 11.62 -10.87 -12.07
CA ARG A 144 12.18 -11.61 -13.20
C ARG A 144 13.05 -12.79 -12.74
N THR A 145 13.01 -13.12 -11.45
CA THR A 145 13.85 -14.18 -10.90
C THR A 145 13.12 -14.93 -9.78
N LYS A 146 12.21 -14.27 -9.05
CA LYS A 146 11.39 -14.94 -8.04
C LYS A 146 10.12 -15.53 -8.66
N LYS A 147 9.98 -15.43 -9.99
CA LYS A 147 8.82 -15.90 -10.74
C LYS A 147 8.77 -17.43 -10.80
N SER A 148 7.61 -17.95 -11.23
CA SER A 148 7.37 -19.36 -11.45
C SER A 148 6.49 -19.56 -12.69
N LYS A 149 6.27 -18.47 -13.44
CA LYS A 149 5.44 -18.44 -14.64
C LYS A 149 5.87 -17.24 -15.48
N ARG A 150 5.16 -16.97 -16.59
CA ARG A 150 5.45 -15.83 -17.44
C ARG A 150 5.21 -14.51 -16.71
N VAL A 151 5.96 -13.48 -17.08
CA VAL A 151 5.89 -12.17 -16.45
C VAL A 151 5.99 -11.03 -17.47
N VAL A 152 5.58 -11.31 -18.70
CA VAL A 152 5.63 -10.33 -19.79
C VAL A 152 4.87 -9.06 -19.42
N HIS A 153 5.40 -7.91 -19.86
CA HIS A 153 4.84 -6.61 -19.54
C HIS A 153 3.46 -6.45 -20.19
N ILE A 154 2.61 -5.61 -19.56
CA ILE A 154 1.24 -5.29 -19.91
C ILE A 154 0.33 -6.51 -20.07
N GLU A 155 -0.96 -6.34 -19.74
CA GLU A 155 -1.94 -7.40 -19.81
C GLU A 155 -3.34 -6.79 -19.86
N GLY A 156 -4.17 -7.26 -20.78
CA GLY A 156 -5.54 -6.81 -20.95
C GLY A 156 -6.28 -7.72 -21.92
N SER B 1 -7.66 7.53 16.64
CA SER B 1 -8.61 6.45 16.32
C SER B 1 -9.52 6.16 17.52
N GLY B 2 -10.55 5.33 17.30
CA GLY B 2 -11.49 4.96 18.34
C GLY B 2 -12.47 3.90 17.84
N SER B 3 -13.41 3.52 18.71
CA SER B 3 -14.43 2.51 18.41
C SER B 3 -13.78 1.19 17.95
N GLN B 4 -14.55 0.32 17.31
CA GLN B 4 -14.07 -0.97 16.81
C GLN B 4 -13.09 -0.81 15.63
N HIS B 5 -12.71 0.44 15.32
CA HIS B 5 -11.83 0.76 14.20
C HIS B 5 -12.41 0.36 12.83
N MET B 6 -11.77 0.84 11.77
CA MET B 6 -12.15 0.59 10.39
C MET B 6 -11.72 -0.80 9.91
N ARG B 7 -11.12 -1.59 10.81
CA ARG B 7 -10.55 -2.90 10.53
C ARG B 7 -11.43 -3.76 9.61
N PRO B 8 -11.03 -3.93 8.35
CA PRO B 8 -11.68 -4.83 7.42
C PRO B 8 -11.21 -6.26 7.68
N ARG B 9 -11.70 -7.20 6.86
CA ARG B 9 -11.34 -8.62 6.97
C ARG B 9 -10.68 -9.12 5.71
N PHE B 10 -11.48 -9.37 4.66
CA PHE B 10 -10.94 -9.80 3.38
C PHE B 10 -11.78 -9.41 2.17
N ASN B 11 -11.11 -9.03 1.08
CA ASN B 11 -11.77 -8.67 -0.16
C ASN B 11 -10.73 -8.74 -1.28
N ARG B 12 -11.21 -8.65 -2.53
CA ARG B 12 -10.34 -8.64 -3.69
C ARG B 12 -10.88 -7.71 -4.78
N GLU B 13 -11.83 -6.84 -4.41
CA GLU B 13 -12.43 -5.92 -5.36
C GLU B 13 -11.82 -4.52 -5.24
N ASN B 14 -11.29 -4.18 -4.06
CA ASN B 14 -10.67 -2.89 -3.82
C ASN B 14 -9.15 -2.99 -3.91
N LYS B 15 -8.63 -4.21 -3.97
CA LYS B 15 -7.20 -4.47 -4.01
C LYS B 15 -6.52 -3.71 -5.14
N VAL B 16 -5.22 -3.44 -4.97
CA VAL B 16 -4.42 -2.76 -5.97
C VAL B 16 -3.18 -3.56 -6.34
N SER B 17 -3.08 -3.97 -7.60
CA SER B 17 -1.92 -4.68 -8.12
C SER B 17 -0.85 -3.70 -8.55
N PRO B 18 0.43 -4.07 -8.45
CA PRO B 18 1.54 -3.27 -8.91
C PRO B 18 1.46 -2.98 -10.40
N ALA B 19 0.63 -3.73 -11.14
CA ALA B 19 0.49 -3.55 -12.58
C ALA B 19 -0.89 -3.01 -12.95
N ASP B 20 -1.95 -3.40 -12.23
CA ASP B 20 -3.30 -2.95 -12.55
C ASP B 20 -3.40 -1.44 -12.33
N ALA B 21 -2.47 -0.88 -11.55
CA ALA B 21 -2.43 0.55 -11.31
C ALA B 21 -1.38 1.21 -12.20
N ALA B 22 -0.50 0.43 -12.82
CA ALA B 22 0.56 0.97 -13.65
C ALA B 22 0.11 1.06 -15.10
N LYS B 23 -0.66 0.08 -15.57
CA LYS B 23 -1.16 0.07 -16.93
C LYS B 23 -2.09 1.24 -17.20
N LYS B 24 -2.52 1.94 -16.14
CA LYS B 24 -3.36 3.13 -16.24
C LYS B 24 -2.61 4.40 -15.85
N ALA B 25 -1.59 4.28 -14.98
CA ALA B 25 -0.89 5.44 -14.44
C ALA B 25 0.35 5.80 -15.28
N LEU B 26 1.09 4.80 -15.76
CA LEU B 26 2.29 5.02 -16.55
C LEU B 26 1.95 5.76 -17.84
N SER A 1 20.78 14.31 2.17
CA SER A 1 20.25 14.81 0.89
C SER A 1 19.32 13.79 0.25
N GLY A 2 18.58 14.20 -0.79
CA GLY A 2 17.65 13.32 -1.48
C GLY A 2 16.37 13.11 -0.66
N SER A 3 15.47 12.27 -1.19
CA SER A 3 14.20 11.96 -0.54
C SER A 3 14.41 11.11 0.71
N HIS A 4 13.50 11.22 1.68
CA HIS A 4 13.55 10.42 2.89
C HIS A 4 13.34 8.93 2.60
N MET A 5 12.93 8.62 1.36
CA MET A 5 12.73 7.25 0.93
C MET A 5 14.05 6.49 0.82
N SER A 6 15.17 7.22 0.79
CA SER A 6 16.50 6.64 0.67
C SER A 6 17.03 6.15 2.02
N THR A 7 16.24 6.26 3.10
CA THR A 7 16.66 5.87 4.43
C THR A 7 15.53 5.29 5.29
N GLN A 8 15.90 4.67 6.42
CA GLN A 8 14.93 4.00 7.28
C GLN A 8 14.05 5.00 8.04
N TYR A 9 14.58 6.19 8.37
CA TYR A 9 13.80 7.23 9.03
C TYR A 9 12.97 8.12 8.12
N ILE A 10 11.92 8.74 8.67
CA ILE A 10 10.96 9.52 7.90
C ILE A 10 10.35 10.62 8.76
N ASP A 11 9.41 10.26 9.63
CA ASP A 11 8.71 11.18 10.51
C ASP A 11 7.99 10.31 11.54
N GLU A 12 7.29 10.93 12.49
CA GLU A 12 6.58 10.22 13.56
C GLU A 12 5.18 10.80 13.76
N THR A 13 4.81 11.81 12.98
CA THR A 13 3.53 12.50 13.11
C THR A 13 3.00 13.04 11.78
N ALA A 14 3.42 12.43 10.67
CA ALA A 14 3.01 12.81 9.33
C ALA A 14 1.52 12.53 9.12
N PHE A 15 0.85 13.35 8.32
CA PHE A 15 -0.56 13.21 8.04
C PHE A 15 -0.90 14.12 6.86
N VAL A 16 -2.13 14.04 6.37
CA VAL A 16 -2.62 14.87 5.28
C VAL A 16 -4.09 15.17 5.52
N GLN A 17 -4.57 16.26 4.91
CA GLN A 17 -5.96 16.68 5.00
C GLN A 17 -6.43 17.25 3.65
N ALA A 18 -7.71 17.06 3.35
CA ALA A 18 -8.32 17.54 2.12
C ALA A 18 -8.62 19.04 2.22
N GLU A 19 -8.97 19.65 1.09
CA GLU A 19 -9.35 21.06 1.05
C GLU A 19 -10.78 21.22 1.57
N GLN A 20 -11.18 22.48 1.84
CA GLN A 20 -12.49 22.78 2.39
C GLN A 20 -13.59 22.55 1.36
N GLY A 21 -13.21 22.41 0.08
CA GLY A 21 -14.14 22.14 -1.00
C GLY A 21 -14.32 20.65 -1.25
N LYS A 22 -13.71 19.80 -0.41
CA LYS A 22 -13.74 18.36 -0.60
C LYS A 22 -14.20 17.63 0.67
N THR A 23 -14.57 16.36 0.49
CA THR A 23 -14.97 15.46 1.57
C THR A 23 -14.12 14.21 1.73
N ASN A 24 -13.08 14.12 0.91
CA ASN A 24 -12.13 13.02 0.90
C ASN A 24 -10.81 13.45 0.26
N LEU A 25 -9.74 12.67 0.48
CA LEU A 25 -8.43 12.97 -0.07
C LEU A 25 -8.32 12.54 -1.54
N MET A 26 -9.41 12.01 -2.11
CA MET A 26 -9.43 11.58 -3.50
C MET A 26 -9.17 12.74 -4.46
N PHE A 27 -8.50 12.46 -5.58
CA PHE A 27 -8.22 13.47 -6.59
C PHE A 27 -9.37 13.89 -7.48
N SER A 28 -9.32 15.11 -8.01
CA SER A 28 -10.39 15.66 -8.84
C SER A 28 -10.41 15.02 -10.23
N ASP A 29 -9.28 14.44 -10.66
CA ASP A 29 -9.17 13.76 -11.95
C ASP A 29 -8.83 12.29 -11.82
N GLU A 30 -9.38 11.45 -12.71
CA GLU A 30 -9.13 10.02 -12.66
C GLU A 30 -7.72 9.70 -13.13
N LYS A 31 -7.15 10.55 -14.00
CA LYS A 31 -5.77 10.37 -14.46
C LYS A 31 -4.80 10.68 -13.32
N GLN A 32 -5.19 11.57 -12.40
CA GLN A 32 -4.37 11.94 -11.27
C GLN A 32 -4.55 10.95 -10.13
N GLN A 33 -5.76 10.38 -10.01
CA GLN A 33 -6.06 9.37 -9.02
C GLN A 33 -5.28 8.09 -9.32
N ALA A 34 -5.02 7.82 -10.60
CA ALA A 34 -4.24 6.67 -11.02
C ALA A 34 -2.81 6.76 -10.49
N ARG A 35 -2.15 7.92 -10.67
CA ARG A 35 -0.80 8.13 -10.17
C ARG A 35 -0.75 8.08 -8.65
N PHE A 36 -1.91 8.26 -7.99
CA PHE A 36 -1.98 8.11 -6.55
C PHE A 36 -2.13 6.67 -6.05
N GLU A 37 -2.92 5.85 -6.75
CA GLU A 37 -3.12 4.46 -6.39
C GLU A 37 -1.89 3.62 -6.68
N LEU A 38 -1.14 3.96 -7.74
CA LEU A 38 0.09 3.26 -8.05
C LEU A 38 1.13 3.56 -6.97
N GLY A 39 1.03 4.74 -6.35
CA GLY A 39 1.94 5.15 -5.30
C GLY A 39 1.76 4.28 -4.05
N VAL A 40 0.51 4.03 -3.63
CA VAL A 40 0.28 3.18 -2.46
C VAL A 40 0.69 1.73 -2.73
N SER A 41 0.37 1.22 -3.92
CA SER A 41 0.68 -0.14 -4.30
C SER A 41 2.18 -0.39 -4.25
N MET A 42 2.99 0.63 -4.59
CA MET A 42 4.44 0.50 -4.60
C MET A 42 5.08 0.63 -3.21
N VAL A 43 4.38 1.26 -2.26
CA VAL A 43 4.92 1.46 -0.93
C VAL A 43 4.68 0.21 -0.08
N ILE A 44 3.53 -0.46 -0.25
CA ILE A 44 3.24 -1.67 0.51
C ILE A 44 4.15 -2.82 0.07
N TYR A 45 4.57 -2.81 -1.20
CA TYR A 45 5.53 -3.79 -1.72
C TYR A 45 6.95 -3.72 -1.15
N LYS A 46 7.19 -2.82 -0.19
CA LYS A 46 8.48 -2.70 0.48
C LYS A 46 8.40 -3.10 1.94
N TRP A 47 7.23 -3.55 2.41
CA TRP A 47 7.05 -3.97 3.78
C TRP A 47 7.44 -5.44 3.92
N ASP A 48 8.35 -5.75 4.83
CA ASP A 48 8.88 -7.10 4.98
C ASP A 48 7.97 -8.11 5.69
N ALA A 49 7.04 -7.64 6.53
CA ALA A 49 6.17 -8.54 7.28
C ALA A 49 5.11 -9.17 6.37
N LEU A 50 4.70 -8.45 5.31
CA LEU A 50 3.73 -8.97 4.37
C LEU A 50 4.43 -9.91 3.39
N ASP A 51 5.63 -9.55 2.93
CA ASP A 51 6.36 -10.37 1.98
C ASP A 51 6.70 -11.77 2.51
N VAL A 52 6.76 -11.93 3.83
CA VAL A 52 7.04 -13.22 4.46
C VAL A 52 5.73 -14.00 4.64
N ALA A 53 4.60 -13.30 4.78
CA ALA A 53 3.32 -13.95 5.04
C ALA A 53 2.75 -14.61 3.79
N VAL A 54 3.02 -14.04 2.61
CA VAL A 54 2.55 -14.63 1.35
C VAL A 54 3.49 -15.73 0.88
N GLU A 55 4.76 -15.66 1.26
CA GLU A 55 5.74 -16.69 0.91
C GLU A 55 5.58 -17.94 1.77
N ASN A 56 4.89 -17.81 2.91
CA ASN A 56 4.59 -18.94 3.78
C ASN A 56 3.09 -19.23 3.86
N SER A 57 2.29 -18.50 3.07
CA SER A 57 0.84 -18.70 2.99
C SER A 57 0.17 -18.68 4.36
N TRP A 58 0.63 -17.80 5.25
CA TRP A 58 0.07 -17.69 6.60
C TRP A 58 -1.39 -17.25 6.60
N GLY A 59 -1.89 -16.73 5.49
CA GLY A 59 -3.27 -16.29 5.33
C GLY A 59 -4.06 -17.28 4.46
N GLY A 60 -3.53 -18.48 4.24
CA GLY A 60 -4.14 -19.49 3.39
C GLY A 60 -3.71 -19.29 1.94
N PRO A 61 -4.24 -20.10 1.02
CA PRO A 61 -3.92 -20.03 -0.40
C PRO A 61 -4.37 -18.71 -1.01
N ASP A 62 -5.26 -17.98 -0.33
CA ASP A 62 -5.74 -16.67 -0.77
C ASP A 62 -4.78 -15.52 -0.44
N SER A 63 -3.62 -15.83 0.15
CA SER A 63 -2.63 -14.81 0.52
C SER A 63 -2.07 -14.09 -0.70
N ALA A 64 -2.22 -14.67 -1.89
CA ALA A 64 -1.74 -14.05 -3.12
C ALA A 64 -2.60 -12.86 -3.51
N GLU A 65 -3.79 -12.71 -2.92
CA GLU A 65 -4.61 -11.52 -3.11
C GLU A 65 -4.37 -10.53 -1.98
N LYS A 66 -3.87 -11.02 -0.83
CA LYS A 66 -3.64 -10.18 0.34
C LYS A 66 -2.51 -9.19 0.12
N ARG A 67 -1.58 -9.47 -0.78
CA ARG A 67 -0.49 -8.54 -1.11
C ARG A 67 -1.03 -7.32 -1.85
N ASP A 68 -2.18 -7.46 -2.52
CA ASP A 68 -2.83 -6.34 -3.20
C ASP A 68 -3.95 -5.75 -2.37
N TRP A 69 -4.52 -6.52 -1.44
CA TRP A 69 -5.64 -6.07 -0.65
C TRP A 69 -5.23 -5.13 0.49
N ILE A 70 -3.98 -5.26 0.96
CA ILE A 70 -3.48 -4.44 2.05
C ILE A 70 -3.30 -2.99 1.62
N THR A 71 -3.04 -2.72 0.35
CA THR A 71 -2.95 -1.34 -0.13
C THR A 71 -4.38 -0.88 -0.45
N GLY A 72 -5.27 -1.81 -0.82
CA GLY A 72 -6.64 -1.49 -1.16
C GLY A 72 -7.46 -1.03 0.05
N ILE A 73 -7.07 -1.45 1.26
CA ILE A 73 -7.76 -1.01 2.47
C ILE A 73 -7.14 0.28 3.02
N VAL A 74 -5.88 0.56 2.69
CA VAL A 74 -5.23 1.78 3.14
C VAL A 74 -5.68 2.91 2.22
N VAL A 75 -5.76 2.62 0.91
CA VAL A 75 -6.17 3.63 -0.05
C VAL A 75 -7.64 4.01 0.13
N ASP A 76 -8.44 3.09 0.67
CA ASP A 76 -9.84 3.33 0.94
C ASP A 76 -10.06 4.47 1.94
N LEU A 77 -9.08 4.69 2.82
CA LEU A 77 -9.15 5.78 3.78
C LEU A 77 -9.13 7.12 3.06
N PHE A 78 -8.30 7.23 2.01
CA PHE A 78 -8.21 8.44 1.21
C PHE A 78 -9.45 8.70 0.35
N LYS A 79 -10.20 7.65 0.03
CA LYS A 79 -11.38 7.76 -0.81
C LYS A 79 -12.65 8.08 -0.03
N ASN A 80 -12.61 7.91 1.31
CA ASN A 80 -13.81 8.07 2.13
C ASN A 80 -13.58 8.92 3.39
N GLU A 81 -12.35 9.40 3.60
CA GLU A 81 -12.06 10.32 4.69
C GLU A 81 -11.26 11.51 4.15
N LYS A 82 -11.57 12.71 4.64
CA LYS A 82 -10.85 13.92 4.28
C LYS A 82 -9.57 14.07 5.09
N VAL A 83 -9.28 13.11 5.99
CA VAL A 83 -8.10 13.14 6.83
C VAL A 83 -7.56 11.73 7.01
N VAL A 84 -6.24 11.58 6.85
CA VAL A 84 -5.55 10.31 7.02
C VAL A 84 -4.19 10.65 7.60
N ASP A 85 -3.82 9.94 8.67
CA ASP A 85 -2.56 10.18 9.38
C ASP A 85 -1.71 8.92 9.24
N ALA A 86 -0.39 9.05 9.44
CA ALA A 86 0.49 7.91 9.35
C ALA A 86 0.17 6.87 10.43
N ALA A 87 -0.35 7.33 11.57
CA ALA A 87 -0.74 6.42 12.64
C ALA A 87 -2.04 5.72 12.29
N LEU A 88 -2.89 6.36 11.48
CA LEU A 88 -4.17 5.79 11.07
C LEU A 88 -3.95 4.73 9.99
N ILE A 89 -2.92 4.90 9.16
CA ILE A 89 -2.55 3.90 8.17
C ILE A 89 -1.84 2.73 8.83
N GLU A 90 -1.03 3.00 9.86
CA GLU A 90 -0.25 1.96 10.52
C GLU A 90 -1.17 0.97 11.24
N GLU A 91 -2.27 1.45 11.82
CA GLU A 91 -3.24 0.57 12.45
C GLU A 91 -3.94 -0.30 11.41
N THR A 92 -4.14 0.24 10.21
CA THR A 92 -4.71 -0.53 9.11
C THR A 92 -3.80 -1.63 8.58
N LEU A 93 -2.50 -1.49 8.79
CA LEU A 93 -1.51 -2.52 8.43
C LEU A 93 -1.37 -3.53 9.57
N LEU A 94 -1.22 -3.07 10.82
CA LEU A 94 -1.01 -3.98 11.93
C LEU A 94 -2.24 -4.85 12.14
N TYR A 95 -3.44 -4.28 12.08
CA TYR A 95 -4.65 -5.08 12.22
C TYR A 95 -4.92 -6.03 11.06
N ALA A 96 -4.40 -5.72 9.87
CA ALA A 96 -4.53 -6.59 8.71
C ALA A 96 -3.66 -7.83 8.89
N MET A 97 -2.59 -7.71 9.68
CA MET A 97 -1.69 -8.82 9.98
C MET A 97 -2.12 -9.60 11.22
N ILE A 98 -3.14 -9.13 11.93
CA ILE A 98 -3.61 -9.78 13.14
C ILE A 98 -5.03 -10.35 12.95
N ASP A 99 -5.82 -9.72 12.09
CA ASP A 99 -7.21 -10.11 11.86
C ASP A 99 -7.38 -11.20 10.80
N GLU A 100 -6.28 -11.63 10.19
CA GLU A 100 -6.30 -12.67 9.16
C GLU A 100 -4.98 -13.43 9.09
N PHE A 101 -3.86 -12.76 9.40
CA PHE A 101 -2.55 -13.40 9.42
C PHE A 101 -2.05 -13.93 10.77
N GLU A 102 -2.63 -13.46 11.88
CA GLU A 102 -2.22 -13.84 13.23
C GLU A 102 -0.72 -13.63 13.46
N THR A 103 -0.09 -12.78 12.66
CA THR A 103 1.37 -12.62 12.65
C THR A 103 1.77 -11.71 13.81
N ASN A 104 0.89 -10.78 14.17
CA ASN A 104 1.07 -9.86 15.28
C ASN A 104 2.36 -9.07 15.14
N VAL A 105 2.38 -8.14 14.17
CA VAL A 105 3.55 -7.28 13.95
C VAL A 105 3.76 -6.37 15.16
N GLU A 106 5.01 -6.30 15.63
CA GLU A 106 5.39 -5.47 16.77
C GLU A 106 6.76 -4.83 16.56
N ASP A 107 7.38 -5.05 15.40
CA ASP A 107 8.67 -4.48 15.08
C ASP A 107 8.62 -3.02 14.59
N ASP A 108 7.43 -2.44 14.54
CA ASP A 108 7.21 -1.09 14.06
C ASP A 108 7.63 -0.83 12.61
N SER A 109 7.87 -1.91 11.85
CA SER A 109 8.29 -1.81 10.46
C SER A 109 7.20 -1.23 9.57
N ALA A 110 5.96 -1.15 10.08
CA ALA A 110 4.86 -0.57 9.34
C ALA A 110 4.81 0.95 9.48
N LEU A 111 5.55 1.50 10.46
CA LEU A 111 5.59 2.95 10.67
C LEU A 111 6.11 3.67 9.43
N PRO A 112 7.32 3.34 8.93
CA PRO A 112 7.87 4.03 7.76
C PRO A 112 7.08 3.70 6.50
N ILE A 113 6.37 2.58 6.48
CA ILE A 113 5.54 2.22 5.33
C ILE A 113 4.31 3.12 5.28
N ALA A 114 3.80 3.53 6.43
CA ALA A 114 2.64 4.40 6.49
C ALA A 114 2.98 5.82 6.06
N VAL A 115 4.14 6.33 6.48
CA VAL A 115 4.52 7.70 6.17
C VAL A 115 4.78 7.86 4.66
N GLU A 116 5.26 6.80 3.99
CA GLU A 116 5.50 6.91 2.56
C GLU A 116 4.19 7.05 1.79
N VAL A 117 3.09 6.44 2.26
CA VAL A 117 1.80 6.56 1.60
C VAL A 117 1.27 7.98 1.74
N ILE A 118 1.60 8.63 2.87
CA ILE A 118 1.15 9.99 3.14
C ILE A 118 1.82 10.96 2.19
N ASN A 119 3.07 10.66 1.79
CA ASN A 119 3.82 11.49 0.87
C ASN A 119 3.33 11.32 -0.57
N ILE A 120 2.62 10.23 -0.89
CA ILE A 120 2.09 10.05 -2.23
C ILE A 120 1.02 11.10 -2.49
N TYR A 121 0.23 11.45 -1.47
CA TYR A 121 -0.79 12.47 -1.61
C TYR A 121 -0.26 13.88 -1.82
N ASN A 122 0.83 14.22 -1.12
CA ASN A 122 1.45 15.53 -1.23
C ASN A 122 2.21 15.67 -2.54
N ASP A 123 2.88 14.61 -2.98
CA ASP A 123 3.64 14.65 -4.23
C ASP A 123 2.75 14.61 -5.47
N CYS A 124 1.66 13.85 -5.41
CA CYS A 124 0.71 13.77 -6.51
C CYS A 124 -0.09 15.07 -6.60
N PHE A 125 -0.16 15.83 -5.50
CA PHE A 125 -0.85 17.11 -5.45
C PHE A 125 -0.23 18.24 -6.25
N ASN A 126 0.98 17.99 -6.77
CA ASN A 126 1.70 18.93 -7.63
C ASN A 126 2.40 18.17 -8.76
N LEU A 127 1.90 16.98 -9.08
CA LEU A 127 2.38 16.13 -10.17
C LEU A 127 3.84 15.70 -10.05
N ASN A 128 4.40 15.73 -8.83
CA ASN A 128 5.76 15.26 -8.57
C ASN A 128 5.82 13.76 -8.27
N TYR A 129 4.92 13.00 -8.91
CA TYR A 129 4.83 11.56 -8.76
C TYR A 129 5.95 10.73 -9.37
N ASN A 130 7.12 11.35 -9.60
CA ASN A 130 8.24 10.68 -10.23
C ASN A 130 8.77 9.51 -9.39
N LYS A 131 8.49 9.49 -8.09
CA LYS A 131 8.88 8.38 -7.22
C LYS A 131 7.93 7.20 -7.39
N VAL A 132 6.69 7.46 -7.83
CA VAL A 132 5.69 6.42 -7.97
C VAL A 132 6.05 5.52 -9.16
N GLU A 133 6.58 6.11 -10.24
CA GLU A 133 6.97 5.34 -11.41
C GLU A 133 8.33 4.67 -11.16
N LYS A 134 9.22 5.34 -10.42
CA LYS A 134 10.55 4.80 -10.12
C LYS A 134 10.43 3.48 -9.38
N LEU A 135 9.56 3.43 -8.36
CA LEU A 135 9.35 2.21 -7.61
C LEU A 135 8.74 1.12 -8.49
N TYR A 136 7.99 1.51 -9.53
CA TYR A 136 7.39 0.52 -10.43
C TYR A 136 8.36 -0.14 -11.39
N LEU A 137 9.46 0.54 -11.72
CA LEU A 137 10.52 -0.02 -12.54
C LEU A 137 11.43 -0.90 -11.66
N GLU A 138 11.64 -0.48 -10.41
CA GLU A 138 12.48 -1.22 -9.48
C GLU A 138 11.75 -2.43 -8.90
N TRP A 139 10.42 -2.43 -8.93
CA TRP A 139 9.63 -3.57 -8.47
C TRP A 139 9.75 -4.79 -9.38
N GLN A 140 10.11 -4.57 -10.65
CA GLN A 140 10.23 -5.65 -11.62
C GLN A 140 11.52 -6.45 -11.47
N GLU A 141 12.42 -6.02 -10.57
CA GLU A 141 13.73 -6.66 -10.46
C GLU A 141 13.64 -8.04 -9.79
N LYS A 142 12.55 -8.32 -9.05
CA LYS A 142 12.39 -9.60 -8.38
C LYS A 142 11.22 -10.40 -8.96
N GLN A 143 10.37 -9.75 -9.76
CA GLN A 143 9.27 -10.46 -10.42
C GLN A 143 9.78 -11.29 -11.58
N ARG A 144 11.03 -11.04 -12.00
CA ARG A 144 11.70 -11.78 -13.08
C ARG A 144 12.46 -13.00 -12.55
N THR A 145 12.27 -13.35 -11.28
CA THR A 145 12.99 -14.47 -10.66
C THR A 145 12.10 -15.18 -9.64
N LYS A 146 11.16 -14.48 -9.00
CA LYS A 146 10.22 -15.11 -8.08
C LYS A 146 9.05 -15.77 -8.81
N LYS A 147 9.02 -15.65 -10.15
CA LYS A 147 7.97 -16.25 -10.98
C LYS A 147 8.06 -17.77 -10.98
N SER A 148 9.19 -18.33 -10.53
CA SER A 148 9.42 -19.77 -10.47
C SER A 148 8.64 -20.42 -9.33
N LYS A 149 7.89 -19.65 -8.55
CA LYS A 149 7.10 -20.16 -7.43
C LYS A 149 6.03 -21.14 -7.92
N ARG A 150 5.59 -22.02 -7.02
CA ARG A 150 4.56 -23.00 -7.33
C ARG A 150 3.22 -22.29 -7.53
N VAL A 151 2.53 -22.60 -8.63
CA VAL A 151 1.23 -22.02 -8.91
C VAL A 151 0.17 -22.77 -8.12
N VAL A 152 -0.46 -22.07 -7.18
CA VAL A 152 -1.52 -22.63 -6.35
C VAL A 152 -2.76 -22.93 -7.18
N HIS A 153 -3.48 -23.99 -6.82
CA HIS A 153 -4.70 -24.41 -7.50
C HIS A 153 -5.59 -25.22 -6.56
N ILE A 154 -6.91 -25.14 -6.75
CA ILE A 154 -7.87 -25.83 -5.90
C ILE A 154 -9.18 -26.04 -6.67
N GLU A 155 -9.98 -27.02 -6.24
CA GLU A 155 -11.28 -27.31 -6.80
C GLU A 155 -11.21 -27.57 -8.31
N GLY A 156 -10.21 -28.33 -8.75
CA GLY A 156 -10.05 -28.67 -10.17
C GLY A 156 -8.90 -29.66 -10.37
N SER B 1 -18.41 -3.62 11.40
CA SER B 1 -17.11 -3.90 12.05
C SER B 1 -17.30 -4.32 13.50
N GLY B 2 -16.38 -5.12 14.02
CA GLY B 2 -16.40 -5.57 15.42
C GLY B 2 -15.87 -4.51 16.38
N SER B 3 -15.46 -3.36 15.84
CA SER B 3 -14.94 -2.26 16.64
C SER B 3 -15.22 -0.93 15.96
N GLN B 4 -14.95 0.17 16.66
CA GLN B 4 -15.07 1.51 16.10
C GLN B 4 -14.00 1.76 15.04
N HIS B 5 -12.98 0.89 14.98
CA HIS B 5 -11.90 0.98 14.02
C HIS B 5 -12.34 0.48 12.65
N MET B 6 -11.59 0.89 11.62
CA MET B 6 -11.84 0.54 10.23
C MET B 6 -11.39 -0.88 9.89
N ARG B 7 -10.85 -1.60 10.88
CA ARG B 7 -10.26 -2.93 10.71
C ARG B 7 -11.07 -3.87 9.83
N PRO B 8 -10.61 -4.13 8.60
CA PRO B 8 -11.20 -5.11 7.71
C PRO B 8 -10.70 -6.51 8.06
N ARG B 9 -11.12 -7.51 7.28
CA ARG B 9 -10.73 -8.91 7.48
C ARG B 9 -10.05 -9.44 6.23
N PHE B 10 -10.81 -9.55 5.13
CA PHE B 10 -10.31 -9.93 3.82
C PHE B 10 -11.25 -9.55 2.68
N ASN B 11 -10.69 -9.16 1.53
CA ASN B 11 -11.47 -8.81 0.36
C ASN B 11 -10.58 -8.86 -0.88
N ARG B 12 -11.20 -8.79 -2.06
CA ARG B 12 -10.47 -8.80 -3.32
C ARG B 12 -11.06 -7.83 -4.33
N GLU B 13 -11.97 -6.96 -3.89
CA GLU B 13 -12.61 -5.97 -4.76
C GLU B 13 -11.95 -4.60 -4.67
N ASN B 14 -11.36 -4.28 -3.51
CA ASN B 14 -10.73 -2.99 -3.28
C ASN B 14 -9.21 -3.08 -3.49
N LYS B 15 -8.69 -4.30 -3.60
CA LYS B 15 -7.26 -4.55 -3.73
C LYS B 15 -6.67 -3.78 -4.92
N VAL B 16 -5.41 -3.39 -4.80
CA VAL B 16 -4.69 -2.67 -5.84
C VAL B 16 -3.46 -3.45 -6.30
N SER B 17 -3.43 -3.83 -7.58
CA SER B 17 -2.31 -4.53 -8.17
C SER B 17 -1.23 -3.53 -8.60
N PRO B 18 0.04 -3.93 -8.56
CA PRO B 18 1.15 -3.10 -9.01
C PRO B 18 1.03 -2.76 -10.49
N ALA B 19 0.22 -3.51 -11.25
CA ALA B 19 0.03 -3.28 -12.67
C ALA B 19 -1.32 -2.64 -12.98
N ASP B 20 -2.37 -3.01 -12.23
CA ASP B 20 -3.71 -2.50 -12.47
C ASP B 20 -3.73 -1.00 -12.21
N ALA B 21 -2.74 -0.48 -11.45
CA ALA B 21 -2.63 0.93 -11.19
C ALA B 21 -1.57 1.58 -12.09
N ALA B 22 -0.75 0.76 -12.77
CA ALA B 22 0.29 1.28 -13.62
C ALA B 22 -0.21 1.44 -15.05
N LYS B 23 -1.05 0.50 -15.50
CA LYS B 23 -1.61 0.53 -16.84
C LYS B 23 -2.52 1.74 -17.04
N LYS B 24 -2.86 2.44 -15.95
CA LYS B 24 -3.67 3.65 -15.98
C LYS B 24 -2.85 4.89 -15.59
N ALA B 25 -1.81 4.72 -14.77
CA ALA B 25 -1.04 5.83 -14.24
C ALA B 25 0.18 6.18 -15.08
N LEU B 26 0.92 5.18 -15.56
CA LEU B 26 2.15 5.38 -16.30
C LEU B 26 1.93 6.31 -17.48
N SER A 1 23.26 9.38 6.29
CA SER A 1 22.62 8.37 7.16
C SER A 1 21.10 8.34 6.95
N GLY A 2 20.46 7.24 7.36
CA GLY A 2 19.02 7.07 7.21
C GLY A 2 18.63 6.82 5.75
N SER A 3 17.32 6.89 5.47
CA SER A 3 16.80 6.69 4.13
C SER A 3 15.45 7.38 3.98
N HIS A 4 15.00 7.58 2.74
CA HIS A 4 13.74 8.22 2.41
C HIS A 4 13.00 7.43 1.32
N MET A 5 13.39 6.16 1.12
CA MET A 5 12.78 5.31 0.12
C MET A 5 12.80 3.83 0.52
N SER A 6 13.37 3.50 1.69
CA SER A 6 13.46 2.13 2.16
C SER A 6 13.13 2.05 3.65
N THR A 7 13.03 0.83 4.18
CA THR A 7 12.67 0.60 5.58
C THR A 7 13.57 1.24 6.64
N GLN A 8 13.15 2.41 7.11
CA GLN A 8 13.83 3.18 8.15
C GLN A 8 12.86 4.21 8.71
N TYR A 9 12.87 4.41 10.03
CA TYR A 9 11.96 5.34 10.69
C TYR A 9 12.19 6.72 10.09
N ILE A 10 11.12 7.53 10.01
CA ILE A 10 11.15 8.76 9.24
C ILE A 10 10.40 9.92 9.89
N ASP A 11 9.34 9.64 10.64
CA ASP A 11 8.53 10.67 11.28
C ASP A 11 7.61 9.94 12.25
N GLU A 12 6.82 10.68 13.03
CA GLU A 12 5.90 10.12 14.02
C GLU A 12 4.57 10.86 14.03
N THR A 13 4.42 11.86 13.16
CA THR A 13 3.23 12.71 13.13
C THR A 13 2.88 13.19 11.71
N ALA A 14 3.34 12.46 10.70
CA ALA A 14 3.04 12.77 9.30
C ALA A 14 1.56 12.54 9.02
N PHE A 15 0.95 13.39 8.18
CA PHE A 15 -0.46 13.29 7.89
C PHE A 15 -0.79 14.20 6.71
N VAL A 16 -2.05 14.14 6.26
CA VAL A 16 -2.55 14.96 5.17
C VAL A 16 -4.01 15.30 5.45
N GLN A 17 -4.48 16.38 4.81
CA GLN A 17 -5.87 16.82 4.92
C GLN A 17 -6.36 17.35 3.58
N ALA A 18 -7.65 17.17 3.31
CA ALA A 18 -8.28 17.63 2.09
C ALA A 18 -8.57 19.14 2.16
N GLU A 19 -8.92 19.73 1.01
CA GLU A 19 -9.30 21.13 0.95
C GLU A 19 -10.70 21.34 1.50
N GLN A 20 -11.06 22.60 1.77
CA GLN A 20 -12.35 22.95 2.35
C GLN A 20 -13.48 22.72 1.33
N GLY A 21 -13.14 22.56 0.05
CA GLY A 21 -14.09 22.30 -1.02
C GLY A 21 -14.31 20.81 -1.25
N LYS A 22 -13.70 19.97 -0.40
CA LYS A 22 -13.75 18.52 -0.55
C LYS A 22 -14.22 17.83 0.73
N THR A 23 -14.63 16.56 0.58
CA THR A 23 -15.05 15.71 1.69
C THR A 23 -14.20 14.46 1.89
N ASN A 24 -13.18 14.31 1.05
CA ASN A 24 -12.24 13.20 1.09
C ASN A 24 -10.93 13.60 0.42
N LEU A 25 -9.87 12.81 0.64
CA LEU A 25 -8.56 13.06 0.06
C LEU A 25 -8.50 12.61 -1.40
N MET A 26 -9.60 12.07 -1.94
CA MET A 26 -9.66 11.61 -3.33
C MET A 26 -9.39 12.75 -4.31
N PHE A 27 -8.75 12.43 -5.44
CA PHE A 27 -8.42 13.42 -6.45
C PHE A 27 -9.55 13.85 -7.38
N SER A 28 -9.44 15.07 -7.93
CA SER A 28 -10.46 15.65 -8.79
C SER A 28 -10.43 15.07 -10.21
N ASP A 29 -9.46 14.18 -10.49
CA ASP A 29 -9.27 13.59 -11.80
C ASP A 29 -8.88 12.12 -11.73
N GLU A 30 -9.50 11.27 -12.55
CA GLU A 30 -9.25 9.83 -12.52
C GLU A 30 -7.81 9.50 -12.89
N LYS A 31 -7.16 10.33 -13.73
CA LYS A 31 -5.77 10.12 -14.10
C LYS A 31 -4.86 10.51 -12.94
N GLN A 32 -5.32 11.45 -12.10
CA GLN A 32 -4.56 11.90 -10.94
C GLN A 32 -4.75 10.91 -9.79
N GLN A 33 -5.91 10.26 -9.74
CA GLN A 33 -6.19 9.24 -8.74
C GLN A 33 -5.48 7.94 -9.09
N ALA A 34 -5.34 7.64 -10.38
CA ALA A 34 -4.62 6.47 -10.87
C ALA A 34 -3.16 6.52 -10.43
N ARG A 35 -2.51 7.69 -10.55
CA ARG A 35 -1.12 7.82 -10.18
C ARG A 35 -0.96 7.73 -8.67
N PHE A 36 -2.01 8.10 -7.92
CA PHE A 36 -1.98 7.93 -6.47
C PHE A 36 -2.06 6.47 -6.01
N GLU A 37 -2.90 5.66 -6.67
CA GLU A 37 -3.05 4.26 -6.31
C GLU A 37 -1.81 3.46 -6.70
N LEU A 38 -1.12 3.89 -7.75
CA LEU A 38 0.14 3.27 -8.12
C LEU A 38 1.19 3.56 -7.05
N GLY A 39 1.12 4.76 -6.46
CA GLY A 39 2.05 5.16 -5.42
C GLY A 39 1.94 4.24 -4.20
N VAL A 40 0.73 4.05 -3.67
CA VAL A 40 0.55 3.20 -2.49
C VAL A 40 0.92 1.75 -2.76
N SER A 41 0.55 1.24 -3.94
CA SER A 41 0.84 -0.13 -4.33
C SER A 41 2.35 -0.40 -4.32
N MET A 42 3.16 0.64 -4.56
CA MET A 42 4.61 0.48 -4.57
C MET A 42 5.24 0.49 -3.18
N VAL A 43 4.58 1.09 -2.18
CA VAL A 43 5.14 1.13 -0.84
C VAL A 43 4.86 -0.12 -0.01
N ILE A 44 3.69 -0.73 -0.21
CA ILE A 44 3.33 -1.95 0.51
C ILE A 44 4.21 -3.11 0.03
N TYR A 45 4.71 -3.02 -1.20
CA TYR A 45 5.67 -3.98 -1.74
C TYR A 45 7.08 -3.93 -1.16
N LYS A 46 7.31 -3.01 -0.21
CA LYS A 46 8.61 -2.87 0.45
C LYS A 46 8.53 -3.23 1.93
N TRP A 47 7.35 -3.66 2.40
CA TRP A 47 7.17 -4.09 3.78
C TRP A 47 7.57 -5.56 3.87
N ASP A 48 8.49 -5.90 4.78
CA ASP A 48 9.00 -7.27 4.90
C ASP A 48 8.08 -8.26 5.60
N ALA A 49 7.19 -7.78 6.49
CA ALA A 49 6.34 -8.67 7.25
C ALA A 49 5.26 -9.30 6.37
N LEU A 50 4.77 -8.55 5.38
CA LEU A 50 3.77 -9.06 4.46
C LEU A 50 4.43 -10.02 3.46
N ASP A 51 5.65 -9.71 3.03
CA ASP A 51 6.35 -10.54 2.07
C ASP A 51 6.62 -11.95 2.61
N VAL A 52 7.00 -12.05 3.88
CA VAL A 52 7.28 -13.34 4.50
C VAL A 52 5.98 -14.09 4.73
N ALA A 53 4.87 -13.38 4.98
CA ALA A 53 3.60 -14.02 5.32
C ALA A 53 2.89 -14.57 4.08
N VAL A 54 3.06 -13.91 2.93
CA VAL A 54 2.45 -14.38 1.69
C VAL A 54 3.23 -15.50 1.02
N GLU A 55 4.54 -15.54 1.27
CA GLU A 55 5.41 -16.60 0.75
C GLU A 55 5.23 -17.90 1.54
N ASN A 56 4.83 -17.78 2.81
CA ASN A 56 4.54 -18.95 3.64
C ASN A 56 3.04 -19.20 3.77
N SER A 57 2.22 -18.37 3.10
CA SER A 57 0.77 -18.53 3.07
C SER A 57 0.16 -18.62 4.47
N TRP A 58 0.67 -17.83 5.43
CA TRP A 58 0.17 -17.85 6.80
C TRP A 58 -1.31 -17.46 6.91
N GLY A 59 -1.86 -16.82 5.87
CA GLY A 59 -3.25 -16.42 5.83
C GLY A 59 -4.11 -17.35 4.98
N GLY A 60 -3.54 -18.48 4.56
CA GLY A 60 -4.20 -19.43 3.68
C GLY A 60 -3.85 -19.16 2.22
N PRO A 61 -4.36 -19.98 1.28
CA PRO A 61 -4.07 -19.86 -0.13
C PRO A 61 -4.61 -18.56 -0.72
N ASP A 62 -5.55 -17.91 -0.04
CA ASP A 62 -6.11 -16.64 -0.47
C ASP A 62 -5.18 -15.44 -0.23
N SER A 63 -4.04 -15.68 0.42
CA SER A 63 -3.08 -14.63 0.75
C SER A 63 -2.47 -14.02 -0.50
N ALA A 64 -2.52 -14.74 -1.63
CA ALA A 64 -1.92 -14.27 -2.87
C ALA A 64 -2.69 -13.10 -3.46
N GLU A 65 -3.92 -12.86 -2.98
CA GLU A 65 -4.68 -11.65 -3.31
C GLU A 65 -4.64 -10.65 -2.16
N LYS A 66 -4.29 -11.13 -0.95
CA LYS A 66 -4.22 -10.28 0.23
C LYS A 66 -3.05 -9.30 0.13
N ARG A 67 -2.01 -9.65 -0.64
CA ARG A 67 -0.86 -8.77 -0.83
C ARG A 67 -1.26 -7.50 -1.57
N ASP A 68 -2.32 -7.56 -2.38
CA ASP A 68 -2.86 -6.42 -3.10
C ASP A 68 -3.98 -5.72 -2.33
N TRP A 69 -4.60 -6.44 -1.40
CA TRP A 69 -5.72 -5.92 -0.63
C TRP A 69 -5.25 -4.96 0.46
N ILE A 70 -4.02 -5.15 0.94
CA ILE A 70 -3.45 -4.34 2.00
C ILE A 70 -3.24 -2.88 1.56
N THR A 71 -2.99 -2.64 0.27
CA THR A 71 -2.87 -1.26 -0.22
C THR A 71 -4.28 -0.77 -0.53
N GLY A 72 -5.20 -1.67 -0.92
CA GLY A 72 -6.55 -1.28 -1.29
C GLY A 72 -7.34 -0.74 -0.09
N ILE A 73 -7.14 -1.32 1.09
CA ILE A 73 -7.82 -0.84 2.30
C ILE A 73 -7.19 0.45 2.82
N VAL A 74 -5.92 0.69 2.51
CA VAL A 74 -5.25 1.91 2.92
C VAL A 74 -5.66 3.02 1.96
N VAL A 75 -5.78 2.69 0.68
CA VAL A 75 -6.15 3.66 -0.35
C VAL A 75 -7.59 4.08 -0.06
N ASP A 76 -8.41 3.16 0.45
CA ASP A 76 -9.80 3.45 0.75
C ASP A 76 -10.03 4.55 1.77
N LEU A 77 -9.08 4.76 2.68
CA LEU A 77 -9.18 5.78 3.70
C LEU A 77 -9.20 7.16 3.05
N PHE A 78 -8.37 7.34 2.00
CA PHE A 78 -8.32 8.57 1.25
C PHE A 78 -9.60 8.83 0.44
N LYS A 79 -10.41 7.78 0.22
CA LYS A 79 -11.63 7.88 -0.58
C LYS A 79 -12.87 8.19 0.25
N ASN A 80 -12.80 8.09 1.58
CA ASN A 80 -13.95 8.31 2.44
C ASN A 80 -13.66 9.18 3.66
N GLU A 81 -12.40 9.60 3.84
CA GLU A 81 -12.05 10.54 4.89
C GLU A 81 -11.24 11.70 4.31
N LYS A 82 -11.53 12.92 4.78
CA LYS A 82 -10.80 14.11 4.40
C LYS A 82 -9.51 14.25 5.19
N VAL A 83 -9.24 13.32 6.11
CA VAL A 83 -8.05 13.36 6.94
C VAL A 83 -7.53 11.93 7.14
N VAL A 84 -6.22 11.76 6.96
CA VAL A 84 -5.55 10.48 7.12
C VAL A 84 -4.15 10.80 7.66
N ASP A 85 -3.65 9.99 8.59
CA ASP A 85 -2.33 10.17 9.16
C ASP A 85 -1.55 8.86 9.21
N ALA A 86 -0.25 8.97 9.51
CA ALA A 86 0.63 7.82 9.52
C ALA A 86 0.16 6.76 10.51
N ALA A 87 -0.51 7.18 11.59
CA ALA A 87 -1.00 6.25 12.60
C ALA A 87 -2.27 5.53 12.11
N LEU A 88 -3.12 6.22 11.35
CA LEU A 88 -4.36 5.65 10.85
C LEU A 88 -4.06 4.65 9.74
N ILE A 89 -2.99 4.87 8.96
CA ILE A 89 -2.57 3.90 7.94
C ILE A 89 -1.84 2.73 8.60
N GLU A 90 -1.03 3.02 9.62
CA GLU A 90 -0.23 1.97 10.25
C GLU A 90 -1.13 0.96 10.95
N GLU A 91 -2.21 1.41 11.59
CA GLU A 91 -3.12 0.49 12.25
C GLU A 91 -3.86 -0.36 11.22
N THR A 92 -4.10 0.17 10.02
CA THR A 92 -4.69 -0.62 8.94
C THR A 92 -3.76 -1.71 8.42
N LEU A 93 -2.44 -1.54 8.59
CA LEU A 93 -1.46 -2.55 8.25
C LEU A 93 -1.30 -3.54 9.40
N LEU A 94 -1.24 -3.05 10.64
CA LEU A 94 -1.04 -3.92 11.79
C LEU A 94 -2.23 -4.86 11.95
N TYR A 95 -3.45 -4.36 11.79
CA TYR A 95 -4.63 -5.21 11.86
C TYR A 95 -4.81 -6.17 10.69
N ALA A 96 -4.20 -5.85 9.55
CA ALA A 96 -4.26 -6.70 8.37
C ALA A 96 -3.41 -7.95 8.56
N MET A 97 -2.38 -7.87 9.41
CA MET A 97 -1.51 -9.01 9.69
C MET A 97 -2.05 -9.88 10.82
N ILE A 98 -2.82 -9.29 11.73
CA ILE A 98 -3.33 -10.01 12.89
C ILE A 98 -4.71 -10.59 12.61
N ASP A 99 -5.46 -10.01 11.66
CA ASP A 99 -6.83 -10.44 11.39
C ASP A 99 -6.98 -11.66 10.50
N GLU A 100 -5.92 -12.03 9.76
CA GLU A 100 -5.93 -13.19 8.88
C GLU A 100 -4.57 -13.88 8.84
N PHE A 101 -3.47 -13.11 8.83
CA PHE A 101 -2.14 -13.69 8.88
C PHE A 101 -1.72 -14.26 10.23
N GLU A 102 -2.54 -14.02 11.27
CA GLU A 102 -2.27 -14.44 12.63
C GLU A 102 -0.86 -14.04 13.09
N THR A 103 -0.37 -12.90 12.59
CA THR A 103 0.98 -12.45 12.82
C THR A 103 0.95 -11.03 13.35
N ASN A 104 1.67 -10.79 14.46
CA ASN A 104 1.84 -9.47 15.02
C ASN A 104 3.09 -8.81 14.44
N VAL A 105 3.04 -7.49 14.28
CA VAL A 105 4.17 -6.71 13.80
C VAL A 105 4.55 -5.59 14.76
N GLU A 106 5.00 -6.00 15.95
CA GLU A 106 5.30 -5.08 17.04
C GLU A 106 6.64 -4.37 16.83
N ASP A 107 7.36 -4.74 15.76
CA ASP A 107 8.63 -4.11 15.42
C ASP A 107 8.51 -2.70 14.83
N ASP A 108 7.27 -2.19 14.72
CA ASP A 108 7.00 -0.90 14.12
C ASP A 108 7.45 -0.75 12.68
N SER A 109 7.68 -1.87 12.00
CA SER A 109 8.15 -1.86 10.62
C SER A 109 7.07 -1.34 9.67
N ALA A 110 5.83 -1.19 10.15
CA ALA A 110 4.74 -0.64 9.37
C ALA A 110 4.72 0.89 9.44
N LEU A 111 5.43 1.49 10.41
CA LEU A 111 5.50 2.93 10.55
C LEU A 111 6.13 3.58 9.32
N PRO A 112 7.35 3.16 8.89
CA PRO A 112 8.02 3.74 7.73
C PRO A 112 7.26 3.44 6.44
N ILE A 113 6.30 2.50 6.47
CA ILE A 113 5.50 2.18 5.31
C ILE A 113 4.30 3.11 5.21
N ALA A 114 3.73 3.51 6.34
CA ALA A 114 2.58 4.40 6.38
C ALA A 114 2.93 5.80 5.91
N VAL A 115 4.08 6.32 6.32
CA VAL A 115 4.47 7.69 5.98
C VAL A 115 4.79 7.79 4.50
N GLU A 116 5.19 6.70 3.85
CA GLU A 116 5.43 6.72 2.42
C GLU A 116 4.12 6.91 1.66
N VAL A 117 3.00 6.37 2.17
CA VAL A 117 1.69 6.52 1.55
C VAL A 117 1.23 7.97 1.66
N ILE A 118 1.57 8.62 2.77
CA ILE A 118 1.17 10.00 3.02
C ILE A 118 1.90 10.92 2.04
N ASN A 119 3.13 10.55 1.67
CA ASN A 119 3.93 11.32 0.74
C ASN A 119 3.42 11.18 -0.70
N ILE A 120 2.63 10.14 -1.00
CA ILE A 120 2.07 9.97 -2.33
C ILE A 120 1.04 11.05 -2.60
N TYR A 121 0.25 11.40 -1.57
CA TYR A 121 -0.76 12.44 -1.70
C TYR A 121 -0.18 13.84 -1.90
N ASN A 122 0.96 14.11 -1.25
CA ASN A 122 1.62 15.41 -1.36
C ASN A 122 2.22 15.57 -2.75
N ASP A 123 2.71 14.47 -3.34
CA ASP A 123 3.25 14.51 -4.69
C ASP A 123 2.18 14.56 -5.79
N CYS A 124 1.14 13.76 -5.65
CA CYS A 124 0.05 13.75 -6.62
C CYS A 124 -0.73 15.08 -6.59
N PHE A 125 -0.63 15.81 -5.49
CA PHE A 125 -1.27 17.12 -5.35
C PHE A 125 -0.72 18.23 -6.26
N ASN A 126 0.43 17.95 -6.89
CA ASN A 126 1.04 18.85 -7.86
C ASN A 126 1.48 18.07 -9.09
N LEU A 127 0.86 16.91 -9.30
CA LEU A 127 1.12 16.01 -10.42
C LEU A 127 2.57 15.50 -10.48
N ASN A 128 3.28 15.50 -9.36
CA ASN A 128 4.61 14.92 -9.29
C ASN A 128 4.47 13.40 -9.16
N TYR A 129 5.40 12.65 -9.77
CA TYR A 129 5.39 11.20 -9.72
C TYR A 129 6.75 10.50 -9.84
N ASN A 130 7.84 11.25 -9.61
CA ASN A 130 9.18 10.75 -9.83
C ASN A 130 9.49 9.52 -8.96
N LYS A 131 8.90 9.42 -7.77
CA LYS A 131 9.11 8.25 -6.91
C LYS A 131 8.06 7.17 -7.19
N VAL A 132 6.87 7.56 -7.67
CA VAL A 132 5.80 6.61 -7.91
C VAL A 132 6.14 5.73 -9.11
N GLU A 133 6.70 6.30 -10.17
CA GLU A 133 7.05 5.55 -11.36
C GLU A 133 8.37 4.82 -11.16
N LYS A 134 9.33 5.45 -10.48
CA LYS A 134 10.64 4.86 -10.27
C LYS A 134 10.54 3.54 -9.52
N LEU A 135 9.73 3.52 -8.45
CA LEU A 135 9.53 2.30 -7.68
C LEU A 135 8.87 1.22 -8.52
N TYR A 136 8.17 1.58 -9.60
CA TYR A 136 7.55 0.59 -10.47
C TYR A 136 8.51 -0.12 -11.42
N LEU A 137 9.59 0.54 -11.83
CA LEU A 137 10.62 -0.10 -12.62
C LEU A 137 11.53 -0.91 -11.69
N GLU A 138 11.79 -0.39 -10.48
CA GLU A 138 12.63 -1.07 -9.50
C GLU A 138 11.89 -2.25 -8.87
N TRP A 139 10.55 -2.26 -8.91
CA TRP A 139 9.75 -3.35 -8.39
C TRP A 139 9.90 -4.65 -9.19
N GLN A 140 10.29 -4.55 -10.46
CA GLN A 140 10.41 -5.71 -11.33
C GLN A 140 11.68 -6.51 -11.05
N GLU A 141 12.57 -6.03 -10.18
CA GLU A 141 13.85 -6.69 -9.94
C GLU A 141 13.69 -7.96 -9.10
N LYS A 142 12.58 -8.10 -8.36
CA LYS A 142 12.37 -9.28 -7.54
C LYS A 142 11.21 -10.13 -8.05
N GLN A 143 10.39 -9.60 -8.96
CA GLN A 143 9.31 -10.39 -9.54
C GLN A 143 9.86 -11.42 -10.53
N ARG A 144 11.12 -11.28 -10.92
CA ARG A 144 11.82 -12.21 -11.79
C ARG A 144 12.51 -13.33 -11.02
N THR A 145 12.23 -13.45 -9.72
CA THR A 145 12.88 -14.47 -8.89
C THR A 145 11.95 -14.93 -7.77
N LYS A 146 11.06 -14.06 -7.28
CA LYS A 146 10.08 -14.44 -6.26
C LYS A 146 8.89 -15.18 -6.89
N LYS A 147 8.76 -15.13 -8.22
CA LYS A 147 7.69 -15.80 -8.93
C LYS A 147 7.95 -17.31 -8.97
N SER A 148 6.88 -18.11 -9.02
CA SER A 148 6.98 -19.55 -9.08
C SER A 148 5.64 -20.10 -9.58
N LYS A 149 5.64 -20.61 -10.81
CA LYS A 149 4.46 -21.14 -11.47
C LYS A 149 3.95 -22.43 -10.83
N ARG A 150 2.70 -22.79 -11.14
CA ARG A 150 2.04 -24.01 -10.69
C ARG A 150 1.40 -24.77 -11.84
N VAL A 151 1.91 -24.54 -13.04
CA VAL A 151 1.45 -25.18 -14.26
C VAL A 151 2.65 -25.50 -15.14
N VAL A 152 2.79 -26.76 -15.52
CA VAL A 152 3.87 -27.22 -16.39
C VAL A 152 3.47 -28.48 -17.18
N HIS A 153 4.07 -28.68 -18.35
CA HIS A 153 3.80 -29.83 -19.19
C HIS A 153 4.99 -30.08 -20.13
N ILE A 154 5.10 -31.30 -20.66
CA ILE A 154 6.17 -31.68 -21.57
C ILE A 154 5.82 -31.26 -22.99
N GLU A 155 6.83 -31.21 -23.86
CA GLU A 155 6.69 -30.86 -25.27
C GLU A 155 7.47 -31.84 -26.16
N GLY A 156 7.92 -32.95 -25.58
CA GLY A 156 8.70 -33.95 -26.30
C GLY A 156 10.09 -33.43 -26.66
N SER B 1 -20.44 -1.80 20.31
CA SER B 1 -20.73 -0.76 21.31
C SER B 1 -19.66 0.32 21.29
N GLY B 2 -20.08 1.59 21.32
CA GLY B 2 -19.17 2.72 21.28
C GLY B 2 -18.49 2.82 19.92
N SER B 3 -17.45 3.67 19.82
CA SER B 3 -16.68 3.81 18.59
C SER B 3 -15.83 2.56 18.36
N GLN B 4 -15.53 2.28 17.09
CA GLN B 4 -14.75 1.12 16.70
C GLN B 4 -13.86 1.43 15.50
N HIS B 5 -12.78 0.67 15.33
CA HIS B 5 -11.85 0.83 14.22
C HIS B 5 -12.47 0.32 12.91
N MET B 6 -11.95 0.84 11.79
CA MET B 6 -12.38 0.48 10.45
C MET B 6 -11.72 -0.80 9.97
N ARG B 7 -10.85 -1.40 10.79
CA ARG B 7 -10.02 -2.55 10.45
C ARG B 7 -10.82 -3.65 9.76
N PRO B 8 -10.62 -3.84 8.45
CA PRO B 8 -11.23 -4.90 7.67
C PRO B 8 -10.52 -6.22 7.93
N ARG B 9 -10.98 -7.29 7.27
CA ARG B 9 -10.44 -8.64 7.48
C ARG B 9 -9.93 -9.21 6.16
N PHE B 10 -10.81 -9.26 5.16
CA PHE B 10 -10.45 -9.68 3.82
C PHE B 10 -11.42 -9.22 2.73
N ASN B 11 -10.87 -8.88 1.56
CA ASN B 11 -11.65 -8.51 0.39
C ASN B 11 -10.75 -8.64 -0.83
N ARG B 12 -11.34 -8.55 -2.03
CA ARG B 12 -10.59 -8.64 -3.28
C ARG B 12 -11.15 -7.71 -4.33
N GLU B 13 -12.01 -6.77 -3.94
CA GLU B 13 -12.61 -5.82 -4.87
C GLU B 13 -11.91 -4.45 -4.81
N ASN B 14 -11.34 -4.10 -3.65
CA ASN B 14 -10.66 -2.81 -3.47
C ASN B 14 -9.15 -2.96 -3.65
N LYS B 15 -8.66 -4.20 -3.72
CA LYS B 15 -7.23 -4.49 -3.82
C LYS B 15 -6.61 -3.75 -5.00
N VAL B 16 -5.33 -3.40 -4.88
CA VAL B 16 -4.58 -2.71 -5.91
C VAL B 16 -3.33 -3.50 -6.30
N SER B 17 -3.24 -3.87 -7.59
CA SER B 17 -2.08 -4.56 -8.13
C SER B 17 -1.02 -3.55 -8.56
N PRO B 18 0.27 -3.91 -8.47
CA PRO B 18 1.37 -3.06 -8.90
C PRO B 18 1.27 -2.72 -10.39
N ALA B 19 0.46 -3.45 -11.16
CA ALA B 19 0.30 -3.21 -12.58
C ALA B 19 -1.08 -2.65 -12.90
N ASP B 20 -2.13 -3.06 -12.17
CA ASP B 20 -3.48 -2.60 -12.43
C ASP B 20 -3.58 -1.10 -12.16
N ALA B 21 -2.62 -0.55 -11.40
CA ALA B 21 -2.58 0.88 -11.13
C ALA B 21 -1.55 1.56 -12.03
N ALA B 22 -0.68 0.80 -12.69
CA ALA B 22 0.35 1.35 -13.54
C ALA B 22 -0.16 1.48 -14.98
N LYS B 23 -0.94 0.49 -15.43
CA LYS B 23 -1.50 0.50 -16.77
C LYS B 23 -2.48 1.66 -16.97
N LYS B 24 -2.91 2.28 -15.87
CA LYS B 24 -3.81 3.44 -15.91
C LYS B 24 -3.07 4.73 -15.57
N ALA B 25 -1.98 4.65 -14.79
CA ALA B 25 -1.26 5.83 -14.34
C ALA B 25 -0.08 6.20 -15.24
N LEU B 26 0.69 5.21 -15.68
CA LEU B 26 1.88 5.43 -16.50
C LEU B 26 1.52 6.17 -17.79
N SER A 1 21.77 14.97 2.87
CA SER A 1 20.43 14.53 2.43
C SER A 1 20.52 13.26 1.58
N GLY A 2 19.39 12.57 1.43
CA GLY A 2 19.32 11.33 0.66
C GLY A 2 17.92 10.74 0.69
N SER A 3 17.73 9.60 0.01
CA SER A 3 16.44 8.92 -0.03
C SER A 3 16.10 8.32 1.32
N HIS A 4 14.82 7.98 1.50
CA HIS A 4 14.31 7.39 2.74
C HIS A 4 13.23 6.34 2.46
N MET A 5 13.04 5.99 1.18
CA MET A 5 12.03 5.05 0.75
C MET A 5 12.44 3.59 1.01
N SER A 6 13.53 3.38 1.76
CA SER A 6 14.07 2.05 2.01
C SER A 6 14.69 1.95 3.41
N THR A 7 14.27 2.82 4.33
CA THR A 7 14.80 2.85 5.69
C THR A 7 13.73 3.05 6.76
N GLN A 8 14.07 2.76 8.01
CA GLN A 8 13.14 2.80 9.13
C GLN A 8 12.76 4.23 9.52
N TYR A 9 13.66 5.20 9.26
CA TYR A 9 13.38 6.60 9.57
C TYR A 9 12.82 7.44 8.42
N ILE A 10 11.89 8.34 8.74
CA ILE A 10 11.18 9.15 7.76
C ILE A 10 10.56 10.38 8.43
N ASP A 11 9.67 10.13 9.39
CA ASP A 11 8.96 11.16 10.14
C ASP A 11 8.28 10.43 11.31
N GLU A 12 7.60 11.17 12.17
CA GLU A 12 6.91 10.62 13.34
C GLU A 12 5.52 11.22 13.53
N THR A 13 5.12 12.11 12.62
CA THR A 13 3.85 12.81 12.71
C THR A 13 3.27 13.19 11.35
N ALA A 14 3.66 12.44 10.30
CA ALA A 14 3.22 12.69 8.94
C ALA A 14 1.72 12.47 8.80
N PHE A 15 1.06 13.31 7.99
CA PHE A 15 -0.38 13.20 7.76
C PHE A 15 -0.72 14.10 6.58
N VAL A 16 -1.99 14.05 6.15
CA VAL A 16 -2.50 14.85 5.04
C VAL A 16 -3.94 15.23 5.36
N GLN A 17 -4.41 16.33 4.74
CA GLN A 17 -5.77 16.82 4.90
C GLN A 17 -6.31 17.32 3.58
N ALA A 18 -7.63 17.20 3.39
CA ALA A 18 -8.32 17.64 2.19
C ALA A 18 -8.57 19.15 2.23
N GLU A 19 -8.99 19.71 1.10
CA GLU A 19 -9.37 21.12 1.03
C GLU A 19 -10.74 21.33 1.67
N GLN A 20 -11.09 22.59 1.94
CA GLN A 20 -12.36 22.92 2.59
C GLN A 20 -13.52 22.71 1.63
N GLY A 21 -13.23 22.53 0.34
CA GLY A 21 -14.22 22.28 -0.69
C GLY A 21 -14.42 20.78 -0.95
N LYS A 22 -13.78 19.93 -0.14
CA LYS A 22 -13.83 18.48 -0.32
C LYS A 22 -14.28 17.75 0.93
N THR A 23 -14.71 16.50 0.76
CA THR A 23 -15.12 15.61 1.84
C THR A 23 -14.27 14.35 1.99
N ASN A 24 -13.24 14.24 1.16
CA ASN A 24 -12.29 13.14 1.15
C ASN A 24 -10.98 13.57 0.48
N LEU A 25 -9.91 12.80 0.71
CA LEU A 25 -8.62 13.07 0.12
C LEU A 25 -8.57 12.66 -1.35
N MET A 26 -9.67 12.14 -1.90
CA MET A 26 -9.73 11.70 -3.28
C MET A 26 -9.45 12.87 -4.23
N PHE A 27 -8.79 12.58 -5.35
CA PHE A 27 -8.45 13.58 -6.36
C PHE A 27 -9.59 14.05 -7.27
N SER A 28 -9.46 15.26 -7.81
CA SER A 28 -10.47 15.85 -8.68
C SER A 28 -10.42 15.29 -10.10
N ASP A 29 -9.49 14.37 -10.38
CA ASP A 29 -9.31 13.77 -11.69
C ASP A 29 -8.89 12.31 -11.61
N GLU A 30 -9.56 11.42 -12.36
CA GLU A 30 -9.28 10.00 -12.33
C GLU A 30 -7.90 9.66 -12.90
N LYS A 31 -7.34 10.50 -13.78
CA LYS A 31 -5.99 10.30 -14.27
C LYS A 31 -4.97 10.67 -13.19
N GLN A 32 -5.36 11.55 -12.27
CA GLN A 32 -4.50 11.95 -11.16
C GLN A 32 -4.62 10.91 -10.03
N GLN A 33 -5.82 10.34 -9.86
CA GLN A 33 -6.07 9.38 -8.82
C GLN A 33 -5.41 8.04 -9.16
N ALA A 34 -5.21 7.76 -10.45
CA ALA A 34 -4.50 6.58 -10.92
C ALA A 34 -3.06 6.58 -10.41
N ARG A 35 -2.38 7.72 -10.51
CA ARG A 35 -1.01 7.87 -10.04
C ARG A 35 -0.93 7.74 -8.53
N PHE A 36 -2.04 7.94 -7.83
CA PHE A 36 -2.06 7.73 -6.40
C PHE A 36 -2.12 6.27 -5.97
N GLU A 37 -2.99 5.46 -6.60
CA GLU A 37 -3.11 4.06 -6.24
C GLU A 37 -1.84 3.29 -6.58
N LEU A 38 -1.16 3.68 -7.67
CA LEU A 38 0.07 3.02 -8.05
C LEU A 38 1.12 3.25 -6.98
N GLY A 39 1.15 4.47 -6.44
CA GLY A 39 2.15 4.82 -5.44
C GLY A 39 1.96 4.04 -4.14
N VAL A 40 0.72 3.75 -3.74
CA VAL A 40 0.50 2.95 -2.54
C VAL A 40 0.91 1.51 -2.76
N SER A 41 0.59 0.95 -3.93
CA SER A 41 0.91 -0.43 -4.26
C SER A 41 2.42 -0.65 -4.19
N MET A 42 3.21 0.35 -4.57
CA MET A 42 4.67 0.26 -4.56
C MET A 42 5.23 0.35 -3.14
N VAL A 43 4.50 0.97 -2.21
CA VAL A 43 4.97 1.16 -0.85
C VAL A 43 4.65 -0.10 -0.03
N ILE A 44 3.49 -0.72 -0.25
CA ILE A 44 3.13 -1.92 0.49
C ILE A 44 4.00 -3.09 0.03
N TYR A 45 4.44 -3.08 -1.23
CA TYR A 45 5.37 -4.07 -1.76
C TYR A 45 6.78 -4.05 -1.17
N LYS A 46 7.02 -3.21 -0.16
CA LYS A 46 8.32 -3.12 0.50
C LYS A 46 8.23 -3.43 2.00
N TRP A 47 7.05 -3.75 2.50
CA TRP A 47 6.88 -4.09 3.91
C TRP A 47 7.40 -5.50 4.17
N ASP A 48 8.32 -5.64 5.13
CA ASP A 48 8.98 -6.91 5.39
C ASP A 48 8.12 -7.99 6.05
N ALA A 49 7.25 -7.61 6.98
CA ALA A 49 6.43 -8.56 7.71
C ALA A 49 5.37 -9.20 6.80
N LEU A 50 4.87 -8.44 5.82
CA LEU A 50 3.87 -8.96 4.89
C LEU A 50 4.57 -9.77 3.79
N ASP A 51 5.77 -9.35 3.38
CA ASP A 51 6.53 -10.08 2.36
C ASP A 51 6.90 -11.50 2.79
N VAL A 52 7.01 -11.74 4.10
CA VAL A 52 7.33 -13.05 4.63
C VAL A 52 6.05 -13.85 4.81
N ALA A 53 4.92 -13.19 5.09
CA ALA A 53 3.67 -13.87 5.39
C ALA A 53 3.02 -14.42 4.12
N VAL A 54 3.20 -13.76 2.98
CA VAL A 54 2.65 -14.24 1.72
C VAL A 54 3.50 -15.32 1.07
N GLU A 55 4.81 -15.31 1.36
CA GLU A 55 5.73 -16.32 0.84
C GLU A 55 5.63 -17.63 1.62
N ASN A 56 5.14 -17.56 2.86
CA ASN A 56 4.90 -18.75 3.68
C ASN A 56 3.41 -19.08 3.77
N SER A 57 2.57 -18.30 3.07
CA SER A 57 1.13 -18.52 3.01
C SER A 57 0.50 -18.58 4.39
N TRP A 58 0.98 -17.76 5.33
CA TRP A 58 0.44 -17.68 6.67
C TRP A 58 -1.02 -17.19 6.69
N GLY A 59 -1.50 -16.68 5.54
CA GLY A 59 -2.85 -16.17 5.40
C GLY A 59 -3.75 -17.09 4.58
N GLY A 60 -3.26 -18.28 4.22
CA GLY A 60 -4.00 -19.23 3.42
C GLY A 60 -3.72 -19.03 1.92
N PRO A 61 -4.34 -19.86 1.06
CA PRO A 61 -4.13 -19.82 -0.38
C PRO A 61 -4.53 -18.49 -1.00
N ASP A 62 -5.55 -17.85 -0.41
CA ASP A 62 -6.04 -16.57 -0.87
C ASP A 62 -5.18 -15.36 -0.48
N SER A 63 -4.09 -15.60 0.25
CA SER A 63 -3.19 -14.56 0.69
C SER A 63 -2.49 -13.87 -0.48
N ALA A 64 -2.45 -14.52 -1.65
CA ALA A 64 -1.80 -13.96 -2.82
C ALA A 64 -2.60 -12.77 -3.37
N GLU A 65 -3.92 -12.79 -3.21
CA GLU A 65 -4.76 -11.63 -3.54
C GLU A 65 -4.86 -10.70 -2.34
N LYS A 66 -4.63 -11.22 -1.14
CA LYS A 66 -4.69 -10.45 0.08
C LYS A 66 -3.51 -9.47 0.16
N ARG A 67 -2.43 -9.77 -0.57
CA ARG A 67 -1.27 -8.90 -0.67
C ARG A 67 -1.64 -7.58 -1.35
N ASP A 68 -2.43 -7.67 -2.42
CA ASP A 68 -2.91 -6.50 -3.14
C ASP A 68 -4.06 -5.81 -2.41
N TRP A 69 -4.71 -6.53 -1.49
CA TRP A 69 -5.84 -6.00 -0.76
C TRP A 69 -5.40 -5.06 0.36
N ILE A 70 -4.19 -5.27 0.89
CA ILE A 70 -3.66 -4.47 1.99
C ILE A 70 -3.42 -3.02 1.55
N THR A 71 -3.10 -2.79 0.27
CA THR A 71 -2.92 -1.43 -0.22
C THR A 71 -4.32 -0.89 -0.56
N GLY A 72 -5.24 -1.76 -0.95
CA GLY A 72 -6.58 -1.35 -1.34
C GLY A 72 -7.36 -0.79 -0.16
N ILE A 73 -7.19 -1.38 1.03
CA ILE A 73 -7.90 -0.90 2.22
C ILE A 73 -7.29 0.39 2.74
N VAL A 74 -6.00 0.63 2.49
CA VAL A 74 -5.36 1.86 2.91
C VAL A 74 -5.75 2.96 1.93
N VAL A 75 -5.88 2.62 0.65
CA VAL A 75 -6.27 3.59 -0.38
C VAL A 75 -7.69 4.02 -0.05
N ASP A 76 -8.53 3.11 0.45
CA ASP A 76 -9.91 3.42 0.78
C ASP A 76 -10.09 4.43 1.91
N LEU A 77 -9.04 4.70 2.68
CA LEU A 77 -9.10 5.72 3.72
C LEU A 77 -9.13 7.09 3.08
N PHE A 78 -8.36 7.27 2.00
CA PHE A 78 -8.30 8.52 1.26
C PHE A 78 -9.59 8.78 0.47
N LYS A 79 -10.37 7.74 0.20
CA LYS A 79 -11.61 7.86 -0.56
C LYS A 79 -12.82 8.13 0.33
N ASN A 80 -12.69 7.91 1.64
CA ASN A 80 -13.81 8.00 2.56
C ASN A 80 -13.54 8.94 3.74
N GLU A 81 -12.31 9.45 3.88
CA GLU A 81 -11.99 10.42 4.91
C GLU A 81 -11.27 11.61 4.30
N LYS A 82 -11.55 12.81 4.83
CA LYS A 82 -10.93 14.06 4.39
C LYS A 82 -9.56 14.27 5.03
N VAL A 83 -9.10 13.32 5.85
CA VAL A 83 -7.80 13.43 6.49
C VAL A 83 -7.41 12.03 6.92
N VAL A 84 -6.11 11.76 6.79
CA VAL A 84 -5.50 10.47 7.10
C VAL A 84 -4.10 10.78 7.63
N ASP A 85 -3.63 10.00 8.60
CA ASP A 85 -2.29 10.16 9.14
C ASP A 85 -1.52 8.85 9.17
N ALA A 86 -0.21 8.93 9.41
CA ALA A 86 0.64 7.76 9.41
C ALA A 86 0.18 6.75 10.46
N ALA A 87 -0.49 7.21 11.52
CA ALA A 87 -0.98 6.33 12.56
C ALA A 87 -2.25 5.61 12.12
N LEU A 88 -3.12 6.29 11.36
CA LEU A 88 -4.37 5.72 10.89
C LEU A 88 -4.10 4.66 9.81
N ILE A 89 -3.03 4.82 9.03
CA ILE A 89 -2.65 3.81 8.05
C ILE A 89 -1.97 2.64 8.74
N GLU A 90 -1.15 2.92 9.76
CA GLU A 90 -0.36 1.89 10.41
C GLU A 90 -1.27 0.90 11.16
N GLU A 91 -2.35 1.38 11.77
CA GLU A 91 -3.26 0.50 12.47
C GLU A 91 -3.99 -0.41 11.48
N THR A 92 -4.28 0.09 10.28
CA THR A 92 -4.90 -0.71 9.23
C THR A 92 -4.02 -1.86 8.71
N LEU A 93 -2.71 -1.73 8.92
CA LEU A 93 -1.73 -2.76 8.58
C LEU A 93 -1.47 -3.69 9.76
N LEU A 94 -1.27 -3.16 10.96
CA LEU A 94 -0.93 -3.97 12.11
C LEU A 94 -2.09 -4.90 12.46
N TYR A 95 -3.32 -4.38 12.44
CA TYR A 95 -4.47 -5.22 12.72
C TYR A 95 -4.74 -6.30 11.68
N ALA A 96 -4.45 -5.98 10.40
CA ALA A 96 -4.72 -6.87 9.29
C ALA A 96 -3.78 -8.08 9.29
N MET A 97 -2.61 -7.96 9.93
CA MET A 97 -1.69 -9.08 10.06
C MET A 97 -2.14 -10.04 11.16
N ILE A 98 -2.89 -9.53 12.13
CA ILE A 98 -3.30 -10.29 13.30
C ILE A 98 -4.60 -11.06 13.06
N ASP A 99 -5.45 -10.57 12.15
CA ASP A 99 -6.72 -11.22 11.85
C ASP A 99 -6.76 -11.99 10.52
N GLU A 100 -5.67 -11.93 9.75
CA GLU A 100 -5.61 -12.60 8.46
C GLU A 100 -4.25 -13.23 8.19
N PHE A 101 -3.31 -13.10 9.13
CA PHE A 101 -1.98 -13.69 9.03
C PHE A 101 -1.46 -14.31 10.34
N GLU A 102 -2.25 -14.22 11.40
CA GLU A 102 -1.90 -14.74 12.72
C GLU A 102 -0.53 -14.21 13.19
N THR A 103 -0.17 -12.99 12.75
CA THR A 103 1.14 -12.41 13.00
C THR A 103 0.99 -11.02 13.58
N ASN A 104 1.74 -10.75 14.65
CA ASN A 104 1.84 -9.41 15.23
C ASN A 104 3.02 -8.67 14.65
N VAL A 105 2.90 -7.34 14.51
CA VAL A 105 3.95 -6.49 14.00
C VAL A 105 4.29 -5.36 14.97
N GLU A 106 4.72 -5.75 16.16
CA GLU A 106 5.01 -4.81 17.24
C GLU A 106 6.35 -4.11 17.01
N ASP A 107 7.09 -4.54 15.99
CA ASP A 107 8.37 -3.94 15.62
C ASP A 107 8.25 -2.57 14.94
N ASP A 108 7.02 -2.08 14.77
CA ASP A 108 6.74 -0.81 14.13
C ASP A 108 7.24 -0.70 12.69
N SER A 109 7.49 -1.85 12.05
CA SER A 109 8.00 -1.87 10.69
C SER A 109 6.96 -1.35 9.68
N ALA A 110 5.71 -1.19 10.11
CA ALA A 110 4.67 -0.64 9.27
C ALA A 110 4.61 0.88 9.37
N LEU A 111 5.32 1.47 10.35
CA LEU A 111 5.36 2.91 10.51
C LEU A 111 5.93 3.60 9.26
N PRO A 112 7.14 3.24 8.80
CA PRO A 112 7.74 3.86 7.63
C PRO A 112 6.97 3.51 6.37
N ILE A 113 6.22 2.40 6.38
CA ILE A 113 5.38 2.02 5.26
C ILE A 113 4.17 2.95 5.20
N ALA A 114 3.64 3.36 6.36
CA ALA A 114 2.50 4.25 6.41
C ALA A 114 2.90 5.66 5.98
N VAL A 115 4.07 6.15 6.40
CA VAL A 115 4.49 7.51 6.10
C VAL A 115 4.74 7.67 4.60
N GLU A 116 5.18 6.62 3.91
CA GLU A 116 5.42 6.73 2.48
C GLU A 116 4.11 6.83 1.69
N VAL A 117 3.01 6.25 2.19
CA VAL A 117 1.72 6.37 1.52
C VAL A 117 1.22 7.81 1.63
N ILE A 118 1.56 8.47 2.72
CA ILE A 118 1.17 9.86 2.96
C ILE A 118 1.92 10.76 1.97
N ASN A 119 3.15 10.37 1.63
CA ASN A 119 3.98 11.14 0.70
C ASN A 119 3.46 11.01 -0.73
N ILE A 120 2.69 9.95 -1.04
CA ILE A 120 2.13 9.79 -2.37
C ILE A 120 1.11 10.90 -2.64
N TYR A 121 0.32 11.26 -1.61
CA TYR A 121 -0.67 12.31 -1.76
C TYR A 121 -0.07 13.71 -1.90
N ASN A 122 0.99 13.99 -1.13
CA ASN A 122 1.64 15.30 -1.15
C ASN A 122 2.38 15.55 -2.46
N ASP A 123 2.83 14.49 -3.12
CA ASP A 123 3.50 14.60 -4.41
C ASP A 123 2.54 14.61 -5.60
N CYS A 124 1.52 13.74 -5.55
CA CYS A 124 0.54 13.64 -6.61
C CYS A 124 -0.32 14.89 -6.67
N PHE A 125 -0.38 15.66 -5.56
CA PHE A 125 -1.12 16.90 -5.51
C PHE A 125 -0.60 18.01 -6.43
N ASN A 126 0.61 17.81 -6.97
CA ASN A 126 1.27 18.71 -7.91
C ASN A 126 1.38 18.01 -9.27
N LEU A 127 0.67 16.89 -9.44
CA LEU A 127 0.75 16.04 -10.61
C LEU A 127 2.15 15.44 -10.82
N ASN A 128 2.95 15.35 -9.76
CA ASN A 128 4.27 14.71 -9.84
C ASN A 128 4.12 13.21 -9.64
N TYR A 129 5.05 12.44 -10.22
CA TYR A 129 5.05 10.98 -10.11
C TYR A 129 6.42 10.32 -10.15
N ASN A 130 7.48 11.10 -9.89
CA ASN A 130 8.85 10.62 -10.06
C ASN A 130 9.15 9.40 -9.17
N LYS A 131 8.64 9.37 -7.94
CA LYS A 131 8.88 8.23 -7.05
C LYS A 131 7.87 7.11 -7.34
N VAL A 132 6.69 7.45 -7.84
CA VAL A 132 5.65 6.46 -8.12
C VAL A 132 6.08 5.61 -9.31
N GLU A 133 6.73 6.22 -10.32
CA GLU A 133 7.20 5.48 -11.47
C GLU A 133 8.52 4.77 -11.16
N LYS A 134 9.43 5.43 -10.43
CA LYS A 134 10.74 4.88 -10.14
C LYS A 134 10.63 3.54 -9.41
N LEU A 135 9.77 3.48 -8.38
CA LEU A 135 9.57 2.25 -7.64
C LEU A 135 8.94 1.17 -8.52
N TYR A 136 8.24 1.56 -9.60
CA TYR A 136 7.63 0.59 -10.49
C TYR A 136 8.58 -0.12 -11.44
N LEU A 137 9.68 0.54 -11.83
CA LEU A 137 10.70 -0.10 -12.63
C LEU A 137 11.58 -0.99 -11.75
N GLU A 138 11.84 -0.54 -10.52
CA GLU A 138 12.67 -1.29 -9.57
C GLU A 138 11.92 -2.50 -9.02
N TRP A 139 10.59 -2.46 -9.01
CA TRP A 139 9.77 -3.56 -8.55
C TRP A 139 9.85 -4.80 -9.46
N GLN A 140 10.26 -4.61 -10.72
CA GLN A 140 10.31 -5.70 -11.67
C GLN A 140 11.52 -6.62 -11.46
N GLU A 141 12.47 -6.22 -10.59
CA GLU A 141 13.70 -6.98 -10.42
C GLU A 141 13.46 -8.30 -9.68
N LYS A 142 12.36 -8.40 -8.94
CA LYS A 142 12.05 -9.61 -8.19
C LYS A 142 10.81 -10.31 -8.75
N GLN A 143 10.22 -9.76 -9.81
CA GLN A 143 9.14 -10.42 -10.52
C GLN A 143 9.68 -11.18 -11.74
N ARG A 144 10.95 -10.95 -12.09
CA ARG A 144 11.61 -11.61 -13.21
C ARG A 144 12.25 -12.94 -12.81
N THR A 145 12.05 -13.35 -11.55
CA THR A 145 12.68 -14.55 -11.01
C THR A 145 11.56 -15.49 -10.53
N LYS A 146 10.34 -14.98 -10.37
CA LYS A 146 9.20 -15.81 -9.98
C LYS A 146 8.69 -16.66 -11.14
N LYS A 147 9.22 -16.44 -12.35
CA LYS A 147 8.85 -17.19 -13.54
C LYS A 147 9.31 -18.64 -13.46
N SER A 148 10.10 -18.99 -12.44
CA SER A 148 10.56 -20.36 -12.23
C SER A 148 9.42 -21.27 -11.79
N LYS A 149 8.31 -20.68 -11.35
CA LYS A 149 7.12 -21.42 -10.91
C LYS A 149 6.24 -21.89 -12.06
N ARG A 150 6.65 -21.63 -13.31
CA ARG A 150 5.90 -22.07 -14.48
C ARG A 150 5.90 -23.59 -14.58
N VAL A 151 4.82 -24.13 -15.14
CA VAL A 151 4.62 -25.58 -15.23
C VAL A 151 3.74 -25.96 -16.43
N VAL A 152 3.70 -25.07 -17.42
CA VAL A 152 2.90 -25.25 -18.63
C VAL A 152 3.67 -24.81 -19.88
N HIS A 153 3.41 -25.45 -21.01
CA HIS A 153 4.08 -25.15 -22.26
C HIS A 153 3.16 -25.49 -23.44
N ILE A 154 3.48 -24.94 -24.63
CA ILE A 154 2.72 -25.15 -25.84
C ILE A 154 3.67 -25.30 -27.01
N GLU A 155 3.15 -25.82 -28.13
CA GLU A 155 3.92 -26.07 -29.35
C GLU A 155 5.13 -26.98 -29.07
N GLY A 156 5.06 -27.76 -28.00
CA GLY A 156 6.12 -28.68 -27.61
C GLY A 156 5.73 -29.44 -26.35
N SER B 1 -22.13 0.37 15.82
CA SER B 1 -21.88 -1.08 15.66
C SER B 1 -20.43 -1.33 15.28
N GLY B 2 -19.96 -2.57 15.45
CA GLY B 2 -18.59 -2.96 15.14
C GLY B 2 -17.62 -2.48 16.24
N SER B 3 -16.33 -2.77 16.04
CA SER B 3 -15.29 -2.39 16.99
C SER B 3 -14.98 -0.90 16.89
N GLN B 4 -14.12 -0.42 17.79
CA GLN B 4 -13.70 0.98 17.83
C GLN B 4 -12.73 1.33 16.70
N HIS B 5 -12.52 0.41 15.74
CA HIS B 5 -11.60 0.60 14.63
C HIS B 5 -12.24 0.23 13.31
N MET B 6 -11.65 0.71 12.22
CA MET B 6 -12.11 0.50 10.85
C MET B 6 -11.66 -0.84 10.28
N ARG B 7 -11.06 -1.69 11.12
CA ARG B 7 -10.47 -2.96 10.71
C ARG B 7 -11.36 -3.77 9.77
N PRO B 8 -10.97 -3.89 8.49
CA PRO B 8 -11.60 -4.80 7.55
C PRO B 8 -11.09 -6.22 7.79
N ARG B 9 -11.52 -7.16 6.95
CA ARG B 9 -11.10 -8.55 7.05
C ARG B 9 -10.53 -9.07 5.74
N PHE B 10 -11.38 -9.26 4.73
CA PHE B 10 -10.92 -9.67 3.41
C PHE B 10 -11.81 -9.25 2.25
N ASN B 11 -11.19 -8.88 1.13
CA ASN B 11 -11.89 -8.50 -0.09
C ASN B 11 -10.93 -8.60 -1.26
N ARG B 12 -11.46 -8.53 -2.48
CA ARG B 12 -10.65 -8.61 -3.68
C ARG B 12 -11.14 -7.64 -4.76
N GLU B 13 -12.00 -6.69 -4.38
CA GLU B 13 -12.53 -5.70 -5.31
C GLU B 13 -11.81 -4.35 -5.17
N ASN B 14 -11.31 -4.04 -3.98
CA ASN B 14 -10.62 -2.78 -3.72
C ASN B 14 -9.11 -2.95 -3.83
N LYS B 15 -8.64 -4.20 -3.92
CA LYS B 15 -7.21 -4.49 -3.98
C LYS B 15 -6.54 -3.75 -5.13
N VAL B 16 -5.27 -3.41 -4.96
CA VAL B 16 -4.50 -2.70 -5.97
C VAL B 16 -3.28 -3.51 -6.40
N SER B 17 -3.21 -3.83 -7.70
CA SER B 17 -2.07 -4.53 -8.27
C SER B 17 -0.99 -3.51 -8.66
N PRO B 18 0.29 -3.91 -8.59
CA PRO B 18 1.41 -3.07 -9.00
C PRO B 18 1.32 -2.66 -10.47
N ALA B 19 0.49 -3.36 -11.26
CA ALA B 19 0.33 -3.09 -12.67
C ALA B 19 -1.04 -2.47 -12.97
N ASP B 20 -2.08 -2.88 -12.25
CA ASP B 20 -3.44 -2.42 -12.52
C ASP B 20 -3.54 -0.92 -12.26
N ALA B 21 -2.60 -0.35 -11.51
CA ALA B 21 -2.57 1.07 -11.24
C ALA B 21 -1.53 1.76 -12.12
N ALA B 22 -0.65 0.98 -12.77
CA ALA B 22 0.39 1.53 -13.60
C ALA B 22 -0.09 1.65 -15.03
N LYS B 23 -0.88 0.69 -15.50
CA LYS B 23 -1.43 0.71 -16.84
C LYS B 23 -2.36 1.91 -17.08
N LYS B 24 -2.75 2.58 -15.98
CA LYS B 24 -3.59 3.78 -16.03
C LYS B 24 -2.83 5.03 -15.62
N ALA B 25 -1.78 4.89 -14.79
CA ALA B 25 -1.03 6.01 -14.27
C ALA B 25 0.19 6.38 -15.12
N LEU B 26 0.88 5.37 -15.66
CA LEU B 26 2.06 5.56 -16.50
C LEU B 26 1.70 6.33 -17.77
N SER A 1 15.54 1.71 -4.51
CA SER A 1 16.89 1.87 -3.95
C SER A 1 17.43 3.26 -4.23
N GLY A 2 18.49 3.64 -3.50
CA GLY A 2 19.11 4.96 -3.64
C GLY A 2 18.25 6.07 -3.03
N SER A 3 18.75 7.31 -3.10
CA SER A 3 18.10 8.48 -2.55
C SER A 3 17.83 8.35 -1.04
N HIS A 4 17.23 9.38 -0.44
CA HIS A 4 16.90 9.39 0.98
C HIS A 4 15.80 8.38 1.29
N MET A 5 15.25 7.73 0.26
CA MET A 5 14.24 6.70 0.42
C MET A 5 14.86 5.40 0.96
N SER A 6 16.19 5.28 0.89
CA SER A 6 16.89 4.10 1.37
C SER A 6 17.16 4.17 2.87
N THR A 7 16.89 5.32 3.50
CA THR A 7 17.09 5.51 4.94
C THR A 7 16.09 4.79 5.84
N GLN A 8 16.51 4.40 7.04
CA GLN A 8 15.67 3.69 7.99
C GLN A 8 14.60 4.61 8.58
N TYR A 9 14.91 5.90 8.72
CA TYR A 9 13.96 6.89 9.23
C TYR A 9 13.18 7.65 8.17
N ILE A 10 12.08 8.29 8.57
CA ILE A 10 11.19 9.01 7.66
C ILE A 10 10.54 10.19 8.37
N ASP A 11 9.62 9.92 9.29
CA ASP A 11 8.92 10.94 10.07
C ASP A 11 8.23 10.19 11.20
N GLU A 12 7.57 10.93 12.11
CA GLU A 12 6.88 10.37 13.26
C GLU A 12 5.51 11.02 13.47
N THR A 13 5.15 11.96 12.58
CA THR A 13 3.91 12.70 12.70
C THR A 13 3.33 13.13 11.34
N ALA A 14 3.70 12.41 10.28
CA ALA A 14 3.25 12.68 8.93
C ALA A 14 1.74 12.51 8.80
N PHE A 15 1.10 13.37 8.00
CA PHE A 15 -0.34 13.30 7.80
C PHE A 15 -0.68 14.20 6.62
N VAL A 16 -1.95 14.15 6.20
CA VAL A 16 -2.47 14.94 5.09
C VAL A 16 -3.92 15.31 5.40
N GLN A 17 -4.39 16.40 4.79
CA GLN A 17 -5.75 16.88 4.91
C GLN A 17 -6.25 17.44 3.59
N ALA A 18 -7.55 17.26 3.32
CA ALA A 18 -8.18 17.77 2.12
C ALA A 18 -8.47 19.26 2.23
N GLU A 19 -8.82 19.89 1.11
CA GLU A 19 -9.18 21.30 1.10
C GLU A 19 -10.59 21.49 1.64
N GLN A 20 -10.94 22.75 1.95
CA GLN A 20 -12.24 23.08 2.52
C GLN A 20 -13.37 22.89 1.49
N GLY A 21 -13.01 22.76 0.22
CA GLY A 21 -13.98 22.52 -0.85
C GLY A 21 -14.19 21.02 -1.12
N LYS A 22 -13.58 20.16 -0.29
CA LYS A 22 -13.63 18.71 -0.49
C LYS A 22 -14.11 17.98 0.76
N THR A 23 -14.53 16.73 0.58
CA THR A 23 -14.97 15.84 1.65
C THR A 23 -14.12 14.59 1.83
N ASN A 24 -13.08 14.47 1.00
CA ASN A 24 -12.14 13.35 1.02
C ASN A 24 -10.82 13.75 0.38
N LEU A 25 -9.77 12.96 0.60
CA LEU A 25 -8.45 13.21 0.03
C LEU A 25 -8.38 12.79 -1.44
N MET A 26 -9.48 12.28 -2.01
CA MET A 26 -9.51 11.87 -3.41
C MET A 26 -9.27 13.07 -4.33
N PHE A 27 -8.61 12.83 -5.47
CA PHE A 27 -8.28 13.86 -6.43
C PHE A 27 -9.42 14.35 -7.31
N SER A 28 -9.29 15.56 -7.87
CA SER A 28 -10.33 16.17 -8.69
C SER A 28 -10.52 15.43 -10.01
N ASP A 29 -9.51 14.69 -10.45
CA ASP A 29 -9.54 13.90 -11.68
C ASP A 29 -9.23 12.43 -11.47
N GLU A 30 -10.00 11.55 -12.12
CA GLU A 30 -9.78 10.12 -12.01
C GLU A 30 -8.46 9.71 -12.69
N LYS A 31 -7.98 10.50 -13.65
CA LYS A 31 -6.68 10.26 -14.27
C LYS A 31 -5.55 10.51 -13.29
N GLN A 32 -5.78 11.33 -12.26
CA GLN A 32 -4.76 11.62 -11.27
C GLN A 32 -4.89 10.71 -10.05
N GLN A 33 -6.08 10.13 -9.84
CA GLN A 33 -6.29 9.12 -8.80
C GLN A 33 -5.43 7.90 -9.08
N ALA A 34 -5.15 7.64 -10.37
CA ALA A 34 -4.33 6.53 -10.80
C ALA A 34 -2.90 6.64 -10.27
N ARG A 35 -2.32 7.84 -10.32
CA ARG A 35 -0.96 8.07 -9.85
C ARG A 35 -0.86 7.80 -8.35
N PHE A 36 -1.96 7.99 -7.62
CA PHE A 36 -1.98 7.71 -6.20
C PHE A 36 -2.09 6.22 -5.84
N GLU A 37 -2.93 5.48 -6.56
CA GLU A 37 -3.11 4.06 -6.30
C GLU A 37 -1.86 3.27 -6.68
N LEU A 38 -1.13 3.72 -7.70
CA LEU A 38 0.11 3.08 -8.09
C LEU A 38 1.18 3.31 -7.03
N GLY A 39 1.12 4.47 -6.37
CA GLY A 39 2.07 4.80 -5.32
C GLY A 39 1.92 3.87 -4.12
N VAL A 40 0.71 3.72 -3.60
CA VAL A 40 0.50 2.86 -2.44
C VAL A 40 0.79 1.40 -2.75
N SER A 41 0.46 0.95 -3.96
CA SER A 41 0.67 -0.42 -4.37
C SER A 41 2.15 -0.79 -4.31
N MET A 42 3.04 0.20 -4.49
CA MET A 42 4.47 -0.04 -4.46
C MET A 42 5.04 -0.08 -3.04
N VAL A 43 4.62 0.83 -2.16
CA VAL A 43 5.18 0.88 -0.81
C VAL A 43 4.73 -0.27 0.07
N ILE A 44 3.52 -0.79 -0.17
CA ILE A 44 3.00 -1.90 0.60
C ILE A 44 3.72 -3.20 0.19
N TYR A 45 4.22 -3.24 -1.05
CA TYR A 45 4.88 -4.41 -1.61
C TYR A 45 6.23 -4.56 -0.89
N LYS A 46 6.75 -3.48 -0.31
CA LYS A 46 8.06 -3.48 0.34
C LYS A 46 8.00 -3.75 1.84
N TRP A 47 6.79 -3.97 2.39
CA TRP A 47 6.65 -4.26 3.80
C TRP A 47 7.07 -5.71 4.06
N ASP A 48 8.09 -5.91 4.90
CA ASP A 48 8.64 -7.24 5.14
C ASP A 48 7.75 -8.20 5.91
N ALA A 49 6.91 -7.69 6.81
CA ALA A 49 6.03 -8.53 7.61
C ALA A 49 4.90 -9.10 6.75
N LEU A 50 4.51 -8.40 5.69
CA LEU A 50 3.51 -8.89 4.76
C LEU A 50 4.20 -9.80 3.74
N ASP A 51 5.37 -9.40 3.25
CA ASP A 51 6.09 -10.18 2.25
C ASP A 51 6.41 -11.59 2.78
N VAL A 52 6.84 -11.67 4.03
CA VAL A 52 7.17 -12.95 4.66
C VAL A 52 5.95 -13.83 4.90
N ALA A 53 4.76 -13.21 5.03
CA ALA A 53 3.53 -13.95 5.25
C ALA A 53 3.05 -14.62 3.95
N VAL A 54 3.40 -14.07 2.79
CA VAL A 54 3.04 -14.67 1.50
C VAL A 54 4.09 -15.71 1.10
N GLU A 55 5.34 -15.50 1.53
CA GLU A 55 6.42 -16.46 1.27
C GLU A 55 6.29 -17.71 2.13
N ASN A 56 5.44 -17.67 3.15
CA ASN A 56 5.19 -18.82 4.03
C ASN A 56 3.71 -19.19 4.09
N SER A 57 2.88 -18.56 3.24
CA SER A 57 1.46 -18.88 3.12
C SER A 57 0.72 -18.80 4.45
N TRP A 58 1.10 -17.85 5.31
CA TRP A 58 0.43 -17.66 6.60
C TRP A 58 -1.02 -17.21 6.43
N GLY A 59 -1.40 -16.84 5.20
CA GLY A 59 -2.75 -16.41 4.87
C GLY A 59 -3.42 -17.37 3.89
N GLY A 60 -2.87 -18.58 3.73
CA GLY A 60 -3.39 -19.56 2.80
C GLY A 60 -3.05 -19.22 1.36
N PRO A 61 -3.57 -19.98 0.40
CA PRO A 61 -3.31 -19.78 -1.02
C PRO A 61 -3.74 -18.39 -1.49
N ASP A 62 -4.78 -17.86 -0.85
CA ASP A 62 -5.29 -16.52 -1.14
C ASP A 62 -4.43 -15.37 -0.62
N SER A 63 -3.32 -15.69 0.06
CA SER A 63 -2.42 -14.67 0.57
C SER A 63 -1.76 -13.88 -0.56
N ALA A 64 -1.77 -14.43 -1.77
CA ALA A 64 -1.24 -13.72 -2.92
C ALA A 64 -2.14 -12.53 -3.28
N GLU A 65 -3.43 -12.59 -2.90
CA GLU A 65 -4.35 -11.48 -3.10
C GLU A 65 -4.30 -10.55 -1.88
N LYS A 66 -3.93 -11.07 -0.71
CA LYS A 66 -3.81 -10.27 0.50
C LYS A 66 -2.70 -9.23 0.35
N ARG A 67 -1.71 -9.51 -0.50
CA ARG A 67 -0.62 -8.59 -0.77
C ARG A 67 -1.16 -7.32 -1.42
N ASP A 68 -2.04 -7.49 -2.40
CA ASP A 68 -2.65 -6.39 -3.13
C ASP A 68 -3.87 -5.80 -2.42
N TRP A 69 -4.44 -6.55 -1.48
CA TRP A 69 -5.61 -6.10 -0.74
C TRP A 69 -5.25 -5.12 0.36
N ILE A 70 -4.03 -5.23 0.90
CA ILE A 70 -3.58 -4.38 1.98
C ILE A 70 -3.35 -2.94 1.52
N THR A 71 -3.06 -2.73 0.23
CA THR A 71 -2.92 -1.36 -0.28
C THR A 71 -4.34 -0.86 -0.59
N GLY A 72 -5.25 -1.75 -0.97
CA GLY A 72 -6.60 -1.35 -1.33
C GLY A 72 -7.38 -0.82 -0.14
N ILE A 73 -7.19 -1.42 1.04
CA ILE A 73 -7.89 -0.98 2.25
C ILE A 73 -7.32 0.33 2.78
N VAL A 74 -6.05 0.64 2.48
CA VAL A 74 -5.45 1.89 2.92
C VAL A 74 -5.82 2.99 1.92
N VAL A 75 -5.90 2.64 0.64
CA VAL A 75 -6.24 3.61 -0.39
C VAL A 75 -7.67 4.08 -0.13
N ASP A 76 -8.54 3.19 0.37
CA ASP A 76 -9.92 3.53 0.66
C ASP A 76 -10.12 4.55 1.78
N LEU A 77 -9.08 4.83 2.57
CA LEU A 77 -9.16 5.84 3.61
C LEU A 77 -9.17 7.23 2.96
N PHE A 78 -8.34 7.40 1.93
CA PHE A 78 -8.25 8.65 1.19
C PHE A 78 -9.51 8.95 0.38
N LYS A 79 -10.30 7.92 0.06
CA LYS A 79 -11.51 8.07 -0.74
C LYS A 79 -12.73 8.36 0.13
N ASN A 80 -12.65 8.13 1.44
CA ASN A 80 -13.80 8.24 2.33
C ASN A 80 -13.55 9.17 3.52
N GLU A 81 -12.32 9.67 3.70
CA GLU A 81 -12.01 10.61 4.75
C GLU A 81 -11.20 11.78 4.21
N LYS A 82 -11.48 12.99 4.71
CA LYS A 82 -10.75 14.19 4.35
C LYS A 82 -9.45 14.32 5.14
N VAL A 83 -9.20 13.38 6.06
CA VAL A 83 -8.00 13.41 6.89
C VAL A 83 -7.48 11.99 7.09
N VAL A 84 -6.17 11.80 6.93
CA VAL A 84 -5.50 10.53 7.10
C VAL A 84 -4.10 10.86 7.63
N ASP A 85 -3.59 10.04 8.54
CA ASP A 85 -2.26 10.23 9.09
C ASP A 85 -1.48 8.92 9.17
N ALA A 86 -0.18 9.02 9.43
CA ALA A 86 0.69 7.85 9.49
C ALA A 86 0.21 6.86 10.55
N ALA A 87 -0.48 7.35 11.59
CA ALA A 87 -0.99 6.49 12.64
C ALA A 87 -2.26 5.76 12.18
N LEU A 88 -3.13 6.43 11.43
CA LEU A 88 -4.38 5.85 10.96
C LEU A 88 -4.09 4.79 9.89
N ILE A 89 -3.06 4.99 9.07
CA ILE A 89 -2.68 3.99 8.08
C ILE A 89 -2.01 2.81 8.76
N GLU A 90 -1.18 3.07 9.77
CA GLU A 90 -0.42 2.01 10.43
C GLU A 90 -1.36 1.03 11.13
N GLU A 91 -2.43 1.53 11.76
CA GLU A 91 -3.38 0.65 12.43
C GLU A 91 -4.14 -0.20 11.42
N THR A 92 -4.31 0.30 10.20
CA THR A 92 -4.93 -0.46 9.12
C THR A 92 -4.04 -1.60 8.59
N LEU A 93 -2.73 -1.49 8.81
CA LEU A 93 -1.78 -2.53 8.46
C LEU A 93 -1.60 -3.51 9.62
N LEU A 94 -1.47 -2.99 10.85
CA LEU A 94 -1.22 -3.85 12.00
C LEU A 94 -2.40 -4.79 12.23
N TYR A 95 -3.63 -4.27 12.13
CA TYR A 95 -4.80 -5.11 12.30
C TYR A 95 -5.09 -6.06 11.13
N ALA A 96 -4.58 -5.73 9.95
CA ALA A 96 -4.76 -6.59 8.78
C ALA A 96 -3.92 -7.86 8.91
N MET A 97 -2.84 -7.81 9.70
CA MET A 97 -1.98 -8.95 9.94
C MET A 97 -2.49 -9.80 11.11
N ILE A 98 -3.07 -9.15 12.12
CA ILE A 98 -3.54 -9.84 13.30
C ILE A 98 -4.91 -10.46 13.09
N ASP A 99 -5.70 -9.89 12.19
CA ASP A 99 -7.08 -10.33 11.97
C ASP A 99 -7.29 -11.34 10.85
N GLU A 100 -6.21 -11.73 10.17
CA GLU A 100 -6.30 -12.69 9.07
C GLU A 100 -5.00 -13.48 8.91
N PHE A 101 -3.85 -12.84 9.12
CA PHE A 101 -2.57 -13.52 9.11
C PHE A 101 -2.16 -14.19 10.42
N GLU A 102 -2.93 -13.95 11.49
CA GLU A 102 -2.63 -14.45 12.83
C GLU A 102 -1.20 -14.06 13.25
N THR A 103 -0.73 -12.92 12.74
CA THR A 103 0.65 -12.47 12.94
C THR A 103 0.64 -11.06 13.49
N ASN A 104 1.46 -10.83 14.52
CA ASN A 104 1.63 -9.51 15.10
C ASN A 104 2.85 -8.81 14.49
N VAL A 105 2.76 -7.49 14.35
CA VAL A 105 3.85 -6.67 13.81
C VAL A 105 4.19 -5.50 14.73
N GLU A 106 4.35 -5.82 16.02
CA GLU A 106 4.60 -4.84 17.05
C GLU A 106 6.02 -4.28 17.00
N ASP A 107 6.80 -4.71 16.02
CA ASP A 107 8.15 -4.20 15.78
C ASP A 107 8.17 -2.81 15.14
N ASP A 108 6.99 -2.19 14.99
CA ASP A 108 6.84 -0.90 14.34
C ASP A 108 7.27 -0.85 12.88
N SER A 109 7.41 -2.02 12.25
CA SER A 109 7.85 -2.13 10.86
C SER A 109 6.82 -1.55 9.90
N ALA A 110 5.59 -1.32 10.37
CA ALA A 110 4.53 -0.73 9.56
C ALA A 110 4.54 0.80 9.62
N LEU A 111 5.29 1.39 10.56
CA LEU A 111 5.37 2.83 10.70
C LEU A 111 5.96 3.49 9.44
N PRO A 112 7.15 3.09 8.99
CA PRO A 112 7.76 3.70 7.82
C PRO A 112 6.96 3.40 6.56
N ILE A 113 6.13 2.35 6.57
CA ILE A 113 5.30 2.02 5.42
C ILE A 113 4.11 2.97 5.33
N ALA A 114 3.61 3.42 6.48
CA ALA A 114 2.49 4.34 6.51
C ALA A 114 2.91 5.74 6.06
N VAL A 115 4.10 6.18 6.46
CA VAL A 115 4.56 7.51 6.09
C VAL A 115 4.81 7.61 4.60
N GLU A 116 5.20 6.51 3.95
CA GLU A 116 5.43 6.52 2.51
C GLU A 116 4.12 6.72 1.74
N VAL A 117 3.00 6.21 2.27
CA VAL A 117 1.71 6.35 1.61
C VAL A 117 1.24 7.79 1.70
N ILE A 118 1.62 8.49 2.78
CA ILE A 118 1.25 9.88 2.99
C ILE A 118 2.00 10.74 1.99
N ASN A 119 3.24 10.34 1.66
CA ASN A 119 4.07 11.07 0.71
C ASN A 119 3.58 10.89 -0.72
N ILE A 120 2.77 9.86 -1.00
CA ILE A 120 2.22 9.67 -2.33
C ILE A 120 1.22 10.80 -2.62
N TYR A 121 0.44 11.19 -1.61
CA TYR A 121 -0.51 12.27 -1.75
C TYR A 121 0.15 13.64 -1.88
N ASN A 122 1.27 13.84 -1.19
CA ASN A 122 1.99 15.11 -1.20
C ASN A 122 2.55 15.39 -2.60
N ASP A 123 2.98 14.36 -3.32
CA ASP A 123 3.47 14.51 -4.67
C ASP A 123 2.35 14.61 -5.70
N CYS A 124 1.30 13.82 -5.53
CA CYS A 124 0.16 13.84 -6.43
C CYS A 124 -0.63 15.15 -6.31
N PHE A 125 -0.44 15.88 -5.20
CA PHE A 125 -1.08 17.16 -4.97
C PHE A 125 -0.61 18.29 -5.89
N ASN A 126 0.47 18.04 -6.63
CA ASN A 126 1.01 18.96 -7.61
C ASN A 126 1.36 18.23 -8.91
N LEU A 127 0.63 17.14 -9.19
CA LEU A 127 0.74 16.35 -10.40
C LEU A 127 2.12 15.71 -10.61
N ASN A 128 2.92 15.57 -9.54
CA ASN A 128 4.20 14.86 -9.63
C ASN A 128 4.02 13.39 -9.33
N TYR A 129 4.87 12.54 -9.93
CA TYR A 129 4.84 11.10 -9.73
C TYR A 129 6.19 10.39 -9.90
N ASN A 130 7.28 11.13 -9.73
CA ASN A 130 8.62 10.63 -10.02
C ASN A 130 8.98 9.42 -9.16
N LYS A 131 8.57 9.39 -7.89
CA LYS A 131 8.88 8.26 -7.02
C LYS A 131 7.94 7.08 -7.30
N VAL A 132 6.74 7.37 -7.82
CA VAL A 132 5.75 6.35 -8.11
C VAL A 132 6.19 5.53 -9.33
N GLU A 133 6.75 6.20 -10.35
CA GLU A 133 7.22 5.50 -11.54
C GLU A 133 8.54 4.79 -11.24
N LYS A 134 9.38 5.39 -10.39
CA LYS A 134 10.67 4.82 -10.03
C LYS A 134 10.50 3.47 -9.34
N LEU A 135 9.62 3.40 -8.34
CA LEU A 135 9.42 2.16 -7.61
C LEU A 135 8.75 1.11 -8.49
N TYR A 136 7.96 1.52 -9.48
CA TYR A 136 7.34 0.58 -10.39
C TYR A 136 8.30 -0.04 -11.41
N LEU A 137 9.36 0.70 -11.76
CA LEU A 137 10.40 0.20 -12.64
C LEU A 137 11.39 -0.65 -11.85
N GLU A 138 11.63 -0.29 -10.59
CA GLU A 138 12.53 -1.05 -9.71
C GLU A 138 11.82 -2.28 -9.13
N TRP A 139 10.48 -2.32 -9.20
CA TRP A 139 9.73 -3.49 -8.77
C TRP A 139 9.91 -4.69 -9.71
N GLN A 140 10.21 -4.43 -10.98
CA GLN A 140 10.29 -5.49 -11.99
C GLN A 140 11.59 -6.26 -11.94
N GLU A 141 12.59 -5.79 -11.19
CA GLU A 141 13.92 -6.41 -11.22
C GLU A 141 13.93 -7.76 -10.52
N LYS A 142 12.90 -8.07 -9.72
CA LYS A 142 12.81 -9.33 -9.01
C LYS A 142 11.61 -10.16 -9.48
N GLN A 143 10.68 -9.57 -10.22
CA GLN A 143 9.57 -10.34 -10.77
C GLN A 143 10.05 -11.20 -11.95
N ARG A 144 11.25 -10.92 -12.46
CA ARG A 144 11.87 -11.67 -13.53
C ARG A 144 12.70 -12.85 -13.02
N THR A 145 12.58 -13.17 -11.72
CA THR A 145 13.35 -14.25 -11.12
C THR A 145 12.53 -14.94 -10.03
N LYS A 146 11.68 -14.21 -9.30
CA LYS A 146 10.83 -14.80 -8.28
C LYS A 146 9.68 -15.59 -8.91
N LYS A 147 9.46 -15.41 -10.21
CA LYS A 147 8.43 -16.14 -10.95
C LYS A 147 8.91 -17.56 -11.27
N SER A 148 10.22 -17.81 -11.18
CA SER A 148 10.81 -19.10 -11.49
C SER A 148 10.64 -20.10 -10.33
N LYS A 149 10.13 -19.62 -9.20
CA LYS A 149 9.92 -20.48 -8.03
C LYS A 149 8.80 -21.49 -8.29
N ARG A 150 8.95 -22.69 -7.73
CA ARG A 150 7.99 -23.79 -7.90
C ARG A 150 7.93 -24.65 -6.65
N VAL A 151 6.94 -25.54 -6.58
CA VAL A 151 6.74 -26.46 -5.46
C VAL A 151 6.62 -27.92 -5.91
N VAL A 152 7.19 -28.22 -7.08
CA VAL A 152 7.16 -29.54 -7.69
C VAL A 152 8.37 -29.76 -8.59
N HIS A 153 8.75 -31.03 -8.78
CA HIS A 153 9.89 -31.39 -9.61
C HIS A 153 9.58 -31.07 -11.07
N ILE A 154 10.64 -30.79 -11.85
CA ILE A 154 10.51 -30.43 -13.25
C ILE A 154 11.83 -30.69 -13.99
N GLU A 155 11.75 -31.01 -15.28
CA GLU A 155 12.91 -31.29 -16.11
C GLU A 155 12.51 -31.12 -17.57
N GLY A 156 13.31 -30.33 -18.31
CA GLY A 156 13.09 -30.07 -19.72
C GLY A 156 14.13 -29.12 -20.26
N SER B 1 -19.45 3.47 19.85
CA SER B 1 -19.85 4.75 20.48
C SER B 1 -18.66 5.43 21.16
N GLY B 2 -18.13 4.84 22.25
CA GLY B 2 -17.00 5.39 22.98
C GLY B 2 -15.67 5.14 22.26
N SER B 3 -15.71 4.39 21.15
CA SER B 3 -14.54 4.11 20.35
C SER B 3 -14.94 3.85 18.90
N GLN B 4 -13.96 3.82 18.00
CA GLN B 4 -14.18 3.58 16.58
C GLN B 4 -13.07 2.71 16.00
N HIS B 5 -13.34 2.07 14.86
CA HIS B 5 -12.39 1.22 14.17
C HIS B 5 -12.76 1.09 12.70
N MET B 6 -11.82 0.60 11.90
CA MET B 6 -11.98 0.43 10.47
C MET B 6 -11.35 -0.89 9.98
N ARG B 7 -10.71 -1.63 10.89
CA ARG B 7 -9.94 -2.82 10.55
C ARG B 7 -10.80 -3.83 9.78
N PRO B 8 -10.48 -4.09 8.50
CA PRO B 8 -11.12 -5.08 7.68
C PRO B 8 -10.60 -6.48 8.01
N ARG B 9 -11.09 -7.48 7.27
CA ARG B 9 -10.71 -8.87 7.46
C ARG B 9 -10.04 -9.44 6.21
N PHE B 10 -10.83 -9.56 5.12
CA PHE B 10 -10.34 -9.97 3.82
C PHE B 10 -11.25 -9.57 2.67
N ASN B 11 -10.65 -9.21 1.53
CA ASN B 11 -11.41 -8.86 0.34
C ASN B 11 -10.48 -8.97 -0.86
N ARG B 12 -11.06 -8.91 -2.07
CA ARG B 12 -10.30 -8.96 -3.32
C ARG B 12 -10.91 -8.06 -4.38
N GLU B 13 -11.83 -7.17 -3.99
CA GLU B 13 -12.48 -6.25 -4.91
C GLU B 13 -11.86 -4.86 -4.87
N ASN B 14 -11.28 -4.47 -3.73
CA ASN B 14 -10.66 -3.16 -3.57
C ASN B 14 -9.15 -3.23 -3.71
N LYS B 15 -8.60 -4.45 -3.81
CA LYS B 15 -7.17 -4.67 -3.91
C LYS B 15 -6.58 -3.90 -5.09
N VAL B 16 -5.31 -3.51 -4.96
CA VAL B 16 -4.60 -2.78 -6.01
C VAL B 16 -3.36 -3.56 -6.47
N SER B 17 -3.37 -3.94 -7.75
CA SER B 17 -2.25 -4.63 -8.37
C SER B 17 -1.17 -3.63 -8.77
N PRO B 18 0.10 -4.04 -8.77
CA PRO B 18 1.22 -3.20 -9.18
C PRO B 18 1.10 -2.79 -10.64
N ALA B 19 0.27 -3.49 -11.43
CA ALA B 19 0.07 -3.20 -12.83
C ALA B 19 -1.29 -2.57 -13.12
N ASP B 20 -2.32 -2.98 -12.38
CA ASP B 20 -3.67 -2.47 -12.62
C ASP B 20 -3.72 -0.97 -12.32
N ALA B 21 -2.75 -0.47 -11.55
CA ALA B 21 -2.66 0.94 -11.24
C ALA B 21 -1.61 1.62 -12.12
N ALA B 22 -0.79 0.85 -12.82
CA ALA B 22 0.25 1.40 -13.67
C ALA B 22 -0.27 1.58 -15.09
N LYS B 23 -1.09 0.64 -15.57
CA LYS B 23 -1.66 0.72 -16.91
C LYS B 23 -2.57 1.94 -17.06
N LYS B 24 -2.93 2.58 -15.95
CA LYS B 24 -3.75 3.79 -15.94
C LYS B 24 -2.96 5.03 -15.50
N ALA B 25 -1.89 4.85 -14.71
CA ALA B 25 -1.12 5.99 -14.19
C ALA B 25 0.07 6.34 -15.07
N LEU B 26 0.76 5.33 -15.61
CA LEU B 26 1.92 5.53 -16.47
C LEU B 26 1.53 6.34 -17.72
N SER A 1 18.23 -1.72 -7.90
CA SER A 1 18.28 -2.45 -6.63
C SER A 1 17.77 -1.58 -5.49
N GLY A 2 16.52 -1.09 -5.60
CA GLY A 2 15.92 -0.24 -4.59
C GLY A 2 16.60 1.14 -4.54
N SER A 3 16.38 1.87 -3.45
CA SER A 3 16.97 3.19 -3.26
C SER A 3 17.11 3.52 -1.77
N HIS A 4 18.07 4.38 -1.44
CA HIS A 4 18.36 4.73 -0.05
C HIS A 4 17.25 5.58 0.57
N MET A 5 16.34 6.09 -0.25
CA MET A 5 15.22 6.90 0.25
C MET A 5 14.22 6.03 1.02
N SER A 6 14.32 4.70 0.87
CA SER A 6 13.44 3.75 1.52
C SER A 6 13.95 3.36 2.91
N THR A 7 14.83 4.17 3.50
CA THR A 7 15.42 3.91 4.81
C THR A 7 14.40 3.79 5.96
N GLN A 8 14.86 3.25 7.09
CA GLN A 8 14.02 2.93 8.23
C GLN A 8 13.50 4.17 8.98
N TYR A 9 13.94 5.37 8.58
CA TYR A 9 13.47 6.61 9.17
C TYR A 9 12.85 7.61 8.20
N ILE A 10 11.93 8.43 8.68
CA ILE A 10 11.14 9.32 7.82
C ILE A 10 10.67 10.56 8.55
N ASP A 11 9.65 10.43 9.41
CA ASP A 11 9.05 11.56 10.10
C ASP A 11 8.18 10.99 11.22
N GLU A 12 7.58 11.89 12.02
CA GLU A 12 6.66 11.54 13.09
C GLU A 12 5.41 12.42 13.02
N THR A 13 5.35 13.29 12.02
CA THR A 13 4.22 14.18 11.75
C THR A 13 3.66 14.07 10.34
N ALA A 14 3.95 12.95 9.68
CA ALA A 14 3.46 12.68 8.35
C ALA A 14 1.95 12.45 8.39
N PHE A 15 1.19 13.37 7.78
CA PHE A 15 -0.25 13.24 7.65
C PHE A 15 -0.67 14.20 6.54
N VAL A 16 -1.92 14.05 6.09
CA VAL A 16 -2.48 14.85 5.00
C VAL A 16 -3.94 15.13 5.33
N GLN A 17 -4.44 16.27 4.86
CA GLN A 17 -5.82 16.68 5.06
C GLN A 17 -6.33 17.46 3.87
N ALA A 18 -7.62 17.30 3.58
CA ALA A 18 -8.29 17.86 2.43
C ALA A 18 -8.59 19.35 2.61
N GLU A 19 -9.01 20.01 1.52
CA GLU A 19 -9.38 21.41 1.56
C GLU A 19 -10.78 21.57 2.16
N GLN A 20 -11.15 22.79 2.51
CA GLN A 20 -12.44 23.08 3.13
C GLN A 20 -13.59 22.89 2.14
N GLY A 21 -13.26 22.79 0.84
CA GLY A 21 -14.25 22.57 -0.21
C GLY A 21 -14.43 21.09 -0.51
N LYS A 22 -13.78 20.21 0.26
CA LYS A 22 -13.82 18.77 0.01
C LYS A 22 -14.24 17.97 1.24
N THR A 23 -14.65 16.72 1.03
CA THR A 23 -15.05 15.79 2.07
C THR A 23 -14.27 14.47 2.11
N ASN A 24 -13.26 14.39 1.26
CA ASN A 24 -12.39 13.23 1.13
C ASN A 24 -11.08 13.63 0.46
N LEU A 25 -10.01 12.86 0.71
CA LEU A 25 -8.71 13.12 0.12
C LEU A 25 -8.65 12.68 -1.35
N MET A 26 -9.73 12.08 -1.87
CA MET A 26 -9.78 11.62 -3.25
C MET A 26 -9.51 12.77 -4.23
N PHE A 27 -8.83 12.45 -5.33
CA PHE A 27 -8.45 13.43 -6.33
C PHE A 27 -9.55 13.93 -7.26
N SER A 28 -9.35 15.13 -7.81
CA SER A 28 -10.35 15.80 -8.64
C SER A 28 -10.35 15.30 -10.09
N ASP A 29 -9.51 14.31 -10.42
CA ASP A 29 -9.40 13.82 -11.79
C ASP A 29 -8.98 12.36 -11.71
N GLU A 30 -9.45 11.54 -12.67
CA GLU A 30 -9.26 10.09 -12.61
C GLU A 30 -7.80 9.67 -12.83
N LYS A 31 -7.04 10.36 -13.69
CA LYS A 31 -5.64 9.97 -13.88
C LYS A 31 -4.77 10.49 -12.74
N GLN A 32 -5.28 11.45 -11.97
CA GLN A 32 -4.60 11.95 -10.79
C GLN A 32 -4.77 10.96 -9.64
N GLN A 33 -5.91 10.25 -9.63
CA GLN A 33 -6.17 9.20 -8.66
C GLN A 33 -5.41 7.92 -9.05
N ALA A 34 -5.23 7.68 -10.34
CA ALA A 34 -4.47 6.54 -10.84
C ALA A 34 -3.02 6.61 -10.36
N ARG A 35 -2.39 7.79 -10.47
CA ARG A 35 -1.01 7.99 -10.04
C ARG A 35 -0.89 7.87 -8.52
N PHE A 36 -2.00 8.01 -7.80
CA PHE A 36 -1.99 7.77 -6.38
C PHE A 36 -2.08 6.30 -5.97
N GLU A 37 -2.88 5.51 -6.69
CA GLU A 37 -3.04 4.10 -6.39
C GLU A 37 -1.79 3.31 -6.78
N LEU A 38 -1.06 3.78 -7.80
CA LEU A 38 0.20 3.16 -8.18
C LEU A 38 1.23 3.39 -7.10
N GLY A 39 1.15 4.54 -6.42
CA GLY A 39 2.08 4.87 -5.37
C GLY A 39 1.95 3.92 -4.18
N VAL A 40 0.72 3.75 -3.65
CA VAL A 40 0.51 2.90 -2.49
C VAL A 40 0.90 1.44 -2.77
N SER A 41 0.55 0.96 -3.97
CA SER A 41 0.84 -0.42 -4.36
C SER A 41 2.34 -0.71 -4.30
N MET A 42 3.18 0.30 -4.51
CA MET A 42 4.62 0.13 -4.50
C MET A 42 5.22 0.15 -3.10
N VAL A 43 4.57 0.80 -2.13
CA VAL A 43 5.10 0.85 -0.78
C VAL A 43 4.81 -0.38 0.06
N ILE A 44 3.63 -0.98 -0.13
CA ILE A 44 3.25 -2.18 0.61
C ILE A 44 4.14 -3.36 0.17
N TYR A 45 4.65 -3.29 -1.06
CA TYR A 45 5.58 -4.28 -1.58
C TYR A 45 6.97 -4.30 -0.95
N LYS A 46 7.26 -3.31 -0.11
CA LYS A 46 8.55 -3.21 0.58
C LYS A 46 8.45 -3.54 2.06
N TRP A 47 7.24 -3.89 2.53
CA TRP A 47 7.03 -4.25 3.92
C TRP A 47 7.42 -5.70 4.12
N ASP A 48 8.38 -5.96 5.01
CA ASP A 48 8.92 -7.31 5.21
C ASP A 48 8.00 -8.29 5.93
N ALA A 49 7.14 -7.79 6.82
CA ALA A 49 6.26 -8.63 7.61
C ALA A 49 5.16 -9.23 6.73
N LEU A 50 4.72 -8.48 5.71
CA LEU A 50 3.70 -8.97 4.79
C LEU A 50 4.35 -9.81 3.70
N ASP A 51 5.54 -9.40 3.24
CA ASP A 51 6.26 -10.12 2.21
C ASP A 51 6.63 -11.53 2.67
N VAL A 52 7.01 -11.68 3.95
CA VAL A 52 7.34 -12.99 4.50
C VAL A 52 6.12 -13.85 4.77
N ALA A 53 4.96 -13.21 4.99
CA ALA A 53 3.73 -13.91 5.30
C ALA A 53 3.05 -14.46 4.04
N VAL A 54 3.20 -13.75 2.90
CA VAL A 54 2.62 -14.21 1.64
C VAL A 54 3.47 -15.28 0.96
N GLU A 55 4.78 -15.25 1.21
CA GLU A 55 5.70 -16.25 0.67
C GLU A 55 5.56 -17.58 1.42
N ASN A 56 5.08 -17.52 2.66
CA ASN A 56 4.82 -18.72 3.46
C ASN A 56 3.32 -19.01 3.59
N SER A 57 2.48 -18.20 2.94
CA SER A 57 1.03 -18.38 2.92
C SER A 57 0.43 -18.51 4.32
N TRP A 58 0.92 -17.73 5.28
CA TRP A 58 0.43 -17.78 6.65
C TRP A 58 -1.05 -17.41 6.77
N GLY A 59 -1.61 -16.77 5.75
CA GLY A 59 -3.00 -16.36 5.71
C GLY A 59 -3.88 -17.33 4.92
N GLY A 60 -3.30 -18.46 4.49
CA GLY A 60 -3.99 -19.44 3.66
C GLY A 60 -3.68 -19.20 2.19
N PRO A 61 -4.30 -19.98 1.29
CA PRO A 61 -4.09 -19.89 -0.14
C PRO A 61 -4.58 -18.56 -0.71
N ASP A 62 -5.43 -17.83 0.04
CA ASP A 62 -5.91 -16.52 -0.37
C ASP A 62 -4.96 -15.37 -0.07
N SER A 63 -3.78 -15.67 0.49
CA SER A 63 -2.81 -14.64 0.87
C SER A 63 -2.33 -13.85 -0.34
N ALA A 64 -2.36 -14.46 -1.53
CA ALA A 64 -1.88 -13.79 -2.73
C ALA A 64 -2.83 -12.67 -3.16
N GLU A 65 -4.12 -12.78 -2.80
CA GLU A 65 -5.09 -11.73 -3.06
C GLU A 65 -5.12 -10.76 -1.89
N LYS A 66 -4.78 -11.24 -0.69
CA LYS A 66 -4.73 -10.42 0.52
C LYS A 66 -3.55 -9.46 0.47
N ARG A 67 -2.50 -9.83 -0.29
CA ARG A 67 -1.30 -9.01 -0.48
C ARG A 67 -1.64 -7.70 -1.18
N ASP A 68 -2.40 -7.78 -2.27
CA ASP A 68 -2.78 -6.62 -3.05
C ASP A 68 -3.96 -5.89 -2.39
N TRP A 69 -4.63 -6.56 -1.46
CA TRP A 69 -5.77 -5.99 -0.76
C TRP A 69 -5.35 -5.03 0.35
N ILE A 70 -4.14 -5.22 0.89
CA ILE A 70 -3.62 -4.38 1.97
C ILE A 70 -3.38 -2.95 1.48
N THR A 71 -3.06 -2.74 0.21
CA THR A 71 -2.88 -1.38 -0.31
C THR A 71 -4.28 -0.85 -0.65
N GLY A 72 -5.21 -1.74 -1.05
CA GLY A 72 -6.55 -1.32 -1.43
C GLY A 72 -7.34 -0.76 -0.26
N ILE A 73 -7.20 -1.37 0.93
CA ILE A 73 -7.91 -0.89 2.12
C ILE A 73 -7.29 0.40 2.64
N VAL A 74 -5.99 0.63 2.39
CA VAL A 74 -5.32 1.84 2.82
C VAL A 74 -5.70 2.96 1.85
N VAL A 75 -5.86 2.63 0.57
CA VAL A 75 -6.24 3.60 -0.44
C VAL A 75 -7.66 4.04 -0.11
N ASP A 76 -8.50 3.13 0.39
CA ASP A 76 -9.88 3.42 0.72
C ASP A 76 -10.07 4.42 1.86
N LEU A 77 -9.02 4.71 2.62
CA LEU A 77 -9.09 5.72 3.68
C LEU A 77 -9.18 7.11 3.04
N PHE A 78 -8.39 7.33 1.99
CA PHE A 78 -8.37 8.59 1.26
C PHE A 78 -9.67 8.81 0.49
N LYS A 79 -10.38 7.73 0.17
CA LYS A 79 -11.64 7.80 -0.58
C LYS A 79 -12.86 7.99 0.32
N ASN A 80 -12.68 7.91 1.65
CA ASN A 80 -13.79 7.96 2.58
C ASN A 80 -13.53 8.88 3.78
N GLU A 81 -12.32 9.43 3.90
CA GLU A 81 -11.99 10.38 4.94
C GLU A 81 -11.28 11.58 4.35
N LYS A 82 -11.56 12.77 4.89
CA LYS A 82 -10.95 14.01 4.44
C LYS A 82 -9.55 14.23 5.01
N VAL A 83 -9.07 13.33 5.87
CA VAL A 83 -7.74 13.49 6.44
C VAL A 83 -7.31 12.10 6.92
N VAL A 84 -6.01 11.83 6.80
CA VAL A 84 -5.41 10.54 7.11
C VAL A 84 -4.01 10.85 7.63
N ASP A 85 -3.52 10.04 8.57
CA ASP A 85 -2.17 10.16 9.10
C ASP A 85 -1.43 8.83 9.08
N ALA A 86 -0.12 8.86 9.31
CA ALA A 86 0.68 7.65 9.27
C ALA A 86 0.20 6.62 10.28
N ALA A 87 -0.43 7.07 11.38
CA ALA A 87 -0.94 6.17 12.39
C ALA A 87 -2.25 5.50 11.93
N LEU A 88 -3.09 6.23 11.21
CA LEU A 88 -4.37 5.73 10.73
C LEU A 88 -4.15 4.72 9.58
N ILE A 89 -2.97 4.74 8.96
CA ILE A 89 -2.62 3.76 7.96
C ILE A 89 -1.93 2.56 8.62
N GLU A 90 -1.13 2.83 9.65
CA GLU A 90 -0.37 1.77 10.31
C GLU A 90 -1.29 0.79 11.03
N GLU A 91 -2.37 1.28 11.64
CA GLU A 91 -3.31 0.41 12.33
C GLU A 91 -4.02 -0.51 11.32
N THR A 92 -4.33 0.00 10.13
CA THR A 92 -4.92 -0.81 9.07
C THR A 92 -4.02 -1.94 8.55
N LEU A 93 -2.70 -1.78 8.72
CA LEU A 93 -1.73 -2.79 8.34
C LEU A 93 -1.54 -3.80 9.48
N LEU A 94 -1.42 -3.33 10.72
CA LEU A 94 -1.19 -4.22 11.84
C LEU A 94 -2.40 -5.11 12.09
N TYR A 95 -3.61 -4.56 11.98
CA TYR A 95 -4.81 -5.36 12.17
C TYR A 95 -5.13 -6.31 11.01
N ALA A 96 -4.53 -6.04 9.84
CA ALA A 96 -4.68 -6.92 8.68
C ALA A 96 -3.78 -8.14 8.80
N MET A 97 -2.73 -8.06 9.62
CA MET A 97 -1.80 -9.16 9.83
C MET A 97 -2.24 -10.07 10.97
N ILE A 98 -2.94 -9.52 11.96
CA ILE A 98 -3.35 -10.28 13.12
C ILE A 98 -4.68 -11.00 12.88
N ASP A 99 -5.51 -10.47 11.97
CA ASP A 99 -6.84 -11.01 11.75
C ASP A 99 -6.94 -12.25 10.85
N GLU A 100 -5.92 -12.50 10.01
CA GLU A 100 -5.89 -13.69 9.16
C GLU A 100 -4.48 -14.23 8.99
N PHE A 101 -3.46 -13.36 8.94
CA PHE A 101 -2.08 -13.82 8.90
C PHE A 101 -1.57 -14.39 10.23
N GLU A 102 -2.35 -14.23 11.30
CA GLU A 102 -1.99 -14.68 12.64
C GLU A 102 -0.60 -14.19 13.06
N THR A 103 -0.23 -12.99 12.60
CA THR A 103 1.08 -12.43 12.83
C THR A 103 0.94 -11.02 13.39
N ASN A 104 1.67 -10.75 14.47
CA ASN A 104 1.73 -9.42 15.06
C ASN A 104 2.90 -8.64 14.45
N VAL A 105 2.71 -7.32 14.29
CA VAL A 105 3.74 -6.44 13.76
C VAL A 105 3.98 -5.22 14.63
N GLU A 106 4.11 -5.49 15.93
CA GLU A 106 4.28 -4.47 16.96
C GLU A 106 5.70 -3.90 16.95
N ASP A 107 6.54 -4.38 16.02
CA ASP A 107 7.91 -3.90 15.85
C ASP A 107 8.01 -2.56 15.13
N ASP A 108 6.87 -1.89 14.92
CA ASP A 108 6.80 -0.62 14.20
C ASP A 108 7.28 -0.68 12.75
N SER A 109 7.38 -1.89 12.19
CA SER A 109 7.86 -2.09 10.83
C SER A 109 6.90 -1.48 9.80
N ALA A 110 5.65 -1.25 10.18
CA ALA A 110 4.64 -0.67 9.29
C ALA A 110 4.60 0.85 9.39
N LEU A 111 5.32 1.44 10.36
CA LEU A 111 5.34 2.88 10.54
C LEU A 111 5.91 3.59 9.31
N PRO A 112 7.13 3.25 8.86
CA PRO A 112 7.73 3.92 7.72
C PRO A 112 7.00 3.56 6.42
N ILE A 113 6.29 2.43 6.41
CA ILE A 113 5.51 2.03 5.25
C ILE A 113 4.29 2.94 5.11
N ALA A 114 3.71 3.35 6.25
CA ALA A 114 2.56 4.23 6.26
C ALA A 114 2.94 5.63 5.80
N VAL A 115 4.13 6.11 6.17
CA VAL A 115 4.57 7.45 5.80
C VAL A 115 4.78 7.53 4.29
N GLU A 116 5.21 6.44 3.65
CA GLU A 116 5.41 6.47 2.21
C GLU A 116 4.09 6.59 1.46
N VAL A 117 2.98 6.11 2.04
CA VAL A 117 1.66 6.27 1.44
C VAL A 117 1.24 7.73 1.53
N ILE A 118 1.62 8.40 2.62
CA ILE A 118 1.28 9.81 2.83
C ILE A 118 2.05 10.66 1.84
N ASN A 119 3.26 10.22 1.47
CA ASN A 119 4.09 10.92 0.51
C ASN A 119 3.52 10.82 -0.91
N ILE A 120 2.67 9.82 -1.17
CA ILE A 120 2.08 9.68 -2.49
C ILE A 120 1.08 10.81 -2.73
N TYR A 121 0.32 11.19 -1.70
CA TYR A 121 -0.65 12.26 -1.83
C TYR A 121 -0.01 13.64 -1.99
N ASN A 122 1.14 13.86 -1.35
CA ASN A 122 1.84 15.13 -1.42
C ASN A 122 2.38 15.38 -2.83
N ASP A 123 2.75 14.31 -3.55
CA ASP A 123 3.20 14.44 -4.92
C ASP A 123 2.08 14.51 -5.93
N CYS A 124 1.03 13.70 -5.73
CA CYS A 124 -0.10 13.69 -6.63
C CYS A 124 -0.91 15.00 -6.53
N PHE A 125 -0.74 15.74 -5.42
CA PHE A 125 -1.41 17.02 -5.24
C PHE A 125 -0.98 18.12 -6.20
N ASN A 126 0.10 17.87 -6.93
CA ASN A 126 0.61 18.76 -7.97
C ASN A 126 1.03 17.96 -9.20
N LEU A 127 0.39 16.80 -9.41
CA LEU A 127 0.58 15.93 -10.56
C LEU A 127 1.99 15.36 -10.72
N ASN A 128 2.81 15.35 -9.66
CA ASN A 128 4.12 14.72 -9.71
C ASN A 128 3.99 13.21 -9.49
N TYR A 129 4.97 12.45 -10.01
CA TYR A 129 5.01 11.00 -9.87
C TYR A 129 6.41 10.40 -9.87
N ASN A 130 7.43 11.21 -9.55
CA ASN A 130 8.82 10.82 -9.71
C ASN A 130 9.18 9.61 -8.84
N LYS A 131 8.64 9.53 -7.61
CA LYS A 131 8.93 8.41 -6.73
C LYS A 131 7.93 7.27 -6.94
N VAL A 132 6.80 7.56 -7.60
CA VAL A 132 5.78 6.55 -7.86
C VAL A 132 6.22 5.64 -9.01
N GLU A 133 6.75 6.24 -10.09
CA GLU A 133 7.22 5.48 -11.23
C GLU A 133 8.55 4.81 -10.92
N LYS A 134 9.40 5.48 -10.13
CA LYS A 134 10.72 4.97 -9.79
C LYS A 134 10.63 3.63 -9.07
N LEU A 135 9.72 3.51 -8.09
CA LEU A 135 9.53 2.26 -7.38
C LEU A 135 8.93 1.19 -8.31
N TYR A 136 8.19 1.61 -9.34
CA TYR A 136 7.61 0.67 -10.28
C TYR A 136 8.59 0.03 -11.26
N LEU A 137 9.71 0.71 -11.53
CA LEU A 137 10.80 0.14 -12.31
C LEU A 137 11.65 -0.75 -11.39
N GLU A 138 11.83 -0.36 -10.13
CA GLU A 138 12.62 -1.11 -9.17
C GLU A 138 11.91 -2.39 -8.73
N TRP A 139 10.58 -2.45 -8.89
CA TRP A 139 9.81 -3.64 -8.59
C TRP A 139 10.00 -4.77 -9.60
N GLN A 140 10.32 -4.44 -10.86
CA GLN A 140 10.41 -5.43 -11.92
C GLN A 140 11.71 -6.21 -11.92
N GLU A 141 12.71 -5.80 -11.15
CA GLU A 141 14.04 -6.39 -11.23
C GLU A 141 14.06 -7.80 -10.65
N LYS A 142 13.04 -8.17 -9.86
CA LYS A 142 12.97 -9.50 -9.26
C LYS A 142 11.78 -10.30 -9.77
N GLN A 143 10.83 -9.66 -10.44
CA GLN A 143 9.71 -10.37 -11.03
C GLN A 143 10.15 -11.13 -12.28
N ARG A 144 11.36 -10.81 -12.79
CA ARG A 144 11.95 -11.46 -13.95
C ARG A 144 12.81 -12.66 -13.57
N THR A 145 12.76 -13.09 -12.30
CA THR A 145 13.59 -14.19 -11.82
C THR A 145 12.88 -14.99 -10.73
N LYS A 146 12.04 -14.35 -9.91
CA LYS A 146 11.28 -15.06 -8.88
C LYS A 146 10.10 -15.79 -9.51
N LYS A 147 9.73 -15.46 -10.75
CA LYS A 147 8.63 -16.10 -11.46
C LYS A 147 8.97 -17.57 -11.77
N SER A 148 10.26 -17.87 -11.89
CA SER A 148 10.72 -19.22 -12.16
C SER A 148 10.87 -20.06 -10.88
N LYS A 149 10.50 -19.50 -9.73
CA LYS A 149 10.65 -20.15 -8.43
C LYS A 149 9.35 -20.17 -7.64
N ARG A 150 8.21 -19.97 -8.31
CA ARG A 150 6.90 -20.07 -7.68
C ARG A 150 6.47 -21.54 -7.56
N VAL A 151 7.42 -22.40 -7.20
CA VAL A 151 7.19 -23.83 -7.07
C VAL A 151 7.98 -24.38 -5.89
N VAL A 152 7.30 -25.15 -5.05
CA VAL A 152 7.89 -25.82 -3.90
C VAL A 152 8.83 -26.95 -4.28
N HIS A 153 9.69 -27.37 -3.35
CA HIS A 153 10.65 -28.43 -3.57
C HIS A 153 9.94 -29.77 -3.74
N ILE A 154 10.55 -30.70 -4.49
CA ILE A 154 9.99 -32.02 -4.77
C ILE A 154 11.10 -33.05 -4.91
N GLU A 155 10.71 -34.32 -4.94
CA GLU A 155 11.63 -35.44 -5.08
C GLU A 155 11.01 -36.57 -5.91
N GLY A 156 9.85 -36.28 -6.54
CA GLY A 156 9.12 -37.24 -7.34
C GLY A 156 7.89 -36.59 -7.97
N SER B 1 -19.29 -5.56 21.96
CA SER B 1 -18.76 -6.30 20.80
C SER B 1 -18.26 -5.34 19.73
N GLY B 2 -17.33 -5.78 18.90
CA GLY B 2 -16.75 -4.96 17.84
C GLY B 2 -15.86 -3.87 18.43
N SER B 3 -15.49 -2.88 17.60
CA SER B 3 -14.64 -1.77 18.02
C SER B 3 -14.88 -0.55 17.14
N GLN B 4 -14.39 0.60 17.60
CA GLN B 4 -14.50 1.86 16.87
C GLN B 4 -13.55 1.89 15.67
N HIS B 5 -12.64 0.91 15.59
CA HIS B 5 -11.64 0.84 14.54
C HIS B 5 -12.26 0.43 13.20
N MET B 6 -11.60 0.82 12.11
CA MET B 6 -12.02 0.58 10.74
C MET B 6 -11.48 -0.75 10.21
N ARG B 7 -10.73 -1.51 11.02
CA ARG B 7 -10.02 -2.70 10.57
C ARG B 7 -10.93 -3.64 9.77
N PRO B 8 -10.66 -3.80 8.48
CA PRO B 8 -11.36 -4.75 7.63
C PRO B 8 -10.81 -6.16 7.85
N ARG B 9 -11.37 -7.13 7.13
CA ARG B 9 -11.01 -8.55 7.26
C ARG B 9 -10.35 -9.06 5.99
N PHE B 10 -11.14 -9.22 4.93
CA PHE B 10 -10.64 -9.62 3.62
C PHE B 10 -11.54 -9.21 2.46
N ASN B 11 -10.94 -8.86 1.32
CA ASN B 11 -11.67 -8.53 0.12
C ASN B 11 -10.72 -8.66 -1.08
N ARG B 12 -11.28 -8.60 -2.29
CA ARG B 12 -10.50 -8.68 -3.52
C ARG B 12 -11.04 -7.75 -4.60
N GLU B 13 -11.96 -6.86 -4.22
CA GLU B 13 -12.56 -5.92 -5.16
C GLU B 13 -11.87 -4.56 -5.11
N ASN B 14 -11.29 -4.20 -3.96
CA ASN B 14 -10.62 -2.93 -3.77
C ASN B 14 -9.10 -3.08 -3.89
N LYS B 15 -8.60 -4.32 -3.94
CA LYS B 15 -7.17 -4.59 -3.99
C LYS B 15 -6.53 -3.86 -5.17
N VAL B 16 -5.24 -3.53 -5.02
CA VAL B 16 -4.50 -2.83 -6.06
C VAL B 16 -3.26 -3.62 -6.47
N SER B 17 -3.18 -3.98 -7.75
CA SER B 17 -2.05 -4.70 -8.31
C SER B 17 -1.00 -3.71 -8.79
N PRO B 18 0.28 -4.11 -8.84
CA PRO B 18 1.39 -3.24 -9.19
C PRO B 18 1.30 -2.73 -10.63
N ALA B 19 0.60 -3.44 -11.51
CA ALA B 19 0.46 -3.05 -12.91
C ALA B 19 -0.93 -2.50 -13.20
N ASP B 20 -1.95 -2.97 -12.48
CA ASP B 20 -3.33 -2.53 -12.69
C ASP B 20 -3.43 -1.03 -12.42
N ALA B 21 -2.52 -0.47 -11.62
CA ALA B 21 -2.50 0.94 -11.32
C ALA B 21 -1.46 1.66 -12.18
N ALA B 22 -0.58 0.92 -12.86
CA ALA B 22 0.46 1.50 -13.66
C ALA B 22 -0.02 1.70 -15.10
N LYS B 23 -0.81 0.76 -15.61
CA LYS B 23 -1.35 0.82 -16.96
C LYS B 23 -2.29 2.01 -17.12
N LYS B 24 -2.69 2.65 -16.01
CA LYS B 24 -3.54 3.83 -16.02
C LYS B 24 -2.78 5.09 -15.55
N ALA B 25 -1.73 4.91 -14.74
CA ALA B 25 -0.99 6.03 -14.17
C ALA B 25 0.23 6.44 -15.01
N LEU B 26 0.95 5.46 -15.56
CA LEU B 26 2.14 5.71 -16.38
C LEU B 26 1.78 6.54 -17.60
N SER A 1 15.87 11.69 -10.63
CA SER A 1 14.86 11.00 -9.83
C SER A 1 14.04 11.99 -9.01
N GLY A 2 14.68 12.68 -8.06
CA GLY A 2 14.02 13.68 -7.24
C GLY A 2 13.15 13.08 -6.14
N SER A 3 13.21 11.76 -5.94
CA SER A 3 12.42 11.08 -4.92
C SER A 3 12.89 11.48 -3.52
N HIS A 4 11.94 11.56 -2.58
CA HIS A 4 12.23 11.97 -1.21
C HIS A 4 12.73 10.82 -0.34
N MET A 5 12.82 9.61 -0.91
CA MET A 5 13.20 8.42 -0.15
C MET A 5 14.63 8.54 0.37
N SER A 6 14.88 7.91 1.52
CA SER A 6 16.16 7.99 2.23
C SER A 6 16.27 6.83 3.22
N THR A 7 17.06 7.02 4.28
CA THR A 7 17.24 6.06 5.38
C THR A 7 15.94 5.54 6.01
N GLN A 8 16.06 4.53 6.88
CA GLN A 8 14.90 3.91 7.50
C GLN A 8 14.03 4.91 8.26
N TYR A 9 14.62 5.99 8.78
CA TYR A 9 13.86 7.04 9.44
C TYR A 9 13.05 7.93 8.51
N ILE A 10 11.99 8.55 9.02
CA ILE A 10 11.08 9.35 8.21
C ILE A 10 10.43 10.46 9.04
N ASP A 11 9.44 10.11 9.85
CA ASP A 11 8.71 11.06 10.68
C ASP A 11 7.93 10.21 11.69
N GLU A 12 7.21 10.85 12.61
CA GLU A 12 6.45 10.17 13.65
C GLU A 12 5.07 10.79 13.82
N THR A 13 4.75 11.81 13.02
CA THR A 13 3.49 12.54 13.11
C THR A 13 3.00 13.06 11.77
N ALA A 14 3.44 12.44 10.68
CA ALA A 14 3.07 12.83 9.32
C ALA A 14 1.58 12.57 9.09
N PHE A 15 0.95 13.41 8.26
CA PHE A 15 -0.47 13.29 7.97
C PHE A 15 -0.79 14.23 6.81
N VAL A 16 -2.03 14.18 6.33
CA VAL A 16 -2.52 15.01 5.23
C VAL A 16 -3.98 15.32 5.48
N GLN A 17 -4.45 16.42 4.89
CA GLN A 17 -5.84 16.84 4.98
C GLN A 17 -6.31 17.43 3.65
N ALA A 18 -7.59 17.24 3.33
CA ALA A 18 -8.19 17.75 2.12
C ALA A 18 -8.50 19.25 2.21
N GLU A 19 -8.86 19.86 1.08
CA GLU A 19 -9.22 21.26 1.04
C GLU A 19 -10.63 21.46 1.60
N GLN A 20 -10.99 22.71 1.89
CA GLN A 20 -12.28 23.03 2.48
C GLN A 20 -13.41 22.83 1.47
N GLY A 21 -13.07 22.69 0.18
CA GLY A 21 -14.02 22.45 -0.88
C GLY A 21 -14.23 20.96 -1.14
N LYS A 22 -13.63 20.10 -0.32
CA LYS A 22 -13.67 18.65 -0.51
C LYS A 22 -14.12 17.91 0.74
N THR A 23 -14.53 16.65 0.56
CA THR A 23 -14.94 15.75 1.64
C THR A 23 -14.09 14.51 1.80
N ASN A 24 -13.05 14.39 0.96
CA ASN A 24 -12.11 13.29 0.96
C ASN A 24 -10.80 13.70 0.31
N LEU A 25 -9.74 12.91 0.53
CA LEU A 25 -8.42 13.18 -0.02
C LEU A 25 -8.33 12.74 -1.49
N MET A 26 -9.39 12.14 -2.04
CA MET A 26 -9.40 11.66 -3.42
C MET A 26 -9.19 12.82 -4.39
N PHE A 27 -8.55 12.54 -5.52
CA PHE A 27 -8.26 13.52 -6.55
C PHE A 27 -9.44 14.02 -7.37
N SER A 28 -9.34 15.25 -7.89
CA SER A 28 -10.38 15.88 -8.69
C SER A 28 -10.45 15.30 -10.10
N ASP A 29 -9.59 14.33 -10.43
CA ASP A 29 -9.54 13.70 -11.73
C ASP A 29 -9.14 12.22 -11.65
N GLU A 30 -9.92 11.35 -12.28
CA GLU A 30 -9.67 9.91 -12.22
C GLU A 30 -8.37 9.51 -12.90
N LYS A 31 -7.85 10.32 -13.83
CA LYS A 31 -6.56 10.06 -14.44
C LYS A 31 -5.42 10.37 -13.46
N GLN A 32 -5.67 11.24 -12.48
CA GLN A 32 -4.68 11.58 -11.47
C GLN A 32 -4.80 10.65 -10.27
N GLN A 33 -6.02 10.14 -10.02
CA GLN A 33 -6.25 9.16 -8.96
C GLN A 33 -5.51 7.86 -9.29
N ALA A 34 -5.32 7.58 -10.58
CA ALA A 34 -4.59 6.41 -11.03
C ALA A 34 -3.14 6.48 -10.54
N ARG A 35 -2.49 7.64 -10.72
CA ARG A 35 -1.11 7.83 -10.31
C ARG A 35 -0.99 7.76 -8.79
N PHE A 36 -2.08 8.09 -8.08
CA PHE A 36 -2.09 7.97 -6.64
C PHE A 36 -2.24 6.54 -6.11
N GLU A 37 -3.06 5.73 -6.76
CA GLU A 37 -3.25 4.34 -6.33
C GLU A 37 -2.03 3.48 -6.68
N LEU A 38 -1.32 3.83 -7.76
CA LEU A 38 -0.11 3.10 -8.13
C LEU A 38 0.95 3.36 -7.06
N GLY A 39 1.06 4.62 -6.64
CA GLY A 39 2.11 5.03 -5.72
C GLY A 39 2.01 4.33 -4.37
N VAL A 40 0.79 4.12 -3.86
CA VAL A 40 0.62 3.46 -2.57
C VAL A 40 0.92 1.97 -2.70
N SER A 41 0.47 1.35 -3.79
CA SER A 41 0.71 -0.06 -4.04
C SER A 41 2.21 -0.38 -4.03
N MET A 42 3.05 0.60 -4.41
CA MET A 42 4.48 0.44 -4.44
C MET A 42 5.11 0.50 -3.06
N VAL A 43 4.51 1.20 -2.09
CA VAL A 43 5.12 1.32 -0.77
C VAL A 43 4.80 0.16 0.17
N ILE A 44 3.57 -0.38 0.07
CA ILE A 44 3.19 -1.50 0.92
C ILE A 44 3.96 -2.76 0.52
N TYR A 45 4.41 -2.80 -0.74
CA TYR A 45 5.26 -3.88 -1.22
C TYR A 45 6.65 -3.96 -0.60
N LYS A 46 7.12 -2.86 0.00
CA LYS A 46 8.45 -2.81 0.62
C LYS A 46 8.42 -3.23 2.08
N TRP A 47 7.21 -3.46 2.63
CA TRP A 47 7.06 -3.92 4.00
C TRP A 47 7.56 -5.35 4.09
N ASP A 48 8.33 -5.67 5.13
CA ASP A 48 8.96 -6.97 5.28
C ASP A 48 8.10 -8.06 5.92
N ALA A 49 7.28 -7.71 6.90
CA ALA A 49 6.49 -8.68 7.63
C ALA A 49 5.42 -9.32 6.74
N LEU A 50 4.89 -8.56 5.77
CA LEU A 50 3.89 -9.05 4.85
C LEU A 50 4.54 -9.87 3.73
N ASP A 51 5.74 -9.46 3.30
CA ASP A 51 6.43 -10.12 2.20
C ASP A 51 6.81 -11.54 2.65
N VAL A 52 7.10 -11.73 3.94
CA VAL A 52 7.44 -13.05 4.45
C VAL A 52 6.16 -13.88 4.63
N ALA A 53 5.04 -13.23 4.95
CA ALA A 53 3.80 -13.94 5.22
C ALA A 53 3.18 -14.50 3.93
N VAL A 54 3.38 -13.82 2.80
CA VAL A 54 2.85 -14.29 1.53
C VAL A 54 3.75 -15.31 0.84
N GLU A 55 5.05 -15.25 1.13
CA GLU A 55 6.02 -16.22 0.62
C GLU A 55 5.90 -17.56 1.35
N ASN A 56 5.33 -17.55 2.56
CA ASN A 56 5.06 -18.75 3.33
C ASN A 56 3.57 -19.09 3.32
N SER A 57 2.76 -18.27 2.63
CA SER A 57 1.33 -18.50 2.45
C SER A 57 0.59 -18.65 3.78
N TRP A 58 0.99 -17.86 4.79
CA TRP A 58 0.35 -17.89 6.10
C TRP A 58 -1.12 -17.45 6.03
N GLY A 59 -1.53 -16.87 4.90
CA GLY A 59 -2.89 -16.38 4.72
C GLY A 59 -3.85 -17.47 4.24
N GLY A 60 -3.35 -18.68 3.95
CA GLY A 60 -4.18 -19.77 3.46
C GLY A 60 -4.23 -19.80 1.93
N PRO A 61 -5.22 -20.50 1.38
CA PRO A 61 -5.37 -20.73 -0.06
C PRO A 61 -5.68 -19.45 -0.85
N ASP A 62 -5.86 -18.31 -0.16
CA ASP A 62 -6.10 -17.03 -0.80
C ASP A 62 -5.13 -15.93 -0.35
N SER A 63 -3.97 -16.37 0.16
CA SER A 63 -2.93 -15.51 0.70
C SER A 63 -2.32 -14.57 -0.34
N ALA A 64 -2.28 -14.97 -1.61
CA ALA A 64 -1.64 -14.17 -2.64
C ALA A 64 -2.47 -12.93 -3.00
N GLU A 65 -3.81 -13.03 -2.86
CA GLU A 65 -4.68 -11.89 -3.11
C GLU A 65 -4.61 -10.89 -1.96
N LYS A 66 -4.09 -11.31 -0.79
CA LYS A 66 -4.01 -10.45 0.37
C LYS A 66 -2.91 -9.40 0.21
N ARG A 67 -1.88 -9.69 -0.60
CA ARG A 67 -0.78 -8.77 -0.78
C ARG A 67 -1.25 -7.48 -1.46
N ASP A 68 -2.22 -7.60 -2.37
CA ASP A 68 -2.80 -6.45 -3.04
C ASP A 68 -3.95 -5.84 -2.25
N TRP A 69 -4.57 -6.63 -1.37
CA TRP A 69 -5.71 -6.18 -0.59
C TRP A 69 -5.29 -5.28 0.57
N ILE A 70 -4.10 -5.52 1.11
CA ILE A 70 -3.60 -4.74 2.24
C ILE A 70 -3.32 -3.29 1.85
N THR A 71 -3.05 -3.01 0.56
CA THR A 71 -2.88 -1.62 0.11
C THR A 71 -4.24 -1.06 -0.30
N GLY A 72 -5.18 -1.93 -0.70
CA GLY A 72 -6.51 -1.51 -1.10
C GLY A 72 -7.33 -1.00 0.08
N ILE A 73 -7.06 -1.50 1.29
CA ILE A 73 -7.78 -1.04 2.48
C ILE A 73 -7.17 0.24 3.03
N VAL A 74 -5.90 0.51 2.74
CA VAL A 74 -5.23 1.73 3.18
C VAL A 74 -5.60 2.85 2.23
N VAL A 75 -5.67 2.55 0.93
CA VAL A 75 -5.98 3.58 -0.06
C VAL A 75 -7.43 4.05 0.02
N ASP A 76 -8.32 3.21 0.53
CA ASP A 76 -9.72 3.55 0.70
C ASP A 76 -9.98 4.57 1.81
N LEU A 77 -9.00 4.82 2.67
CA LEU A 77 -9.14 5.84 3.71
C LEU A 77 -9.17 7.22 3.05
N PHE A 78 -8.34 7.40 2.02
CA PHE A 78 -8.27 8.64 1.27
C PHE A 78 -9.53 8.91 0.45
N LYS A 79 -10.34 7.86 0.21
CA LYS A 79 -11.55 7.98 -0.61
C LYS A 79 -12.79 8.27 0.24
N ASN A 80 -12.70 8.06 1.56
CA ASN A 80 -13.85 8.17 2.45
C ASN A 80 -13.59 9.12 3.62
N GLU A 81 -12.37 9.62 3.76
CA GLU A 81 -12.04 10.59 4.79
C GLU A 81 -11.23 11.74 4.20
N LYS A 82 -11.51 12.96 4.68
CA LYS A 82 -10.76 14.15 4.31
C LYS A 82 -9.47 14.28 5.10
N VAL A 83 -9.20 13.32 6.00
CA VAL A 83 -8.03 13.34 6.83
C VAL A 83 -7.50 11.92 7.00
N VAL A 84 -6.18 11.75 6.85
CA VAL A 84 -5.50 10.48 7.01
C VAL A 84 -4.13 10.80 7.59
N ASP A 85 -3.75 10.08 8.65
CA ASP A 85 -2.50 10.31 9.34
C ASP A 85 -1.67 9.03 9.23
N ALA A 86 -0.36 9.13 9.45
CA ALA A 86 0.52 7.97 9.37
C ALA A 86 0.15 6.95 10.46
N ALA A 87 -0.36 7.40 11.60
CA ALA A 87 -0.78 6.50 12.66
C ALA A 87 -2.08 5.80 12.29
N LEU A 88 -2.93 6.47 11.48
CA LEU A 88 -4.20 5.92 11.05
C LEU A 88 -3.97 4.88 9.94
N ILE A 89 -2.93 5.07 9.12
CA ILE A 89 -2.57 4.09 8.11
C ILE A 89 -1.86 2.90 8.75
N GLU A 90 -1.02 3.16 9.76
CA GLU A 90 -0.25 2.11 10.40
C GLU A 90 -1.16 1.08 11.06
N GLU A 91 -2.24 1.54 11.71
CA GLU A 91 -3.16 0.62 12.36
C GLU A 91 -3.89 -0.22 11.30
N THR A 92 -4.16 0.35 10.13
CA THR A 92 -4.78 -0.39 9.04
C THR A 92 -3.89 -1.46 8.42
N LEU A 93 -2.57 -1.36 8.64
CA LEU A 93 -1.62 -2.37 8.20
C LEU A 93 -1.38 -3.38 9.32
N LEU A 94 -1.20 -2.90 10.57
CA LEU A 94 -0.91 -3.78 11.68
C LEU A 94 -2.09 -4.72 11.96
N TYR A 95 -3.31 -4.19 11.92
CA TYR A 95 -4.48 -5.03 12.12
C TYR A 95 -4.75 -6.02 10.99
N ALA A 96 -4.29 -5.69 9.77
CA ALA A 96 -4.49 -6.56 8.62
C ALA A 96 -3.64 -7.82 8.75
N MET A 97 -2.52 -7.75 9.47
CA MET A 97 -1.67 -8.90 9.70
C MET A 97 -2.23 -9.78 10.81
N ILE A 98 -2.88 -9.17 11.81
CA ILE A 98 -3.39 -9.89 12.96
C ILE A 98 -4.79 -10.45 12.68
N ASP A 99 -5.53 -9.82 11.78
CA ASP A 99 -6.92 -10.17 11.51
C ASP A 99 -7.12 -11.18 10.38
N GLU A 100 -6.04 -11.60 9.72
CA GLU A 100 -6.14 -12.53 8.61
C GLU A 100 -4.86 -13.37 8.45
N PHE A 101 -3.70 -12.77 8.73
CA PHE A 101 -2.44 -13.50 8.75
C PHE A 101 -2.07 -14.14 10.09
N GLU A 102 -2.86 -13.85 11.13
CA GLU A 102 -2.61 -14.33 12.49
C GLU A 102 -1.19 -14.00 12.94
N THR A 103 -0.63 -12.90 12.44
CA THR A 103 0.75 -12.51 12.72
C THR A 103 0.76 -11.11 13.30
N ASN A 104 1.52 -10.92 14.37
CA ASN A 104 1.71 -9.62 14.98
C ASN A 104 2.94 -8.92 14.40
N VAL A 105 2.89 -7.59 14.32
CA VAL A 105 3.99 -6.77 13.81
C VAL A 105 4.29 -5.60 14.73
N GLU A 106 4.47 -5.93 16.01
CA GLU A 106 4.67 -4.95 17.08
C GLU A 106 6.08 -4.36 17.04
N ASP A 107 6.90 -4.76 16.07
CA ASP A 107 8.24 -4.21 15.88
C ASP A 107 8.24 -2.82 15.24
N ASP A 108 7.06 -2.24 15.05
CA ASP A 108 6.89 -0.94 14.41
C ASP A 108 7.37 -0.87 12.96
N SER A 109 7.53 -2.04 12.32
CA SER A 109 8.01 -2.12 10.96
C SER A 109 7.01 -1.51 9.96
N ALA A 110 5.77 -1.30 10.40
CA ALA A 110 4.74 -0.70 9.57
C ALA A 110 4.73 0.83 9.66
N LEU A 111 5.46 1.39 10.64
CA LEU A 111 5.51 2.83 10.84
C LEU A 111 6.06 3.55 9.60
N PRO A 112 7.26 3.20 9.11
CA PRO A 112 7.85 3.89 7.97
C PRO A 112 7.08 3.59 6.69
N ILE A 113 6.30 2.52 6.66
CA ILE A 113 5.50 2.19 5.48
C ILE A 113 4.31 3.13 5.39
N ALA A 114 3.78 3.58 6.52
CA ALA A 114 2.64 4.48 6.53
C ALA A 114 3.03 5.88 6.06
N VAL A 115 4.21 6.36 6.44
CA VAL A 115 4.65 7.69 6.07
C VAL A 115 4.90 7.78 4.56
N GLU A 116 5.29 6.68 3.91
CA GLU A 116 5.52 6.70 2.48
C GLU A 116 4.20 6.84 1.72
N VAL A 117 3.09 6.33 2.27
CA VAL A 117 1.79 6.45 1.63
C VAL A 117 1.33 7.91 1.69
N ILE A 118 1.71 8.61 2.75
CA ILE A 118 1.35 10.01 2.95
C ILE A 118 2.12 10.87 1.94
N ASN A 119 3.33 10.43 1.60
CA ASN A 119 4.17 11.14 0.64
C ASN A 119 3.62 11.02 -0.77
N ILE A 120 2.81 9.98 -1.05
CA ILE A 120 2.23 9.82 -2.37
C ILE A 120 1.20 10.92 -2.62
N TYR A 121 0.44 11.29 -1.59
CA TYR A 121 -0.52 12.37 -1.72
C TYR A 121 0.12 13.75 -1.88
N ASN A 122 1.22 13.98 -1.17
CA ASN A 122 1.94 15.24 -1.24
C ASN A 122 2.62 15.41 -2.60
N ASP A 123 3.01 14.31 -3.23
CA ASP A 123 3.60 14.35 -4.56
C ASP A 123 2.60 14.44 -5.70
N CYS A 124 1.48 13.73 -5.59
CA CYS A 124 0.44 13.76 -6.61
C CYS A 124 -0.31 15.09 -6.61
N PHE A 125 -0.18 15.87 -5.53
CA PHE A 125 -0.80 17.19 -5.44
C PHE A 125 -0.06 18.30 -6.19
N ASN A 126 1.13 17.99 -6.70
CA ASN A 126 1.96 18.92 -7.45
C ASN A 126 2.70 18.21 -8.59
N LEU A 127 2.14 17.08 -9.06
CA LEU A 127 2.64 16.32 -10.20
C LEU A 127 4.08 15.82 -10.03
N ASN A 128 4.56 15.69 -8.79
CA ASN A 128 5.90 15.21 -8.49
C ASN A 128 5.94 13.70 -8.29
N TYR A 129 5.09 12.97 -9.02
CA TYR A 129 4.95 11.52 -8.93
C TYR A 129 6.13 10.72 -9.46
N ASN A 130 7.30 11.36 -9.56
CA ASN A 130 8.50 10.74 -10.11
C ASN A 130 8.93 9.52 -9.30
N LYS A 131 8.55 9.44 -8.02
CA LYS A 131 8.87 8.27 -7.20
C LYS A 131 7.93 7.11 -7.51
N VAL A 132 6.73 7.41 -8.01
CA VAL A 132 5.73 6.38 -8.31
C VAL A 132 6.16 5.58 -9.53
N GLU A 133 6.77 6.23 -10.53
CA GLU A 133 7.27 5.53 -11.70
C GLU A 133 8.58 4.83 -11.37
N LYS A 134 9.39 5.44 -10.51
CA LYS A 134 10.69 4.90 -10.11
C LYS A 134 10.51 3.58 -9.36
N LEU A 135 9.62 3.54 -8.38
CA LEU A 135 9.38 2.31 -7.62
C LEU A 135 8.77 1.24 -8.51
N TYR A 136 7.98 1.63 -9.53
CA TYR A 136 7.38 0.65 -10.44
C TYR A 136 8.37 -0.01 -11.39
N LEU A 137 9.45 0.69 -11.71
CA LEU A 137 10.51 0.16 -12.56
C LEU A 137 11.50 -0.66 -11.74
N GLU A 138 11.74 -0.25 -10.49
CA GLU A 138 12.63 -0.97 -9.58
C GLU A 138 11.94 -2.19 -8.97
N TRP A 139 10.61 -2.25 -9.03
CA TRP A 139 9.85 -3.39 -8.56
C TRP A 139 10.00 -4.64 -9.43
N GLN A 140 10.31 -4.45 -10.71
CA GLN A 140 10.36 -5.55 -11.67
C GLN A 140 11.65 -6.38 -11.58
N GLU A 141 12.65 -5.92 -10.82
CA GLU A 141 13.95 -6.59 -10.79
C GLU A 141 13.89 -7.90 -10.00
N LYS A 142 12.85 -8.11 -9.18
CA LYS A 142 12.71 -9.33 -8.40
C LYS A 142 11.51 -10.16 -8.83
N GLN A 143 10.62 -9.60 -9.64
CA GLN A 143 9.50 -10.37 -10.16
C GLN A 143 9.97 -11.32 -11.27
N ARG A 144 11.20 -11.13 -11.75
CA ARG A 144 11.83 -11.98 -12.75
C ARG A 144 12.62 -13.13 -12.14
N THR A 145 12.48 -13.36 -10.83
CA THR A 145 13.21 -14.41 -10.14
C THR A 145 12.32 -15.04 -9.06
N LYS A 146 11.41 -14.26 -8.44
CA LYS A 146 10.48 -14.83 -7.48
C LYS A 146 9.41 -15.69 -8.17
N LYS A 147 9.29 -15.57 -9.49
CA LYS A 147 8.37 -16.37 -10.29
C LYS A 147 8.92 -17.78 -10.52
N SER A 148 10.20 -18.01 -10.22
CA SER A 148 10.85 -19.29 -10.44
C SER A 148 10.39 -20.36 -9.45
N LYS A 149 9.67 -19.96 -8.39
CA LYS A 149 9.18 -20.90 -7.40
C LYS A 149 8.09 -21.79 -7.99
N ARG A 150 8.01 -23.04 -7.50
CA ARG A 150 6.95 -23.95 -7.88
C ARG A 150 5.85 -23.93 -6.82
N VAL A 151 4.59 -23.88 -7.25
CA VAL A 151 3.46 -23.77 -6.34
C VAL A 151 3.06 -25.08 -5.66
N VAL A 152 3.93 -26.10 -5.79
CA VAL A 152 3.72 -27.43 -5.24
C VAL A 152 4.91 -27.97 -4.45
N HIS A 153 5.93 -27.12 -4.25
CA HIS A 153 7.16 -27.44 -3.53
C HIS A 153 7.88 -28.67 -4.11
N ILE A 154 7.71 -28.91 -5.41
CA ILE A 154 8.36 -30.02 -6.10
C ILE A 154 8.58 -29.66 -7.57
N GLU A 155 9.60 -30.24 -8.20
CA GLU A 155 9.94 -29.98 -9.59
C GLU A 155 10.54 -31.23 -10.26
N GLY A 156 10.34 -32.40 -9.65
CA GLY A 156 10.85 -33.66 -10.17
C GLY A 156 10.20 -34.01 -11.51
N SER B 1 -9.17 -2.42 26.09
CA SER B 1 -10.35 -1.73 25.53
C SER B 1 -9.91 -0.48 24.76
N GLY B 2 -10.76 -0.01 23.85
CA GLY B 2 -10.46 1.17 23.04
C GLY B 2 -11.63 1.54 22.13
N SER B 3 -11.46 2.61 21.35
CA SER B 3 -12.47 3.08 20.42
C SER B 3 -12.62 2.12 19.24
N GLN B 4 -13.76 2.21 18.54
CA GLN B 4 -14.04 1.37 17.38
C GLN B 4 -13.08 1.69 16.24
N HIS B 5 -12.84 0.69 15.37
CA HIS B 5 -11.93 0.82 14.24
C HIS B 5 -12.53 0.24 12.97
N MET B 6 -11.95 0.63 11.83
CA MET B 6 -12.38 0.26 10.49
C MET B 6 -11.82 -1.10 10.05
N ARG B 7 -11.12 -1.79 10.95
CA ARG B 7 -10.44 -3.06 10.70
C ARG B 7 -11.27 -4.03 9.84
N PRO B 8 -10.87 -4.21 8.57
CA PRO B 8 -11.47 -5.20 7.68
C PRO B 8 -10.88 -6.59 7.98
N ARG B 9 -11.29 -7.59 7.20
CA ARG B 9 -10.84 -8.96 7.36
C ARG B 9 -10.19 -9.49 6.08
N PHE B 10 -10.98 -9.59 5.01
CA PHE B 10 -10.48 -9.97 3.69
C PHE B 10 -11.39 -9.55 2.54
N ASN B 11 -10.80 -9.17 1.41
CA ASN B 11 -11.56 -8.79 0.22
C ASN B 11 -10.63 -8.85 -1.00
N ARG B 12 -11.21 -8.75 -2.19
CA ARG B 12 -10.45 -8.79 -3.43
C ARG B 12 -11.02 -7.82 -4.47
N GLU B 13 -11.94 -6.94 -4.04
CA GLU B 13 -12.56 -5.97 -4.94
C GLU B 13 -11.90 -4.60 -4.84
N ASN B 14 -11.34 -4.28 -3.67
CA ASN B 14 -10.69 -2.99 -3.43
C ASN B 14 -9.17 -3.11 -3.55
N LYS B 15 -8.65 -4.33 -3.66
CA LYS B 15 -7.22 -4.57 -3.72
C LYS B 15 -6.58 -3.80 -4.87
N VAL B 16 -5.30 -3.43 -4.69
CA VAL B 16 -4.53 -2.71 -5.70
C VAL B 16 -3.29 -3.48 -6.11
N SER B 17 -3.20 -3.84 -7.39
CA SER B 17 -2.06 -4.57 -7.91
C SER B 17 -1.01 -3.59 -8.43
N PRO B 18 0.27 -4.01 -8.46
CA PRO B 18 1.37 -3.15 -8.87
C PRO B 18 1.28 -2.73 -10.34
N ALA B 19 0.49 -3.44 -11.15
CA ALA B 19 0.33 -3.13 -12.56
C ALA B 19 -1.09 -2.62 -12.87
N ASP B 20 -2.08 -3.06 -12.10
CA ASP B 20 -3.47 -2.65 -12.31
C ASP B 20 -3.61 -1.14 -12.13
N ALA B 21 -2.68 -0.51 -11.40
CA ALA B 21 -2.71 0.92 -11.20
C ALA B 21 -1.69 1.61 -12.12
N ALA B 22 -0.82 0.83 -12.77
CA ALA B 22 0.21 1.38 -13.62
C ALA B 22 -0.29 1.46 -15.06
N LYS B 23 -1.05 0.46 -15.49
CA LYS B 23 -1.60 0.43 -16.84
C LYS B 23 -2.56 1.61 -17.08
N LYS B 24 -2.96 2.30 -16.01
CA LYS B 24 -3.81 3.49 -16.08
C LYS B 24 -3.06 4.76 -15.72
N ALA B 25 -2.00 4.66 -14.90
CA ALA B 25 -1.24 5.82 -14.43
C ALA B 25 -0.05 6.17 -15.31
N LEU B 26 0.67 5.16 -15.80
CA LEU B 26 1.85 5.36 -16.64
C LEU B 26 1.48 6.08 -17.93
N SER A 1 17.94 -2.08 -8.65
CA SER A 1 18.05 -2.37 -7.22
C SER A 1 17.22 -1.41 -6.39
N GLY A 2 15.94 -1.74 -6.18
CA GLY A 2 15.03 -0.88 -5.43
C GLY A 2 15.40 -0.80 -3.94
N SER A 3 16.26 -1.69 -3.48
CA SER A 3 16.74 -1.70 -2.09
C SER A 3 17.64 -0.49 -1.81
N HIS A 4 18.08 0.20 -2.87
CA HIS A 4 18.97 1.36 -2.71
C HIS A 4 18.25 2.53 -2.04
N MET A 5 16.91 2.50 -1.99
CA MET A 5 16.14 3.53 -1.30
C MET A 5 16.25 3.36 0.21
N SER A 6 16.64 2.16 0.66
CA SER A 6 16.82 1.81 2.07
C SER A 6 15.55 1.96 2.90
N THR A 7 15.62 1.55 4.17
CA THR A 7 14.52 1.64 5.12
C THR A 7 14.91 2.15 6.50
N GLN A 8 14.13 3.09 7.03
CA GLN A 8 14.36 3.68 8.35
C GLN A 8 13.09 4.41 8.77
N TYR A 9 12.94 4.70 10.07
CA TYR A 9 11.82 5.49 10.56
C TYR A 9 12.01 6.89 9.96
N ILE A 10 10.93 7.67 9.94
CA ILE A 10 10.91 8.91 9.18
C ILE A 10 10.20 10.06 9.89
N ASP A 11 9.17 9.76 10.70
CA ASP A 11 8.39 10.77 11.40
C ASP A 11 7.52 10.00 12.39
N GLU A 12 6.72 10.72 13.18
CA GLU A 12 5.83 10.12 14.17
C GLU A 12 4.46 10.80 14.18
N THR A 13 4.27 11.79 13.30
CA THR A 13 3.05 12.57 13.27
C THR A 13 2.70 13.07 11.85
N ALA A 14 3.21 12.39 10.83
CA ALA A 14 2.94 12.73 9.44
C ALA A 14 1.45 12.51 9.13
N PHE A 15 0.87 13.38 8.30
CA PHE A 15 -0.54 13.29 7.96
C PHE A 15 -0.81 14.23 6.79
N VAL A 16 -2.05 14.20 6.29
CA VAL A 16 -2.51 15.02 5.17
C VAL A 16 -3.96 15.40 5.41
N GLN A 17 -4.39 16.48 4.77
CA GLN A 17 -5.75 16.97 4.84
C GLN A 17 -6.23 17.47 3.48
N ALA A 18 -7.52 17.29 3.20
CA ALA A 18 -8.13 17.74 1.97
C ALA A 18 -8.38 19.24 2.00
N GLU A 19 -8.75 19.82 0.86
CA GLU A 19 -9.10 21.23 0.78
C GLU A 19 -10.46 21.47 1.44
N GLN A 20 -10.76 22.73 1.74
CA GLN A 20 -12.01 23.10 2.40
C GLN A 20 -13.20 22.91 1.46
N GLY A 21 -12.93 22.77 0.16
CA GLY A 21 -13.95 22.54 -0.86
C GLY A 21 -14.19 21.05 -1.10
N LYS A 22 -13.56 20.17 -0.32
CA LYS A 22 -13.64 18.73 -0.52
C LYS A 22 -14.07 17.99 0.74
N THR A 23 -14.53 16.75 0.55
CA THR A 23 -14.96 15.87 1.63
C THR A 23 -14.09 14.62 1.82
N ASN A 24 -13.07 14.49 0.97
CA ASN A 24 -12.13 13.39 1.00
C ASN A 24 -10.80 13.79 0.33
N LEU A 25 -9.76 12.99 0.59
CA LEU A 25 -8.44 13.22 0.01
C LEU A 25 -8.37 12.77 -1.44
N MET A 26 -9.50 12.32 -2.01
CA MET A 26 -9.56 11.86 -3.40
C MET A 26 -9.18 12.98 -4.37
N PHE A 27 -8.51 12.62 -5.47
CA PHE A 27 -8.08 13.56 -6.49
C PHE A 27 -9.18 14.08 -7.43
N SER A 28 -8.95 15.26 -8.03
CA SER A 28 -9.93 15.88 -8.90
C SER A 28 -10.03 15.15 -10.24
N ASP A 29 -8.94 14.54 -10.70
CA ASP A 29 -8.89 13.84 -11.98
C ASP A 29 -8.68 12.34 -11.84
N GLU A 30 -9.25 11.54 -12.74
CA GLU A 30 -9.11 10.09 -12.69
C GLU A 30 -7.67 9.68 -12.98
N LYS A 31 -6.98 10.44 -13.84
CA LYS A 31 -5.60 10.16 -14.20
C LYS A 31 -4.67 10.48 -13.03
N GLN A 32 -5.08 11.42 -12.17
CA GLN A 32 -4.30 11.84 -11.03
C GLN A 32 -4.54 10.88 -9.85
N GLN A 33 -5.74 10.29 -9.77
CA GLN A 33 -6.06 9.35 -8.71
C GLN A 33 -5.46 7.98 -9.05
N ALA A 34 -5.38 7.64 -10.34
CA ALA A 34 -4.76 6.42 -10.80
C ALA A 34 -3.30 6.33 -10.33
N ARG A 35 -2.58 7.44 -10.44
CA ARG A 35 -1.18 7.50 -10.04
C ARG A 35 -1.04 7.37 -8.53
N PHE A 36 -2.07 7.79 -7.79
CA PHE A 36 -2.07 7.60 -6.35
C PHE A 36 -2.24 6.15 -5.90
N GLU A 37 -3.08 5.39 -6.60
CA GLU A 37 -3.26 3.97 -6.30
C GLU A 37 -2.00 3.20 -6.61
N LEU A 38 -1.31 3.58 -7.70
CA LEU A 38 -0.08 2.91 -8.09
C LEU A 38 0.99 3.18 -7.03
N GLY A 39 1.01 4.41 -6.52
CA GLY A 39 2.01 4.80 -5.55
C GLY A 39 1.92 3.98 -4.27
N VAL A 40 0.70 3.79 -3.73
CA VAL A 40 0.54 3.01 -2.52
C VAL A 40 0.85 1.53 -2.78
N SER A 41 0.50 1.03 -3.96
CA SER A 41 0.75 -0.35 -4.33
C SER A 41 2.25 -0.66 -4.28
N MET A 42 3.10 0.36 -4.50
CA MET A 42 4.55 0.19 -4.46
C MET A 42 5.11 0.19 -3.05
N VAL A 43 4.52 0.95 -2.12
CA VAL A 43 5.04 0.98 -0.75
C VAL A 43 4.67 -0.23 0.08
N ILE A 44 3.48 -0.79 -0.14
CA ILE A 44 3.04 -1.97 0.60
C ILE A 44 3.88 -3.18 0.20
N TYR A 45 4.42 -3.16 -1.02
CA TYR A 45 5.34 -4.19 -1.49
C TYR A 45 6.73 -4.19 -0.84
N LYS A 46 7.09 -3.12 -0.15
CA LYS A 46 8.38 -2.99 0.51
C LYS A 46 8.30 -3.33 2.00
N TRP A 47 7.10 -3.64 2.50
CA TRP A 47 6.94 -4.01 3.89
C TRP A 47 7.37 -5.47 4.05
N ASP A 48 8.35 -5.71 4.93
CA ASP A 48 8.94 -7.03 5.09
C ASP A 48 8.04 -8.08 5.74
N ALA A 49 7.32 -7.70 6.80
CA ALA A 49 6.52 -8.65 7.56
C ALA A 49 5.38 -9.22 6.73
N LEU A 50 4.82 -8.42 5.81
CA LEU A 50 3.75 -8.87 4.94
C LEU A 50 4.32 -9.69 3.79
N ASP A 51 5.46 -9.27 3.24
CA ASP A 51 6.06 -9.94 2.10
C ASP A 51 6.43 -11.39 2.45
N VAL A 52 6.89 -11.62 3.68
CA VAL A 52 7.29 -12.94 4.14
C VAL A 52 6.05 -13.80 4.41
N ALA A 53 4.93 -13.18 4.81
CA ALA A 53 3.73 -13.93 5.16
C ALA A 53 3.05 -14.53 3.93
N VAL A 54 3.23 -13.91 2.76
CA VAL A 54 2.67 -14.41 1.51
C VAL A 54 3.62 -15.43 0.88
N GLU A 55 4.92 -15.30 1.16
CA GLU A 55 5.92 -16.26 0.69
C GLU A 55 5.86 -17.57 1.49
N ASN A 56 5.19 -17.56 2.63
CA ASN A 56 4.99 -18.74 3.46
C ASN A 56 3.52 -19.09 3.60
N SER A 57 2.65 -18.37 2.89
CA SER A 57 1.20 -18.64 2.85
C SER A 57 0.55 -18.69 4.24
N TRP A 58 1.03 -17.87 5.18
CA TRP A 58 0.48 -17.81 6.52
C TRP A 58 -0.99 -17.36 6.50
N GLY A 59 -1.42 -16.72 5.41
CA GLY A 59 -2.78 -16.24 5.24
C GLY A 59 -3.62 -17.18 4.38
N GLY A 60 -3.08 -18.35 4.03
CA GLY A 60 -3.74 -19.31 3.16
C GLY A 60 -3.29 -19.13 1.71
N PRO A 61 -3.78 -19.98 0.80
CA PRO A 61 -3.42 -19.97 -0.60
C PRO A 61 -3.95 -18.71 -1.30
N ASP A 62 -4.94 -18.04 -0.70
CA ASP A 62 -5.49 -16.80 -1.21
C ASP A 62 -4.75 -15.53 -0.77
N SER A 63 -3.68 -15.70 0.02
CA SER A 63 -2.88 -14.58 0.51
C SER A 63 -2.18 -13.85 -0.64
N ALA A 64 -2.13 -14.46 -1.82
CA ALA A 64 -1.52 -13.83 -2.98
C ALA A 64 -2.36 -12.63 -3.45
N GLU A 65 -3.67 -12.67 -3.22
CA GLU A 65 -4.53 -11.52 -3.49
C GLU A 65 -4.58 -10.59 -2.28
N LYS A 66 -4.26 -11.12 -1.09
CA LYS A 66 -4.30 -10.35 0.14
C LYS A 66 -3.15 -9.34 0.17
N ARG A 67 -2.09 -9.58 -0.59
CA ARG A 67 -0.97 -8.65 -0.71
C ARG A 67 -1.45 -7.36 -1.38
N ASP A 68 -2.30 -7.49 -2.39
CA ASP A 68 -2.86 -6.36 -3.11
C ASP A 68 -4.04 -5.72 -2.37
N TRP A 69 -4.63 -6.45 -1.41
CA TRP A 69 -5.76 -5.96 -0.66
C TRP A 69 -5.35 -4.99 0.43
N ILE A 70 -4.12 -5.11 0.93
CA ILE A 70 -3.61 -4.27 1.99
C ILE A 70 -3.41 -2.83 1.54
N THR A 71 -3.13 -2.60 0.25
CA THR A 71 -3.01 -1.24 -0.26
C THR A 71 -4.43 -0.74 -0.54
N GLY A 72 -5.34 -1.63 -0.96
CA GLY A 72 -6.70 -1.25 -1.30
C GLY A 72 -7.46 -0.70 -0.10
N ILE A 73 -7.29 -1.32 1.08
CA ILE A 73 -7.98 -0.86 2.28
C ILE A 73 -7.38 0.45 2.79
N VAL A 74 -6.11 0.72 2.48
CA VAL A 74 -5.47 1.97 2.89
C VAL A 74 -5.88 3.07 1.92
N VAL A 75 -6.02 2.74 0.64
CA VAL A 75 -6.37 3.72 -0.38
C VAL A 75 -7.80 4.17 -0.07
N ASP A 76 -8.64 3.27 0.44
CA ASP A 76 -10.01 3.59 0.77
C ASP A 76 -10.18 4.62 1.89
N LEU A 77 -9.12 4.91 2.65
CA LEU A 77 -9.17 5.94 3.67
C LEU A 77 -9.17 7.31 3.00
N PHE A 78 -8.34 7.47 1.97
CA PHE A 78 -8.24 8.70 1.21
C PHE A 78 -9.49 8.98 0.37
N LYS A 79 -10.26 7.94 0.05
CA LYS A 79 -11.46 8.06 -0.76
C LYS A 79 -12.71 8.35 0.08
N ASN A 80 -12.63 8.21 1.41
CA ASN A 80 -13.78 8.34 2.28
C ASN A 80 -13.56 9.28 3.46
N GLU A 81 -12.32 9.75 3.67
CA GLU A 81 -12.03 10.71 4.73
C GLU A 81 -11.22 11.87 4.18
N LYS A 82 -11.51 13.09 4.64
CA LYS A 82 -10.76 14.29 4.27
C LYS A 82 -9.46 14.42 5.05
N VAL A 83 -9.21 13.50 6.00
CA VAL A 83 -8.02 13.52 6.81
C VAL A 83 -7.54 12.10 7.06
N VAL A 84 -6.23 11.89 6.93
CA VAL A 84 -5.59 10.60 7.14
C VAL A 84 -4.21 10.91 7.70
N ASP A 85 -3.75 10.08 8.65
CA ASP A 85 -2.44 10.24 9.25
C ASP A 85 -1.68 8.92 9.31
N ALA A 86 -0.39 9.00 9.64
CA ALA A 86 0.47 7.83 9.65
C ALA A 86 -0.06 6.75 10.60
N ALA A 87 -0.72 7.16 11.67
CA ALA A 87 -1.27 6.23 12.64
C ALA A 87 -2.54 5.55 12.10
N LEU A 88 -3.36 6.29 11.35
CA LEU A 88 -4.60 5.77 10.79
C LEU A 88 -4.33 4.81 9.63
N ILE A 89 -3.14 4.88 9.03
CA ILE A 89 -2.75 3.91 8.02
C ILE A 89 -2.04 2.73 8.68
N GLU A 90 -1.23 3.00 9.70
CA GLU A 90 -0.44 1.96 10.35
C GLU A 90 -1.33 0.96 11.08
N GLU A 91 -2.40 1.43 11.72
CA GLU A 91 -3.31 0.51 12.42
C GLU A 91 -4.00 -0.40 11.42
N THR A 92 -4.32 0.11 10.23
CA THR A 92 -4.88 -0.72 9.17
C THR A 92 -3.95 -1.82 8.67
N LEU A 93 -2.63 -1.58 8.75
CA LEU A 93 -1.62 -2.56 8.40
C LEU A 93 -1.40 -3.54 9.56
N LEU A 94 -1.29 -3.02 10.79
CA LEU A 94 -1.00 -3.88 11.94
C LEU A 94 -2.16 -4.85 12.16
N TYR A 95 -3.39 -4.38 12.04
CA TYR A 95 -4.53 -5.26 12.17
C TYR A 95 -4.73 -6.23 11.00
N ALA A 96 -4.23 -5.89 9.82
CA ALA A 96 -4.35 -6.76 8.66
C ALA A 96 -3.49 -8.01 8.83
N MET A 97 -2.43 -7.94 9.64
CA MET A 97 -1.57 -9.07 9.90
C MET A 97 -2.09 -9.93 11.04
N ILE A 98 -2.75 -9.32 12.01
CA ILE A 98 -3.26 -10.01 13.18
C ILE A 98 -4.65 -10.59 12.94
N ASP A 99 -5.40 -10.00 12.00
CA ASP A 99 -6.77 -10.40 11.73
C ASP A 99 -6.95 -11.59 10.78
N GLU A 100 -5.88 -12.02 10.12
CA GLU A 100 -5.96 -13.15 9.20
C GLU A 100 -4.60 -13.84 9.02
N PHE A 101 -3.51 -13.07 9.04
CA PHE A 101 -2.17 -13.66 8.99
C PHE A 101 -1.70 -14.32 10.29
N GLU A 102 -2.45 -14.09 11.38
CA GLU A 102 -2.10 -14.59 12.71
C GLU A 102 -0.69 -14.18 13.12
N THR A 103 -0.25 -13.01 12.67
CA THR A 103 1.11 -12.52 12.89
C THR A 103 1.03 -11.10 13.43
N ASN A 104 1.84 -10.82 14.45
CA ASN A 104 1.96 -9.50 15.02
C ASN A 104 3.16 -8.77 14.41
N VAL A 105 3.07 -7.45 14.32
CA VAL A 105 4.12 -6.61 13.78
C VAL A 105 4.46 -5.42 14.68
N GLU A 106 4.72 -5.74 15.95
CA GLU A 106 4.97 -4.76 16.98
C GLU A 106 6.37 -4.18 16.89
N ASP A 107 7.14 -4.60 15.88
CA ASP A 107 8.46 -4.07 15.60
C ASP A 107 8.44 -2.68 14.96
N ASP A 108 7.24 -2.10 14.83
CA ASP A 108 7.04 -0.79 14.22
C ASP A 108 7.50 -0.68 12.76
N SER A 109 7.65 -1.82 12.09
CA SER A 109 8.11 -1.84 10.70
C SER A 109 7.02 -1.30 9.76
N ALA A 110 5.79 -1.16 10.25
CA ALA A 110 4.68 -0.61 9.49
C ALA A 110 4.64 0.92 9.55
N LEU A 111 5.37 1.51 10.51
CA LEU A 111 5.41 2.96 10.67
C LEU A 111 5.99 3.64 9.42
N PRO A 112 7.18 3.26 8.94
CA PRO A 112 7.78 3.88 7.76
C PRO A 112 6.97 3.57 6.50
N ILE A 113 6.16 2.51 6.53
CA ILE A 113 5.34 2.15 5.38
C ILE A 113 4.10 3.07 5.30
N ALA A 114 3.55 3.45 6.45
CA ALA A 114 2.38 4.32 6.48
C ALA A 114 2.73 5.73 5.99
N VAL A 115 3.90 6.25 6.37
CA VAL A 115 4.28 7.59 6.01
C VAL A 115 4.62 7.69 4.52
N GLU A 116 5.03 6.57 3.90
CA GLU A 116 5.28 6.61 2.47
C GLU A 116 3.97 6.77 1.69
N VAL A 117 2.86 6.26 2.23
CA VAL A 117 1.55 6.43 1.59
C VAL A 117 1.11 7.88 1.70
N ILE A 118 1.49 8.54 2.79
CA ILE A 118 1.16 9.93 3.04
C ILE A 118 1.93 10.81 2.05
N ASN A 119 3.14 10.37 1.68
CA ASN A 119 3.98 11.08 0.73
C ASN A 119 3.42 10.96 -0.69
N ILE A 120 2.64 9.92 -0.98
CA ILE A 120 2.07 9.77 -2.32
C ILE A 120 1.04 10.87 -2.57
N TYR A 121 0.28 11.25 -1.53
CA TYR A 121 -0.69 12.32 -1.66
C TYR A 121 -0.07 13.70 -1.83
N ASN A 122 1.01 13.97 -1.09
CA ASN A 122 1.70 15.25 -1.17
C ASN A 122 2.44 15.38 -2.50
N ASP A 123 2.89 14.26 -3.07
CA ASP A 123 3.55 14.27 -4.37
C ASP A 123 2.60 14.37 -5.55
N CYS A 124 1.48 13.64 -5.49
CA CYS A 124 0.49 13.69 -6.56
C CYS A 124 -0.26 15.02 -6.57
N PHE A 125 -0.23 15.76 -5.44
CA PHE A 125 -0.85 17.07 -5.34
C PHE A 125 -0.13 18.18 -6.13
N ASN A 126 1.07 17.87 -6.61
CA ASN A 126 1.87 18.78 -7.42
C ASN A 126 2.62 18.03 -8.53
N LEU A 127 2.09 16.86 -8.92
CA LEU A 127 2.62 16.06 -10.02
C LEU A 127 4.07 15.61 -9.83
N ASN A 128 4.57 15.57 -8.59
CA ASN A 128 5.92 15.14 -8.28
C ASN A 128 5.99 13.63 -8.08
N TYR A 129 5.13 12.88 -8.77
CA TYR A 129 4.99 11.44 -8.65
C TYR A 129 6.10 10.60 -9.28
N ASN A 130 7.27 11.21 -9.48
CA ASN A 130 8.40 10.56 -10.12
C ASN A 130 8.88 9.33 -9.34
N LYS A 131 8.59 9.26 -8.03
CA LYS A 131 8.97 8.12 -7.22
C LYS A 131 8.00 6.96 -7.44
N VAL A 132 6.77 7.26 -7.87
CA VAL A 132 5.76 6.23 -8.09
C VAL A 132 6.12 5.41 -9.32
N GLU A 133 6.70 6.05 -10.34
CA GLU A 133 7.13 5.33 -11.53
C GLU A 133 8.46 4.62 -11.24
N LYS A 134 9.37 5.28 -10.50
CA LYS A 134 10.68 4.72 -10.19
C LYS A 134 10.54 3.42 -9.43
N LEU A 135 9.65 3.36 -8.43
CA LEU A 135 9.44 2.14 -7.68
C LEU A 135 8.77 1.08 -8.54
N TYR A 136 8.03 1.49 -9.59
CA TYR A 136 7.39 0.53 -10.48
C TYR A 136 8.33 -0.17 -11.46
N LEU A 137 9.43 0.50 -11.82
CA LEU A 137 10.48 -0.10 -12.63
C LEU A 137 11.35 -0.99 -11.74
N GLU A 138 11.60 -0.55 -10.50
CA GLU A 138 12.40 -1.30 -9.55
C GLU A 138 11.64 -2.47 -8.94
N TRP A 139 10.31 -2.47 -9.08
CA TRP A 139 9.48 -3.57 -8.63
C TRP A 139 9.62 -4.83 -9.48
N GLN A 140 9.97 -4.67 -10.76
CA GLN A 140 10.01 -5.78 -11.71
C GLN A 140 11.24 -6.65 -11.58
N GLU A 141 12.25 -6.23 -10.81
CA GLU A 141 13.51 -6.94 -10.73
C GLU A 141 13.39 -8.21 -9.88
N LYS A 142 12.34 -8.34 -9.07
CA LYS A 142 12.14 -9.52 -8.25
C LYS A 142 10.95 -10.35 -8.70
N GLN A 143 10.07 -9.81 -9.54
CA GLN A 143 8.95 -10.58 -10.06
C GLN A 143 9.42 -11.61 -11.07
N ARG A 144 10.67 -11.47 -11.55
CA ARG A 144 11.28 -12.39 -12.49
C ARG A 144 12.02 -13.53 -11.78
N THR A 145 11.83 -13.68 -10.47
CA THR A 145 12.51 -14.71 -9.70
C THR A 145 11.62 -15.20 -8.56
N LYS A 146 10.76 -14.35 -8.01
CA LYS A 146 9.82 -14.77 -6.98
C LYS A 146 8.67 -15.60 -7.57
N LYS A 147 8.59 -15.67 -8.90
CA LYS A 147 7.59 -16.48 -9.59
C LYS A 147 7.95 -17.96 -9.52
N SER A 148 9.12 -18.30 -8.98
CA SER A 148 9.57 -19.68 -8.87
C SER A 148 8.81 -20.46 -7.80
N LYS A 149 7.91 -19.80 -7.06
CA LYS A 149 7.09 -20.44 -6.04
C LYS A 149 5.93 -21.24 -6.63
N ARG A 150 5.96 -21.52 -7.94
CA ARG A 150 4.90 -22.27 -8.60
C ARG A 150 4.65 -23.58 -7.90
N VAL A 151 3.38 -23.84 -7.59
CA VAL A 151 2.93 -25.05 -6.93
C VAL A 151 1.51 -25.33 -7.41
N VAL A 152 1.31 -26.54 -7.93
CA VAL A 152 0.01 -27.00 -8.41
C VAL A 152 -0.94 -27.26 -7.25
N HIS A 153 -2.23 -27.05 -7.48
CA HIS A 153 -3.26 -27.24 -6.47
C HIS A 153 -4.61 -27.54 -7.13
N ILE A 154 -5.53 -28.13 -6.37
CA ILE A 154 -6.85 -28.52 -6.84
C ILE A 154 -7.89 -28.21 -5.77
N GLU A 155 -9.16 -28.25 -6.14
CA GLU A 155 -10.27 -27.95 -5.23
C GLU A 155 -11.49 -28.82 -5.55
N GLY A 156 -11.29 -29.87 -6.35
CA GLY A 156 -12.35 -30.79 -6.76
C GLY A 156 -13.28 -30.13 -7.77
N SER B 1 -18.03 4.40 24.57
CA SER B 1 -18.47 3.80 23.30
C SER B 1 -17.89 4.56 22.11
N GLY B 2 -17.95 3.96 20.92
CA GLY B 2 -17.44 4.57 19.70
C GLY B 2 -17.74 3.70 18.49
N SER B 3 -17.39 4.18 17.30
CA SER B 3 -17.63 3.47 16.04
C SER B 3 -16.61 2.36 15.79
N GLN B 4 -15.75 2.09 16.79
CA GLN B 4 -14.68 1.10 16.71
C GLN B 4 -13.69 1.38 15.58
N HIS B 5 -12.63 0.58 15.50
CA HIS B 5 -11.62 0.71 14.47
C HIS B 5 -12.16 0.24 13.12
N MET B 6 -11.56 0.75 12.04
CA MET B 6 -11.93 0.45 10.66
C MET B 6 -11.33 -0.88 10.19
N ARG B 7 -10.56 -1.55 11.04
CA ARG B 7 -9.79 -2.74 10.71
C ARG B 7 -10.65 -3.80 10.00
N PRO B 8 -10.43 -3.99 8.69
CA PRO B 8 -11.10 -4.99 7.88
C PRO B 8 -10.50 -6.37 8.11
N ARG B 9 -11.01 -7.38 7.40
CA ARG B 9 -10.57 -8.76 7.53
C ARG B 9 -9.94 -9.27 6.25
N PHE B 10 -10.75 -9.40 5.19
CA PHE B 10 -10.30 -9.80 3.87
C PHE B 10 -11.26 -9.41 2.75
N ASN B 11 -10.72 -9.03 1.58
CA ASN B 11 -11.52 -8.70 0.42
C ASN B 11 -10.62 -8.80 -0.82
N ARG B 12 -11.23 -8.73 -2.01
CA ARG B 12 -10.50 -8.79 -3.25
C ARG B 12 -11.13 -7.87 -4.31
N GLU B 13 -12.04 -6.99 -3.90
CA GLU B 13 -12.69 -6.08 -4.82
C GLU B 13 -12.07 -4.69 -4.78
N ASN B 14 -11.47 -4.31 -3.64
CA ASN B 14 -10.84 -3.00 -3.47
C ASN B 14 -9.33 -3.09 -3.63
N LYS B 15 -8.78 -4.31 -3.73
CA LYS B 15 -7.35 -4.52 -3.83
C LYS B 15 -6.75 -3.74 -5.00
N VAL B 16 -5.46 -3.39 -4.87
CA VAL B 16 -4.73 -2.70 -5.91
C VAL B 16 -3.47 -3.48 -6.30
N SER B 17 -3.39 -3.89 -7.57
CA SER B 17 -2.24 -4.62 -8.07
C SER B 17 -1.20 -3.64 -8.63
N PRO B 18 0.08 -4.04 -8.63
CA PRO B 18 1.19 -3.19 -9.04
C PRO B 18 1.08 -2.74 -10.50
N ALA B 19 0.39 -3.51 -11.35
CA ALA B 19 0.21 -3.16 -12.75
C ALA B 19 -1.19 -2.62 -13.02
N ASP B 20 -2.18 -3.07 -12.25
CA ASP B 20 -3.56 -2.64 -12.44
C ASP B 20 -3.69 -1.13 -12.19
N ALA B 21 -2.73 -0.53 -11.47
CA ALA B 21 -2.73 0.89 -11.22
C ALA B 21 -1.71 1.58 -12.12
N ALA B 22 -0.84 0.82 -12.79
CA ALA B 22 0.18 1.39 -13.65
C ALA B 22 -0.36 1.52 -15.08
N LYS B 23 -1.14 0.53 -15.53
CA LYS B 23 -1.71 0.56 -16.87
C LYS B 23 -2.68 1.73 -17.06
N LYS B 24 -3.06 2.39 -15.95
CA LYS B 24 -3.93 3.55 -15.98
C LYS B 24 -3.19 4.83 -15.58
N ALA B 25 -2.11 4.71 -14.81
CA ALA B 25 -1.38 5.87 -14.31
C ALA B 25 -0.16 6.25 -15.17
N LEU B 26 0.56 5.25 -15.68
CA LEU B 26 1.75 5.49 -16.50
C LEU B 26 1.40 6.30 -17.75
N SER A 1 14.27 16.20 -7.80
CA SER A 1 12.99 15.57 -7.42
C SER A 1 13.10 14.05 -7.45
N GLY A 2 12.18 13.35 -6.78
CA GLY A 2 12.19 11.90 -6.69
C GLY A 2 13.29 11.41 -5.75
N SER A 3 13.46 10.09 -5.66
CA SER A 3 14.47 9.46 -4.81
C SER A 3 14.36 9.91 -3.34
N HIS A 4 13.15 10.25 -2.90
CA HIS A 4 12.90 10.72 -1.54
C HIS A 4 12.98 9.59 -0.51
N MET A 5 13.32 8.37 -0.96
CA MET A 5 13.45 7.20 -0.09
C MET A 5 14.53 7.45 0.96
N SER A 6 14.44 6.75 2.10
CA SER A 6 15.36 6.96 3.21
C SER A 6 15.44 5.69 4.08
N THR A 7 16.24 5.76 5.15
CA THR A 7 16.43 4.68 6.11
C THR A 7 15.17 4.34 6.91
N GLN A 8 15.30 3.51 7.95
CA GLN A 8 14.19 3.05 8.77
C GLN A 8 13.43 4.21 9.42
N TYR A 9 13.97 5.42 9.39
CA TYR A 9 13.29 6.62 9.87
C TYR A 9 12.92 7.62 8.79
N ILE A 10 11.84 8.37 9.02
CA ILE A 10 11.26 9.25 8.02
C ILE A 10 10.60 10.46 8.67
N ASP A 11 9.75 10.21 9.68
CA ASP A 11 9.00 11.24 10.38
C ASP A 11 8.34 10.51 11.56
N GLU A 12 7.58 11.25 12.38
CA GLU A 12 6.90 10.71 13.55
C GLU A 12 5.50 11.29 13.69
N THR A 13 5.09 12.16 12.77
CA THR A 13 3.81 12.85 12.83
C THR A 13 3.24 13.19 11.45
N ALA A 14 3.67 12.44 10.42
CA ALA A 14 3.25 12.67 9.05
C ALA A 14 1.75 12.44 8.87
N PHE A 15 1.10 13.26 8.05
CA PHE A 15 -0.32 13.16 7.79
C PHE A 15 -0.63 14.08 6.60
N VAL A 16 -1.89 14.02 6.14
CA VAL A 16 -2.39 14.84 5.04
C VAL A 16 -3.84 15.17 5.33
N GLN A 17 -4.30 16.32 4.88
CA GLN A 17 -5.68 16.74 5.03
C GLN A 17 -6.12 17.54 3.81
N ALA A 18 -7.41 17.37 3.46
CA ALA A 18 -8.02 17.96 2.29
C ALA A 18 -8.55 19.37 2.58
N GLU A 19 -8.88 20.13 1.54
CA GLU A 19 -9.53 21.42 1.71
C GLU A 19 -10.98 21.21 2.16
N GLN A 20 -11.63 22.27 2.64
CA GLN A 20 -12.93 22.16 3.28
C GLN A 20 -14.05 21.80 2.30
N GLY A 21 -13.86 22.02 1.00
CA GLY A 21 -14.87 21.73 -0.01
C GLY A 21 -14.68 20.37 -0.67
N LYS A 22 -13.64 19.63 -0.27
CA LYS A 22 -13.29 18.36 -0.91
C LYS A 22 -14.08 17.21 -0.33
N THR A 23 -14.34 17.28 0.97
CA THR A 23 -14.99 16.22 1.74
C THR A 23 -14.28 14.86 1.79
N ASN A 24 -13.18 14.72 1.04
CA ASN A 24 -12.36 13.53 1.00
C ASN A 24 -10.99 13.84 0.38
N LEU A 25 -9.98 13.02 0.66
CA LEU A 25 -8.64 13.21 0.11
C LEU A 25 -8.58 12.75 -1.35
N MET A 26 -9.67 12.17 -1.88
CA MET A 26 -9.70 11.72 -3.27
C MET A 26 -9.51 12.90 -4.23
N PHE A 27 -8.78 12.67 -5.32
CA PHE A 27 -8.51 13.67 -6.32
C PHE A 27 -9.67 14.09 -7.22
N SER A 28 -9.61 15.31 -7.77
CA SER A 28 -10.65 15.85 -8.63
C SER A 28 -10.59 15.29 -10.06
N ASP A 29 -9.69 14.32 -10.30
CA ASP A 29 -9.51 13.72 -11.61
C ASP A 29 -9.11 12.24 -11.52
N GLU A 30 -9.72 11.38 -12.34
CA GLU A 30 -9.46 9.95 -12.28
C GLU A 30 -8.05 9.62 -12.78
N LYS A 31 -7.50 10.43 -13.70
CA LYS A 31 -6.13 10.23 -14.17
C LYS A 31 -5.14 10.60 -13.08
N GLN A 32 -5.57 11.41 -12.11
CA GLN A 32 -4.75 11.79 -10.98
C GLN A 32 -4.89 10.75 -9.86
N GLN A 33 -6.06 10.13 -9.75
CA GLN A 33 -6.30 9.06 -8.78
C GLN A 33 -5.49 7.82 -9.17
N ALA A 34 -5.29 7.60 -10.48
CA ALA A 34 -4.53 6.47 -10.98
C ALA A 34 -3.10 6.51 -10.45
N ARG A 35 -2.44 7.66 -10.54
CA ARG A 35 -1.07 7.84 -10.07
C ARG A 35 -0.99 7.71 -8.55
N PHE A 36 -2.11 7.94 -7.86
CA PHE A 36 -2.14 7.75 -6.42
C PHE A 36 -2.27 6.29 -5.97
N GLU A 37 -3.10 5.50 -6.67
CA GLU A 37 -3.27 4.10 -6.33
C GLU A 37 -2.02 3.30 -6.64
N LEU A 38 -1.29 3.68 -7.70
CA LEU A 38 -0.07 2.98 -8.05
C LEU A 38 0.97 3.20 -6.96
N GLY A 39 1.03 4.43 -6.44
CA GLY A 39 2.04 4.80 -5.46
C GLY A 39 1.92 3.97 -4.19
N VAL A 40 0.70 3.72 -3.69
CA VAL A 40 0.52 2.93 -2.48
C VAL A 40 0.88 1.46 -2.71
N SER A 41 0.54 0.95 -3.89
CA SER A 41 0.82 -0.44 -4.24
C SER A 41 2.32 -0.72 -4.20
N MET A 42 3.14 0.32 -4.42
CA MET A 42 4.59 0.18 -4.41
C MET A 42 5.17 0.16 -3.00
N VAL A 43 4.50 0.77 -2.02
CA VAL A 43 5.03 0.80 -0.66
C VAL A 43 4.70 -0.43 0.16
N ILE A 44 3.51 -1.01 -0.04
CA ILE A 44 3.11 -2.20 0.69
C ILE A 44 3.97 -3.38 0.26
N TYR A 45 4.52 -3.33 -0.97
CA TYR A 45 5.46 -4.32 -1.45
C TYR A 45 6.86 -4.30 -0.84
N LYS A 46 7.13 -3.29 0.00
CA LYS A 46 8.42 -3.14 0.66
C LYS A 46 8.35 -3.41 2.15
N TRP A 47 7.18 -3.80 2.67
CA TRP A 47 7.02 -4.09 4.08
C TRP A 47 7.55 -5.49 4.36
N ASP A 48 8.53 -5.60 5.26
CA ASP A 48 9.20 -6.86 5.55
C ASP A 48 8.40 -7.91 6.32
N ALA A 49 7.26 -7.53 6.89
CA ALA A 49 6.45 -8.48 7.67
C ALA A 49 5.38 -9.13 6.80
N LEU A 50 4.78 -8.37 5.88
CA LEU A 50 3.72 -8.88 5.01
C LEU A 50 4.33 -9.68 3.86
N ASP A 51 5.46 -9.21 3.32
CA ASP A 51 6.10 -9.84 2.19
C ASP A 51 6.51 -11.28 2.52
N VAL A 52 6.82 -11.53 3.80
CA VAL A 52 7.24 -12.86 4.26
C VAL A 52 6.00 -13.75 4.44
N ALA A 53 4.88 -13.17 4.88
CA ALA A 53 3.70 -13.93 5.20
C ALA A 53 2.97 -14.45 3.96
N VAL A 54 3.03 -13.71 2.84
CA VAL A 54 2.37 -14.13 1.61
C VAL A 54 3.24 -15.17 0.89
N GLU A 55 4.57 -15.06 1.03
CA GLU A 55 5.49 -16.00 0.42
C GLU A 55 5.51 -17.33 1.18
N ASN A 56 5.10 -17.31 2.46
CA ASN A 56 4.99 -18.51 3.28
C ASN A 56 3.53 -18.96 3.42
N SER A 57 2.61 -18.26 2.74
CA SER A 57 1.19 -18.59 2.73
C SER A 57 0.57 -18.69 4.11
N TRP A 58 1.05 -17.87 5.07
CA TRP A 58 0.51 -17.86 6.42
C TRP A 58 -0.95 -17.41 6.46
N GLY A 59 -1.42 -16.77 5.39
CA GLY A 59 -2.79 -16.28 5.28
C GLY A 59 -3.65 -17.20 4.42
N GLY A 60 -3.14 -18.39 4.08
CA GLY A 60 -3.84 -19.33 3.21
C GLY A 60 -3.52 -19.04 1.75
N PRO A 61 -4.09 -19.83 0.83
CA PRO A 61 -3.87 -19.69 -0.60
C PRO A 61 -4.45 -18.37 -1.14
N ASP A 62 -5.39 -17.77 -0.40
CA ASP A 62 -5.97 -16.49 -0.76
C ASP A 62 -5.08 -15.30 -0.44
N SER A 63 -3.97 -15.54 0.26
CA SER A 63 -3.05 -14.48 0.67
C SER A 63 -2.39 -13.80 -0.53
N ALA A 64 -2.37 -14.46 -1.70
CA ALA A 64 -1.76 -13.89 -2.89
C ALA A 64 -2.57 -12.70 -3.41
N GLU A 65 -3.90 -12.70 -3.20
CA GLU A 65 -4.74 -11.56 -3.54
C GLU A 65 -4.83 -10.63 -2.33
N LYS A 66 -4.59 -11.17 -1.14
CA LYS A 66 -4.64 -10.39 0.10
C LYS A 66 -3.46 -9.41 0.15
N ARG A 67 -2.39 -9.70 -0.59
CA ARG A 67 -1.23 -8.83 -0.69
C ARG A 67 -1.60 -7.52 -1.39
N ASP A 68 -2.44 -7.61 -2.42
CA ASP A 68 -2.93 -6.44 -3.13
C ASP A 68 -4.09 -5.76 -2.38
N TRP A 69 -4.73 -6.49 -1.47
CA TRP A 69 -5.87 -5.98 -0.73
C TRP A 69 -5.43 -5.02 0.38
N ILE A 70 -4.23 -5.20 0.90
CA ILE A 70 -3.70 -4.38 1.98
C ILE A 70 -3.44 -2.95 1.53
N THR A 71 -3.12 -2.73 0.24
CA THR A 71 -2.95 -1.37 -0.26
C THR A 71 -4.35 -0.84 -0.59
N GLY A 72 -5.27 -1.72 -0.99
CA GLY A 72 -6.61 -1.30 -1.38
C GLY A 72 -7.39 -0.75 -0.19
N ILE A 73 -7.24 -1.34 0.99
CA ILE A 73 -7.95 -0.87 2.18
C ILE A 73 -7.33 0.44 2.71
N VAL A 74 -6.05 0.67 2.43
CA VAL A 74 -5.39 1.89 2.87
C VAL A 74 -5.75 3.00 1.90
N VAL A 75 -5.87 2.65 0.60
CA VAL A 75 -6.22 3.61 -0.44
C VAL A 75 -7.65 4.06 -0.14
N ASP A 76 -8.51 3.16 0.35
CA ASP A 76 -9.89 3.49 0.66
C ASP A 76 -10.09 4.50 1.78
N LEU A 77 -9.05 4.77 2.57
CA LEU A 77 -9.14 5.77 3.63
C LEU A 77 -9.21 7.16 3.01
N PHE A 78 -8.42 7.39 1.96
CA PHE A 78 -8.38 8.66 1.26
C PHE A 78 -9.67 8.89 0.47
N LYS A 79 -10.39 7.81 0.14
CA LYS A 79 -11.63 7.90 -0.62
C LYS A 79 -12.85 8.13 0.27
N ASN A 80 -12.69 8.04 1.59
CA ASN A 80 -13.80 8.14 2.50
C ASN A 80 -13.54 9.08 3.68
N GLU A 81 -12.31 9.60 3.80
CA GLU A 81 -11.98 10.57 4.83
C GLU A 81 -11.26 11.77 4.21
N LYS A 82 -11.53 12.96 4.74
CA LYS A 82 -10.91 14.19 4.30
C LYS A 82 -9.53 14.40 4.89
N VAL A 83 -9.06 13.50 5.74
CA VAL A 83 -7.74 13.62 6.34
C VAL A 83 -7.36 12.23 6.86
N VAL A 84 -6.07 11.92 6.78
CA VAL A 84 -5.51 10.62 7.12
C VAL A 84 -4.12 10.90 7.67
N ASP A 85 -3.68 10.09 8.65
CA ASP A 85 -2.34 10.21 9.20
C ASP A 85 -1.57 8.90 9.17
N ALA A 86 -0.26 8.95 9.39
CA ALA A 86 0.57 7.76 9.33
C ALA A 86 0.11 6.73 10.37
N ALA A 87 -0.50 7.18 11.47
CA ALA A 87 -0.98 6.28 12.50
C ALA A 87 -2.26 5.57 12.07
N LEU A 88 -3.11 6.27 11.31
CA LEU A 88 -4.37 5.72 10.84
C LEU A 88 -4.10 4.66 9.77
N ILE A 89 -3.04 4.83 8.98
CA ILE A 89 -2.65 3.82 8.00
C ILE A 89 -1.94 2.66 8.68
N GLU A 90 -1.15 2.94 9.72
CA GLU A 90 -0.35 1.91 10.38
C GLU A 90 -1.25 0.91 11.09
N GLU A 91 -2.36 1.36 11.70
CA GLU A 91 -3.29 0.46 12.36
C GLU A 91 -4.02 -0.40 11.34
N THR A 92 -4.25 0.12 10.13
CA THR A 92 -4.83 -0.67 9.06
C THR A 92 -3.92 -1.78 8.55
N LEU A 93 -2.61 -1.61 8.74
CA LEU A 93 -1.63 -2.63 8.39
C LEU A 93 -1.45 -3.63 9.53
N LEU A 94 -1.32 -3.14 10.78
CA LEU A 94 -1.08 -4.02 11.91
C LEU A 94 -2.27 -4.96 12.11
N TYR A 95 -3.50 -4.46 12.01
CA TYR A 95 -4.66 -5.32 12.10
C TYR A 95 -4.86 -6.27 10.94
N ALA A 96 -4.31 -5.94 9.76
CA ALA A 96 -4.38 -6.80 8.59
C ALA A 96 -3.46 -8.01 8.77
N MET A 97 -2.43 -7.90 9.62
CA MET A 97 -1.52 -9.02 9.89
C MET A 97 -2.04 -9.90 11.03
N ILE A 98 -2.75 -9.30 11.98
CA ILE A 98 -3.24 -10.04 13.15
C ILE A 98 -4.58 -10.72 12.85
N ASP A 99 -5.39 -10.13 11.96
CA ASP A 99 -6.70 -10.67 11.63
C ASP A 99 -6.69 -11.66 10.47
N GLU A 100 -5.58 -11.73 9.71
CA GLU A 100 -5.53 -12.53 8.49
C GLU A 100 -4.19 -13.22 8.28
N PHE A 101 -3.22 -13.01 9.18
CA PHE A 101 -1.92 -13.64 9.10
C PHE A 101 -1.42 -14.26 10.41
N GLU A 102 -2.22 -14.14 11.48
CA GLU A 102 -1.88 -14.63 12.81
C GLU A 102 -0.51 -14.12 13.25
N THR A 103 -0.13 -12.92 12.77
CA THR A 103 1.19 -12.36 13.01
C THR A 103 1.04 -10.95 13.55
N ASN A 104 1.75 -10.66 14.64
CA ASN A 104 1.81 -9.32 15.21
C ASN A 104 3.01 -8.57 14.66
N VAL A 105 2.86 -7.25 14.52
CA VAL A 105 3.93 -6.39 14.03
C VAL A 105 4.20 -5.23 14.98
N GLU A 106 4.61 -5.58 16.20
CA GLU A 106 4.85 -4.62 17.27
C GLU A 106 6.18 -3.90 17.08
N ASP A 107 6.96 -4.31 16.08
CA ASP A 107 8.24 -3.69 15.75
C ASP A 107 8.13 -2.32 15.08
N ASP A 108 6.90 -1.84 14.88
CA ASP A 108 6.63 -0.58 14.21
C ASP A 108 7.18 -0.48 12.78
N SER A 109 7.45 -1.64 12.16
CA SER A 109 8.01 -1.68 10.82
C SER A 109 6.99 -1.18 9.79
N ALA A 110 5.72 -1.05 10.19
CA ALA A 110 4.67 -0.54 9.34
C ALA A 110 4.60 0.98 9.38
N LEU A 111 5.28 1.61 10.33
CA LEU A 111 5.30 3.06 10.46
C LEU A 111 5.90 3.72 9.22
N PRO A 112 7.14 3.38 8.81
CA PRO A 112 7.77 3.96 7.64
C PRO A 112 7.04 3.57 6.37
N ILE A 113 6.27 2.47 6.40
CA ILE A 113 5.47 2.06 5.26
C ILE A 113 4.25 2.98 5.14
N ALA A 114 3.67 3.38 6.27
CA ALA A 114 2.52 4.26 6.29
C ALA A 114 2.91 5.67 5.84
N VAL A 115 4.08 6.16 6.26
CA VAL A 115 4.50 7.51 5.92
C VAL A 115 4.77 7.60 4.41
N GLU A 116 5.16 6.50 3.76
CA GLU A 116 5.36 6.54 2.32
C GLU A 116 4.03 6.66 1.57
N VAL A 117 2.94 6.14 2.13
CA VAL A 117 1.63 6.29 1.50
C VAL A 117 1.20 7.74 1.59
N ILE A 118 1.57 8.41 2.68
CA ILE A 118 1.24 9.82 2.90
C ILE A 118 2.03 10.67 1.90
N ASN A 119 3.24 10.21 1.55
CA ASN A 119 4.07 10.91 0.58
C ASN A 119 3.51 10.80 -0.84
N ILE A 120 2.69 9.77 -1.11
CA ILE A 120 2.10 9.62 -2.43
C ILE A 120 1.12 10.77 -2.68
N TYR A 121 0.38 11.16 -1.65
CA TYR A 121 -0.56 12.26 -1.77
C TYR A 121 0.12 13.63 -1.88
N ASN A 122 1.24 13.80 -1.17
CA ASN A 122 1.97 15.06 -1.18
C ASN A 122 2.57 15.35 -2.56
N ASP A 123 3.01 14.30 -3.25
CA ASP A 123 3.57 14.44 -4.60
C ASP A 123 2.50 14.47 -5.68
N CYS A 124 1.47 13.64 -5.54
CA CYS A 124 0.40 13.56 -6.52
C CYS A 124 -0.44 14.85 -6.48
N PHE A 125 -0.41 15.58 -5.36
CA PHE A 125 -1.13 16.83 -5.23
C PHE A 125 -0.68 17.94 -6.18
N ASN A 126 0.46 17.72 -6.85
CA ASN A 126 0.98 18.62 -7.87
C ASN A 126 1.42 17.81 -9.10
N LEU A 127 0.75 16.67 -9.33
CA LEU A 127 0.97 15.80 -10.48
C LEU A 127 2.39 15.26 -10.60
N ASN A 128 3.15 15.21 -9.50
CA ASN A 128 4.48 14.61 -9.51
C ASN A 128 4.35 13.11 -9.25
N TYR A 129 5.17 12.30 -9.93
CA TYR A 129 5.16 10.85 -9.77
C TYR A 129 6.54 10.19 -9.83
N ASN A 130 7.60 10.97 -9.61
CA ASN A 130 8.97 10.50 -9.78
C ASN A 130 9.34 9.39 -8.79
N LYS A 131 8.68 9.32 -7.63
CA LYS A 131 8.93 8.25 -6.67
C LYS A 131 7.91 7.11 -6.83
N VAL A 132 6.81 7.37 -7.54
CA VAL A 132 5.79 6.36 -7.80
C VAL A 132 6.24 5.47 -8.96
N GLU A 133 6.78 6.07 -10.03
CA GLU A 133 7.20 5.31 -11.19
C GLU A 133 8.51 4.59 -10.92
N LYS A 134 9.43 5.22 -10.17
CA LYS A 134 10.74 4.64 -9.91
C LYS A 134 10.61 3.27 -9.25
N LEU A 135 9.74 3.16 -8.24
CA LEU A 135 9.52 1.91 -7.54
C LEU A 135 8.91 0.85 -8.47
N TYR A 136 8.22 1.26 -9.53
CA TYR A 136 7.58 0.33 -10.44
C TYR A 136 8.54 -0.40 -11.38
N LEU A 137 9.64 0.24 -11.76
CA LEU A 137 10.65 -0.41 -12.57
C LEU A 137 11.56 -1.25 -11.69
N GLU A 138 11.85 -0.79 -10.47
CA GLU A 138 12.72 -1.50 -9.54
C GLU A 138 12.02 -2.72 -8.95
N TRP A 139 10.68 -2.73 -8.93
CA TRP A 139 9.91 -3.86 -8.43
C TRP A 139 10.00 -5.09 -9.32
N GLN A 140 10.30 -4.91 -10.61
CA GLN A 140 10.32 -6.02 -11.55
C GLN A 140 11.61 -6.84 -11.47
N GLU A 141 12.60 -6.41 -10.68
CA GLU A 141 13.91 -7.07 -10.65
C GLU A 141 13.86 -8.42 -9.94
N LYS A 142 12.86 -8.66 -9.10
CA LYS A 142 12.76 -9.92 -8.35
C LYS A 142 11.54 -10.74 -8.77
N GLN A 143 10.62 -10.14 -9.53
CA GLN A 143 9.48 -10.88 -10.04
C GLN A 143 9.88 -11.76 -11.23
N ARG A 144 11.12 -11.58 -11.71
CA ARG A 144 11.68 -12.37 -12.79
C ARG A 144 12.54 -13.52 -12.28
N THR A 145 12.45 -13.84 -10.98
CA THR A 145 13.25 -14.90 -10.39
C THR A 145 12.43 -15.56 -9.28
N LYS A 146 11.66 -14.80 -8.50
CA LYS A 146 10.79 -15.37 -7.48
C LYS A 146 9.38 -15.56 -8.03
N LYS A 147 9.00 -14.71 -9.00
CA LYS A 147 7.68 -14.69 -9.62
C LYS A 147 6.56 -14.51 -8.58
N SER A 148 5.33 -14.23 -9.04
CA SER A 148 4.18 -14.05 -8.15
C SER A 148 3.79 -15.36 -7.47
N LYS A 149 4.35 -16.48 -7.92
CA LYS A 149 4.13 -17.81 -7.37
C LYS A 149 5.27 -18.72 -7.80
N ARG A 150 5.42 -19.87 -7.13
CA ARG A 150 6.47 -20.83 -7.47
C ARG A 150 6.22 -21.44 -8.84
N VAL A 151 7.29 -21.94 -9.47
CA VAL A 151 7.25 -22.55 -10.80
C VAL A 151 8.02 -23.85 -10.91
N VAL A 152 8.20 -24.53 -9.76
CA VAL A 152 8.95 -25.77 -9.69
C VAL A 152 8.25 -26.88 -10.47
N HIS A 153 9.04 -27.67 -11.21
CA HIS A 153 8.53 -28.79 -12.00
C HIS A 153 9.64 -29.80 -12.26
N ILE A 154 9.26 -31.01 -12.67
CA ILE A 154 10.20 -32.08 -12.97
C ILE A 154 9.57 -33.03 -13.99
N GLU A 155 10.41 -33.74 -14.75
CA GLU A 155 9.96 -34.66 -15.79
C GLU A 155 9.42 -35.98 -15.22
N GLY A 156 9.26 -36.06 -13.90
CA GLY A 156 8.79 -37.24 -13.20
C GLY A 156 9.83 -38.35 -13.23
N SER B 1 -20.24 -1.02 18.16
CA SER B 1 -19.88 -1.12 19.58
C SER B 1 -18.38 -0.94 19.79
N GLY B 2 -17.98 -0.62 21.02
CA GLY B 2 -16.58 -0.42 21.37
C GLY B 2 -16.05 0.91 20.82
N SER B 3 -14.73 1.11 20.93
CA SER B 3 -14.08 2.32 20.44
C SER B 3 -14.10 2.35 18.90
N GLN B 4 -13.84 3.53 18.33
CA GLN B 4 -13.84 3.69 16.88
C GLN B 4 -12.73 2.86 16.24
N HIS B 5 -13.03 2.25 15.08
CA HIS B 5 -12.08 1.44 14.34
C HIS B 5 -12.53 1.31 12.89
N MET B 6 -11.63 0.81 12.04
CA MET B 6 -11.88 0.67 10.61
C MET B 6 -11.32 -0.65 10.08
N ARG B 7 -10.63 -1.41 10.93
CA ARG B 7 -9.92 -2.64 10.54
C ARG B 7 -10.86 -3.62 9.82
N PRO B 8 -10.64 -3.80 8.50
CA PRO B 8 -11.39 -4.73 7.68
C PRO B 8 -10.88 -6.17 7.87
N ARG B 9 -11.46 -7.10 7.10
CA ARG B 9 -11.12 -8.51 7.16
C ARG B 9 -10.50 -9.00 5.84
N PHE B 10 -11.33 -9.20 4.82
CA PHE B 10 -10.85 -9.60 3.50
C PHE B 10 -11.75 -9.20 2.34
N ASN B 11 -11.14 -8.87 1.20
CA ASN B 11 -11.86 -8.50 -0.01
C ASN B 11 -10.91 -8.62 -1.20
N ARG B 12 -11.45 -8.53 -2.41
CA ARG B 12 -10.65 -8.59 -3.64
C ARG B 12 -11.18 -7.61 -4.69
N GLU B 13 -12.09 -6.72 -4.30
CA GLU B 13 -12.68 -5.74 -5.21
C GLU B 13 -11.97 -4.39 -5.11
N ASN B 14 -11.38 -4.08 -3.95
CA ASN B 14 -10.68 -2.82 -3.72
C ASN B 14 -9.18 -2.98 -3.84
N LYS B 15 -8.69 -4.22 -3.90
CA LYS B 15 -7.26 -4.51 -3.96
C LYS B 15 -6.60 -3.79 -5.13
N VAL B 16 -5.32 -3.43 -4.97
CA VAL B 16 -4.56 -2.74 -5.99
C VAL B 16 -3.32 -3.54 -6.39
N SER B 17 -3.25 -3.91 -7.67
CA SER B 17 -2.10 -4.59 -8.21
C SER B 17 -1.02 -3.59 -8.61
N PRO B 18 0.27 -3.99 -8.53
CA PRO B 18 1.39 -3.16 -8.93
C PRO B 18 1.32 -2.77 -10.40
N ALA B 19 0.47 -3.44 -11.19
CA ALA B 19 0.33 -3.16 -12.61
C ALA B 19 -1.04 -2.57 -12.93
N ASP B 20 -2.09 -2.97 -12.20
CA ASP B 20 -3.44 -2.52 -12.48
C ASP B 20 -3.55 -1.01 -12.27
N ALA B 21 -2.62 -0.43 -11.50
CA ALA B 21 -2.61 1.00 -11.26
C ALA B 21 -1.55 1.68 -12.12
N ALA B 22 -0.66 0.90 -12.74
CA ALA B 22 0.41 1.44 -13.55
C ALA B 22 -0.05 1.56 -15.00
N LYS B 23 -0.84 0.59 -15.48
CA LYS B 23 -1.34 0.60 -16.85
C LYS B 23 -2.26 1.79 -17.10
N LYS B 24 -2.68 2.47 -16.02
CA LYS B 24 -3.53 3.65 -16.10
C LYS B 24 -2.79 4.92 -15.68
N ALA B 25 -1.75 4.79 -14.84
CA ALA B 25 -1.02 5.93 -14.31
C ALA B 25 0.22 6.27 -15.13
N LEU B 26 0.94 5.27 -15.63
CA LEU B 26 2.14 5.46 -16.43
C LEU B 26 1.81 6.20 -17.73
N SER A 1 23.73 7.62 0.52
CA SER A 1 22.73 6.95 1.36
C SER A 1 21.42 6.73 0.60
N GLY A 2 20.59 5.80 1.07
CA GLY A 2 19.32 5.47 0.43
C GLY A 2 18.23 6.50 0.71
N SER A 3 18.52 7.48 1.58
CA SER A 3 17.57 8.52 1.98
C SER A 3 16.31 7.91 2.61
N HIS A 4 15.34 8.76 2.97
CA HIS A 4 14.10 8.33 3.61
C HIS A 4 13.27 7.40 2.70
N MET A 5 13.61 7.36 1.41
CA MET A 5 12.90 6.53 0.45
C MET A 5 13.35 5.06 0.52
N SER A 6 14.42 4.76 1.27
CA SER A 6 14.96 3.41 1.34
C SER A 6 15.58 3.12 2.71
N THR A 7 15.03 3.74 3.77
CA THR A 7 15.49 3.51 5.14
C THR A 7 14.37 3.50 6.17
N GLN A 8 14.68 3.00 7.39
CA GLN A 8 13.69 2.84 8.44
C GLN A 8 13.13 4.18 8.95
N TYR A 9 13.94 5.25 8.89
CA TYR A 9 13.48 6.57 9.29
C TYR A 9 12.85 7.42 8.19
N ILE A 10 11.90 8.28 8.58
CA ILE A 10 11.12 9.06 7.63
C ILE A 10 10.57 10.31 8.31
N ASP A 11 9.71 10.10 9.31
CA ASP A 11 9.06 11.17 10.07
C ASP A 11 8.43 10.47 11.29
N GLU A 12 7.75 11.25 12.15
CA GLU A 12 7.13 10.73 13.35
C GLU A 12 5.73 11.31 13.56
N THR A 13 5.30 12.19 12.66
CA THR A 13 4.02 12.88 12.76
C THR A 13 3.40 13.21 11.40
N ALA A 14 3.78 12.46 10.35
CA ALA A 14 3.32 12.67 9.00
C ALA A 14 1.81 12.47 8.89
N PHE A 15 1.15 13.32 8.08
CA PHE A 15 -0.29 13.27 7.91
C PHE A 15 -0.65 14.16 6.72
N VAL A 16 -1.92 14.13 6.32
CA VAL A 16 -2.45 14.94 5.22
C VAL A 16 -3.89 15.30 5.58
N GLN A 17 -4.36 16.44 5.03
CA GLN A 17 -5.71 16.92 5.22
C GLN A 17 -6.22 17.56 3.92
N ALA A 18 -7.53 17.42 3.68
CA ALA A 18 -8.18 17.93 2.48
C ALA A 18 -8.46 19.43 2.62
N GLU A 19 -8.81 20.07 1.49
CA GLU A 19 -9.17 21.47 1.49
C GLU A 19 -10.58 21.66 2.02
N GLN A 20 -10.96 22.90 2.32
CA GLN A 20 -12.27 23.21 2.87
C GLN A 20 -13.36 23.03 1.81
N GLY A 21 -12.98 22.91 0.54
CA GLY A 21 -13.90 22.69 -0.56
C GLY A 21 -14.11 21.20 -0.84
N LYS A 22 -13.57 20.31 0.01
CA LYS A 22 -13.63 18.87 -0.21
C LYS A 22 -14.16 18.13 1.01
N THR A 23 -14.55 16.88 0.79
CA THR A 23 -15.05 15.98 1.83
C THR A 23 -14.24 14.69 2.01
N ASN A 24 -13.19 14.57 1.21
CA ASN A 24 -12.26 13.46 1.23
C ASN A 24 -10.93 13.87 0.61
N LEU A 25 -9.88 13.08 0.82
CA LEU A 25 -8.56 13.35 0.25
C LEU A 25 -8.52 13.00 -1.23
N MET A 26 -9.63 12.50 -1.80
CA MET A 26 -9.70 12.18 -3.22
C MET A 26 -9.53 13.45 -4.05
N PHE A 27 -8.92 13.32 -5.24
CA PHE A 27 -8.65 14.42 -6.13
C PHE A 27 -9.80 14.91 -7.00
N SER A 28 -9.68 16.12 -7.55
CA SER A 28 -10.69 16.75 -8.39
C SER A 28 -10.81 16.05 -9.75
N ASP A 29 -10.01 15.00 -9.99
CA ASP A 29 -10.04 14.25 -11.23
C ASP A 29 -9.80 12.76 -11.01
N GLU A 30 -10.72 11.90 -11.44
CA GLU A 30 -10.63 10.47 -11.20
C GLU A 30 -9.52 9.81 -12.03
N LYS A 31 -9.14 10.42 -13.16
CA LYS A 31 -8.07 9.88 -13.99
C LYS A 31 -6.72 10.07 -13.32
N GLN A 32 -6.60 11.02 -12.39
CA GLN A 32 -5.35 11.27 -11.69
C GLN A 32 -5.16 10.30 -10.53
N GLN A 33 -6.24 9.65 -10.07
CA GLN A 33 -6.14 8.67 -8.99
C GLN A 33 -5.25 7.49 -9.40
N ALA A 34 -5.00 7.31 -10.70
CA ALA A 34 -4.14 6.25 -11.18
C ALA A 34 -2.73 6.40 -10.63
N ARG A 35 -2.20 7.63 -10.66
CA ARG A 35 -0.86 7.91 -10.15
C ARG A 35 -0.82 7.72 -8.64
N PHE A 36 -1.95 7.91 -7.95
CA PHE A 36 -2.02 7.71 -6.52
C PHE A 36 -2.13 6.26 -6.08
N GLU A 37 -2.89 5.44 -6.81
CA GLU A 37 -3.05 4.04 -6.48
C GLU A 37 -1.78 3.26 -6.81
N LEU A 38 -1.05 3.65 -7.85
CA LEU A 38 0.19 3.00 -8.20
C LEU A 38 1.25 3.29 -7.14
N GLY A 39 1.18 4.48 -6.53
CA GLY A 39 2.12 4.89 -5.52
C GLY A 39 2.10 3.94 -4.33
N VAL A 40 0.97 3.82 -3.65
CA VAL A 40 0.87 3.00 -2.44
C VAL A 40 0.96 1.53 -2.82
N SER A 41 0.53 1.14 -4.03
CA SER A 41 0.67 -0.23 -4.47
C SER A 41 2.14 -0.66 -4.46
N MET A 42 3.06 0.30 -4.58
CA MET A 42 4.49 0.02 -4.55
C MET A 42 5.06 0.05 -3.14
N VAL A 43 4.56 0.92 -2.26
CA VAL A 43 5.11 1.00 -0.91
C VAL A 43 4.72 -0.19 -0.03
N ILE A 44 3.54 -0.75 -0.25
CA ILE A 44 3.11 -1.94 0.49
C ILE A 44 3.98 -3.14 0.09
N TYR A 45 4.54 -3.11 -1.13
CA TYR A 45 5.49 -4.11 -1.57
C TYR A 45 6.88 -4.05 -0.93
N LYS A 46 7.19 -2.92 -0.26
CA LYS A 46 8.46 -2.77 0.44
C LYS A 46 8.36 -3.22 1.90
N TRP A 47 7.16 -3.61 2.34
CA TRP A 47 6.95 -4.05 3.72
C TRP A 47 7.36 -5.52 3.83
N ASP A 48 8.29 -5.83 4.73
CA ASP A 48 8.82 -7.18 4.86
C ASP A 48 7.97 -8.15 5.67
N ALA A 49 7.16 -7.63 6.61
CA ALA A 49 6.37 -8.46 7.48
C ALA A 49 5.20 -9.09 6.74
N LEU A 50 4.68 -8.40 5.72
CA LEU A 50 3.60 -8.93 4.88
C LEU A 50 4.21 -9.83 3.82
N ASP A 51 5.34 -9.42 3.22
CA ASP A 51 5.97 -10.19 2.17
C ASP A 51 6.39 -11.58 2.64
N VAL A 52 6.96 -11.66 3.85
CA VAL A 52 7.40 -12.93 4.42
C VAL A 52 6.23 -13.84 4.78
N ALA A 53 5.05 -13.26 5.03
CA ALA A 53 3.88 -14.02 5.40
C ALA A 53 3.25 -14.69 4.17
N VAL A 54 3.44 -14.11 2.97
CA VAL A 54 2.97 -14.70 1.73
C VAL A 54 3.98 -15.72 1.20
N GLU A 55 5.27 -15.50 1.50
CA GLU A 55 6.32 -16.44 1.12
C GLU A 55 6.29 -17.71 1.95
N ASN A 56 5.57 -17.69 3.08
CA ASN A 56 5.45 -18.84 3.95
C ASN A 56 3.99 -19.23 4.20
N SER A 57 3.04 -18.57 3.51
CA SER A 57 1.62 -18.89 3.60
C SER A 57 1.13 -18.95 5.05
N TRP A 58 1.56 -17.99 5.87
CA TRP A 58 1.07 -17.88 7.24
C TRP A 58 -0.42 -17.53 7.26
N GLY A 59 -0.94 -17.10 6.12
CA GLY A 59 -2.35 -16.79 5.93
C GLY A 59 -3.08 -17.95 5.28
N GLY A 60 -4.08 -17.64 4.46
CA GLY A 60 -4.86 -18.62 3.72
C GLY A 60 -4.31 -18.81 2.32
N PRO A 61 -4.97 -19.65 1.49
CA PRO A 61 -4.58 -19.87 0.12
C PRO A 61 -4.82 -18.62 -0.73
N ASP A 62 -5.57 -17.66 -0.19
CA ASP A 62 -5.84 -16.37 -0.83
C ASP A 62 -4.84 -15.28 -0.46
N SER A 63 -3.80 -15.64 0.31
CA SER A 63 -2.79 -14.71 0.79
C SER A 63 -2.06 -14.00 -0.34
N ALA A 64 -2.09 -14.55 -1.55
CA ALA A 64 -1.46 -13.91 -2.71
C ALA A 64 -2.28 -12.70 -3.16
N GLU A 65 -3.58 -12.66 -2.85
CA GLU A 65 -4.42 -11.51 -3.15
C GLU A 65 -4.47 -10.56 -1.95
N LYS A 66 -4.12 -11.02 -0.75
CA LYS A 66 -4.07 -10.18 0.42
C LYS A 66 -2.99 -9.12 0.28
N ARG A 67 -1.93 -9.40 -0.49
CA ARG A 67 -0.84 -8.46 -0.70
C ARG A 67 -1.32 -7.26 -1.52
N ASP A 68 -2.21 -7.50 -2.49
CA ASP A 68 -2.79 -6.43 -3.29
C ASP A 68 -3.97 -5.78 -2.58
N TRP A 69 -4.62 -6.51 -1.67
CA TRP A 69 -5.78 -6.02 -0.94
C TRP A 69 -5.38 -5.05 0.17
N ILE A 70 -4.17 -5.20 0.72
CA ILE A 70 -3.71 -4.37 1.81
C ILE A 70 -3.48 -2.92 1.37
N THR A 71 -3.17 -2.68 0.09
CA THR A 71 -3.04 -1.31 -0.39
C THR A 71 -4.46 -0.83 -0.73
N GLY A 72 -5.33 -1.74 -1.18
CA GLY A 72 -6.68 -1.37 -1.57
C GLY A 72 -7.49 -0.83 -0.40
N ILE A 73 -7.28 -1.37 0.80
CA ILE A 73 -8.00 -0.90 1.98
C ILE A 73 -7.41 0.41 2.50
N VAL A 74 -6.12 0.66 2.22
CA VAL A 74 -5.47 1.90 2.66
C VAL A 74 -5.85 3.00 1.70
N VAL A 75 -6.05 2.67 0.42
CA VAL A 75 -6.42 3.66 -0.59
C VAL A 75 -7.82 4.15 -0.24
N ASP A 76 -8.68 3.26 0.24
CA ASP A 76 -10.05 3.61 0.60
C ASP A 76 -10.19 4.59 1.76
N LEU A 77 -9.08 4.85 2.48
CA LEU A 77 -9.09 5.82 3.56
C LEU A 77 -9.13 7.22 2.97
N PHE A 78 -8.31 7.47 1.94
CA PHE A 78 -8.24 8.74 1.26
C PHE A 78 -9.50 9.04 0.46
N LYS A 79 -10.27 8.00 0.09
CA LYS A 79 -11.49 8.16 -0.70
C LYS A 79 -12.72 8.40 0.18
N ASN A 80 -12.60 8.23 1.50
CA ASN A 80 -13.74 8.32 2.41
C ASN A 80 -13.48 9.19 3.63
N GLU A 81 -12.24 9.64 3.83
CA GLU A 81 -11.90 10.57 4.90
C GLU A 81 -11.20 11.80 4.33
N LYS A 82 -11.50 12.97 4.90
CA LYS A 82 -10.89 14.23 4.50
C LYS A 82 -9.54 14.46 5.16
N VAL A 83 -9.08 13.53 6.00
CA VAL A 83 -7.80 13.66 6.66
C VAL A 83 -7.41 12.26 7.11
N VAL A 84 -6.11 11.97 7.02
CA VAL A 84 -5.54 10.67 7.34
C VAL A 84 -4.12 10.95 7.85
N ASP A 85 -3.64 10.12 8.78
CA ASP A 85 -2.29 10.24 9.30
C ASP A 85 -1.54 8.92 9.32
N ALA A 86 -0.21 8.98 9.48
CA ALA A 86 0.62 7.80 9.46
C ALA A 86 0.24 6.81 10.57
N ALA A 87 -0.36 7.32 11.66
CA ALA A 87 -0.79 6.47 12.75
C ALA A 87 -2.06 5.69 12.41
N LEU A 88 -2.90 6.25 11.51
CA LEU A 88 -4.15 5.63 11.12
C LEU A 88 -3.88 4.51 10.12
N ILE A 89 -3.05 4.78 9.11
CA ILE A 89 -2.71 3.79 8.09
C ILE A 89 -1.99 2.61 8.72
N GLU A 90 -1.15 2.87 9.72
CA GLU A 90 -0.37 1.82 10.36
C GLU A 90 -1.28 0.80 11.06
N GLU A 91 -2.39 1.27 11.65
CA GLU A 91 -3.33 0.38 12.30
C GLU A 91 -4.07 -0.46 11.27
N THR A 92 -4.25 0.07 10.06
CA THR A 92 -4.85 -0.67 8.97
C THR A 92 -3.99 -1.81 8.42
N LEU A 93 -2.68 -1.72 8.65
CA LEU A 93 -1.72 -2.76 8.28
C LEU A 93 -1.54 -3.74 9.43
N LEU A 94 -1.44 -3.26 10.68
CA LEU A 94 -1.22 -4.14 11.81
C LEU A 94 -2.43 -5.04 12.01
N TYR A 95 -3.64 -4.50 11.90
CA TYR A 95 -4.84 -5.32 12.02
C TYR A 95 -5.09 -6.27 10.86
N ALA A 96 -4.52 -5.98 9.68
CA ALA A 96 -4.62 -6.85 8.53
C ALA A 96 -3.72 -8.08 8.69
N MET A 97 -2.64 -7.97 9.47
CA MET A 97 -1.73 -9.07 9.71
C MET A 97 -2.22 -9.97 10.85
N ILE A 98 -2.86 -9.37 11.84
CA ILE A 98 -3.32 -10.12 13.02
C ILE A 98 -4.65 -10.83 12.72
N ASP A 99 -5.43 -10.32 11.77
CA ASP A 99 -6.72 -10.89 11.43
C ASP A 99 -6.72 -11.86 10.24
N GLU A 100 -5.64 -11.87 9.44
CA GLU A 100 -5.60 -12.69 8.23
C GLU A 100 -4.24 -13.38 8.05
N PHE A 101 -3.31 -13.15 8.98
CA PHE A 101 -1.99 -13.78 8.96
C PHE A 101 -1.54 -14.36 10.30
N GLU A 102 -2.36 -14.21 11.34
CA GLU A 102 -2.05 -14.66 12.69
C GLU A 102 -0.68 -14.14 13.15
N THR A 103 -0.28 -12.97 12.63
CA THR A 103 1.04 -12.40 12.87
C THR A 103 0.89 -10.99 13.40
N ASN A 104 1.62 -10.70 14.49
CA ASN A 104 1.69 -9.37 15.04
C ASN A 104 2.90 -8.63 14.49
N VAL A 105 2.76 -7.31 14.29
CA VAL A 105 3.83 -6.46 13.80
C VAL A 105 4.17 -5.35 14.79
N GLU A 106 4.58 -5.76 15.99
CA GLU A 106 4.86 -4.85 17.10
C GLU A 106 6.23 -4.16 16.93
N ASP A 107 7.00 -4.56 15.92
CA ASP A 107 8.31 -4.00 15.67
C ASP A 107 8.29 -2.67 14.92
N ASP A 108 7.12 -2.05 14.78
CA ASP A 108 6.93 -0.80 14.06
C ASP A 108 7.33 -0.85 12.58
N SER A 109 7.42 -2.04 12.02
CA SER A 109 7.83 -2.21 10.62
C SER A 109 6.82 -1.57 9.66
N ALA A 110 5.59 -1.35 10.12
CA ALA A 110 4.54 -0.74 9.31
C ALA A 110 4.53 0.78 9.43
N LEU A 111 5.28 1.35 10.38
CA LEU A 111 5.33 2.79 10.57
C LEU A 111 5.87 3.50 9.33
N PRO A 112 7.06 3.15 8.82
CA PRO A 112 7.62 3.81 7.66
C PRO A 112 6.80 3.51 6.41
N ILE A 113 6.06 2.40 6.41
CA ILE A 113 5.21 2.04 5.28
C ILE A 113 3.97 2.95 5.25
N ALA A 114 3.51 3.39 6.41
CA ALA A 114 2.38 4.30 6.49
C ALA A 114 2.79 5.69 6.01
N VAL A 115 3.98 6.16 6.43
CA VAL A 115 4.44 7.49 6.04
C VAL A 115 4.71 7.55 4.54
N GLU A 116 5.08 6.42 3.94
CA GLU A 116 5.28 6.34 2.50
C GLU A 116 3.99 6.65 1.74
N VAL A 117 2.84 6.18 2.25
CA VAL A 117 1.55 6.40 1.58
C VAL A 117 1.10 7.84 1.72
N ILE A 118 1.49 8.50 2.82
CA ILE A 118 1.11 9.89 3.08
C ILE A 118 1.83 10.78 2.07
N ASN A 119 3.03 10.38 1.65
CA ASN A 119 3.82 11.14 0.69
C ASN A 119 3.29 10.97 -0.73
N ILE A 120 2.49 9.92 -0.99
CA ILE A 120 1.90 9.72 -2.31
C ILE A 120 0.87 10.82 -2.57
N TYR A 121 0.19 11.27 -1.51
CA TYR A 121 -0.76 12.36 -1.61
C TYR A 121 -0.10 13.73 -1.80
N ASN A 122 1.03 13.95 -1.13
CA ASN A 122 1.74 15.21 -1.20
C ASN A 122 2.32 15.43 -2.60
N ASP A 123 2.75 14.34 -3.26
CA ASP A 123 3.23 14.41 -4.63
C ASP A 123 2.10 14.50 -5.65
N CYS A 124 1.02 13.75 -5.43
CA CYS A 124 -0.12 13.75 -6.34
C CYS A 124 -0.83 15.11 -6.27
N PHE A 125 -0.63 15.86 -5.18
CA PHE A 125 -1.23 17.18 -5.02
C PHE A 125 -0.74 18.25 -6.01
N ASN A 126 0.34 17.93 -6.74
CA ASN A 126 0.88 18.77 -7.78
C ASN A 126 1.26 17.94 -9.00
N LEU A 127 0.53 16.83 -9.20
CA LEU A 127 0.69 15.92 -10.33
C LEU A 127 2.09 15.30 -10.47
N ASN A 128 2.88 15.27 -9.40
CA ASN A 128 4.18 14.63 -9.41
C ASN A 128 4.03 13.12 -9.23
N TYR A 129 4.90 12.34 -9.88
CA TYR A 129 4.91 10.89 -9.77
C TYR A 129 6.29 10.23 -9.90
N ASN A 130 7.36 11.00 -9.70
CA ASN A 130 8.71 10.53 -9.92
C ASN A 130 9.07 9.33 -9.03
N LYS A 131 8.59 9.30 -7.78
CA LYS A 131 8.86 8.18 -6.90
C LYS A 131 7.95 7.00 -7.23
N VAL A 132 6.76 7.28 -7.75
CA VAL A 132 5.78 6.26 -8.08
C VAL A 132 6.25 5.44 -9.27
N GLU A 133 6.88 6.09 -10.27
CA GLU A 133 7.38 5.37 -11.43
C GLU A 133 8.67 4.63 -11.09
N LYS A 134 9.50 5.21 -10.22
CA LYS A 134 10.77 4.61 -9.85
C LYS A 134 10.57 3.30 -9.10
N LEU A 135 9.70 3.30 -8.08
CA LEU A 135 9.44 2.09 -7.31
C LEU A 135 8.85 1.01 -8.20
N TYR A 136 8.13 1.39 -9.26
CA TYR A 136 7.59 0.43 -10.20
C TYR A 136 8.62 -0.22 -11.13
N LEU A 137 9.73 0.48 -11.35
CA LEU A 137 10.84 -0.02 -12.15
C LEU A 137 11.76 -0.87 -11.28
N GLU A 138 11.87 -0.53 -9.99
CA GLU A 138 12.67 -1.31 -9.04
C GLU A 138 11.93 -2.59 -8.62
N TRP A 139 10.60 -2.57 -8.68
CA TRP A 139 9.78 -3.71 -8.32
C TRP A 139 9.94 -4.92 -9.25
N GLN A 140 10.41 -4.68 -10.48
CA GLN A 140 10.55 -5.74 -11.46
C GLN A 140 11.79 -6.61 -11.23
N GLU A 141 12.64 -6.26 -10.24
CA GLU A 141 13.89 -6.99 -10.04
C GLU A 141 13.67 -8.36 -9.41
N LYS A 142 12.52 -8.59 -8.77
CA LYS A 142 12.24 -9.87 -8.13
C LYS A 142 11.07 -10.59 -8.81
N GLN A 143 10.32 -9.92 -9.67
CA GLN A 143 9.25 -10.57 -10.42
C GLN A 143 9.83 -11.43 -11.55
N ARG A 144 11.12 -11.23 -11.85
CA ARG A 144 11.84 -12.02 -12.84
C ARG A 144 12.46 -13.28 -12.23
N THR A 145 12.10 -13.62 -11.00
CA THR A 145 12.67 -14.77 -10.31
C THR A 145 11.64 -15.41 -9.38
N LYS A 146 10.68 -14.62 -8.85
CA LYS A 146 9.62 -15.16 -8.01
C LYS A 146 8.48 -15.75 -8.85
N LYS A 147 8.55 -15.62 -10.18
CA LYS A 147 7.52 -16.13 -11.09
C LYS A 147 7.48 -17.66 -11.03
N SER A 148 6.28 -18.23 -11.11
CA SER A 148 6.07 -19.67 -11.02
C SER A 148 4.93 -20.13 -11.93
N LYS A 149 4.49 -19.27 -12.85
CA LYS A 149 3.40 -19.60 -13.78
C LYS A 149 3.80 -20.72 -14.73
N ARG A 150 2.82 -21.52 -15.14
CA ARG A 150 3.01 -22.62 -16.08
C ARG A 150 1.68 -22.99 -16.72
N VAL A 151 1.68 -23.19 -18.05
CA VAL A 151 0.49 -23.59 -18.78
C VAL A 151 0.29 -25.09 -18.64
N VAL A 152 -0.76 -25.49 -17.91
CA VAL A 152 -1.07 -26.90 -17.67
C VAL A 152 -1.75 -27.61 -18.84
N HIS A 153 -2.09 -26.84 -19.89
CA HIS A 153 -2.78 -27.35 -21.08
C HIS A 153 -4.07 -28.11 -20.73
N ILE A 154 -4.67 -27.78 -19.58
CA ILE A 154 -5.89 -28.41 -19.11
C ILE A 154 -7.07 -28.00 -20.00
N GLU A 155 -8.06 -28.89 -20.12
CA GLU A 155 -9.25 -28.64 -20.93
C GLU A 155 -10.48 -29.36 -20.36
N GLY A 156 -10.37 -29.84 -19.12
CA GLY A 156 -11.45 -30.56 -18.46
C GLY A 156 -11.04 -30.97 -17.04
N SER B 1 -20.69 2.61 21.34
CA SER B 1 -20.18 1.99 22.57
C SER B 1 -18.67 1.83 22.51
N GLY B 2 -18.18 0.96 21.62
CA GLY B 2 -16.75 0.72 21.45
C GLY B 2 -16.05 1.89 20.77
N SER B 3 -14.72 1.88 20.77
CA SER B 3 -13.92 2.93 20.16
C SER B 3 -14.03 2.87 18.63
N GLN B 4 -13.72 3.98 17.95
CA GLN B 4 -13.78 4.04 16.51
C GLN B 4 -12.74 3.12 15.88
N HIS B 5 -13.07 2.51 14.75
CA HIS B 5 -12.18 1.61 14.03
C HIS B 5 -12.62 1.48 12.57
N MET B 6 -11.77 0.88 11.74
CA MET B 6 -12.00 0.73 10.33
C MET B 6 -11.56 -0.65 9.82
N ARG B 7 -11.05 -1.49 10.73
CA ARG B 7 -10.49 -2.80 10.42
C ARG B 7 -11.37 -3.62 9.48
N PRO B 8 -10.94 -3.82 8.23
CA PRO B 8 -11.58 -4.74 7.30
C PRO B 8 -11.12 -6.16 7.61
N ARG B 9 -11.59 -7.11 6.79
CA ARG B 9 -11.25 -8.52 6.93
C ARG B 9 -10.59 -9.05 5.66
N PHE B 10 -11.38 -9.28 4.61
CA PHE B 10 -10.85 -9.69 3.33
C PHE B 10 -11.72 -9.32 2.13
N ASN B 11 -11.08 -8.95 1.02
CA ASN B 11 -11.78 -8.61 -0.20
C ASN B 11 -10.79 -8.70 -1.35
N ARG B 12 -11.29 -8.65 -2.58
CA ARG B 12 -10.46 -8.71 -3.78
C ARG B 12 -11.01 -7.81 -4.88
N GLU B 13 -11.89 -6.86 -4.52
CA GLU B 13 -12.46 -5.92 -5.47
C GLU B 13 -11.82 -4.55 -5.36
N ASN B 14 -11.33 -4.19 -4.16
CA ASN B 14 -10.70 -2.90 -3.92
C ASN B 14 -9.17 -3.02 -4.03
N LYS B 15 -8.67 -4.26 -4.09
CA LYS B 15 -7.23 -4.53 -4.15
C LYS B 15 -6.58 -3.79 -5.31
N VAL B 16 -5.31 -3.46 -5.14
CA VAL B 16 -4.52 -2.79 -6.16
C VAL B 16 -3.28 -3.61 -6.53
N SER B 17 -3.22 -4.06 -7.78
CA SER B 17 -2.08 -4.83 -8.26
C SER B 17 -1.00 -3.90 -8.78
N PRO B 18 0.26 -4.32 -8.75
CA PRO B 18 1.41 -3.48 -9.10
C PRO B 18 1.39 -3.05 -10.57
N ALA B 19 0.66 -3.76 -11.44
CA ALA B 19 0.57 -3.41 -12.85
C ALA B 19 -0.81 -2.85 -13.18
N ASP B 20 -1.85 -3.28 -12.46
CA ASP B 20 -3.21 -2.83 -12.71
C ASP B 20 -3.30 -1.31 -12.48
N ALA B 21 -2.39 -0.76 -11.69
CA ALA B 21 -2.35 0.67 -11.42
C ALA B 21 -1.30 1.36 -12.29
N ALA B 22 -0.43 0.58 -12.95
CA ALA B 22 0.63 1.13 -13.77
C ALA B 22 0.17 1.28 -15.21
N LYS B 23 -0.61 0.32 -15.71
CA LYS B 23 -1.12 0.36 -17.06
C LYS B 23 -2.05 1.56 -17.27
N LYS B 24 -2.46 2.22 -16.19
CA LYS B 24 -3.29 3.41 -16.23
C LYS B 24 -2.54 4.67 -15.81
N ALA B 25 -1.51 4.53 -14.97
CA ALA B 25 -0.78 5.69 -14.45
C ALA B 25 0.45 6.04 -15.27
N LEU B 26 1.18 5.03 -15.76
CA LEU B 26 2.38 5.24 -16.57
C LEU B 26 2.05 6.00 -17.85
N SER A 1 26.08 3.57 -1.95
CA SER A 1 24.78 2.95 -1.66
C SER A 1 23.82 3.15 -2.83
N GLY A 2 22.76 2.34 -2.90
CA GLY A 2 21.78 2.41 -3.97
C GLY A 2 20.89 3.64 -3.84
N SER A 3 20.11 3.92 -4.88
CA SER A 3 19.19 5.06 -4.91
C SER A 3 17.92 4.79 -4.11
N HIS A 4 17.79 3.59 -3.53
CA HIS A 4 16.64 3.22 -2.72
C HIS A 4 16.59 4.03 -1.42
N MET A 5 15.43 4.03 -0.75
CA MET A 5 15.22 4.78 0.47
C MET A 5 16.12 4.27 1.60
N SER A 6 16.46 5.16 2.53
CA SER A 6 17.33 4.84 3.66
C SER A 6 16.60 4.03 4.72
N THR A 7 17.36 3.32 5.55
CA THR A 7 16.84 2.52 6.65
C THR A 7 16.31 3.35 7.82
N GLN A 8 16.82 4.58 7.97
CA GLN A 8 16.42 5.45 9.06
C GLN A 8 14.94 5.81 8.92
N TYR A 9 14.24 5.88 10.06
CA TYR A 9 12.82 6.21 10.08
C TYR A 9 12.48 7.58 9.48
N ILE A 10 11.36 7.64 8.77
CA ILE A 10 11.00 8.81 7.97
C ILE A 10 10.49 9.99 8.79
N ASP A 11 9.60 9.73 9.76
CA ASP A 11 8.95 10.77 10.55
C ASP A 11 8.24 10.04 11.69
N GLU A 12 7.51 10.78 12.54
CA GLU A 12 6.77 10.21 13.66
C GLU A 12 5.41 10.88 13.84
N THR A 13 5.08 11.83 12.95
CA THR A 13 3.85 12.60 13.05
C THR A 13 3.31 13.06 11.70
N ALA A 14 3.67 12.32 10.64
CA ALA A 14 3.25 12.62 9.27
C ALA A 14 1.74 12.43 9.09
N PHE A 15 1.12 13.27 8.25
CA PHE A 15 -0.31 13.18 7.98
C PHE A 15 -0.62 14.09 6.79
N VAL A 16 -1.89 14.05 6.34
CA VAL A 16 -2.38 14.87 5.23
C VAL A 16 -3.83 15.24 5.52
N GLN A 17 -4.27 16.33 4.89
CA GLN A 17 -5.65 16.82 5.00
C GLN A 17 -6.10 17.39 3.65
N ALA A 18 -7.39 17.26 3.37
CA ALA A 18 -7.99 17.77 2.15
C ALA A 18 -8.21 19.28 2.24
N GLU A 19 -8.51 19.92 1.11
CA GLU A 19 -8.81 21.34 1.07
C GLU A 19 -10.21 21.61 1.62
N GLN A 20 -10.50 22.88 1.90
CA GLN A 20 -11.78 23.28 2.48
C GLN A 20 -12.90 23.14 1.45
N GLY A 21 -12.55 22.98 0.17
CA GLY A 21 -13.50 22.79 -0.91
C GLY A 21 -13.77 21.31 -1.17
N LYS A 22 -13.22 20.42 -0.33
CA LYS A 22 -13.35 18.98 -0.52
C LYS A 22 -13.82 18.28 0.76
N THR A 23 -14.27 17.04 0.60
CA THR A 23 -14.73 16.17 1.69
C THR A 23 -13.99 14.84 1.81
N ASN A 24 -12.94 14.70 1.01
CA ASN A 24 -12.10 13.51 0.96
C ASN A 24 -10.76 13.83 0.31
N LEU A 25 -9.74 13.02 0.59
CA LEU A 25 -8.40 13.21 0.03
C LEU A 25 -8.33 12.76 -1.44
N MET A 26 -9.43 12.23 -1.98
CA MET A 26 -9.48 11.79 -3.37
C MET A 26 -9.32 12.97 -4.33
N PHE A 27 -8.73 12.71 -5.50
CA PHE A 27 -8.55 13.71 -6.54
C PHE A 27 -9.74 13.99 -7.45
N SER A 28 -9.79 15.19 -8.02
CA SER A 28 -10.90 15.61 -8.88
C SER A 28 -10.88 14.91 -10.23
N ASP A 29 -9.73 14.37 -10.64
CA ASP A 29 -9.56 13.67 -11.91
C ASP A 29 -9.19 12.20 -11.76
N GLU A 30 -9.78 11.33 -12.58
CA GLU A 30 -9.53 9.90 -12.51
C GLU A 30 -8.12 9.58 -13.01
N LYS A 31 -7.55 10.45 -13.86
CA LYS A 31 -6.20 10.28 -14.38
C LYS A 31 -5.16 10.62 -13.32
N GLN A 32 -5.52 11.47 -12.34
CA GLN A 32 -4.61 11.84 -11.27
C GLN A 32 -4.81 10.92 -10.07
N GLN A 33 -6.03 10.38 -9.90
CA GLN A 33 -6.31 9.40 -8.86
C GLN A 33 -5.57 8.09 -9.17
N ALA A 34 -5.36 7.80 -10.45
CA ALA A 34 -4.61 6.64 -10.89
C ALA A 34 -3.16 6.71 -10.40
N ARG A 35 -2.54 7.89 -10.56
CA ARG A 35 -1.15 8.09 -10.14
C ARG A 35 -1.04 8.02 -8.62
N PHE A 36 -2.14 8.26 -7.91
CA PHE A 36 -2.15 8.12 -6.47
C PHE A 36 -2.28 6.68 -5.98
N GLU A 37 -3.05 5.85 -6.70
CA GLU A 37 -3.22 4.46 -6.33
C GLU A 37 -1.98 3.62 -6.67
N LEU A 38 -1.26 4.00 -7.72
CA LEU A 38 -0.03 3.31 -8.10
C LEU A 38 1.05 3.55 -7.05
N GLY A 39 1.01 4.72 -6.40
CA GLY A 39 1.99 5.07 -5.38
C GLY A 39 1.84 4.22 -4.12
N VAL A 40 0.61 3.86 -3.73
CA VAL A 40 0.40 3.02 -2.57
C VAL A 40 0.74 1.55 -2.85
N SER A 41 0.40 1.09 -4.06
CA SER A 41 0.68 -0.28 -4.46
C SER A 41 2.17 -0.56 -4.46
N MET A 42 3.00 0.47 -4.65
CA MET A 42 4.45 0.33 -4.74
C MET A 42 5.16 0.35 -3.40
N VAL A 43 4.52 0.83 -2.32
CA VAL A 43 5.14 0.88 -1.01
C VAL A 43 4.64 -0.22 -0.08
N ILE A 44 3.43 -0.72 -0.31
CA ILE A 44 2.83 -1.70 0.58
C ILE A 44 3.45 -3.08 0.43
N TYR A 45 4.00 -3.42 -0.73
CA TYR A 45 4.55 -4.76 -0.92
C TYR A 45 5.96 -4.74 -0.32
N LYS A 46 6.57 -3.56 -0.14
CA LYS A 46 7.92 -3.45 0.42
C LYS A 46 7.93 -3.66 1.93
N TRP A 47 6.76 -3.87 2.55
CA TRP A 47 6.66 -4.13 3.98
C TRP A 47 7.18 -5.53 4.26
N ASP A 48 8.15 -5.65 5.18
CA ASP A 48 8.79 -6.92 5.46
C ASP A 48 7.91 -7.98 6.13
N ALA A 49 6.96 -7.56 6.98
CA ALA A 49 6.13 -8.52 7.69
C ALA A 49 5.10 -9.14 6.75
N LEU A 50 4.62 -8.37 5.76
CA LEU A 50 3.68 -8.87 4.78
C LEU A 50 4.43 -9.74 3.77
N ASP A 51 5.64 -9.34 3.39
CA ASP A 51 6.41 -10.09 2.41
C ASP A 51 6.69 -11.53 2.88
N VAL A 52 7.11 -11.67 4.14
CA VAL A 52 7.42 -12.96 4.72
C VAL A 52 6.15 -13.79 4.89
N ALA A 53 5.00 -13.14 5.08
CA ALA A 53 3.76 -13.86 5.32
C ALA A 53 3.23 -14.54 4.05
N VAL A 54 3.56 -14.01 2.86
CA VAL A 54 3.18 -14.62 1.60
C VAL A 54 4.23 -15.65 1.16
N GLU A 55 5.50 -15.44 1.55
CA GLU A 55 6.57 -16.38 1.27
C GLU A 55 6.43 -17.65 2.09
N ASN A 56 5.61 -17.62 3.14
CA ASN A 56 5.36 -18.78 3.98
C ASN A 56 3.86 -19.12 4.06
N SER A 57 3.03 -18.42 3.27
CA SER A 57 1.60 -18.68 3.16
C SER A 57 0.88 -18.66 4.51
N TRP A 58 1.33 -17.83 5.44
CA TRP A 58 0.70 -17.73 6.76
C TRP A 58 -0.74 -17.25 6.68
N GLY A 59 -1.11 -16.64 5.54
CA GLY A 59 -2.46 -16.12 5.31
C GLY A 59 -3.32 -17.09 4.50
N GLY A 60 -2.85 -18.32 4.27
CA GLY A 60 -3.57 -19.30 3.48
C GLY A 60 -3.25 -19.14 1.98
N PRO A 61 -3.89 -19.93 1.14
CA PRO A 61 -3.67 -19.95 -0.31
C PRO A 61 -4.09 -18.63 -0.96
N ASP A 62 -4.92 -17.83 -0.28
CA ASP A 62 -5.34 -16.52 -0.78
C ASP A 62 -4.45 -15.37 -0.35
N SER A 63 -3.34 -15.68 0.33
CA SER A 63 -2.38 -14.67 0.77
C SER A 63 -1.74 -13.96 -0.43
N ALA A 64 -1.79 -14.59 -1.61
CA ALA A 64 -1.25 -14.01 -2.82
C ALA A 64 -2.12 -12.85 -3.29
N GLU A 65 -3.35 -12.73 -2.79
CA GLU A 65 -4.20 -11.59 -3.08
C GLU A 65 -4.10 -10.57 -1.95
N LYS A 66 -3.71 -11.00 -0.75
CA LYS A 66 -3.58 -10.12 0.40
C LYS A 66 -2.44 -9.11 0.25
N ARG A 67 -1.41 -9.43 -0.54
CA ARG A 67 -0.32 -8.49 -0.78
C ARG A 67 -0.79 -7.29 -1.60
N ASP A 68 -1.91 -7.44 -2.31
CA ASP A 68 -2.51 -6.35 -3.08
C ASP A 68 -3.74 -5.77 -2.38
N TRP A 69 -4.33 -6.51 -1.44
CA TRP A 69 -5.52 -6.05 -0.73
C TRP A 69 -5.16 -5.08 0.39
N ILE A 70 -3.95 -5.19 0.95
CA ILE A 70 -3.49 -4.35 2.04
C ILE A 70 -3.30 -2.90 1.57
N THR A 71 -3.06 -2.67 0.27
CA THR A 71 -2.96 -1.31 -0.24
C THR A 71 -4.38 -0.86 -0.59
N GLY A 72 -5.27 -1.79 -0.94
CA GLY A 72 -6.63 -1.46 -1.31
C GLY A 72 -7.45 -0.97 -0.13
N ILE A 73 -7.17 -1.49 1.07
CA ILE A 73 -7.89 -1.06 2.27
C ILE A 73 -7.31 0.26 2.81
N VAL A 74 -6.03 0.53 2.55
CA VAL A 74 -5.39 1.75 3.03
C VAL A 74 -5.75 2.88 2.08
N VAL A 75 -5.77 2.60 0.77
CA VAL A 75 -6.08 3.65 -0.20
C VAL A 75 -7.52 4.11 -0.13
N ASP A 76 -8.41 3.25 0.36
CA ASP A 76 -9.82 3.60 0.55
C ASP A 76 -10.08 4.58 1.69
N LEU A 77 -9.09 4.81 2.56
CA LEU A 77 -9.23 5.78 3.64
C LEU A 77 -9.27 7.19 3.04
N PHE A 78 -8.43 7.42 2.03
CA PHE A 78 -8.35 8.69 1.32
C PHE A 78 -9.62 8.96 0.50
N LYS A 79 -10.40 7.91 0.20
CA LYS A 79 -11.60 8.03 -0.60
C LYS A 79 -12.84 8.28 0.25
N ASN A 80 -12.72 8.18 1.58
CA ASN A 80 -13.85 8.28 2.48
C ASN A 80 -13.59 9.23 3.66
N GLU A 81 -12.37 9.73 3.80
CA GLU A 81 -12.03 10.70 4.84
C GLU A 81 -11.22 11.84 4.24
N LYS A 82 -11.47 13.06 4.73
CA LYS A 82 -10.72 14.24 4.35
C LYS A 82 -9.42 14.35 5.13
N VAL A 83 -9.17 13.41 6.05
CA VAL A 83 -7.97 13.41 6.87
C VAL A 83 -7.49 11.98 7.09
N VAL A 84 -6.18 11.76 6.95
CA VAL A 84 -5.54 10.48 7.13
C VAL A 84 -4.14 10.79 7.68
N ASP A 85 -3.67 9.96 8.61
CA ASP A 85 -2.35 10.14 9.19
C ASP A 85 -1.57 8.82 9.26
N ALA A 86 -0.28 8.91 9.56
CA ALA A 86 0.59 7.75 9.59
C ALA A 86 0.08 6.71 10.60
N ALA A 87 -0.55 7.17 11.68
CA ALA A 87 -1.08 6.27 12.70
C ALA A 87 -2.35 5.56 12.21
N LEU A 88 -3.19 6.26 11.46
CA LEU A 88 -4.44 5.70 10.96
C LEU A 88 -4.15 4.65 9.88
N ILE A 89 -3.09 4.84 9.08
CA ILE A 89 -2.69 3.86 8.09
C ILE A 89 -1.99 2.68 8.76
N GLU A 90 -1.16 2.95 9.77
CA GLU A 90 -0.38 1.91 10.41
C GLU A 90 -1.29 0.91 11.12
N GLU A 91 -2.39 1.37 11.71
CA GLU A 91 -3.33 0.46 12.36
C GLU A 91 -4.06 -0.38 11.31
N THR A 92 -4.29 0.16 10.12
CA THR A 92 -4.89 -0.60 9.03
C THR A 92 -3.98 -1.71 8.52
N LEU A 93 -2.68 -1.60 8.74
CA LEU A 93 -1.70 -2.62 8.40
C LEU A 93 -1.58 -3.64 9.53
N LEU A 94 -1.46 -3.18 10.78
CA LEU A 94 -1.27 -4.08 11.91
C LEU A 94 -2.50 -4.95 12.09
N TYR A 95 -3.70 -4.39 11.98
CA TYR A 95 -4.91 -5.19 12.06
C TYR A 95 -5.13 -6.15 10.90
N ALA A 96 -4.58 -5.84 9.73
CA ALA A 96 -4.71 -6.68 8.55
C ALA A 96 -3.86 -7.94 8.70
N MET A 97 -2.79 -7.87 9.50
CA MET A 97 -1.92 -9.02 9.73
C MET A 97 -2.45 -9.91 10.85
N ILE A 98 -3.12 -9.31 11.84
CA ILE A 98 -3.64 -10.06 12.98
C ILE A 98 -4.99 -10.66 12.65
N ASP A 99 -5.73 -10.06 11.70
CA ASP A 99 -7.08 -10.50 11.37
C ASP A 99 -7.18 -11.65 10.37
N GLU A 100 -6.07 -12.04 9.73
CA GLU A 100 -6.08 -13.14 8.77
C GLU A 100 -4.71 -13.81 8.65
N PHE A 101 -3.63 -13.04 8.77
CA PHE A 101 -2.29 -13.60 8.79
C PHE A 101 -1.87 -14.26 10.11
N GLU A 102 -2.71 -14.12 11.15
CA GLU A 102 -2.43 -14.63 12.48
C GLU A 102 -1.06 -14.17 12.98
N THR A 103 -0.62 -12.98 12.52
CA THR A 103 0.72 -12.47 12.81
C THR A 103 0.60 -11.07 13.37
N ASN A 104 1.32 -10.80 14.47
CA ASN A 104 1.40 -9.49 15.06
C ASN A 104 2.60 -8.72 14.49
N VAL A 105 2.46 -7.41 14.36
CA VAL A 105 3.51 -6.53 13.85
C VAL A 105 3.75 -5.32 14.74
N GLU A 106 3.93 -5.60 16.02
CA GLU A 106 4.10 -4.59 17.06
C GLU A 106 5.51 -4.02 17.04
N ASP A 107 6.36 -4.51 16.14
CA ASP A 107 7.72 -4.02 15.96
C ASP A 107 7.81 -2.69 15.21
N ASP A 108 6.66 -2.06 14.97
CA ASP A 108 6.54 -0.80 14.26
C ASP A 108 7.15 -0.76 12.86
N SER A 109 7.33 -1.94 12.25
CA SER A 109 7.89 -2.02 10.91
C SER A 109 6.92 -1.46 9.88
N ALA A 110 5.65 -1.23 10.28
CA ALA A 110 4.63 -0.65 9.43
C ALA A 110 4.66 0.88 9.48
N LEU A 111 5.38 1.47 10.44
CA LEU A 111 5.49 2.91 10.58
C LEU A 111 6.05 3.57 9.31
N PRO A 112 7.22 3.13 8.81
CA PRO A 112 7.81 3.72 7.61
C PRO A 112 6.94 3.45 6.39
N ILE A 113 6.17 2.36 6.39
CA ILE A 113 5.32 2.04 5.26
C ILE A 113 4.08 2.94 5.25
N ALA A 114 3.59 3.35 6.42
CA ALA A 114 2.44 4.23 6.49
C ALA A 114 2.80 5.61 5.96
N VAL A 115 3.96 6.13 6.34
CA VAL A 115 4.37 7.47 5.92
C VAL A 115 4.75 7.48 4.44
N GLU A 116 5.22 6.36 3.90
CA GLU A 116 5.50 6.30 2.47
C GLU A 116 4.23 6.49 1.66
N VAL A 117 3.06 6.11 2.22
CA VAL A 117 1.77 6.29 1.56
C VAL A 117 1.31 7.73 1.70
N ILE A 118 1.64 8.37 2.83
CA ILE A 118 1.25 9.75 3.09
C ILE A 118 2.00 10.67 2.12
N ASN A 119 3.23 10.30 1.77
CA ASN A 119 4.06 11.07 0.86
C ASN A 119 3.54 10.97 -0.59
N ILE A 120 2.73 9.94 -0.90
CA ILE A 120 2.18 9.81 -2.23
C ILE A 120 1.17 10.92 -2.48
N TYR A 121 0.37 11.26 -1.45
CA TYR A 121 -0.61 12.32 -1.58
C TYR A 121 -0.02 13.71 -1.79
N ASN A 122 1.13 13.96 -1.15
CA ASN A 122 1.81 15.24 -1.27
C ASN A 122 2.41 15.41 -2.66
N ASP A 123 2.86 14.31 -3.27
CA ASP A 123 3.43 14.35 -4.61
C ASP A 123 2.41 14.56 -5.72
N CYS A 124 1.31 13.80 -5.71
CA CYS A 124 0.27 13.97 -6.72
C CYS A 124 -0.48 15.29 -6.51
N PHE A 125 -0.29 15.93 -5.36
CA PHE A 125 -0.86 17.24 -5.07
C PHE A 125 -0.20 18.41 -5.83
N ASN A 126 0.95 18.14 -6.45
CA ASN A 126 1.66 19.12 -7.27
C ASN A 126 2.03 18.50 -8.61
N LEU A 127 1.27 17.48 -9.02
CA LEU A 127 1.44 16.74 -10.27
C LEU A 127 2.79 16.02 -10.39
N ASN A 128 3.47 15.77 -9.28
CA ASN A 128 4.71 14.99 -9.28
C ASN A 128 4.39 13.51 -9.13
N TYR A 129 5.20 12.65 -9.77
CA TYR A 129 5.08 11.20 -9.67
C TYR A 129 6.38 10.41 -9.86
N ASN A 130 7.52 11.09 -9.68
CA ASN A 130 8.82 10.51 -9.99
C ASN A 130 9.13 9.27 -9.16
N LYS A 131 8.68 9.20 -7.90
CA LYS A 131 8.92 8.02 -7.07
C LYS A 131 7.91 6.92 -7.40
N VAL A 132 6.73 7.29 -7.87
CA VAL A 132 5.67 6.35 -8.16
C VAL A 132 6.03 5.51 -9.39
N GLU A 133 6.65 6.12 -10.39
CA GLU A 133 7.09 5.40 -11.58
C GLU A 133 8.38 4.64 -11.30
N LYS A 134 9.29 5.26 -10.53
CA LYS A 134 10.59 4.68 -10.24
C LYS A 134 10.44 3.34 -9.51
N LEU A 135 9.59 3.32 -8.47
CA LEU A 135 9.35 2.08 -7.74
C LEU A 135 8.67 1.04 -8.62
N TYR A 136 7.97 1.48 -9.68
CA TYR A 136 7.31 0.54 -10.58
C TYR A 136 8.25 -0.14 -11.58
N LEU A 137 9.36 0.54 -11.92
CA LEU A 137 10.40 -0.07 -12.73
C LEU A 137 11.26 -0.96 -11.84
N GLU A 138 11.50 -0.55 -10.59
CA GLU A 138 12.28 -1.33 -9.65
C GLU A 138 11.48 -2.51 -9.08
N TRP A 139 10.15 -2.48 -9.26
CA TRP A 139 9.29 -3.57 -8.84
C TRP A 139 9.46 -4.82 -9.70
N GLN A 140 9.81 -4.64 -10.97
CA GLN A 140 9.88 -5.75 -11.93
C GLN A 140 11.15 -6.58 -11.77
N GLU A 141 12.11 -6.16 -10.94
CA GLU A 141 13.38 -6.86 -10.84
C GLU A 141 13.25 -8.16 -10.05
N LYS A 142 12.17 -8.33 -9.27
CA LYS A 142 11.95 -9.55 -8.50
C LYS A 142 10.75 -10.34 -9.02
N GLN A 143 9.93 -9.76 -9.88
CA GLN A 143 8.82 -10.49 -10.48
C GLN A 143 9.33 -11.45 -11.55
N ARG A 144 10.57 -11.24 -12.02
CA ARG A 144 11.21 -12.10 -13.01
C ARG A 144 11.92 -13.29 -12.37
N THR A 145 11.71 -13.51 -11.07
CA THR A 145 12.37 -14.59 -10.36
C THR A 145 11.44 -15.19 -9.29
N LYS A 146 10.43 -14.44 -8.83
CA LYS A 146 9.42 -14.98 -7.92
C LYS A 146 8.24 -15.59 -8.68
N LYS A 147 8.24 -15.45 -10.01
CA LYS A 147 7.17 -15.97 -10.87
C LYS A 147 7.77 -16.49 -12.17
N SER A 148 6.96 -17.24 -12.94
CA SER A 148 7.39 -17.85 -14.20
C SER A 148 8.63 -18.73 -14.04
N LYS A 149 8.83 -19.27 -12.83
CA LYS A 149 10.01 -20.08 -12.51
C LYS A 149 9.96 -21.41 -13.27
N ARG A 150 11.14 -21.99 -13.51
CA ARG A 150 11.27 -23.25 -14.24
C ARG A 150 11.04 -24.45 -13.30
N VAL A 151 10.16 -24.26 -12.32
CA VAL A 151 9.87 -25.25 -11.30
C VAL A 151 8.38 -25.44 -11.05
N VAL A 152 7.57 -25.08 -12.04
CA VAL A 152 6.12 -25.19 -11.97
C VAL A 152 5.63 -26.64 -12.01
N HIS A 153 4.47 -26.90 -11.38
CA HIS A 153 3.89 -28.23 -11.32
C HIS A 153 2.37 -28.15 -11.42
N ILE A 154 1.73 -29.28 -11.75
CA ILE A 154 0.29 -29.36 -11.88
C ILE A 154 -0.17 -30.79 -11.62
N GLU A 155 -1.38 -30.96 -11.07
CA GLU A 155 -1.94 -32.26 -10.71
C GLU A 155 -3.41 -32.35 -11.11
N GLY A 156 -3.87 -31.43 -11.97
CA GLY A 156 -5.25 -31.39 -12.43
C GLY A 156 -5.57 -32.57 -13.35
N SER B 1 -11.04 8.16 19.19
CA SER B 1 -12.48 8.07 19.45
C SER B 1 -12.84 6.70 20.04
N GLY B 2 -13.97 6.62 20.75
CA GLY B 2 -14.45 5.39 21.33
C GLY B 2 -15.12 4.48 20.30
N SER B 3 -15.28 4.96 19.06
CA SER B 3 -15.92 4.20 18.01
C SER B 3 -15.04 3.02 17.58
N GLN B 4 -15.67 2.01 16.97
CA GLN B 4 -14.97 0.82 16.50
C GLN B 4 -14.08 1.16 15.30
N HIS B 5 -12.98 0.43 15.16
CA HIS B 5 -12.05 0.62 14.04
C HIS B 5 -12.63 0.07 12.74
N MET B 6 -12.10 0.58 11.63
CA MET B 6 -12.49 0.20 10.27
C MET B 6 -11.82 -1.09 9.83
N ARG B 7 -11.00 -1.69 10.71
CA ARG B 7 -10.17 -2.85 10.42
C ARG B 7 -10.93 -3.95 9.70
N PRO B 8 -10.65 -4.16 8.40
CA PRO B 8 -11.21 -5.24 7.61
C PRO B 8 -10.50 -6.55 7.94
N ARG B 9 -10.91 -7.63 7.27
CA ARG B 9 -10.40 -8.98 7.55
C ARG B 9 -9.79 -9.56 6.28
N PHE B 10 -10.58 -9.60 5.21
CA PHE B 10 -10.14 -10.00 3.88
C PHE B 10 -11.08 -9.57 2.75
N ASN B 11 -10.51 -9.21 1.60
CA ASN B 11 -11.28 -8.89 0.41
C ASN B 11 -10.35 -8.99 -0.80
N ARG B 12 -10.92 -8.96 -2.01
CA ARG B 12 -10.14 -9.00 -3.23
C ARG B 12 -10.75 -8.11 -4.32
N GLU B 13 -11.70 -7.26 -3.95
CA GLU B 13 -12.36 -6.36 -4.90
C GLU B 13 -11.77 -4.95 -4.86
N ASN B 14 -11.20 -4.55 -3.72
CA ASN B 14 -10.61 -3.22 -3.55
C ASN B 14 -9.10 -3.27 -3.72
N LYS B 15 -8.53 -4.48 -3.79
CA LYS B 15 -7.09 -4.67 -3.88
C LYS B 15 -6.51 -3.89 -5.07
N VAL B 16 -5.26 -3.45 -4.92
CA VAL B 16 -4.57 -2.70 -5.95
C VAL B 16 -3.30 -3.42 -6.41
N SER B 17 -3.27 -3.79 -7.68
CA SER B 17 -2.11 -4.44 -8.28
C SER B 17 -1.14 -3.39 -8.84
N PRO B 18 0.17 -3.69 -8.85
CA PRO B 18 1.17 -2.83 -9.44
C PRO B 18 0.78 -2.39 -10.84
N ALA B 19 0.22 -3.33 -11.62
CA ALA B 19 -0.08 -3.10 -13.01
C ALA B 19 -1.46 -2.49 -13.20
N ASP B 20 -2.42 -2.90 -12.38
CA ASP B 20 -3.79 -2.45 -12.50
C ASP B 20 -3.86 -0.94 -12.20
N ALA B 21 -2.84 -0.42 -11.51
CA ALA B 21 -2.76 1.01 -11.23
C ALA B 21 -1.75 1.69 -12.15
N ALA B 22 -0.91 0.92 -12.86
CA ALA B 22 0.09 1.49 -13.73
C ALA B 22 -0.44 1.67 -15.15
N LYS B 23 -1.27 0.72 -15.61
CA LYS B 23 -1.85 0.80 -16.93
C LYS B 23 -2.78 2.00 -17.08
N LYS B 24 -3.12 2.65 -15.96
CA LYS B 24 -3.94 3.85 -15.93
C LYS B 24 -3.15 5.09 -15.48
N ALA B 25 -2.08 4.91 -14.72
CA ALA B 25 -1.30 6.03 -14.18
C ALA B 25 -0.12 6.42 -15.08
N LEU B 26 0.58 5.44 -15.65
CA LEU B 26 1.72 5.68 -16.51
C LEU B 26 1.34 6.49 -17.74
N SER A 1 17.63 0.44 -10.05
CA SER A 1 17.85 -0.80 -9.28
C SER A 1 18.91 -0.60 -8.21
N GLY A 2 18.73 -1.24 -7.05
CA GLY A 2 19.69 -1.15 -5.96
C GLY A 2 19.13 -1.84 -4.71
N SER A 3 20.04 -2.20 -3.79
CA SER A 3 19.67 -2.85 -2.54
C SER A 3 19.15 -1.85 -1.50
N HIS A 4 19.25 -0.55 -1.79
CA HIS A 4 18.83 0.52 -0.90
C HIS A 4 18.27 1.70 -1.68
N MET A 5 17.58 2.61 -0.98
CA MET A 5 17.00 3.80 -1.58
C MET A 5 16.89 4.91 -0.53
N SER A 6 16.71 4.55 0.73
CA SER A 6 16.61 5.49 1.83
C SER A 6 16.80 4.77 3.17
N THR A 7 17.06 5.53 4.23
CA THR A 7 17.18 4.98 5.57
C THR A 7 15.85 4.48 6.13
N GLN A 8 15.87 3.71 7.22
CA GLN A 8 14.67 3.17 7.82
C GLN A 8 13.77 4.28 8.38
N TYR A 9 14.37 5.41 8.78
CA TYR A 9 13.64 6.57 9.26
C TYR A 9 13.00 7.45 8.19
N ILE A 10 11.96 8.19 8.58
CA ILE A 10 11.21 9.02 7.65
C ILE A 10 10.58 10.21 8.37
N ASP A 11 9.67 9.94 9.31
CA ASP A 11 8.99 10.97 10.09
C ASP A 11 8.29 10.23 11.23
N GLU A 12 7.65 10.97 12.13
CA GLU A 12 6.98 10.40 13.30
C GLU A 12 5.59 11.02 13.50
N THR A 13 5.21 11.96 12.63
CA THR A 13 3.97 12.70 12.74
C THR A 13 3.38 13.10 11.39
N ALA A 14 3.74 12.37 10.32
CA ALA A 14 3.30 12.64 8.96
C ALA A 14 1.79 12.44 8.83
N PHE A 15 1.15 13.29 8.03
CA PHE A 15 -0.29 13.21 7.80
C PHE A 15 -0.62 14.14 6.63
N VAL A 16 -1.87 14.08 6.18
CA VAL A 16 -2.39 14.91 5.10
C VAL A 16 -3.85 15.21 5.41
N GLN A 17 -4.32 16.37 4.93
CA GLN A 17 -5.70 16.79 5.10
C GLN A 17 -6.18 17.58 3.89
N ALA A 18 -7.48 17.43 3.61
CA ALA A 18 -8.15 18.02 2.45
C ALA A 18 -8.40 19.51 2.64
N GLU A 19 -8.78 20.18 1.54
CA GLU A 19 -9.12 21.60 1.59
C GLU A 19 -10.52 21.78 2.18
N GLN A 20 -10.88 23.01 2.53
CA GLN A 20 -12.16 23.31 3.15
C GLN A 20 -13.31 23.16 2.16
N GLY A 21 -13.00 23.06 0.87
CA GLY A 21 -13.99 22.87 -0.18
C GLY A 21 -14.21 21.40 -0.51
N LYS A 22 -13.62 20.48 0.28
CA LYS A 22 -13.68 19.06 0.02
C LYS A 22 -14.12 18.27 1.25
N THR A 23 -14.55 17.03 1.00
CA THR A 23 -14.99 16.10 2.05
C THR A 23 -14.23 14.79 2.11
N ASN A 24 -13.21 14.68 1.27
CA ASN A 24 -12.30 13.54 1.19
C ASN A 24 -10.98 13.95 0.56
N LEU A 25 -9.94 13.15 0.74
CA LEU A 25 -8.63 13.41 0.15
C LEU A 25 -8.62 13.09 -1.35
N MET A 26 -9.73 12.54 -1.88
CA MET A 26 -9.84 12.20 -3.29
C MET A 26 -9.73 13.44 -4.17
N PHE A 27 -9.16 13.27 -5.37
CA PHE A 27 -9.00 14.34 -6.35
C PHE A 27 -10.25 14.75 -7.12
N SER A 28 -10.22 15.94 -7.73
CA SER A 28 -11.33 16.43 -8.53
C SER A 28 -11.49 15.62 -9.81
N ASP A 29 -10.43 14.88 -10.21
CA ASP A 29 -10.43 14.02 -11.38
C ASP A 29 -10.11 12.58 -11.04
N GLU A 30 -10.86 11.63 -11.60
CA GLU A 30 -10.62 10.21 -11.36
C GLU A 30 -9.43 9.71 -12.17
N LYS A 31 -9.00 10.49 -13.18
CA LYS A 31 -7.85 10.14 -13.99
C LYS A 31 -6.55 10.31 -13.22
N GLN A 32 -6.54 11.21 -12.22
CA GLN A 32 -5.35 11.48 -11.43
C GLN A 32 -5.20 10.47 -10.29
N GLN A 33 -6.29 9.78 -9.93
CA GLN A 33 -6.24 8.73 -8.90
C GLN A 33 -5.37 7.56 -9.35
N ALA A 34 -5.12 7.43 -10.65
CA ALA A 34 -4.29 6.36 -11.18
C ALA A 34 -2.88 6.43 -10.61
N ARG A 35 -2.29 7.63 -10.64
CA ARG A 35 -0.93 7.83 -10.13
C ARG A 35 -0.89 7.67 -8.62
N PHE A 36 -2.01 7.90 -7.94
CA PHE A 36 -2.07 7.70 -6.50
C PHE A 36 -2.17 6.24 -6.08
N GLU A 37 -2.96 5.44 -6.81
CA GLU A 37 -3.11 4.02 -6.52
C GLU A 37 -1.82 3.27 -6.83
N LEU A 38 -1.08 3.72 -7.85
CA LEU A 38 0.20 3.10 -8.18
C LEU A 38 1.20 3.40 -7.08
N GLY A 39 1.09 4.58 -6.46
CA GLY A 39 1.99 4.96 -5.39
C GLY A 39 1.87 4.01 -4.20
N VAL A 40 0.66 3.84 -3.65
CA VAL A 40 0.46 2.98 -2.49
C VAL A 40 0.81 1.53 -2.78
N SER A 41 0.50 1.07 -4.00
CA SER A 41 0.76 -0.31 -4.40
C SER A 41 2.25 -0.63 -4.35
N MET A 42 3.11 0.39 -4.52
CA MET A 42 4.55 0.19 -4.51
C MET A 42 5.13 0.20 -3.10
N VAL A 43 4.51 0.88 -2.14
CA VAL A 43 5.04 0.94 -0.79
C VAL A 43 4.73 -0.28 0.07
N ILE A 44 3.54 -0.88 -0.13
CA ILE A 44 3.15 -2.07 0.62
C ILE A 44 4.03 -3.25 0.22
N TYR A 45 4.57 -3.23 -1.01
CA TYR A 45 5.52 -4.24 -1.47
C TYR A 45 6.90 -4.23 -0.82
N LYS A 46 7.19 -3.19 -0.02
CA LYS A 46 8.46 -3.05 0.68
C LYS A 46 8.34 -3.40 2.16
N TRP A 47 7.14 -3.78 2.61
CA TRP A 47 6.90 -4.15 4.00
C TRP A 47 7.32 -5.61 4.20
N ASP A 48 8.28 -5.87 5.08
CA ASP A 48 8.82 -7.20 5.27
C ASP A 48 7.94 -8.17 6.05
N ALA A 49 7.12 -7.65 6.98
CA ALA A 49 6.28 -8.48 7.82
C ALA A 49 5.12 -9.07 7.02
N LEU A 50 4.70 -8.37 5.96
CA LEU A 50 3.65 -8.86 5.08
C LEU A 50 4.27 -9.70 3.96
N ASP A 51 5.41 -9.26 3.43
CA ASP A 51 6.07 -9.99 2.35
C ASP A 51 6.43 -11.41 2.78
N VAL A 52 6.90 -11.56 4.02
CA VAL A 52 7.26 -12.86 4.57
C VAL A 52 6.05 -13.76 4.81
N ALA A 53 4.88 -13.17 5.03
CA ALA A 53 3.66 -13.92 5.25
C ALA A 53 3.15 -14.56 3.95
N VAL A 54 3.47 -13.95 2.80
CA VAL A 54 3.10 -14.51 1.50
C VAL A 54 4.17 -15.49 1.00
N GLU A 55 5.42 -15.30 1.43
CA GLU A 55 6.51 -16.22 1.12
C GLU A 55 6.37 -17.53 1.89
N ASN A 56 5.50 -17.55 2.91
CA ASN A 56 5.24 -18.74 3.71
C ASN A 56 3.75 -19.09 3.76
N SER A 57 2.92 -18.37 3.00
CA SER A 57 1.49 -18.63 2.89
C SER A 57 0.78 -18.70 4.24
N TRP A 58 1.17 -17.86 5.20
CA TRP A 58 0.55 -17.81 6.52
C TRP A 58 -0.93 -17.45 6.46
N GLY A 59 -1.36 -16.84 5.33
CA GLY A 59 -2.75 -16.46 5.12
C GLY A 59 -3.48 -17.43 4.20
N GLY A 60 -2.86 -18.58 3.90
CA GLY A 60 -3.41 -19.56 2.98
C GLY A 60 -3.05 -19.20 1.53
N PRO A 61 -3.55 -19.97 0.56
CA PRO A 61 -3.28 -19.76 -0.85
C PRO A 61 -3.91 -18.45 -1.34
N ASP A 62 -4.88 -17.91 -0.60
CA ASP A 62 -5.49 -16.63 -0.94
C ASP A 62 -4.65 -15.42 -0.58
N SER A 63 -3.54 -15.64 0.13
CA SER A 63 -2.67 -14.56 0.58
C SER A 63 -1.99 -13.86 -0.60
N ALA A 64 -1.98 -14.48 -1.77
CA ALA A 64 -1.36 -13.89 -2.95
C ALA A 64 -2.18 -12.70 -3.46
N GLU A 65 -3.50 -12.71 -3.25
CA GLU A 65 -4.35 -11.58 -3.59
C GLU A 65 -4.47 -10.65 -2.40
N LYS A 66 -4.27 -11.17 -1.19
CA LYS A 66 -4.35 -10.38 0.04
C LYS A 66 -3.20 -9.37 0.09
N ARG A 67 -2.12 -9.64 -0.65
CA ARG A 67 -0.98 -8.75 -0.75
C ARG A 67 -1.35 -7.47 -1.47
N ASP A 68 -2.23 -7.58 -2.48
CA ASP A 68 -2.75 -6.44 -3.22
C ASP A 68 -3.92 -5.77 -2.50
N TRP A 69 -4.55 -6.48 -1.57
CA TRP A 69 -5.71 -5.99 -0.85
C TRP A 69 -5.31 -5.00 0.24
N ILE A 70 -4.10 -5.14 0.78
CA ILE A 70 -3.61 -4.31 1.86
C ILE A 70 -3.38 -2.87 1.41
N THR A 71 -3.06 -2.64 0.13
CA THR A 71 -2.92 -1.28 -0.38
C THR A 71 -4.34 -0.79 -0.71
N GLY A 72 -5.25 -1.68 -1.10
CA GLY A 72 -6.60 -1.30 -1.49
C GLY A 72 -7.38 -0.75 -0.30
N ILE A 73 -7.21 -1.34 0.89
CA ILE A 73 -7.92 -0.88 2.08
C ILE A 73 -7.33 0.43 2.60
N VAL A 74 -6.05 0.70 2.32
CA VAL A 74 -5.41 1.93 2.77
C VAL A 74 -5.79 3.04 1.80
N VAL A 75 -5.93 2.71 0.51
CA VAL A 75 -6.29 3.70 -0.50
C VAL A 75 -7.70 4.17 -0.17
N ASP A 76 -8.55 3.26 0.33
CA ASP A 76 -9.93 3.60 0.66
C ASP A 76 -10.11 4.60 1.80
N LEU A 77 -9.04 4.88 2.55
CA LEU A 77 -9.11 5.89 3.61
C LEU A 77 -9.13 7.28 2.99
N PHE A 78 -8.33 7.49 1.94
CA PHE A 78 -8.27 8.75 1.23
C PHE A 78 -9.53 9.03 0.43
N LYS A 79 -10.27 7.96 0.07
CA LYS A 79 -11.50 8.08 -0.71
C LYS A 79 -12.73 8.30 0.17
N ASN A 80 -12.60 8.19 1.50
CA ASN A 80 -13.74 8.26 2.40
C ASN A 80 -13.49 9.17 3.61
N GLU A 81 -12.26 9.66 3.78
CA GLU A 81 -11.94 10.60 4.84
C GLU A 81 -11.21 11.82 4.28
N LYS A 82 -11.49 12.99 4.86
CA LYS A 82 -10.88 14.24 4.45
C LYS A 82 -9.49 14.44 5.05
N VAL A 83 -9.03 13.51 5.88
CA VAL A 83 -7.70 13.62 6.46
C VAL A 83 -7.31 12.22 6.95
N VAL A 84 -6.02 11.92 6.84
CA VAL A 84 -5.45 10.62 7.14
C VAL A 84 -4.05 10.90 7.68
N ASP A 85 -3.62 10.11 8.66
CA ASP A 85 -2.27 10.22 9.21
C ASP A 85 -1.51 8.89 9.18
N ALA A 86 -0.20 8.95 9.39
CA ALA A 86 0.62 7.75 9.35
C ALA A 86 0.18 6.74 10.40
N ALA A 87 -0.46 7.20 11.49
CA ALA A 87 -0.96 6.32 12.53
C ALA A 87 -2.24 5.62 12.07
N LEU A 88 -3.10 6.32 11.34
CA LEU A 88 -4.36 5.77 10.86
C LEU A 88 -4.10 4.72 9.78
N ILE A 89 -3.03 4.87 8.99
CA ILE A 89 -2.66 3.86 8.01
C ILE A 89 -1.96 2.68 8.69
N GLU A 90 -1.15 2.95 9.73
CA GLU A 90 -0.39 1.90 10.38
C GLU A 90 -1.31 0.93 11.10
N GLU A 91 -2.39 1.41 11.71
CA GLU A 91 -3.33 0.54 12.39
C GLU A 91 -4.09 -0.32 11.40
N THR A 92 -4.33 0.20 10.19
CA THR A 92 -4.95 -0.57 9.12
C THR A 92 -4.07 -1.70 8.57
N LEU A 93 -2.75 -1.58 8.77
CA LEU A 93 -1.80 -2.60 8.40
C LEU A 93 -1.63 -3.60 9.54
N LEU A 94 -1.48 -3.12 10.79
CA LEU A 94 -1.25 -4.01 11.92
C LEU A 94 -2.46 -4.90 12.16
N TYR A 95 -3.68 -4.35 12.07
CA TYR A 95 -4.87 -5.17 12.22
C TYR A 95 -5.17 -6.12 11.06
N ALA A 96 -4.59 -5.83 9.88
CA ALA A 96 -4.73 -6.70 8.72
C ALA A 96 -3.85 -7.94 8.86
N MET A 97 -2.80 -7.86 9.69
CA MET A 97 -1.92 -8.99 9.93
C MET A 97 -2.42 -9.86 11.09
N ILE A 98 -3.06 -9.24 12.07
CA ILE A 98 -3.52 -9.95 13.26
C ILE A 98 -4.88 -10.61 13.03
N ASP A 99 -5.68 -10.09 12.09
CA ASP A 99 -7.02 -10.60 11.86
C ASP A 99 -7.13 -11.80 10.93
N GLU A 100 -6.09 -12.08 10.13
CA GLU A 100 -6.11 -13.20 9.19
C GLU A 100 -4.75 -13.84 9.04
N PHE A 101 -3.66 -13.06 9.15
CA PHE A 101 -2.32 -13.64 9.13
C PHE A 101 -1.85 -14.24 10.44
N GLU A 102 -2.64 -14.07 11.51
CA GLU A 102 -2.30 -14.54 12.85
C GLU A 102 -0.91 -14.06 13.27
N THR A 103 -0.49 -12.90 12.77
CA THR A 103 0.85 -12.37 12.98
C THR A 103 0.74 -10.96 13.53
N ASN A 104 1.51 -10.69 14.58
CA ASN A 104 1.60 -9.36 15.17
C ASN A 104 2.80 -8.62 14.61
N VAL A 105 2.66 -7.30 14.44
CA VAL A 105 3.73 -6.43 13.98
C VAL A 105 4.00 -5.29 14.95
N GLU A 106 4.35 -5.66 16.18
CA GLU A 106 4.53 -4.70 17.26
C GLU A 106 5.87 -3.97 17.16
N ASP A 107 6.72 -4.35 16.20
CA ASP A 107 8.02 -3.73 16.01
C ASP A 107 8.00 -2.47 15.16
N ASP A 108 6.80 -1.90 14.93
CA ASP A 108 6.60 -0.70 14.16
C ASP A 108 7.13 -0.74 12.73
N SER A 109 7.30 -1.95 12.17
CA SER A 109 7.80 -2.12 10.82
C SER A 109 6.84 -1.53 9.78
N ALA A 110 5.60 -1.25 10.19
CA ALA A 110 4.58 -0.67 9.33
C ALA A 110 4.59 0.86 9.41
N LEU A 111 5.32 1.43 10.37
CA LEU A 111 5.39 2.87 10.54
C LEU A 111 5.95 3.55 9.29
N PRO A 112 7.15 3.18 8.81
CA PRO A 112 7.75 3.80 7.64
C PRO A 112 6.97 3.47 6.38
N ILE A 113 6.19 2.39 6.40
CA ILE A 113 5.36 2.03 5.25
C ILE A 113 4.16 2.96 5.16
N ALA A 114 3.62 3.36 6.31
CA ALA A 114 2.48 4.25 6.36
C ALA A 114 2.89 5.66 5.92
N VAL A 115 4.08 6.12 6.33
CA VAL A 115 4.51 7.48 5.99
C VAL A 115 4.77 7.58 4.49
N GLU A 116 5.13 6.49 3.83
CA GLU A 116 5.34 6.54 2.38
C GLU A 116 4.03 6.69 1.63
N VAL A 117 2.91 6.18 2.18
CA VAL A 117 1.60 6.35 1.55
C VAL A 117 1.16 7.80 1.65
N ILE A 118 1.55 8.47 2.75
CA ILE A 118 1.21 9.85 2.98
C ILE A 118 1.95 10.74 1.98
N ASN A 119 3.15 10.31 1.58
CA ASN A 119 3.96 11.03 0.61
C ASN A 119 3.35 10.94 -0.79
N ILE A 120 2.57 9.90 -1.06
CA ILE A 120 1.96 9.74 -2.37
C ILE A 120 0.93 10.84 -2.62
N TYR A 121 0.20 11.24 -1.57
CA TYR A 121 -0.78 12.30 -1.69
C TYR A 121 -0.19 13.68 -1.98
N ASN A 122 0.96 13.97 -1.37
CA ASN A 122 1.66 15.23 -1.58
C ASN A 122 2.25 15.28 -2.97
N ASP A 123 2.67 14.13 -3.51
CA ASP A 123 3.23 14.05 -4.85
C ASP A 123 2.21 14.26 -5.97
N CYS A 124 1.10 13.52 -5.94
CA CYS A 124 0.07 13.67 -6.96
C CYS A 124 -0.64 15.01 -6.83
N PHE A 125 -0.43 15.72 -5.71
CA PHE A 125 -0.98 17.05 -5.50
C PHE A 125 -0.27 18.18 -6.27
N ASN A 126 0.87 17.84 -6.89
CA ASN A 126 1.61 18.78 -7.73
C ASN A 126 2.09 18.07 -8.99
N LEU A 127 1.39 17.01 -9.39
CA LEU A 127 1.66 16.22 -10.58
C LEU A 127 3.03 15.53 -10.55
N ASN A 128 3.62 15.33 -9.37
CA ASN A 128 4.87 14.60 -9.23
C ASN A 128 4.59 13.10 -9.19
N TYR A 129 5.50 12.30 -9.74
CA TYR A 129 5.41 10.84 -9.69
C TYR A 129 6.75 10.11 -9.77
N ASN A 130 7.85 10.82 -9.53
CA ASN A 130 9.20 10.28 -9.73
C ASN A 130 9.46 9.07 -8.84
N LYS A 131 8.96 9.06 -7.60
CA LYS A 131 9.16 7.92 -6.70
C LYS A 131 8.12 6.84 -6.95
N VAL A 132 6.98 7.21 -7.55
CA VAL A 132 5.92 6.25 -7.87
C VAL A 132 6.33 5.39 -9.05
N GLU A 133 6.99 6.00 -10.06
CA GLU A 133 7.44 5.27 -11.23
C GLU A 133 8.71 4.48 -10.91
N LYS A 134 9.64 5.08 -10.16
CA LYS A 134 10.92 4.44 -9.86
C LYS A 134 10.72 3.10 -9.16
N LEU A 135 9.83 3.06 -8.18
CA LEU A 135 9.55 1.82 -7.47
C LEU A 135 8.92 0.79 -8.38
N TYR A 136 8.28 1.22 -9.48
CA TYR A 136 7.66 0.29 -10.41
C TYR A 136 8.62 -0.43 -11.34
N LEU A 137 9.73 0.22 -11.71
CA LEU A 137 10.78 -0.43 -12.49
C LEU A 137 11.60 -1.32 -11.58
N GLU A 138 11.84 -0.87 -10.34
CA GLU A 138 12.61 -1.62 -9.37
C GLU A 138 11.80 -2.75 -8.74
N TRP A 139 10.48 -2.73 -8.90
CA TRP A 139 9.64 -3.83 -8.45
C TRP A 139 9.81 -5.08 -9.31
N GLN A 140 10.16 -4.91 -10.59
CA GLN A 140 10.26 -6.01 -11.53
C GLN A 140 11.55 -6.82 -11.37
N GLU A 141 12.51 -6.33 -10.58
CA GLU A 141 13.82 -6.97 -10.49
C GLU A 141 13.74 -8.28 -9.69
N LYS A 142 12.65 -8.49 -8.94
CA LYS A 142 12.47 -9.71 -8.18
C LYS A 142 11.28 -10.53 -8.70
N GLN A 143 10.42 -9.95 -9.54
CA GLN A 143 9.34 -10.70 -10.14
C GLN A 143 9.86 -11.64 -11.23
N ARG A 144 11.10 -11.43 -11.67
CA ARG A 144 11.77 -12.27 -12.65
C ARG A 144 12.50 -13.46 -12.01
N THR A 145 12.27 -13.68 -10.71
CA THR A 145 12.95 -14.76 -9.99
C THR A 145 12.02 -15.36 -8.94
N LYS A 146 11.06 -14.59 -8.41
CA LYS A 146 10.06 -15.11 -7.48
C LYS A 146 8.92 -15.82 -8.22
N LYS A 147 8.92 -15.77 -9.55
CA LYS A 147 7.89 -16.44 -10.36
C LYS A 147 8.01 -17.96 -10.22
N SER A 148 6.89 -18.66 -10.35
CA SER A 148 6.85 -20.12 -10.25
C SER A 148 5.55 -20.62 -10.86
N LYS A 149 5.68 -21.53 -11.82
CA LYS A 149 4.56 -22.18 -12.49
C LYS A 149 4.96 -23.56 -12.99
N ARG A 150 3.96 -24.40 -13.28
CA ARG A 150 4.19 -25.74 -13.80
C ARG A 150 4.66 -25.68 -15.25
N VAL A 151 5.28 -26.77 -15.72
CA VAL A 151 5.77 -26.88 -17.09
C VAL A 151 5.36 -28.17 -17.77
N VAL A 152 4.42 -28.90 -17.15
CA VAL A 152 3.94 -30.17 -17.67
C VAL A 152 3.04 -29.98 -18.89
N HIS A 153 3.10 -30.94 -19.81
CA HIS A 153 2.29 -30.92 -21.03
C HIS A 153 2.07 -32.34 -21.53
N ILE A 154 1.01 -32.54 -22.33
CA ILE A 154 0.64 -33.84 -22.87
C ILE A 154 0.20 -33.64 -24.32
N GLU A 155 0.19 -34.74 -25.09
CA GLU A 155 -0.15 -34.72 -26.51
C GLU A 155 -1.07 -35.87 -26.87
N GLY A 156 -1.60 -36.57 -25.86
CA GLY A 156 -2.48 -37.73 -26.06
C GLY A 156 -2.74 -38.42 -24.73
N SER B 1 -22.48 7.43 8.97
CA SER B 1 -22.26 6.31 9.90
C SER B 1 -20.77 6.04 10.05
N GLY B 2 -20.38 5.29 11.09
CA GLY B 2 -18.99 4.96 11.35
C GLY B 2 -18.82 4.20 12.66
N SER B 3 -17.57 4.00 13.07
CA SER B 3 -17.23 3.32 14.31
C SER B 3 -15.86 3.76 14.80
N GLN B 4 -15.48 3.34 16.01
CA GLN B 4 -14.20 3.68 16.63
C GLN B 4 -13.04 2.97 15.94
N HIS B 5 -13.34 2.02 15.05
CA HIS B 5 -12.35 1.23 14.34
C HIS B 5 -12.75 1.11 12.87
N MET B 6 -11.81 0.66 12.05
CA MET B 6 -12.01 0.53 10.60
C MET B 6 -11.41 -0.77 10.06
N ARG B 7 -10.75 -1.54 10.92
CA ARG B 7 -10.00 -2.73 10.50
C ARG B 7 -10.88 -3.69 9.69
N PRO B 8 -10.56 -3.87 8.41
CA PRO B 8 -11.23 -4.82 7.55
C PRO B 8 -10.70 -6.24 7.81
N ARG B 9 -11.20 -7.21 7.05
CA ARG B 9 -10.84 -8.61 7.19
C ARG B 9 -10.20 -9.16 5.93
N PHE B 10 -10.99 -9.34 4.88
CA PHE B 10 -10.50 -9.77 3.58
C PHE B 10 -11.40 -9.40 2.40
N ASN B 11 -10.81 -9.04 1.27
CA ASN B 11 -11.56 -8.71 0.07
C ASN B 11 -10.61 -8.81 -1.12
N ARG B 12 -11.17 -8.76 -2.34
CA ARG B 12 -10.38 -8.82 -3.57
C ARG B 12 -10.96 -7.89 -4.64
N GLU B 13 -11.86 -6.99 -4.24
CA GLU B 13 -12.48 -6.06 -5.19
C GLU B 13 -11.83 -4.68 -5.11
N ASN B 14 -11.28 -4.31 -3.95
CA ASN B 14 -10.65 -3.01 -3.76
C ASN B 14 -9.13 -3.12 -3.90
N LYS B 15 -8.61 -4.35 -3.99
CA LYS B 15 -7.17 -4.59 -4.07
C LYS B 15 -6.55 -3.83 -5.24
N VAL B 16 -5.28 -3.48 -5.10
CA VAL B 16 -4.53 -2.77 -6.15
C VAL B 16 -3.30 -3.56 -6.56
N SER B 17 -3.24 -3.92 -7.84
CA SER B 17 -2.10 -4.62 -8.41
C SER B 17 -0.99 -3.63 -8.78
N PRO B 18 0.27 -4.05 -8.69
CA PRO B 18 1.42 -3.25 -9.08
C PRO B 18 1.37 -2.87 -10.56
N ALA B 19 0.53 -3.55 -11.35
CA ALA B 19 0.40 -3.28 -12.78
C ALA B 19 -0.95 -2.67 -13.13
N ASP B 20 -2.03 -3.08 -12.45
CA ASP B 20 -3.36 -2.59 -12.76
C ASP B 20 -3.41 -1.08 -12.50
N ALA B 21 -2.50 -0.56 -11.69
CA ALA B 21 -2.42 0.86 -11.40
C ALA B 21 -1.36 1.55 -12.25
N ALA B 22 -0.49 0.77 -12.90
CA ALA B 22 0.59 1.31 -13.68
C ALA B 22 0.15 1.47 -15.14
N LYS B 23 -0.63 0.51 -15.64
CA LYS B 23 -1.13 0.55 -17.01
C LYS B 23 -2.05 1.74 -17.24
N LYS B 24 -2.46 2.42 -16.15
CA LYS B 24 -3.29 3.61 -16.21
C LYS B 24 -2.54 4.87 -15.78
N ALA B 25 -1.52 4.72 -14.92
CA ALA B 25 -0.80 5.87 -14.37
C ALA B 25 0.44 6.24 -15.20
N LEU B 26 1.15 5.23 -15.71
CA LEU B 26 2.36 5.43 -16.50
C LEU B 26 2.02 6.18 -17.80
N SER A 1 22.37 11.26 7.97
CA SER A 1 21.31 10.31 7.58
C SER A 1 20.08 11.05 7.06
N GLY A 2 19.23 10.34 6.31
CA GLY A 2 18.02 10.91 5.74
C GLY A 2 18.31 11.72 4.48
N SER A 3 19.56 11.74 4.03
CA SER A 3 19.97 12.46 2.83
C SER A 3 19.49 11.77 1.56
N HIS A 4 18.82 10.62 1.70
CA HIS A 4 18.32 9.83 0.58
C HIS A 4 17.13 8.97 1.03
N MET A 5 16.24 8.65 0.09
CA MET A 5 15.01 7.91 0.38
C MET A 5 15.27 6.46 0.76
N SER A 6 16.52 6.00 0.66
CA SER A 6 16.89 4.64 1.02
C SER A 6 17.03 4.45 2.53
N THR A 7 16.89 5.53 3.31
CA THR A 7 16.95 5.46 4.76
C THR A 7 15.76 4.78 5.42
N GLN A 8 15.99 4.09 6.54
CA GLN A 8 14.91 3.41 7.25
C GLN A 8 14.00 4.43 7.95
N TYR A 9 14.56 5.58 8.35
CA TYR A 9 13.77 6.67 8.92
C TYR A 9 13.06 7.58 7.93
N ILE A 10 11.99 8.24 8.39
CA ILE A 10 11.15 9.08 7.54
C ILE A 10 10.54 10.22 8.34
N ASP A 11 9.61 9.90 9.25
CA ASP A 11 8.94 10.87 10.10
C ASP A 11 8.25 10.05 11.20
N GLU A 12 7.61 10.72 12.16
CA GLU A 12 6.93 10.07 13.26
C GLU A 12 5.56 10.70 13.53
N THR A 13 5.19 11.69 12.72
CA THR A 13 3.95 12.44 12.90
C THR A 13 3.35 12.94 11.59
N ALA A 14 3.70 12.29 10.48
CA ALA A 14 3.22 12.65 9.16
C ALA A 14 1.71 12.42 9.04
N PHE A 15 1.04 13.26 8.26
CA PHE A 15 -0.40 13.17 8.04
C PHE A 15 -0.75 14.11 6.90
N VAL A 16 -2.01 14.05 6.45
CA VAL A 16 -2.53 14.91 5.39
C VAL A 16 -3.99 15.23 5.69
N GLN A 17 -4.46 16.34 5.13
CA GLN A 17 -5.85 16.79 5.27
C GLN A 17 -6.33 17.41 3.96
N ALA A 18 -7.64 17.26 3.68
CA ALA A 18 -8.26 17.79 2.48
C ALA A 18 -8.49 19.29 2.60
N GLU A 19 -8.82 19.94 1.48
CA GLU A 19 -9.15 21.36 1.47
C GLU A 19 -10.54 21.60 2.05
N GLN A 20 -10.84 22.86 2.36
CA GLN A 20 -12.12 23.23 2.98
C GLN A 20 -13.26 23.09 1.97
N GLY A 21 -12.93 22.96 0.68
CA GLY A 21 -13.90 22.78 -0.38
C GLY A 21 -14.16 21.31 -0.68
N LYS A 22 -13.59 20.40 0.13
CA LYS A 22 -13.69 18.96 -0.10
C LYS A 22 -14.15 18.20 1.14
N THR A 23 -14.59 16.96 0.93
CA THR A 23 -15.01 16.06 1.98
C THR A 23 -14.23 14.75 2.07
N ASN A 24 -13.18 14.65 1.25
CA ASN A 24 -12.29 13.51 1.18
C ASN A 24 -10.95 13.90 0.55
N LEU A 25 -9.92 13.09 0.77
CA LEU A 25 -8.60 13.31 0.19
C LEU A 25 -8.56 12.88 -1.27
N MET A 26 -9.70 12.44 -1.82
CA MET A 26 -9.80 12.00 -3.20
C MET A 26 -9.47 13.16 -4.16
N PHE A 27 -8.83 12.86 -5.29
CA PHE A 27 -8.44 13.85 -6.28
C PHE A 27 -9.54 14.34 -7.21
N SER A 28 -10.63 13.57 -7.25
CA SER A 28 -11.82 13.80 -8.08
C SER A 28 -11.47 13.97 -9.55
N ASP A 29 -10.29 13.49 -9.95
CA ASP A 29 -9.80 13.62 -11.32
C ASP A 29 -8.94 12.42 -11.75
N GLU A 30 -9.28 11.80 -12.88
CA GLU A 30 -8.64 10.59 -13.36
C GLU A 30 -7.18 10.82 -13.75
N LYS A 31 -6.79 12.07 -14.02
CA LYS A 31 -5.42 12.41 -14.38
C LYS A 31 -4.47 12.25 -13.19
N GLN A 32 -5.00 11.99 -11.99
CA GLN A 32 -4.18 11.76 -10.81
C GLN A 32 -4.66 10.56 -10.01
N GLN A 33 -5.95 10.22 -10.11
CA GLN A 33 -6.51 9.19 -9.26
C GLN A 33 -5.87 7.83 -9.56
N ALA A 34 -5.59 7.58 -10.84
CA ALA A 34 -4.91 6.37 -11.28
C ALA A 34 -3.51 6.27 -10.67
N ARG A 35 -2.78 7.39 -10.68
CA ARG A 35 -1.41 7.44 -10.22
C ARG A 35 -1.35 7.42 -8.71
N PHE A 36 -2.42 7.85 -8.05
CA PHE A 36 -2.49 7.81 -6.61
C PHE A 36 -2.63 6.39 -6.05
N GLU A 37 -3.26 5.49 -6.81
CA GLU A 37 -3.33 4.08 -6.42
C GLU A 37 -2.03 3.35 -6.74
N LEU A 38 -1.33 3.78 -7.79
CA LEU A 38 -0.05 3.18 -8.15
C LEU A 38 0.99 3.48 -7.07
N GLY A 39 0.92 4.67 -6.49
CA GLY A 39 1.83 5.07 -5.44
C GLY A 39 1.78 4.12 -4.25
N VAL A 40 0.58 3.89 -3.69
CA VAL A 40 0.43 3.04 -2.52
C VAL A 40 0.82 1.59 -2.80
N SER A 41 0.47 1.10 -3.99
CA SER A 41 0.77 -0.27 -4.39
C SER A 41 2.27 -0.53 -4.37
N MET A 42 3.08 0.51 -4.60
CA MET A 42 4.53 0.37 -4.61
C MET A 42 5.15 0.40 -3.22
N VAL A 43 4.49 1.00 -2.22
CA VAL A 43 5.04 1.06 -0.87
C VAL A 43 4.73 -0.17 -0.03
N ILE A 44 3.55 -0.76 -0.22
CA ILE A 44 3.19 -1.98 0.51
C ILE A 44 4.06 -3.14 0.01
N TYR A 45 4.54 -3.04 -1.23
CA TYR A 45 5.49 -3.97 -1.81
C TYR A 45 6.89 -3.97 -1.22
N LYS A 46 7.14 -3.13 -0.20
CA LYS A 46 8.42 -3.06 0.46
C LYS A 46 8.30 -3.38 1.95
N TRP A 47 7.12 -3.78 2.41
CA TRP A 47 6.90 -4.14 3.80
C TRP A 47 7.36 -5.58 4.02
N ASP A 48 8.33 -5.78 4.92
CA ASP A 48 8.92 -7.09 5.15
C ASP A 48 8.11 -8.09 5.97
N ALA A 49 7.18 -7.62 6.81
CA ALA A 49 6.40 -8.51 7.64
C ALA A 49 5.32 -9.23 6.83
N LEU A 50 4.77 -8.55 5.83
CA LEU A 50 3.75 -9.14 4.98
C LEU A 50 4.40 -10.05 3.94
N ASP A 51 5.54 -9.63 3.39
CA ASP A 51 6.25 -10.40 2.37
C ASP A 51 6.77 -11.74 2.86
N VAL A 52 6.84 -11.94 4.18
CA VAL A 52 7.23 -13.20 4.78
C VAL A 52 5.98 -14.03 5.05
N ALA A 53 4.85 -13.38 5.32
CA ALA A 53 3.61 -14.07 5.66
C ALA A 53 2.95 -14.67 4.42
N VAL A 54 3.15 -14.05 3.26
CA VAL A 54 2.62 -14.54 2.00
C VAL A 54 3.47 -15.67 1.42
N GLU A 55 4.76 -15.66 1.72
CA GLU A 55 5.69 -16.71 1.27
C GLU A 55 5.58 -17.96 2.13
N ASN A 56 5.06 -17.83 3.36
CA ASN A 56 4.84 -18.95 4.25
C ASN A 56 3.35 -19.27 4.42
N SER A 57 2.49 -18.56 3.67
CA SER A 57 1.05 -18.81 3.66
C SER A 57 0.44 -18.78 5.06
N TRP A 58 0.94 -17.90 5.93
CA TRP A 58 0.44 -17.77 7.30
C TRP A 58 -1.03 -17.36 7.35
N GLY A 59 -1.58 -16.90 6.23
CA GLY A 59 -2.96 -16.44 6.15
C GLY A 59 -3.84 -17.35 5.30
N GLY A 60 -3.29 -18.47 4.80
CA GLY A 60 -4.01 -19.38 3.92
C GLY A 60 -3.63 -19.13 2.46
N PRO A 61 -4.12 -19.99 1.56
CA PRO A 61 -3.77 -19.97 0.14
C PRO A 61 -4.31 -18.72 -0.56
N ASP A 62 -5.28 -18.01 0.04
CA ASP A 62 -5.81 -16.78 -0.53
C ASP A 62 -4.95 -15.55 -0.25
N SER A 63 -3.80 -15.76 0.41
CA SER A 63 -2.90 -14.68 0.78
C SER A 63 -2.19 -14.07 -0.41
N ALA A 64 -2.21 -14.74 -1.58
CA ALA A 64 -1.50 -14.25 -2.74
C ALA A 64 -2.20 -13.03 -3.34
N GLU A 65 -3.54 -13.01 -3.30
CA GLU A 65 -4.30 -11.84 -3.74
C GLU A 65 -4.41 -10.82 -2.59
N LYS A 66 -4.21 -11.30 -1.36
CA LYS A 66 -4.31 -10.52 -0.13
C LYS A 66 -3.18 -9.51 -0.05
N ARG A 67 -2.06 -9.77 -0.74
CA ARG A 67 -0.92 -8.85 -0.78
C ARG A 67 -1.27 -7.57 -1.54
N ASP A 68 -2.19 -7.68 -2.50
CA ASP A 68 -2.69 -6.53 -3.23
C ASP A 68 -3.85 -5.86 -2.51
N TRP A 69 -4.48 -6.58 -1.57
CA TRP A 69 -5.62 -6.06 -0.84
C TRP A 69 -5.23 -5.11 0.28
N ILE A 70 -4.00 -5.25 0.80
CA ILE A 70 -3.50 -4.43 1.88
C ILE A 70 -3.27 -2.99 1.45
N THR A 71 -3.01 -2.74 0.17
CA THR A 71 -2.88 -1.38 -0.34
C THR A 71 -4.29 -0.89 -0.68
N GLY A 72 -5.20 -1.80 -1.05
CA GLY A 72 -6.56 -1.44 -1.44
C GLY A 72 -7.37 -0.93 -0.26
N ILE A 73 -7.14 -1.46 0.94
CA ILE A 73 -7.84 -1.00 2.14
C ILE A 73 -7.24 0.30 2.67
N VAL A 74 -5.96 0.57 2.37
CA VAL A 74 -5.30 1.78 2.84
C VAL A 74 -5.64 2.92 1.89
N VAL A 75 -5.70 2.64 0.58
CA VAL A 75 -6.00 3.68 -0.39
C VAL A 75 -7.43 4.18 -0.27
N ASP A 76 -8.34 3.29 0.15
CA ASP A 76 -9.73 3.65 0.38
C ASP A 76 -9.97 4.59 1.56
N LEU A 77 -8.95 4.81 2.39
CA LEU A 77 -9.06 5.76 3.50
C LEU A 77 -9.12 7.19 2.96
N PHE A 78 -8.27 7.49 1.98
CA PHE A 78 -8.20 8.80 1.34
C PHE A 78 -9.42 9.01 0.45
N LYS A 79 -9.96 7.92 -0.10
CA LYS A 79 -11.08 7.96 -1.02
C LYS A 79 -12.41 8.08 -0.30
N ASN A 80 -12.40 8.14 1.04
CA ASN A 80 -13.63 8.22 1.83
C ASN A 80 -13.50 9.13 3.05
N GLU A 81 -12.28 9.56 3.42
CA GLU A 81 -12.08 10.46 4.55
C GLU A 81 -11.27 11.68 4.15
N LYS A 82 -11.55 12.83 4.76
CA LYS A 82 -10.84 14.08 4.50
C LYS A 82 -9.55 14.19 5.31
N VAL A 83 -9.26 13.21 6.17
CA VAL A 83 -8.07 13.24 7.00
C VAL A 83 -7.52 11.82 7.14
N VAL A 84 -6.19 11.69 7.00
CA VAL A 84 -5.51 10.42 7.15
C VAL A 84 -4.13 10.73 7.73
N ASP A 85 -3.72 9.94 8.73
CA ASP A 85 -2.46 10.16 9.42
C ASP A 85 -1.63 8.88 9.26
N ALA A 86 -0.31 8.99 9.45
CA ALA A 86 0.56 7.83 9.33
C ALA A 86 0.25 6.80 10.42
N ALA A 87 -0.21 7.25 11.59
CA ALA A 87 -0.57 6.35 12.67
C ALA A 87 -1.88 5.62 12.36
N LEU A 88 -2.71 6.19 11.50
CA LEU A 88 -3.99 5.61 11.13
C LEU A 88 -3.75 4.48 10.14
N ILE A 89 -2.95 4.75 9.11
CA ILE A 89 -2.61 3.75 8.10
C ILE A 89 -1.85 2.59 8.73
N GLU A 90 -1.03 2.89 9.74
CA GLU A 90 -0.21 1.88 10.39
C GLU A 90 -1.11 0.85 11.08
N GLU A 91 -2.25 1.29 11.64
CA GLU A 91 -3.18 0.37 12.27
C GLU A 91 -3.93 -0.43 11.20
N THR A 92 -4.09 0.14 10.01
CA THR A 92 -4.68 -0.56 8.88
C THR A 92 -3.81 -1.70 8.37
N LEU A 93 -2.51 -1.63 8.66
CA LEU A 93 -1.56 -2.69 8.34
C LEU A 93 -1.43 -3.67 9.51
N LEU A 94 -1.29 -3.16 10.74
CA LEU A 94 -1.09 -4.02 11.91
C LEU A 94 -2.33 -4.88 12.12
N TYR A 95 -3.53 -4.31 12.03
CA TYR A 95 -4.73 -5.11 12.17
C TYR A 95 -4.98 -6.08 11.01
N ALA A 96 -4.49 -5.76 9.81
CA ALA A 96 -4.66 -6.63 8.66
C ALA A 96 -3.82 -7.90 8.80
N MET A 97 -2.74 -7.84 9.59
CA MET A 97 -1.89 -9.00 9.83
C MET A 97 -2.43 -9.85 10.97
N ILE A 98 -3.05 -9.21 11.97
CA ILE A 98 -3.57 -9.91 13.13
C ILE A 98 -4.96 -10.48 12.84
N ASP A 99 -5.70 -9.87 11.91
CA ASP A 99 -7.07 -10.25 11.60
C ASP A 99 -7.21 -11.36 10.56
N GLU A 100 -6.11 -11.77 9.93
CA GLU A 100 -6.16 -12.78 8.89
C GLU A 100 -4.84 -13.55 8.76
N PHE A 101 -3.70 -12.88 8.97
CA PHE A 101 -2.41 -13.55 9.01
C PHE A 101 -2.03 -14.16 10.36
N GLU A 102 -2.86 -13.90 11.39
CA GLU A 102 -2.59 -14.35 12.76
C GLU A 102 -1.19 -13.95 13.22
N THR A 103 -0.70 -12.81 12.74
CA THR A 103 0.65 -12.35 13.02
C THR A 103 0.61 -10.90 13.51
N ASN A 104 1.35 -10.63 14.58
CA ASN A 104 1.47 -9.27 15.11
C ASN A 104 2.69 -8.58 14.49
N VAL A 105 2.59 -7.27 14.32
CA VAL A 105 3.68 -6.46 13.76
C VAL A 105 4.00 -5.23 14.62
N GLU A 106 4.16 -5.49 15.92
CA GLU A 106 4.41 -4.45 16.91
C GLU A 106 5.86 -3.99 16.85
N ASP A 107 6.65 -4.53 15.92
CA ASP A 107 8.03 -4.14 15.70
C ASP A 107 8.19 -2.81 14.95
N ASP A 108 7.09 -2.08 14.78
CA ASP A 108 7.06 -0.81 14.05
C ASP A 108 7.47 -0.90 12.58
N SER A 109 7.46 -2.11 12.02
CA SER A 109 7.86 -2.32 10.64
C SER A 109 6.90 -1.65 9.64
N ALA A 110 5.67 -1.36 10.09
CA ALA A 110 4.65 -0.74 9.26
C ALA A 110 4.69 0.80 9.36
N LEU A 111 5.47 1.34 10.30
CA LEU A 111 5.57 2.77 10.49
C LEU A 111 6.11 3.48 9.24
N PRO A 112 7.30 3.09 8.72
CA PRO A 112 7.87 3.73 7.56
C PRO A 112 7.07 3.43 6.30
N ILE A 113 6.25 2.36 6.32
CA ILE A 113 5.40 2.03 5.19
C ILE A 113 4.22 2.98 5.13
N ALA A 114 3.69 3.38 6.28
CA ALA A 114 2.55 4.29 6.35
C ALA A 114 2.95 5.69 5.90
N VAL A 115 4.12 6.17 6.30
CA VAL A 115 4.55 7.52 5.96
C VAL A 115 4.79 7.64 4.46
N GLU A 116 5.17 6.55 3.78
CA GLU A 116 5.35 6.60 2.34
C GLU A 116 4.01 6.73 1.61
N VAL A 117 2.91 6.22 2.20
CA VAL A 117 1.59 6.37 1.60
C VAL A 117 1.12 7.82 1.74
N ILE A 118 1.52 8.46 2.84
CA ILE A 118 1.16 9.84 3.11
C ILE A 118 1.87 10.76 2.11
N ASN A 119 3.05 10.33 1.65
CA ASN A 119 3.80 11.07 0.64
C ASN A 119 3.13 11.01 -0.72
N ILE A 120 2.36 9.95 -1.00
CA ILE A 120 1.73 9.79 -2.31
C ILE A 120 0.67 10.85 -2.52
N TYR A 121 -0.02 11.25 -1.44
CA TYR A 121 -1.02 12.30 -1.55
C TYR A 121 -0.45 13.67 -1.91
N ASN A 122 0.73 13.98 -1.37
CA ASN A 122 1.42 15.22 -1.68
C ASN A 122 2.08 15.12 -3.06
N ASP A 123 2.60 13.94 -3.40
CA ASP A 123 3.27 13.73 -4.67
C ASP A 123 2.35 13.77 -5.89
N CYS A 124 1.06 13.51 -5.68
CA CYS A 124 0.08 13.64 -6.75
C CYS A 124 -0.59 15.02 -6.75
N PHE A 125 -0.48 15.73 -5.62
CA PHE A 125 -1.05 17.07 -5.48
C PHE A 125 -0.23 18.22 -6.07
N ASN A 126 1.05 17.96 -6.33
CA ASN A 126 1.95 18.93 -6.94
C ASN A 126 2.90 18.24 -7.94
N LEU A 127 2.42 17.17 -8.55
CA LEU A 127 3.11 16.47 -9.64
C LEU A 127 4.49 15.92 -9.29
N ASN A 128 4.80 15.74 -8.00
CA ASN A 128 6.08 15.20 -7.56
C ASN A 128 6.07 13.66 -7.58
N TYR A 129 5.25 13.07 -8.45
CA TYR A 129 5.08 11.63 -8.55
C TYR A 129 6.26 10.85 -9.13
N ASN A 130 7.44 11.48 -9.19
CA ASN A 130 8.62 10.85 -9.75
C ASN A 130 9.02 9.59 -8.97
N LYS A 131 8.63 9.49 -7.70
CA LYS A 131 8.92 8.30 -6.89
C LYS A 131 7.91 7.19 -7.19
N VAL A 132 6.73 7.53 -7.70
CA VAL A 132 5.71 6.54 -8.02
C VAL A 132 6.12 5.73 -9.24
N GLU A 133 6.74 6.37 -10.24
CA GLU A 133 7.20 5.68 -11.44
C GLU A 133 8.52 4.97 -11.15
N LYS A 134 9.37 5.57 -10.31
CA LYS A 134 10.66 5.02 -9.97
C LYS A 134 10.53 3.67 -9.27
N LEU A 135 9.66 3.59 -8.26
CA LEU A 135 9.45 2.34 -7.54
C LEU A 135 8.83 1.28 -8.46
N TYR A 136 8.08 1.69 -9.48
CA TYR A 136 7.49 0.73 -10.41
C TYR A 136 8.48 0.14 -11.40
N LEU A 137 9.52 0.88 -11.74
CA LEU A 137 10.58 0.42 -12.62
C LEU A 137 11.59 -0.42 -11.83
N GLU A 138 11.81 -0.06 -10.56
CA GLU A 138 12.71 -0.80 -9.68
C GLU A 138 12.02 -2.03 -9.09
N TRP A 139 10.69 -2.10 -9.16
CA TRP A 139 9.96 -3.27 -8.73
C TRP A 139 10.16 -4.49 -9.63
N GLN A 140 10.45 -4.25 -10.92
CA GLN A 140 10.55 -5.33 -11.89
C GLN A 140 11.86 -6.11 -11.80
N GLU A 141 12.84 -5.64 -11.02
CA GLU A 141 14.16 -6.27 -10.99
C GLU A 141 14.14 -7.56 -10.18
N LYS A 142 13.10 -7.80 -9.36
CA LYS A 142 12.98 -9.02 -8.58
C LYS A 142 11.81 -9.87 -9.04
N GLN A 143 10.94 -9.34 -9.91
CA GLN A 143 9.85 -10.10 -10.49
C GLN A 143 10.37 -11.07 -11.55
N ARG A 144 11.64 -10.93 -11.94
CA ARG A 144 12.29 -11.79 -12.91
C ARG A 144 13.10 -12.91 -12.25
N THR A 145 12.91 -13.12 -10.93
CA THR A 145 13.65 -14.12 -10.19
C THR A 145 12.80 -14.67 -9.04
N LYS A 146 11.89 -13.86 -8.47
CA LYS A 146 10.95 -14.33 -7.46
C LYS A 146 9.72 -14.96 -8.10
N LYS A 147 9.68 -15.00 -9.44
CA LYS A 147 8.55 -15.52 -10.20
C LYS A 147 9.04 -16.08 -11.52
N SER A 148 8.28 -17.04 -12.09
CA SER A 148 8.61 -17.67 -13.35
C SER A 148 7.37 -18.37 -13.90
N LYS A 149 6.82 -17.81 -14.98
CA LYS A 149 5.64 -18.36 -15.64
C LYS A 149 5.98 -19.68 -16.33
N ARG A 150 4.96 -20.51 -16.56
CA ARG A 150 5.11 -21.77 -17.27
C ARG A 150 5.35 -21.51 -18.75
N VAL A 151 6.04 -22.42 -19.43
CA VAL A 151 6.34 -22.28 -20.85
C VAL A 151 6.46 -23.61 -21.59
N VAL A 152 5.91 -24.67 -20.97
CA VAL A 152 5.96 -26.02 -21.52
C VAL A 152 5.06 -26.23 -22.74
N HIS A 153 4.24 -25.23 -23.07
CA HIS A 153 3.33 -25.27 -24.19
C HIS A 153 3.02 -23.84 -24.63
N ILE A 154 2.76 -23.66 -25.92
CA ILE A 154 2.46 -22.35 -26.49
C ILE A 154 1.07 -21.89 -26.05
N GLU A 155 0.81 -20.57 -26.17
CA GLU A 155 -0.46 -19.98 -25.79
C GLU A 155 -0.91 -18.94 -26.83
N GLY A 156 -0.33 -18.98 -28.02
CA GLY A 156 -0.64 -18.05 -29.09
C GLY A 156 -2.02 -18.31 -29.68
N SER B 1 -11.68 10.97 18.81
CA SER B 1 -12.06 10.19 17.61
C SER B 1 -13.27 9.31 17.90
N GLY B 2 -13.12 8.33 18.80
CA GLY B 2 -14.21 7.43 19.16
C GLY B 2 -14.50 6.41 18.05
N SER B 3 -15.59 5.65 18.25
CA SER B 3 -16.03 4.59 17.36
C SER B 3 -15.00 3.47 17.18
N GLN B 4 -15.42 2.37 16.55
CA GLN B 4 -14.55 1.23 16.31
C GLN B 4 -13.51 1.55 15.23
N HIS B 5 -12.46 0.74 15.16
CA HIS B 5 -11.43 0.85 14.14
C HIS B 5 -11.98 0.38 12.79
N MET B 6 -11.34 0.82 11.70
CA MET B 6 -11.71 0.53 10.34
C MET B 6 -11.20 -0.84 9.89
N ARG B 7 -10.48 -1.55 10.77
CA ARG B 7 -9.80 -2.80 10.48
C ARG B 7 -10.69 -3.81 9.76
N PRO B 8 -10.42 -4.06 8.47
CA PRO B 8 -11.12 -5.05 7.66
C PRO B 8 -10.57 -6.46 7.92
N ARG B 9 -11.09 -7.45 7.20
CA ARG B 9 -10.70 -8.85 7.35
C ARG B 9 -10.04 -9.37 6.08
N PHE B 10 -10.81 -9.46 5.00
CA PHE B 10 -10.32 -9.84 3.67
C PHE B 10 -11.23 -9.42 2.53
N ASN B 11 -10.65 -9.07 1.38
CA ASN B 11 -11.40 -8.74 0.18
C ASN B 11 -10.47 -8.85 -1.01
N ARG B 12 -11.03 -8.80 -2.22
CA ARG B 12 -10.25 -8.85 -3.45
C ARG B 12 -10.85 -7.94 -4.52
N GLU B 13 -11.78 -7.06 -4.14
CA GLU B 13 -12.44 -6.16 -5.07
C GLU B 13 -11.83 -4.76 -5.02
N ASN B 14 -11.25 -4.37 -3.87
CA ASN B 14 -10.66 -3.04 -3.71
C ASN B 14 -9.14 -3.11 -3.84
N LYS B 15 -8.59 -4.33 -3.93
CA LYS B 15 -7.15 -4.56 -4.01
C LYS B 15 -6.54 -3.78 -5.17
N VAL B 16 -5.25 -3.46 -5.04
CA VAL B 16 -4.50 -2.75 -6.08
C VAL B 16 -3.26 -3.54 -6.48
N SER B 17 -3.19 -3.92 -7.76
CA SER B 17 -2.04 -4.65 -8.28
C SER B 17 -1.00 -3.65 -8.82
N PRO B 18 0.28 -4.02 -8.84
CA PRO B 18 1.37 -3.13 -9.21
C PRO B 18 1.27 -2.68 -10.67
N ALA B 19 0.56 -3.42 -11.52
CA ALA B 19 0.40 -3.06 -12.92
C ALA B 19 -1.00 -2.56 -13.23
N ASP B 20 -2.01 -3.03 -12.50
CA ASP B 20 -3.39 -2.63 -12.72
C ASP B 20 -3.55 -1.13 -12.48
N ALA B 21 -2.65 -0.53 -11.69
CA ALA B 21 -2.68 0.89 -11.43
C ALA B 21 -1.63 1.63 -12.28
N ALA B 22 -0.75 0.89 -12.94
CA ALA B 22 0.31 1.48 -13.74
C ALA B 22 -0.14 1.61 -15.19
N LYS B 23 -0.87 0.63 -15.70
CA LYS B 23 -1.35 0.66 -17.07
C LYS B 23 -2.31 1.83 -17.30
N LYS B 24 -2.77 2.46 -16.22
CA LYS B 24 -3.64 3.63 -16.27
C LYS B 24 -2.92 4.92 -15.84
N ALA B 25 -1.89 4.80 -14.98
CA ALA B 25 -1.20 5.96 -14.44
C ALA B 25 0.04 6.36 -15.24
N LEU B 26 0.80 5.38 -15.74
CA LEU B 26 2.00 5.63 -16.52
C LEU B 26 1.67 6.39 -17.80
N SER A 1 27.60 0.18 1.43
CA SER A 1 26.35 -0.11 0.73
C SER A 1 25.89 1.09 -0.09
N GLY A 2 25.04 0.85 -1.08
CA GLY A 2 24.50 1.90 -1.94
C GLY A 2 23.47 2.75 -1.19
N SER A 3 23.12 3.90 -1.77
CA SER A 3 22.14 4.81 -1.19
C SER A 3 20.73 4.23 -1.30
N HIS A 4 19.83 4.67 -0.41
CA HIS A 4 18.45 4.21 -0.37
C HIS A 4 17.53 5.37 0.02
N MET A 5 16.23 5.21 -0.25
CA MET A 5 15.23 6.23 0.07
C MET A 5 14.99 6.33 1.58
N SER A 6 15.45 5.31 2.33
CA SER A 6 15.33 5.28 3.79
C SER A 6 16.33 4.27 4.36
N THR A 7 16.70 4.46 5.63
CA THR A 7 17.63 3.56 6.32
C THR A 7 17.21 3.18 7.73
N GLN A 8 16.49 4.07 8.43
CA GLN A 8 16.00 3.82 9.77
C GLN A 8 14.89 4.80 10.15
N TYR A 9 14.83 5.95 9.46
CA TYR A 9 13.86 6.99 9.74
C TYR A 9 13.21 7.65 8.53
N ILE A 10 12.09 8.34 8.77
CA ILE A 10 11.34 9.01 7.72
C ILE A 10 10.64 10.24 8.29
N ASP A 11 9.72 10.01 9.24
CA ASP A 11 9.01 11.07 9.95
C ASP A 11 8.32 10.37 11.13
N GLU A 12 7.65 11.14 11.98
CA GLU A 12 6.98 10.61 13.17
C GLU A 12 5.61 11.25 13.37
N THR A 13 5.24 12.16 12.46
CA THR A 13 3.98 12.91 12.56
C THR A 13 3.40 13.27 11.19
N ALA A 14 3.75 12.50 10.16
CA ALA A 14 3.29 12.72 8.81
C ALA A 14 1.77 12.54 8.71
N PHE A 15 1.11 13.39 7.91
CA PHE A 15 -0.33 13.33 7.74
C PHE A 15 -0.69 14.23 6.57
N VAL A 16 -1.97 14.17 6.16
CA VAL A 16 -2.52 14.97 5.06
C VAL A 16 -3.96 15.29 5.40
N GLN A 17 -4.47 16.38 4.80
CA GLN A 17 -5.85 16.82 4.97
C GLN A 17 -6.39 17.40 3.66
N ALA A 18 -7.67 17.22 3.42
CA ALA A 18 -8.35 17.73 2.23
C ALA A 18 -8.65 19.22 2.37
N GLU A 19 -9.07 19.85 1.26
CA GLU A 19 -9.46 21.25 1.27
C GLU A 19 -10.83 21.42 1.93
N GLN A 20 -11.18 22.66 2.28
CA GLN A 20 -12.44 22.97 2.96
C GLN A 20 -13.64 22.78 2.02
N GLY A 21 -13.37 22.67 0.72
CA GLY A 21 -14.41 22.44 -0.29
C GLY A 21 -14.61 20.95 -0.58
N LYS A 22 -13.93 20.08 0.17
CA LYS A 22 -13.96 18.64 -0.07
C LYS A 22 -14.31 17.85 1.19
N THR A 23 -14.73 16.60 0.98
CA THR A 23 -15.10 15.68 2.05
C THR A 23 -14.22 14.43 2.15
N ASN A 24 -13.22 14.35 1.27
CA ASN A 24 -12.26 13.25 1.21
C ASN A 24 -10.98 13.70 0.53
N LEU A 25 -9.90 12.94 0.72
CA LEU A 25 -8.61 13.22 0.12
C LEU A 25 -8.59 12.84 -1.38
N MET A 26 -9.71 12.35 -1.90
CA MET A 26 -9.81 11.95 -3.30
C MET A 26 -9.56 13.15 -4.22
N PHE A 27 -8.89 12.89 -5.35
CA PHE A 27 -8.56 13.89 -6.34
C PHE A 27 -9.70 14.40 -7.21
N SER A 28 -9.50 15.56 -7.83
CA SER A 28 -10.51 16.19 -8.68
C SER A 28 -10.67 15.49 -10.03
N ASP A 29 -9.93 14.42 -10.28
CA ASP A 29 -10.00 13.69 -11.54
C ASP A 29 -9.58 12.24 -11.30
N GLU A 30 -10.18 11.31 -12.04
CA GLU A 30 -9.89 9.89 -11.88
C GLU A 30 -8.53 9.53 -12.47
N LYS A 31 -8.05 10.32 -13.45
CA LYS A 31 -6.73 10.13 -14.02
C LYS A 31 -5.66 10.53 -13.01
N GLN A 32 -6.03 11.35 -12.03
CA GLN A 32 -5.11 11.79 -10.99
C GLN A 32 -5.03 10.76 -9.87
N GLN A 33 -6.07 9.92 -9.74
CA GLN A 33 -6.08 8.82 -8.79
C GLN A 33 -5.20 7.66 -9.25
N ALA A 34 -4.98 7.53 -10.57
CA ALA A 34 -4.18 6.46 -11.12
C ALA A 34 -2.75 6.53 -10.58
N ARG A 35 -2.14 7.71 -10.63
CA ARG A 35 -0.79 7.93 -10.13
C ARG A 35 -0.72 7.74 -8.62
N PHE A 36 -1.84 7.98 -7.92
CA PHE A 36 -1.89 7.77 -6.48
C PHE A 36 -2.02 6.31 -6.04
N GLU A 37 -2.79 5.50 -6.78
CA GLU A 37 -2.97 4.10 -6.44
C GLU A 37 -1.71 3.30 -6.76
N LEU A 38 -0.94 3.73 -7.77
CA LEU A 38 0.29 3.06 -8.14
C LEU A 38 1.36 3.31 -7.08
N GLY A 39 1.34 4.49 -6.45
CA GLY A 39 2.33 4.86 -5.46
C GLY A 39 2.27 3.94 -4.25
N VAL A 40 1.09 3.81 -3.64
CA VAL A 40 0.95 3.00 -2.43
C VAL A 40 1.03 1.51 -2.80
N SER A 41 0.60 1.13 -4.00
CA SER A 41 0.72 -0.25 -4.44
C SER A 41 2.19 -0.70 -4.42
N MET A 42 3.12 0.24 -4.62
CA MET A 42 4.55 -0.05 -4.57
C MET A 42 5.11 0.06 -3.16
N VAL A 43 4.50 0.90 -2.29
CA VAL A 43 4.99 1.11 -0.94
C VAL A 43 4.66 -0.11 -0.10
N ILE A 44 3.49 -0.71 -0.29
CA ILE A 44 3.08 -1.87 0.50
C ILE A 44 3.93 -3.09 0.13
N TYR A 45 4.46 -3.15 -1.10
CA TYR A 45 5.37 -4.20 -1.52
C TYR A 45 6.76 -4.19 -0.86
N LYS A 46 7.10 -3.11 -0.14
CA LYS A 46 8.38 -3.00 0.55
C LYS A 46 8.28 -3.41 2.01
N TRP A 47 7.07 -3.67 2.51
CA TRP A 47 6.88 -4.09 3.88
C TRP A 47 7.30 -5.57 4.02
N ASP A 48 8.23 -5.84 4.95
CA ASP A 48 8.76 -7.19 5.11
C ASP A 48 7.85 -8.18 5.82
N ALA A 49 7.00 -7.71 6.73
CA ALA A 49 6.15 -8.61 7.50
C ALA A 49 5.07 -9.23 6.63
N LEU A 50 4.58 -8.48 5.64
CA LEU A 50 3.57 -8.97 4.71
C LEU A 50 4.24 -9.88 3.69
N ASP A 51 5.45 -9.52 3.24
CA ASP A 51 6.15 -10.31 2.24
C ASP A 51 6.42 -11.74 2.71
N VAL A 52 6.87 -11.88 3.97
CA VAL A 52 7.17 -13.18 4.56
C VAL A 52 5.89 -13.98 4.77
N ALA A 53 4.74 -13.29 4.95
CA ALA A 53 3.49 -13.97 5.23
C ALA A 53 2.93 -14.66 3.98
N VAL A 54 3.22 -14.14 2.78
CA VAL A 54 2.78 -14.76 1.55
C VAL A 54 3.76 -15.86 1.13
N GLU A 55 5.03 -15.72 1.49
CA GLU A 55 6.06 -16.70 1.21
C GLU A 55 5.92 -17.94 2.10
N ASN A 56 5.14 -17.83 3.18
CA ASN A 56 4.88 -18.94 4.08
C ASN A 56 3.39 -19.26 4.18
N SER A 57 2.56 -18.61 3.36
CA SER A 57 1.13 -18.86 3.28
C SER A 57 0.43 -18.75 4.64
N TRP A 58 0.88 -17.82 5.48
CA TRP A 58 0.27 -17.58 6.79
C TRP A 58 -1.17 -17.07 6.66
N GLY A 59 -1.59 -16.70 5.45
CA GLY A 59 -2.92 -16.19 5.17
C GLY A 59 -3.68 -17.11 4.23
N GLY A 60 -3.20 -18.35 4.05
CA GLY A 60 -3.80 -19.32 3.15
C GLY A 60 -3.40 -19.03 1.70
N PRO A 61 -3.91 -19.82 0.75
CA PRO A 61 -3.63 -19.66 -0.66
C PRO A 61 -4.19 -18.33 -1.19
N ASP A 62 -5.12 -17.71 -0.45
CA ASP A 62 -5.67 -16.41 -0.79
C ASP A 62 -4.75 -15.25 -0.42
N SER A 63 -3.64 -15.53 0.25
CA SER A 63 -2.68 -14.51 0.65
C SER A 63 -2.03 -13.84 -0.56
N ALA A 64 -2.10 -14.47 -1.73
CA ALA A 64 -1.56 -13.90 -2.95
C ALA A 64 -2.41 -12.73 -3.43
N GLU A 65 -3.62 -12.56 -2.88
CA GLU A 65 -4.47 -11.41 -3.14
C GLU A 65 -4.47 -10.47 -1.93
N LYS A 66 -4.06 -10.95 -0.76
CA LYS A 66 -3.95 -10.11 0.43
C LYS A 66 -2.86 -9.07 0.27
N ARG A 67 -1.81 -9.38 -0.49
CA ARG A 67 -0.71 -8.45 -0.73
C ARG A 67 -1.18 -7.25 -1.56
N ASP A 68 -2.20 -7.46 -2.39
CA ASP A 68 -2.81 -6.38 -3.16
C ASP A 68 -3.97 -5.72 -2.42
N TRP A 69 -4.58 -6.46 -1.49
CA TRP A 69 -5.73 -5.96 -0.75
C TRP A 69 -5.32 -5.01 0.37
N ILE A 70 -4.10 -5.15 0.88
CA ILE A 70 -3.59 -4.32 1.97
C ILE A 70 -3.39 -2.86 1.52
N THR A 71 -3.12 -2.61 0.24
CA THR A 71 -3.01 -1.23 -0.23
C THR A 71 -4.43 -0.76 -0.52
N GLY A 72 -5.33 -1.66 -0.94
CA GLY A 72 -6.69 -1.28 -1.31
C GLY A 72 -7.49 -0.78 -0.10
N ILE A 73 -7.22 -1.33 1.09
CA ILE A 73 -7.92 -0.89 2.30
C ILE A 73 -7.33 0.43 2.82
N VAL A 74 -6.06 0.73 2.49
CA VAL A 74 -5.44 1.97 2.91
C VAL A 74 -5.90 3.07 1.96
N VAL A 75 -6.06 2.74 0.68
CA VAL A 75 -6.48 3.71 -0.33
C VAL A 75 -7.90 4.12 0.01
N ASP A 76 -8.68 3.22 0.61
CA ASP A 76 -10.07 3.50 0.98
C ASP A 76 -10.19 4.65 1.97
N LEU A 77 -9.15 4.85 2.79
CA LEU A 77 -9.16 5.94 3.76
C LEU A 77 -9.12 7.28 3.04
N PHE A 78 -8.29 7.39 2.00
CA PHE A 78 -8.19 8.59 1.21
C PHE A 78 -9.44 8.90 0.40
N LYS A 79 -10.22 7.86 0.05
CA LYS A 79 -11.42 8.01 -0.76
C LYS A 79 -12.67 8.29 0.06
N ASN A 80 -12.61 8.15 1.38
CA ASN A 80 -13.79 8.31 2.23
C ASN A 80 -13.54 9.11 3.50
N GLU A 81 -12.32 9.59 3.72
CA GLU A 81 -12.02 10.50 4.82
C GLU A 81 -11.22 11.69 4.32
N LYS A 82 -11.52 12.88 4.86
CA LYS A 82 -10.81 14.11 4.50
C LYS A 82 -9.49 14.24 5.27
N VAL A 83 -9.19 13.31 6.16
CA VAL A 83 -7.99 13.34 6.97
C VAL A 83 -7.46 11.93 7.16
N VAL A 84 -6.15 11.77 6.94
CA VAL A 84 -5.45 10.49 7.09
C VAL A 84 -4.05 10.83 7.59
N ASP A 85 -3.52 10.01 8.50
CA ASP A 85 -2.18 10.20 9.03
C ASP A 85 -1.40 8.90 9.11
N ALA A 86 -0.10 9.01 9.38
CA ALA A 86 0.77 7.85 9.43
C ALA A 86 0.30 6.85 10.50
N ALA A 87 -0.41 7.33 11.52
CA ALA A 87 -0.91 6.47 12.58
C ALA A 87 -2.17 5.73 12.12
N LEU A 88 -3.05 6.40 11.37
CA LEU A 88 -4.29 5.81 10.91
C LEU A 88 -4.03 4.76 9.83
N ILE A 89 -3.00 4.95 9.00
CA ILE A 89 -2.64 3.95 8.00
C ILE A 89 -1.94 2.78 8.67
N GLU A 90 -1.12 3.05 9.69
CA GLU A 90 -0.34 1.99 10.33
C GLU A 90 -1.26 1.01 11.04
N GLU A 91 -2.31 1.49 11.70
CA GLU A 91 -3.25 0.60 12.38
C GLU A 91 -4.01 -0.26 11.37
N THR A 92 -4.24 0.28 10.16
CA THR A 92 -4.89 -0.49 9.10
C THR A 92 -4.01 -1.60 8.51
N LEU A 93 -2.69 -1.50 8.72
CA LEU A 93 -1.75 -2.55 8.34
C LEU A 93 -1.55 -3.54 9.49
N LEU A 94 -1.41 -3.04 10.72
CA LEU A 94 -1.15 -3.90 11.86
C LEU A 94 -2.34 -4.82 12.11
N TYR A 95 -3.56 -4.29 12.02
CA TYR A 95 -4.74 -5.11 12.21
C TYR A 95 -5.08 -6.05 11.06
N ALA A 96 -4.53 -5.77 9.87
CA ALA A 96 -4.71 -6.64 8.71
C ALA A 96 -3.86 -7.90 8.84
N MET A 97 -2.74 -7.83 9.57
CA MET A 97 -1.87 -8.96 9.80
C MET A 97 -2.38 -9.83 10.95
N ILE A 98 -3.07 -9.22 11.92
CA ILE A 98 -3.54 -9.94 13.09
C ILE A 98 -4.91 -10.56 12.86
N ASP A 99 -5.70 -9.99 11.95
CA ASP A 99 -7.05 -10.48 11.70
C ASP A 99 -7.20 -11.65 10.74
N GLU A 100 -6.17 -11.94 9.92
CA GLU A 100 -6.22 -13.04 8.99
C GLU A 100 -4.86 -13.74 8.83
N PHE A 101 -3.77 -12.98 8.96
CA PHE A 101 -2.44 -13.58 8.94
C PHE A 101 -2.00 -14.23 10.26
N GLU A 102 -2.80 -14.06 11.32
CA GLU A 102 -2.49 -14.56 12.65
C GLU A 102 -1.10 -14.13 13.10
N THR A 103 -0.63 -12.98 12.61
CA THR A 103 0.72 -12.51 12.83
C THR A 103 0.68 -11.09 13.41
N ASN A 104 1.45 -10.88 14.46
CA ASN A 104 1.64 -9.57 15.05
C ASN A 104 2.87 -8.91 14.46
N VAL A 105 2.83 -7.58 14.31
CA VAL A 105 3.95 -6.80 13.81
C VAL A 105 4.35 -5.70 14.79
N GLU A 106 4.83 -6.14 15.95
CA GLU A 106 5.17 -5.26 17.05
C GLU A 106 6.52 -4.56 16.81
N ASP A 107 7.21 -4.92 15.72
CA ASP A 107 8.47 -4.31 15.34
C ASP A 107 8.35 -2.90 14.79
N ASP A 108 7.12 -2.38 14.70
CA ASP A 108 6.84 -1.06 14.15
C ASP A 108 7.28 -0.88 12.70
N SER A 109 7.50 -2.01 11.99
CA SER A 109 7.96 -1.98 10.60
C SER A 109 6.88 -1.43 9.68
N ALA A 110 5.64 -1.28 10.17
CA ALA A 110 4.55 -0.70 9.41
C ALA A 110 4.56 0.84 9.50
N LEU A 111 5.31 1.41 10.44
CA LEU A 111 5.39 2.85 10.60
C LEU A 111 5.97 3.52 9.36
N PRO A 112 7.17 3.13 8.89
CA PRO A 112 7.79 3.75 7.72
C PRO A 112 7.00 3.42 6.45
N ILE A 113 6.17 2.39 6.48
CA ILE A 113 5.34 2.04 5.33
C ILE A 113 4.12 2.98 5.26
N ALA A 114 3.61 3.42 6.41
CA ALA A 114 2.48 4.34 6.45
C ALA A 114 2.88 5.73 6.01
N VAL A 115 4.07 6.19 6.44
CA VAL A 115 4.53 7.53 6.13
C VAL A 115 4.76 7.68 4.64
N GLU A 116 5.14 6.59 3.94
CA GLU A 116 5.37 6.66 2.52
C GLU A 116 4.06 6.83 1.73
N VAL A 117 2.95 6.26 2.20
CA VAL A 117 1.66 6.42 1.53
C VAL A 117 1.18 7.86 1.64
N ILE A 118 1.54 8.54 2.73
CA ILE A 118 1.18 9.92 2.95
C ILE A 118 1.91 10.80 1.94
N ASN A 119 3.12 10.37 1.56
CA ASN A 119 3.94 11.09 0.60
C ASN A 119 3.53 10.80 -0.85
N ILE A 120 2.59 9.88 -1.06
CA ILE A 120 2.05 9.65 -2.40
C ILE A 120 1.02 10.74 -2.70
N TYR A 121 0.30 11.18 -1.67
CA TYR A 121 -0.71 12.22 -1.83
C TYR A 121 -0.16 13.63 -2.08
N ASN A 122 0.86 14.03 -1.31
CA ASN A 122 1.40 15.38 -1.42
C ASN A 122 2.21 15.57 -2.71
N ASP A 123 2.56 14.49 -3.40
CA ASP A 123 3.20 14.56 -4.71
C ASP A 123 2.18 14.57 -5.86
N CYS A 124 1.14 13.72 -5.77
CA CYS A 124 0.10 13.69 -6.77
C CYS A 124 -0.77 14.95 -6.70
N PHE A 125 -0.68 15.71 -5.60
CA PHE A 125 -1.39 16.96 -5.44
C PHE A 125 -0.97 18.08 -6.40
N ASN A 126 0.13 17.84 -7.12
CA ASN A 126 0.62 18.72 -8.16
C ASN A 126 1.07 17.90 -9.37
N LEU A 127 0.42 16.75 -9.56
CA LEU A 127 0.61 15.85 -10.69
C LEU A 127 2.04 15.29 -10.82
N ASN A 128 2.85 15.30 -9.75
CA ASN A 128 4.15 14.66 -9.79
C ASN A 128 4.03 13.15 -9.54
N TYR A 129 4.96 12.38 -10.10
CA TYR A 129 5.00 10.94 -9.94
C TYR A 129 6.39 10.30 -10.00
N ASN A 130 7.44 11.09 -9.75
CA ASN A 130 8.82 10.66 -9.93
C ASN A 130 9.17 9.46 -9.04
N LYS A 131 8.67 9.42 -7.81
CA LYS A 131 8.95 8.30 -6.92
C LYS A 131 8.03 7.12 -7.22
N VAL A 132 6.85 7.39 -7.77
CA VAL A 132 5.86 6.36 -8.07
C VAL A 132 6.35 5.53 -9.26
N GLU A 133 6.90 6.16 -10.29
CA GLU A 133 7.40 5.45 -11.46
C GLU A 133 8.72 4.76 -11.12
N LYS A 134 9.53 5.35 -10.23
CA LYS A 134 10.80 4.80 -9.83
C LYS A 134 10.62 3.47 -9.13
N LEU A 135 9.71 3.40 -8.15
CA LEU A 135 9.49 2.17 -7.41
C LEU A 135 8.90 1.09 -8.31
N TYR A 136 8.13 1.47 -9.34
CA TYR A 136 7.57 0.50 -10.26
C TYR A 136 8.58 -0.10 -11.24
N LEU A 137 9.61 0.67 -11.60
CA LEU A 137 10.68 0.19 -12.46
C LEU A 137 11.67 -0.64 -11.64
N GLU A 138 11.85 -0.30 -10.36
CA GLU A 138 12.72 -1.04 -9.47
C GLU A 138 12.03 -2.29 -8.90
N TRP A 139 10.70 -2.35 -8.99
CA TRP A 139 9.97 -3.55 -8.61
C TRP A 139 10.19 -4.72 -9.56
N GLN A 140 10.48 -4.44 -10.83
CA GLN A 140 10.63 -5.48 -11.85
C GLN A 140 11.99 -6.17 -11.80
N GLU A 141 12.95 -5.67 -11.01
CA GLU A 141 14.31 -6.20 -11.05
C GLU A 141 14.39 -7.58 -10.38
N LYS A 142 13.39 -7.94 -9.57
CA LYS A 142 13.36 -9.24 -8.90
C LYS A 142 12.20 -10.10 -9.40
N GLN A 143 11.27 -9.51 -10.14
CA GLN A 143 10.18 -10.27 -10.74
C GLN A 143 10.66 -11.06 -11.97
N ARG A 144 11.90 -10.78 -12.41
CA ARG A 144 12.53 -11.48 -13.52
C ARG A 144 13.42 -12.63 -13.05
N THR A 145 13.33 -12.99 -11.77
CA THR A 145 14.17 -14.04 -11.19
C THR A 145 13.41 -14.78 -10.08
N LYS A 146 12.47 -14.12 -9.40
CA LYS A 146 11.63 -14.78 -8.40
C LYS A 146 10.38 -15.39 -9.05
N LYS A 147 10.34 -15.41 -10.38
CA LYS A 147 9.21 -15.93 -11.13
C LYS A 147 9.69 -16.50 -12.47
N SER A 148 9.05 -17.56 -12.95
CA SER A 148 9.41 -18.21 -14.20
C SER A 148 8.21 -18.88 -14.87
N LYS A 149 6.99 -18.59 -14.38
CA LYS A 149 5.76 -19.17 -14.91
C LYS A 149 4.58 -18.21 -14.71
N ARG A 150 3.47 -18.49 -15.38
CA ARG A 150 2.26 -17.66 -15.31
C ARG A 150 1.60 -17.80 -13.94
N VAL A 151 0.92 -16.74 -13.48
CA VAL A 151 0.26 -16.70 -12.18
C VAL A 151 -1.24 -16.46 -12.25
N VAL A 152 -1.82 -16.63 -13.44
CA VAL A 152 -3.24 -16.43 -13.70
C VAL A 152 -3.83 -17.55 -14.55
N HIS A 153 -5.17 -17.65 -14.57
CA HIS A 153 -5.87 -18.69 -15.32
C HIS A 153 -7.18 -18.14 -15.90
N ILE A 154 -7.22 -16.84 -16.20
CA ILE A 154 -8.40 -16.20 -16.77
C ILE A 154 -8.63 -16.73 -18.18
N GLU A 155 -9.87 -16.60 -18.66
CA GLU A 155 -10.27 -17.09 -19.97
C GLU A 155 -11.19 -16.09 -20.68
N GLY A 156 -11.27 -14.87 -20.16
CA GLY A 156 -12.11 -13.81 -20.71
C GLY A 156 -13.58 -14.10 -20.47
N SER B 1 -16.05 11.60 15.54
CA SER B 1 -17.23 11.01 14.87
C SER B 1 -16.86 9.70 14.18
N GLY B 2 -17.87 8.97 13.70
CA GLY B 2 -17.68 7.69 13.02
C GLY B 2 -17.35 6.57 14.00
N SER B 3 -17.09 5.38 13.46
CA SER B 3 -16.76 4.21 14.28
C SER B 3 -15.41 4.36 14.95
N GLN B 4 -15.23 3.67 16.07
CA GLN B 4 -13.98 3.73 16.84
C GLN B 4 -12.87 2.90 16.19
N HIS B 5 -13.17 2.21 15.09
CA HIS B 5 -12.22 1.38 14.37
C HIS B 5 -12.63 1.24 12.90
N MET B 6 -11.72 0.71 12.08
CA MET B 6 -11.92 0.54 10.65
C MET B 6 -11.39 -0.80 10.16
N ARG B 7 -10.85 -1.62 11.07
CA ARG B 7 -10.21 -2.89 10.78
C ARG B 7 -11.06 -3.74 9.83
N PRO B 8 -10.63 -3.91 8.57
CA PRO B 8 -11.26 -4.82 7.63
C PRO B 8 -10.83 -6.25 7.92
N ARG B 9 -11.32 -7.19 7.11
CA ARG B 9 -11.00 -8.60 7.26
C ARG B 9 -10.34 -9.14 6.00
N PHE B 10 -11.14 -9.34 4.95
CA PHE B 10 -10.63 -9.75 3.64
C PHE B 10 -11.53 -9.35 2.48
N ASN B 11 -10.93 -8.96 1.36
CA ASN B 11 -11.67 -8.59 0.16
C ASN B 11 -10.72 -8.66 -1.03
N ARG B 12 -11.27 -8.58 -2.24
CA ARG B 12 -10.48 -8.62 -3.46
C ARG B 12 -11.04 -7.69 -4.53
N GLU B 13 -11.94 -6.78 -4.13
CA GLU B 13 -12.56 -5.83 -5.05
C GLU B 13 -11.90 -4.45 -4.95
N ASN B 14 -11.36 -4.11 -3.78
CA ASN B 14 -10.72 -2.83 -3.57
C ASN B 14 -9.20 -2.93 -3.73
N LYS B 15 -8.69 -4.16 -3.82
CA LYS B 15 -7.26 -4.43 -3.90
C LYS B 15 -6.63 -3.67 -5.07
N VAL B 16 -5.33 -3.39 -4.94
CA VAL B 16 -4.55 -2.73 -5.97
C VAL B 16 -3.32 -3.56 -6.33
N SER B 17 -3.22 -3.96 -7.60
CA SER B 17 -2.09 -4.75 -8.08
C SER B 17 -0.96 -3.84 -8.55
N PRO B 18 0.28 -4.33 -8.59
CA PRO B 18 1.46 -3.55 -8.95
C PRO B 18 1.42 -3.06 -10.40
N ALA B 19 0.58 -3.65 -11.25
CA ALA B 19 0.47 -3.27 -12.65
C ALA B 19 -0.91 -2.72 -12.99
N ASP B 20 -1.94 -3.13 -12.27
CA ASP B 20 -3.30 -2.67 -12.52
C ASP B 20 -3.39 -1.15 -12.32
N ALA B 21 -2.48 -0.59 -11.52
CA ALA B 21 -2.42 0.84 -11.29
C ALA B 21 -1.37 1.51 -12.17
N ALA B 22 -0.51 0.71 -12.82
CA ALA B 22 0.56 1.23 -13.65
C ALA B 22 0.09 1.36 -15.09
N LYS B 23 -0.71 0.41 -15.56
CA LYS B 23 -1.24 0.44 -16.91
C LYS B 23 -2.13 1.65 -17.16
N LYS B 24 -2.50 2.36 -16.08
CA LYS B 24 -3.31 3.58 -16.14
C LYS B 24 -2.52 4.82 -15.73
N ALA B 25 -1.48 4.66 -14.89
CA ALA B 25 -0.71 5.79 -14.38
C ALA B 25 0.53 6.09 -15.22
N LEU B 26 1.21 5.06 -15.72
CA LEU B 26 2.39 5.22 -16.54
C LEU B 26 2.06 5.99 -17.84
N SER A 1 17.54 14.28 -6.36
CA SER A 1 16.80 14.93 -5.25
C SER A 1 16.65 13.99 -4.06
N GLY A 2 15.91 12.88 -4.24
CA GLY A 2 15.73 11.89 -3.18
C GLY A 2 14.75 12.35 -2.09
N SER A 3 14.06 13.47 -2.31
CA SER A 3 13.10 14.02 -1.36
C SER A 3 11.89 13.10 -1.20
N HIS A 4 11.18 13.22 -0.08
CA HIS A 4 10.01 12.42 0.24
C HIS A 4 10.30 10.90 0.22
N MET A 5 11.57 10.53 0.41
CA MET A 5 12.01 9.14 0.49
C MET A 5 13.17 9.03 1.49
N SER A 6 13.38 7.84 2.05
CA SER A 6 14.45 7.61 3.01
C SER A 6 14.75 6.11 3.15
N THR A 7 15.88 5.78 3.77
CA THR A 7 16.32 4.39 3.94
C THR A 7 15.62 3.61 5.04
N GLN A 8 15.16 4.29 6.09
CA GLN A 8 14.46 3.64 7.19
C GLN A 8 13.64 4.63 8.02
N TYR A 9 14.23 5.78 8.37
CA TYR A 9 13.52 6.81 9.13
C TYR A 9 12.66 7.73 8.28
N ILE A 10 11.75 8.48 8.91
CA ILE A 10 10.84 9.35 8.18
C ILE A 10 10.42 10.55 9.03
N ASP A 11 9.37 10.40 9.84
CA ASP A 11 8.82 11.50 10.63
C ASP A 11 7.86 10.89 11.65
N GLU A 12 7.33 11.72 12.53
CA GLU A 12 6.34 11.33 13.53
C GLU A 12 5.09 12.21 13.43
N THR A 13 5.11 13.16 12.48
CA THR A 13 3.99 14.05 12.18
C THR A 13 3.54 14.02 10.73
N ALA A 14 3.83 12.91 10.04
CA ALA A 14 3.41 12.71 8.67
C ALA A 14 1.90 12.47 8.63
N PHE A 15 1.17 13.40 8.01
CA PHE A 15 -0.27 13.27 7.84
C PHE A 15 -0.68 14.22 6.70
N VAL A 16 -1.91 14.09 6.23
CA VAL A 16 -2.43 14.90 5.13
C VAL A 16 -3.89 15.24 5.44
N GLN A 17 -4.35 16.36 4.90
CA GLN A 17 -5.71 16.84 5.08
C GLN A 17 -6.21 17.49 3.79
N ALA A 18 -7.51 17.33 3.52
CA ALA A 18 -8.14 17.85 2.32
C ALA A 18 -8.40 19.36 2.41
N GLU A 19 -8.71 19.97 1.28
CA GLU A 19 -9.05 21.39 1.22
C GLU A 19 -10.47 21.61 1.74
N GLN A 20 -10.82 22.87 2.01
CA GLN A 20 -12.13 23.22 2.54
C GLN A 20 -13.23 23.03 1.49
N GLY A 21 -12.85 22.86 0.22
CA GLY A 21 -13.77 22.63 -0.87
C GLY A 21 -13.99 21.13 -1.13
N LYS A 22 -13.43 20.26 -0.28
CA LYS A 22 -13.50 18.82 -0.47
C LYS A 22 -14.01 18.11 0.78
N THR A 23 -14.44 16.85 0.57
CA THR A 23 -14.94 15.97 1.64
C THR A 23 -14.14 14.68 1.83
N ASN A 24 -13.10 14.52 1.01
CA ASN A 24 -12.19 13.39 1.06
C ASN A 24 -10.85 13.75 0.42
N LEU A 25 -9.81 12.95 0.68
CA LEU A 25 -8.49 13.18 0.12
C LEU A 25 -8.42 12.73 -1.34
N MET A 26 -9.51 12.16 -1.88
CA MET A 26 -9.55 11.70 -3.26
C MET A 26 -9.28 12.84 -4.23
N PHE A 27 -8.63 12.54 -5.35
CA PHE A 27 -8.29 13.51 -6.37
C PHE A 27 -9.43 13.93 -7.30
N SER A 28 -9.32 15.13 -7.88
CA SER A 28 -10.38 15.69 -8.73
C SER A 28 -10.47 14.99 -10.08
N ASP A 29 -9.37 14.38 -10.54
CA ASP A 29 -9.31 13.68 -11.82
C ASP A 29 -9.03 12.20 -11.69
N GLU A 30 -9.62 11.38 -12.58
CA GLU A 30 -9.39 9.93 -12.53
C GLU A 30 -7.97 9.59 -12.99
N LYS A 31 -7.39 10.41 -13.87
CA LYS A 31 -6.01 10.23 -14.30
C LYS A 31 -5.05 10.54 -13.16
N GLN A 32 -5.46 11.43 -12.26
CA GLN A 32 -4.66 11.82 -11.10
C GLN A 32 -4.83 10.78 -9.99
N GLN A 33 -6.03 10.18 -9.88
CA GLN A 33 -6.30 9.14 -8.90
C GLN A 33 -5.53 7.87 -9.25
N ALA A 34 -5.31 7.61 -10.54
CA ALA A 34 -4.55 6.47 -11.00
C ALA A 34 -3.10 6.53 -10.49
N ARG A 35 -2.45 7.68 -10.67
CA ARG A 35 -1.08 7.90 -10.22
C ARG A 35 -0.99 7.88 -8.70
N PHE A 36 -2.12 8.14 -8.01
CA PHE A 36 -2.16 8.03 -6.57
C PHE A 36 -2.32 6.62 -6.03
N GLU A 37 -3.07 5.77 -6.73
CA GLU A 37 -3.26 4.38 -6.33
C GLU A 37 -2.02 3.53 -6.65
N LEU A 38 -1.29 3.88 -7.71
CA LEU A 38 -0.07 3.17 -8.05
C LEU A 38 0.98 3.42 -6.99
N GLY A 39 0.96 4.63 -6.39
CA GLY A 39 1.92 4.98 -5.37
C GLY A 39 1.80 4.06 -4.15
N VAL A 40 0.58 3.93 -3.61
CA VAL A 40 0.38 3.09 -2.43
C VAL A 40 0.68 1.62 -2.72
N SER A 41 0.32 1.16 -3.92
CA SER A 41 0.52 -0.22 -4.33
C SER A 41 2.00 -0.59 -4.33
N MET A 42 2.89 0.41 -4.49
CA MET A 42 4.32 0.16 -4.50
C MET A 42 4.94 0.13 -3.11
N VAL A 43 4.36 0.84 -2.13
CA VAL A 43 4.95 0.88 -0.80
C VAL A 43 4.65 -0.35 0.05
N ILE A 44 3.48 -0.96 -0.13
CA ILE A 44 3.11 -2.16 0.61
C ILE A 44 3.99 -3.33 0.15
N TYR A 45 4.50 -3.26 -1.09
CA TYR A 45 5.45 -4.23 -1.61
C TYR A 45 6.86 -4.18 -1.03
N LYS A 46 7.10 -3.25 -0.09
CA LYS A 46 8.39 -3.11 0.58
C LYS A 46 8.28 -3.40 2.08
N TRP A 47 7.09 -3.78 2.55
CA TRP A 47 6.89 -4.08 3.96
C TRP A 47 7.43 -5.49 4.26
N ASP A 48 8.44 -5.57 5.12
CA ASP A 48 9.15 -6.81 5.40
C ASP A 48 8.39 -7.87 6.19
N ALA A 49 7.22 -7.54 6.74
CA ALA A 49 6.44 -8.51 7.49
C ALA A 49 5.30 -9.09 6.66
N LEU A 50 4.85 -8.36 5.64
CA LEU A 50 3.75 -8.80 4.79
C LEU A 50 4.27 -9.47 3.53
N ASP A 51 5.33 -8.94 2.92
CA ASP A 51 5.83 -9.49 1.67
C ASP A 51 6.42 -10.88 1.95
N VAL A 52 6.61 -11.22 3.23
CA VAL A 52 7.08 -12.54 3.64
C VAL A 52 5.91 -13.46 3.96
N ALA A 53 4.79 -12.91 4.44
CA ALA A 53 3.66 -13.72 4.85
C ALA A 53 2.98 -14.41 3.67
N VAL A 54 2.91 -13.76 2.50
CA VAL A 54 2.28 -14.37 1.34
C VAL A 54 3.18 -15.34 0.60
N GLU A 55 4.49 -15.11 0.69
CA GLU A 55 5.50 -15.97 0.10
C GLU A 55 5.66 -17.26 0.93
N ASN A 56 5.15 -17.25 2.16
CA ASN A 56 5.11 -18.42 3.03
C ASN A 56 3.68 -18.89 3.28
N SER A 57 2.71 -18.23 2.64
CA SER A 57 1.30 -18.61 2.68
C SER A 57 0.73 -18.69 4.09
N TRP A 58 1.16 -17.80 4.98
CA TRP A 58 0.66 -17.77 6.36
C TRP A 58 -0.83 -17.45 6.43
N GLY A 59 -1.41 -16.96 5.32
CA GLY A 59 -2.82 -16.64 5.22
C GLY A 59 -3.53 -17.54 4.21
N GLY A 60 -2.90 -18.67 3.84
CA GLY A 60 -3.43 -19.58 2.84
C GLY A 60 -2.94 -19.19 1.44
N PRO A 61 -3.31 -19.96 0.42
CA PRO A 61 -2.88 -19.73 -0.95
C PRO A 61 -3.45 -18.42 -1.51
N ASP A 62 -4.51 -17.89 -0.89
CA ASP A 62 -5.10 -16.62 -1.28
C ASP A 62 -4.35 -15.39 -0.77
N SER A 63 -3.19 -15.59 -0.15
CA SER A 63 -2.39 -14.51 0.40
C SER A 63 -1.78 -13.62 -0.68
N ALA A 64 -1.61 -14.13 -1.91
CA ALA A 64 -1.08 -13.33 -3.00
C ALA A 64 -2.03 -12.17 -3.31
N GLU A 65 -3.33 -12.34 -3.09
CA GLU A 65 -4.30 -11.26 -3.23
C GLU A 65 -4.30 -10.36 -2.00
N LYS A 66 -3.90 -10.88 -0.83
CA LYS A 66 -3.82 -10.08 0.39
C LYS A 66 -2.75 -9.00 0.27
N ARG A 67 -1.69 -9.26 -0.51
CA ARG A 67 -0.62 -8.29 -0.71
C ARG A 67 -1.11 -7.11 -1.55
N ASP A 68 -2.11 -7.34 -2.39
CA ASP A 68 -2.75 -6.27 -3.16
C ASP A 68 -3.91 -5.66 -2.40
N TRP A 69 -4.49 -6.40 -1.45
CA TRP A 69 -5.65 -5.96 -0.70
C TRP A 69 -5.29 -4.99 0.42
N ILE A 70 -4.07 -5.09 0.95
CA ILE A 70 -3.63 -4.23 2.05
C ILE A 70 -3.44 -2.79 1.58
N THR A 71 -3.15 -2.55 0.30
CA THR A 71 -3.06 -1.18 -0.19
C THR A 71 -4.48 -0.72 -0.51
N GLY A 72 -5.37 -1.66 -0.86
CA GLY A 72 -6.74 -1.33 -1.22
C GLY A 72 -7.57 -0.87 -0.01
N ILE A 73 -7.24 -1.36 1.19
CA ILE A 73 -7.93 -0.92 2.40
C ILE A 73 -7.32 0.36 2.95
N VAL A 74 -6.05 0.61 2.66
CA VAL A 74 -5.38 1.82 3.13
C VAL A 74 -5.80 2.97 2.22
N VAL A 75 -5.90 2.70 0.92
CA VAL A 75 -6.26 3.75 -0.03
C VAL A 75 -7.71 4.18 0.08
N ASP A 76 -8.57 3.32 0.65
CA ASP A 76 -9.98 3.60 0.81
C ASP A 76 -10.16 4.67 1.88
N LEU A 77 -9.17 4.83 2.77
CA LEU A 77 -9.24 5.83 3.82
C LEU A 77 -9.22 7.23 3.19
N PHE A 78 -8.44 7.38 2.12
CA PHE A 78 -8.35 8.64 1.38
C PHE A 78 -9.61 8.96 0.60
N LYS A 79 -10.45 7.95 0.32
CA LYS A 79 -11.68 8.12 -0.44
C LYS A 79 -12.86 8.38 0.50
N ASN A 80 -12.78 7.90 1.74
CA ASN A 80 -13.87 8.01 2.70
C ASN A 80 -13.64 9.09 3.75
N GLU A 81 -12.41 9.59 3.89
CA GLU A 81 -12.10 10.62 4.87
C GLU A 81 -11.32 11.76 4.23
N LYS A 82 -11.53 12.98 4.77
CA LYS A 82 -10.85 14.18 4.33
C LYS A 82 -9.51 14.36 5.00
N VAL A 83 -9.09 13.41 5.84
CA VAL A 83 -7.79 13.50 6.50
C VAL A 83 -7.40 12.09 6.93
N VAL A 84 -6.10 11.82 6.86
CA VAL A 84 -5.49 10.53 7.14
C VAL A 84 -4.09 10.84 7.69
N ASP A 85 -3.61 10.03 8.63
CA ASP A 85 -2.28 10.18 9.18
C ASP A 85 -1.52 8.85 9.19
N ALA A 86 -0.21 8.91 9.43
CA ALA A 86 0.61 7.71 9.42
C ALA A 86 0.15 6.69 10.47
N ALA A 87 -0.50 7.17 11.53
CA ALA A 87 -1.00 6.28 12.57
C ALA A 87 -2.28 5.58 12.13
N LEU A 88 -3.13 6.27 11.38
CA LEU A 88 -4.40 5.72 10.90
C LEU A 88 -4.13 4.66 9.83
N ILE A 89 -3.06 4.82 9.05
CA ILE A 89 -2.67 3.81 8.07
C ILE A 89 -1.98 2.63 8.76
N GLU A 90 -1.20 2.89 9.81
CA GLU A 90 -0.46 1.85 10.50
C GLU A 90 -1.40 0.87 11.18
N GLU A 91 -2.50 1.35 11.77
CA GLU A 91 -3.46 0.47 12.40
C GLU A 91 -4.17 -0.40 11.36
N THR A 92 -4.36 0.13 10.15
CA THR A 92 -4.93 -0.63 9.06
C THR A 92 -4.03 -1.75 8.53
N LEU A 93 -2.73 -1.64 8.79
CA LEU A 93 -1.75 -2.65 8.44
C LEU A 93 -1.60 -3.67 9.57
N LEU A 94 -1.45 -3.21 10.82
CA LEU A 94 -1.23 -4.10 11.94
C LEU A 94 -2.43 -5.02 12.13
N TYR A 95 -3.65 -4.49 12.05
CA TYR A 95 -4.82 -5.33 12.16
C TYR A 95 -5.06 -6.27 10.99
N ALA A 96 -4.55 -5.92 9.81
CA ALA A 96 -4.68 -6.78 8.64
C ALA A 96 -3.81 -8.03 8.76
N MET A 97 -2.74 -7.96 9.57
CA MET A 97 -1.87 -9.10 9.80
C MET A 97 -2.37 -9.97 10.95
N ILE A 98 -3.01 -9.36 11.94
CA ILE A 98 -3.48 -10.09 13.11
C ILE A 98 -4.86 -10.71 12.86
N ASP A 99 -5.65 -10.11 11.97
CA ASP A 99 -7.01 -10.56 11.69
C ASP A 99 -7.14 -11.66 10.64
N GLU A 100 -6.03 -12.02 9.97
CA GLU A 100 -6.06 -13.03 8.92
C GLU A 100 -4.74 -13.76 8.77
N PHE A 101 -3.61 -13.07 8.97
CA PHE A 101 -2.30 -13.69 8.94
C PHE A 101 -1.83 -14.36 10.24
N GLU A 102 -2.61 -14.19 11.31
CA GLU A 102 -2.25 -14.69 12.64
C GLU A 102 -0.85 -14.23 13.03
N THR A 103 -0.44 -13.05 12.53
CA THR A 103 0.90 -12.53 12.70
C THR A 103 0.80 -11.13 13.28
N ASN A 104 1.59 -10.88 14.33
CA ASN A 104 1.69 -9.56 14.94
C ASN A 104 2.86 -8.81 14.33
N VAL A 105 2.72 -7.48 14.23
CA VAL A 105 3.76 -6.60 13.71
C VAL A 105 4.05 -5.43 14.64
N GLU A 106 4.23 -5.77 15.91
CA GLU A 106 4.47 -4.80 16.98
C GLU A 106 5.89 -4.24 16.92
N ASP A 107 6.68 -4.70 15.94
CA ASP A 107 8.03 -4.21 15.71
C ASP A 107 8.08 -2.84 15.04
N ASP A 108 6.92 -2.18 14.88
CA ASP A 108 6.79 -0.91 14.22
C ASP A 108 7.23 -0.88 12.76
N SER A 109 7.31 -2.06 12.13
CA SER A 109 7.75 -2.18 10.75
C SER A 109 6.76 -1.51 9.79
N ALA A 110 5.51 -1.32 10.21
CA ALA A 110 4.48 -0.70 9.39
C ALA A 110 4.48 0.82 9.53
N LEU A 111 5.18 1.35 10.54
CA LEU A 111 5.22 2.79 10.77
C LEU A 111 5.82 3.54 9.58
N PRO A 112 7.02 3.19 9.10
CA PRO A 112 7.63 3.87 7.97
C PRO A 112 6.91 3.55 6.67
N ILE A 113 6.20 2.41 6.60
CA ILE A 113 5.44 2.06 5.41
C ILE A 113 4.22 2.98 5.28
N ALA A 114 3.64 3.39 6.41
CA ALA A 114 2.51 4.28 6.42
C ALA A 114 2.90 5.67 5.93
N VAL A 115 4.11 6.14 6.29
CA VAL A 115 4.54 7.47 5.88
C VAL A 115 4.79 7.52 4.38
N GLU A 116 5.21 6.40 3.78
CA GLU A 116 5.45 6.38 2.34
C GLU A 116 4.14 6.56 1.57
N VAL A 117 3.00 6.14 2.15
CA VAL A 117 1.69 6.33 1.54
C VAL A 117 1.27 7.80 1.62
N ILE A 118 1.62 8.46 2.72
CA ILE A 118 1.28 9.85 2.95
C ILE A 118 2.04 10.73 1.97
N ASN A 119 3.26 10.29 1.60
CA ASN A 119 4.09 11.01 0.66
C ASN A 119 3.57 10.90 -0.76
N ILE A 120 2.73 9.89 -1.05
CA ILE A 120 2.15 9.74 -2.38
C ILE A 120 1.16 10.88 -2.63
N TYR A 121 0.41 11.27 -1.60
CA TYR A 121 -0.54 12.36 -1.72
C TYR A 121 0.14 13.72 -1.85
N ASN A 122 1.27 13.90 -1.17
CA ASN A 122 2.01 15.15 -1.22
C ASN A 122 2.62 15.37 -2.60
N ASP A 123 3.01 14.29 -3.28
CA ASP A 123 3.53 14.39 -4.64
C ASP A 123 2.45 14.49 -5.70
N CYS A 124 1.39 13.70 -5.56
CA CYS A 124 0.30 13.69 -6.51
C CYS A 124 -0.49 14.99 -6.45
N PHE A 125 -0.37 15.74 -5.34
CA PHE A 125 -1.02 17.03 -5.19
C PHE A 125 -0.54 18.11 -6.15
N ASN A 126 0.58 17.83 -6.84
CA ASN A 126 1.13 18.71 -7.86
C ASN A 126 1.54 17.90 -9.09
N LEU A 127 0.84 16.78 -9.32
CA LEU A 127 1.03 15.90 -10.47
C LEU A 127 2.46 15.33 -10.57
N ASN A 128 3.21 15.28 -9.47
CA ASN A 128 4.51 14.63 -9.48
C ASN A 128 4.33 13.12 -9.30
N TYR A 129 5.17 12.32 -9.97
CA TYR A 129 5.12 10.87 -9.89
C TYR A 129 6.48 10.16 -10.01
N ASN A 130 7.57 10.92 -9.81
CA ASN A 130 8.91 10.39 -10.04
C ASN A 130 9.23 9.21 -9.14
N LYS A 131 8.70 9.16 -7.91
CA LYS A 131 8.93 8.04 -7.02
C LYS A 131 7.92 6.91 -7.30
N VAL A 132 6.73 7.26 -7.81
CA VAL A 132 5.68 6.30 -8.07
C VAL A 132 6.09 5.40 -9.24
N GLU A 133 6.72 5.96 -10.26
CA GLU A 133 7.17 5.16 -11.40
C GLU A 133 8.46 4.42 -11.07
N LYS A 134 9.37 5.07 -10.32
CA LYS A 134 10.65 4.49 -9.97
C LYS A 134 10.46 3.20 -9.17
N LEU A 135 9.57 3.23 -8.18
CA LEU A 135 9.30 2.06 -7.36
C LEU A 135 8.63 0.97 -8.20
N TYR A 136 7.98 1.33 -9.31
CA TYR A 136 7.37 0.33 -10.18
C TYR A 136 8.35 -0.41 -11.07
N LEU A 137 9.50 0.20 -11.36
CA LEU A 137 10.58 -0.46 -12.08
C LEU A 137 11.38 -1.31 -11.10
N GLU A 138 11.55 -0.83 -9.86
CA GLU A 138 12.28 -1.56 -8.84
C GLU A 138 11.45 -2.70 -8.24
N TRP A 139 10.12 -2.64 -8.35
CA TRP A 139 9.25 -3.70 -7.89
C TRP A 139 9.42 -4.99 -8.69
N GLN A 140 9.89 -4.88 -9.93
CA GLN A 140 10.05 -6.04 -10.81
C GLN A 140 11.28 -6.87 -10.44
N GLU A 141 12.09 -6.44 -9.47
CA GLU A 141 13.34 -7.10 -9.15
C GLU A 141 13.12 -8.42 -8.41
N LYS A 142 11.97 -8.59 -7.76
CA LYS A 142 11.68 -9.83 -7.04
C LYS A 142 10.57 -10.61 -7.71
N GLN A 143 9.85 -10.01 -8.67
CA GLN A 143 8.82 -10.73 -9.40
C GLN A 143 9.45 -11.66 -10.44
N ARG A 144 10.74 -11.47 -10.73
CA ARG A 144 11.50 -12.32 -11.64
C ARG A 144 12.11 -13.53 -10.93
N THR A 145 11.73 -13.78 -9.69
CA THR A 145 12.27 -14.89 -8.91
C THR A 145 11.19 -15.46 -7.99
N LYS A 146 10.21 -14.65 -7.58
CA LYS A 146 9.08 -15.12 -6.80
C LYS A 146 7.94 -15.63 -7.70
N LYS A 147 8.21 -15.77 -9.00
CA LYS A 147 7.22 -16.23 -9.98
C LYS A 147 6.71 -17.61 -9.60
N SER A 148 5.40 -17.84 -9.75
CA SER A 148 4.76 -19.09 -9.35
C SER A 148 3.56 -19.42 -10.24
N LYS A 149 3.52 -18.87 -11.46
CA LYS A 149 2.39 -19.08 -12.36
C LYS A 149 2.85 -19.11 -13.81
N ARG A 150 2.14 -19.88 -14.64
CA ARG A 150 2.40 -19.98 -16.07
C ARG A 150 2.09 -18.66 -16.77
N VAL A 151 2.73 -18.42 -17.92
CA VAL A 151 2.53 -17.21 -18.70
C VAL A 151 2.53 -17.45 -20.22
N VAL A 152 2.38 -18.71 -20.62
CA VAL A 152 2.36 -19.13 -22.02
C VAL A 152 3.60 -18.75 -22.83
N HIS A 153 4.73 -18.56 -22.15
CA HIS A 153 5.99 -18.22 -22.78
C HIS A 153 6.49 -19.38 -23.64
N ILE A 154 7.18 -19.06 -24.74
CA ILE A 154 7.77 -20.04 -25.65
C ILE A 154 9.15 -19.53 -26.07
N GLU A 155 10.04 -20.45 -26.42
CA GLU A 155 11.40 -20.14 -26.82
C GLU A 155 12.00 -21.35 -27.53
N GLY A 156 12.97 -21.09 -28.39
CA GLY A 156 13.68 -22.12 -29.15
C GLY A 156 14.58 -22.94 -28.25
N SER B 1 -23.66 5.45 19.92
CA SER B 1 -22.72 4.67 19.08
C SER B 1 -21.33 5.31 19.06
N GLY B 2 -21.20 6.50 18.48
CA GLY B 2 -19.92 7.18 18.35
C GLY B 2 -19.07 6.56 17.25
N SER B 3 -17.80 6.97 17.15
CA SER B 3 -16.89 6.45 16.14
C SER B 3 -16.50 5.00 16.46
N GLN B 4 -16.02 4.29 15.44
CA GLN B 4 -15.65 2.88 15.54
C GLN B 4 -14.41 2.60 14.69
N HIS B 5 -13.75 1.46 14.93
CA HIS B 5 -12.60 1.03 14.15
C HIS B 5 -13.00 0.68 12.71
N MET B 6 -12.00 0.52 11.84
CA MET B 6 -12.21 0.26 10.43
C MET B 6 -11.52 -1.02 9.96
N ARG B 7 -10.81 -1.70 10.87
CA ARG B 7 -10.00 -2.87 10.56
C ARG B 7 -10.79 -3.96 9.85
N PRO B 8 -10.50 -4.18 8.55
CA PRO B 8 -11.09 -5.24 7.74
C PRO B 8 -10.40 -6.57 8.02
N ARG B 9 -10.83 -7.62 7.31
CA ARG B 9 -10.35 -8.98 7.54
C ARG B 9 -9.77 -9.55 6.24
N PHE B 10 -10.58 -9.55 5.19
CA PHE B 10 -10.16 -9.97 3.86
C PHE B 10 -11.11 -9.53 2.75
N ASN B 11 -10.56 -9.17 1.59
CA ASN B 11 -11.34 -8.82 0.42
C ASN B 11 -10.44 -8.85 -0.81
N ARG B 12 -11.04 -8.74 -2.00
CA ARG B 12 -10.30 -8.71 -3.26
C ARG B 12 -10.98 -7.79 -4.28
N GLU B 13 -11.95 -7.00 -3.84
CA GLU B 13 -12.68 -6.08 -4.72
C GLU B 13 -12.12 -4.65 -4.65
N ASN B 14 -11.52 -4.29 -3.52
CA ASN B 14 -10.96 -2.97 -3.31
C ASN B 14 -9.45 -2.96 -3.46
N LYS B 15 -8.85 -4.15 -3.60
CA LYS B 15 -7.41 -4.31 -3.69
C LYS B 15 -6.82 -3.49 -4.84
N VAL B 16 -5.51 -3.25 -4.76
CA VAL B 16 -4.76 -2.57 -5.81
C VAL B 16 -3.54 -3.39 -6.20
N SER B 17 -3.55 -3.93 -7.42
CA SER B 17 -2.44 -4.71 -7.94
C SER B 17 -1.37 -3.78 -8.51
N PRO B 18 -0.10 -4.20 -8.49
CA PRO B 18 1.03 -3.39 -8.90
C PRO B 18 0.96 -2.96 -10.36
N ALA B 19 0.25 -3.71 -11.21
CA ALA B 19 0.09 -3.39 -12.61
C ALA B 19 -1.28 -2.80 -12.92
N ASP B 20 -2.30 -3.19 -12.15
CA ASP B 20 -3.66 -2.71 -12.37
C ASP B 20 -3.72 -1.20 -12.17
N ALA B 21 -2.78 -0.66 -11.39
CA ALA B 21 -2.70 0.78 -11.17
C ALA B 21 -1.64 1.41 -12.07
N ALA B 22 -0.79 0.62 -12.70
CA ALA B 22 0.27 1.12 -13.54
C ALA B 22 -0.21 1.27 -14.98
N LYS B 23 -1.03 0.33 -15.45
CA LYS B 23 -1.57 0.37 -16.80
C LYS B 23 -2.46 1.59 -17.03
N LYS B 24 -2.82 2.28 -15.95
CA LYS B 24 -3.64 3.50 -16.00
C LYS B 24 -2.85 4.74 -15.60
N ALA B 25 -1.80 4.57 -14.76
CA ALA B 25 -1.04 5.69 -14.24
C ALA B 25 0.21 6.01 -15.07
N LEU B 26 0.89 4.98 -15.59
CA LEU B 26 2.09 5.14 -16.40
C LEU B 26 1.77 5.93 -17.67
N SER A 1 19.19 -2.21 8.33
CA SER A 1 19.81 -1.16 7.52
C SER A 1 18.76 -0.20 6.97
N GLY A 2 19.19 0.96 6.47
CA GLY A 2 18.30 1.96 5.90
C GLY A 2 17.80 1.54 4.51
N SER A 3 16.83 2.28 3.99
CA SER A 3 16.26 2.03 2.68
C SER A 3 17.23 2.42 1.58
N HIS A 4 17.01 1.92 0.36
CA HIS A 4 17.84 2.24 -0.80
C HIS A 4 17.55 3.65 -1.32
N MET A 5 16.61 4.36 -0.69
CA MET A 5 16.19 5.69 -1.13
C MET A 5 16.09 6.69 0.02
N SER A 6 16.29 6.23 1.26
CA SER A 6 16.21 7.10 2.43
C SER A 6 16.87 6.43 3.64
N THR A 7 17.11 7.20 4.70
CA THR A 7 17.66 6.67 5.94
C THR A 7 16.72 5.76 6.71
N GLN A 8 17.19 5.29 7.86
CA GLN A 8 16.41 4.46 8.77
C GLN A 8 15.18 5.19 9.28
N TYR A 9 15.21 6.53 9.29
CA TYR A 9 14.10 7.35 9.75
C TYR A 9 13.29 8.04 8.65
N ILE A 10 12.11 8.56 9.01
CA ILE A 10 11.23 9.25 8.08
C ILE A 10 10.48 10.37 8.79
N ASP A 11 9.54 10.01 9.66
CA ASP A 11 8.76 10.96 10.44
C ASP A 11 8.05 10.11 11.51
N GLU A 12 7.32 10.77 12.41
CA GLU A 12 6.62 10.10 13.50
C GLU A 12 5.22 10.68 13.71
N THR A 13 4.84 11.65 12.88
CA THR A 13 3.57 12.35 13.01
C THR A 13 3.02 12.84 11.66
N ALA A 14 3.44 12.21 10.57
CA ALA A 14 3.02 12.57 9.22
C ALA A 14 1.52 12.33 9.03
N PHE A 15 0.88 13.19 8.24
CA PHE A 15 -0.55 13.09 7.97
C PHE A 15 -0.85 14.03 6.80
N VAL A 16 -2.10 13.97 6.32
CA VAL A 16 -2.58 14.81 5.23
C VAL A 16 -4.04 15.15 5.50
N GLN A 17 -4.49 16.26 4.90
CA GLN A 17 -5.86 16.72 5.00
C GLN A 17 -6.32 17.30 3.66
N ALA A 18 -7.61 17.14 3.36
CA ALA A 18 -8.21 17.63 2.13
C ALA A 18 -8.42 19.14 2.19
N GLU A 19 -8.77 19.73 1.03
CA GLU A 19 -9.08 21.14 0.96
C GLU A 19 -10.45 21.41 1.60
N GLN A 20 -10.74 22.69 1.88
CA GLN A 20 -12.00 23.08 2.51
C GLN A 20 -13.18 22.90 1.55
N GLY A 21 -12.89 22.72 0.26
CA GLY A 21 -13.90 22.51 -0.77
C GLY A 21 -14.16 21.02 -1.01
N LYS A 22 -13.55 20.14 -0.20
CA LYS A 22 -13.66 18.70 -0.40
C LYS A 22 -14.09 17.97 0.87
N THR A 23 -14.55 16.73 0.70
CA THR A 23 -14.99 15.85 1.79
C THR A 23 -14.16 14.57 1.95
N ASN A 24 -13.14 14.43 1.10
CA ASN A 24 -12.22 13.31 1.09
C ASN A 24 -10.90 13.69 0.41
N LEU A 25 -9.87 12.90 0.64
CA LEU A 25 -8.54 13.12 0.06
C LEU A 25 -8.49 12.69 -1.41
N MET A 26 -9.60 12.16 -1.96
CA MET A 26 -9.63 11.72 -3.35
C MET A 26 -9.40 12.88 -4.30
N PHE A 27 -8.72 12.60 -5.42
CA PHE A 27 -8.42 13.60 -6.43
C PHE A 27 -9.57 14.04 -7.33
N SER A 28 -9.48 15.25 -7.88
CA SER A 28 -10.51 15.83 -8.73
C SER A 28 -10.42 15.33 -10.18
N ASP A 29 -9.48 14.42 -10.46
CA ASP A 29 -9.26 13.88 -11.79
C ASP A 29 -8.86 12.40 -11.76
N GLU A 30 -9.46 11.56 -12.61
CA GLU A 30 -9.19 10.13 -12.61
C GLU A 30 -7.74 9.83 -12.99
N LYS A 31 -7.12 10.67 -13.83
CA LYS A 31 -5.74 10.49 -14.24
C LYS A 31 -4.81 10.84 -13.09
N GLN A 32 -5.24 11.72 -12.20
CA GLN A 32 -4.47 12.12 -11.03
C GLN A 32 -4.68 11.13 -9.88
N GLN A 33 -5.86 10.49 -9.84
CA GLN A 33 -6.18 9.50 -8.83
C GLN A 33 -5.50 8.17 -9.16
N ALA A 34 -5.32 7.88 -10.46
CA ALA A 34 -4.59 6.71 -10.91
C ALA A 34 -3.15 6.76 -10.42
N ARG A 35 -2.51 7.94 -10.52
CA ARG A 35 -1.14 8.13 -10.06
C ARG A 35 -1.05 7.87 -8.57
N PHE A 36 -2.14 8.15 -7.85
CA PHE A 36 -2.21 7.91 -6.41
C PHE A 36 -2.34 6.45 -6.00
N GLU A 37 -3.11 5.65 -6.75
CA GLU A 37 -3.23 4.23 -6.46
C GLU A 37 -1.94 3.48 -6.78
N LEU A 38 -1.20 3.94 -7.79
CA LEU A 38 0.05 3.30 -8.16
C LEU A 38 1.09 3.56 -7.09
N GLY A 39 1.04 4.74 -6.44
CA GLY A 39 1.98 5.09 -5.40
C GLY A 39 1.87 4.15 -4.21
N VAL A 40 0.66 3.95 -3.66
CA VAL A 40 0.48 3.09 -2.49
C VAL A 40 0.85 1.64 -2.79
N SER A 41 0.51 1.18 -3.99
CA SER A 41 0.80 -0.19 -4.42
C SER A 41 2.29 -0.48 -4.37
N MET A 42 3.13 0.55 -4.56
CA MET A 42 4.57 0.39 -4.54
C MET A 42 5.16 0.36 -3.15
N VAL A 43 4.55 1.05 -2.17
CA VAL A 43 5.09 1.07 -0.82
C VAL A 43 4.77 -0.17 0.00
N ILE A 44 3.58 -0.77 -0.22
CA ILE A 44 3.19 -1.97 0.51
C ILE A 44 4.07 -3.14 0.06
N TYR A 45 4.60 -3.07 -1.16
CA TYR A 45 5.55 -4.05 -1.68
C TYR A 45 6.94 -4.03 -1.03
N LYS A 46 7.20 -3.02 -0.19
CA LYS A 46 8.48 -2.89 0.50
C LYS A 46 8.36 -3.20 2.00
N TRP A 47 7.18 -3.61 2.45
CA TRP A 47 6.96 -3.99 3.84
C TRP A 47 7.43 -5.44 4.02
N ASP A 48 8.40 -5.66 4.91
CA ASP A 48 9.02 -6.97 5.07
C ASP A 48 8.20 -8.01 5.82
N ALA A 49 7.32 -7.58 6.74
CA ALA A 49 6.55 -8.52 7.54
C ALA A 49 5.42 -9.15 6.73
N LEU A 50 4.86 -8.40 5.77
CA LEU A 50 3.80 -8.91 4.92
C LEU A 50 4.39 -9.75 3.79
N ASP A 51 5.53 -9.33 3.24
CA ASP A 51 6.14 -10.03 2.13
C ASP A 51 6.51 -11.47 2.52
N VAL A 52 6.93 -11.65 3.77
CA VAL A 52 7.30 -12.96 4.29
C VAL A 52 6.06 -13.80 4.58
N ALA A 53 4.95 -13.14 4.96
CA ALA A 53 3.74 -13.86 5.34
C ALA A 53 3.04 -14.47 4.12
N VAL A 54 3.16 -13.82 2.95
CA VAL A 54 2.55 -14.33 1.71
C VAL A 54 3.46 -15.38 1.08
N GLU A 55 4.78 -15.24 1.27
CA GLU A 55 5.75 -16.21 0.74
C GLU A 55 5.76 -17.50 1.55
N ASN A 56 5.18 -17.48 2.75
CA ASN A 56 5.07 -18.67 3.60
C ASN A 56 3.61 -19.04 3.87
N SER A 57 2.66 -18.34 3.24
CA SER A 57 1.24 -18.65 3.32
C SER A 57 0.76 -18.76 4.78
N TRP A 58 1.19 -17.82 5.63
CA TRP A 58 0.74 -17.76 7.01
C TRP A 58 -0.76 -17.40 7.08
N GLY A 59 -1.30 -16.93 5.96
CA GLY A 59 -2.70 -16.59 5.82
C GLY A 59 -3.49 -17.78 5.26
N GLY A 60 -4.51 -17.48 4.44
CA GLY A 60 -5.35 -18.50 3.81
C GLY A 60 -4.81 -18.86 2.43
N PRO A 61 -5.53 -19.70 1.68
CA PRO A 61 -5.17 -20.08 0.32
C PRO A 61 -5.30 -18.89 -0.63
N ASP A 62 -6.01 -17.84 -0.20
CA ASP A 62 -6.17 -16.60 -0.93
C ASP A 62 -5.15 -15.52 -0.56
N SER A 63 -4.14 -15.90 0.23
CA SER A 63 -3.11 -15.00 0.74
C SER A 63 -2.36 -14.27 -0.38
N ALA A 64 -2.33 -14.84 -1.59
CA ALA A 64 -1.63 -14.23 -2.70
C ALA A 64 -2.34 -12.96 -3.18
N GLU A 65 -3.64 -12.83 -2.88
CA GLU A 65 -4.38 -11.61 -3.23
C GLU A 65 -4.35 -10.62 -2.06
N LYS A 66 -3.97 -11.10 -0.86
CA LYS A 66 -3.87 -10.23 0.31
C LYS A 66 -2.72 -9.23 0.18
N ARG A 67 -1.73 -9.54 -0.67
CA ARG A 67 -0.61 -8.63 -0.91
C ARG A 67 -1.10 -7.38 -1.62
N ASP A 68 -2.07 -7.52 -2.53
CA ASP A 68 -2.66 -6.40 -3.23
C ASP A 68 -3.83 -5.77 -2.48
N TRP A 69 -4.44 -6.52 -1.56
CA TRP A 69 -5.59 -6.05 -0.81
C TRP A 69 -5.19 -5.08 0.31
N ILE A 70 -3.97 -5.21 0.82
CA ILE A 70 -3.49 -4.36 1.90
C ILE A 70 -3.29 -2.92 1.44
N THR A 71 -2.98 -2.69 0.16
CA THR A 71 -2.89 -1.32 -0.35
C THR A 71 -4.31 -0.88 -0.70
N GLY A 72 -5.20 -1.82 -1.04
CA GLY A 72 -6.56 -1.51 -1.42
C GLY A 72 -7.40 -1.03 -0.25
N ILE A 73 -7.09 -1.49 0.97
CA ILE A 73 -7.82 -1.04 2.16
C ILE A 73 -7.27 0.28 2.68
N VAL A 74 -5.97 0.54 2.46
CA VAL A 74 -5.35 1.78 2.92
C VAL A 74 -5.75 2.89 1.98
N VAL A 75 -5.79 2.61 0.68
CA VAL A 75 -6.12 3.64 -0.30
C VAL A 75 -7.57 4.08 -0.19
N ASP A 76 -8.43 3.21 0.35
CA ASP A 76 -9.83 3.53 0.57
C ASP A 76 -10.09 4.49 1.71
N LEU A 77 -9.09 4.70 2.59
CA LEU A 77 -9.24 5.66 3.68
C LEU A 77 -9.27 7.07 3.09
N PHE A 78 -8.48 7.29 2.03
CA PHE A 78 -8.40 8.56 1.34
C PHE A 78 -9.66 8.88 0.53
N LYS A 79 -10.47 7.85 0.23
CA LYS A 79 -11.69 8.02 -0.56
C LYS A 79 -12.90 8.29 0.32
N ASN A 80 -12.79 8.02 1.62
CA ASN A 80 -13.92 8.10 2.54
C ASN A 80 -13.66 9.05 3.70
N GLU A 81 -12.43 9.55 3.85
CA GLU A 81 -12.11 10.53 4.88
C GLU A 81 -11.32 11.68 4.29
N LYS A 82 -11.59 12.90 4.77
CA LYS A 82 -10.84 14.09 4.39
C LYS A 82 -9.54 14.20 5.17
N VAL A 83 -9.27 13.24 6.06
CA VAL A 83 -8.07 13.23 6.88
C VAL A 83 -7.58 11.79 7.05
N VAL A 84 -6.26 11.61 6.86
CA VAL A 84 -5.61 10.32 7.02
C VAL A 84 -4.23 10.62 7.59
N ASP A 85 -3.86 9.90 8.66
CA ASP A 85 -2.59 10.10 9.34
C ASP A 85 -1.78 8.80 9.19
N ALA A 86 -0.46 8.89 9.38
CA ALA A 86 0.39 7.72 9.28
C ALA A 86 0.03 6.70 10.36
N ALA A 87 -0.48 7.15 11.50
CA ALA A 87 -0.90 6.25 12.57
C ALA A 87 -2.21 5.56 12.21
N LEU A 88 -3.04 6.21 11.39
CA LEU A 88 -4.32 5.67 10.99
C LEU A 88 -4.12 4.61 9.90
N ILE A 89 -3.09 4.77 9.06
CA ILE A 89 -2.74 3.77 8.07
C ILE A 89 -2.05 2.57 8.74
N GLU A 90 -1.23 2.85 9.76
CA GLU A 90 -0.45 1.81 10.42
C GLU A 90 -1.35 0.83 11.16
N GLU A 91 -2.43 1.32 11.79
CA GLU A 91 -3.34 0.43 12.49
C GLU A 91 -4.10 -0.46 11.50
N THR A 92 -4.35 0.05 10.28
CA THR A 92 -4.96 -0.75 9.23
C THR A 92 -4.07 -1.87 8.70
N LEU A 93 -2.75 -1.72 8.87
CA LEU A 93 -1.79 -2.74 8.50
C LEU A 93 -1.59 -3.74 9.64
N LEU A 94 -1.46 -3.25 10.88
CA LEU A 94 -1.20 -4.14 12.01
C LEU A 94 -2.39 -5.06 12.25
N TYR A 95 -3.62 -4.55 12.18
CA TYR A 95 -4.78 -5.39 12.35
C TYR A 95 -5.07 -6.34 11.19
N ALA A 96 -4.53 -6.04 10.01
CA ALA A 96 -4.65 -6.91 8.85
C ALA A 96 -3.74 -8.13 8.98
N MET A 97 -2.67 -8.00 9.76
CA MET A 97 -1.72 -9.09 9.99
C MET A 97 -2.14 -9.97 11.15
N ILE A 98 -2.80 -9.39 12.16
CA ILE A 98 -3.19 -10.13 13.36
C ILE A 98 -4.50 -10.88 13.15
N ASP A 99 -5.38 -10.39 12.29
CA ASP A 99 -6.70 -11.00 12.13
C ASP A 99 -6.76 -12.15 11.14
N GLU A 100 -5.72 -12.34 10.33
CA GLU A 100 -5.71 -13.41 9.34
C GLU A 100 -4.33 -14.05 9.22
N PHE A 101 -3.27 -13.25 9.29
CA PHE A 101 -1.90 -13.75 9.26
C PHE A 101 -1.39 -14.29 10.59
N GLU A 102 -2.17 -14.13 11.67
CA GLU A 102 -1.79 -14.54 13.00
C GLU A 102 -0.40 -14.02 13.38
N THR A 103 -0.05 -12.85 12.85
CA THR A 103 1.27 -12.25 13.03
C THR A 103 1.12 -10.84 13.56
N ASN A 104 1.84 -10.54 14.63
CA ASN A 104 1.88 -9.21 15.20
C ASN A 104 3.02 -8.42 14.58
N VAL A 105 2.81 -7.12 14.39
CA VAL A 105 3.81 -6.21 13.85
C VAL A 105 4.06 -5.01 14.73
N GLU A 106 4.15 -5.29 16.03
CA GLU A 106 4.37 -4.29 17.06
C GLU A 106 5.80 -3.78 17.05
N ASP A 107 6.62 -4.27 16.11
CA ASP A 107 7.99 -3.82 15.92
C ASP A 107 8.10 -2.47 15.20
N ASP A 108 6.94 -1.82 14.98
CA ASP A 108 6.84 -0.57 14.26
C ASP A 108 7.32 -0.61 12.80
N SER A 109 7.44 -1.82 12.25
CA SER A 109 7.91 -2.00 10.88
C SER A 109 6.91 -1.46 9.86
N ALA A 110 5.67 -1.23 10.28
CA ALA A 110 4.63 -0.69 9.41
C ALA A 110 4.59 0.84 9.47
N LEU A 111 5.28 1.45 10.43
CA LEU A 111 5.32 2.90 10.58
C LEU A 111 5.92 3.57 9.34
N PRO A 112 7.13 3.20 8.90
CA PRO A 112 7.76 3.83 7.76
C PRO A 112 7.00 3.50 6.47
N ILE A 113 6.22 2.42 6.46
CA ILE A 113 5.41 2.06 5.31
C ILE A 113 4.20 2.99 5.22
N ALA A 114 3.64 3.37 6.36
CA ALA A 114 2.49 4.26 6.39
C ALA A 114 2.88 5.67 5.99
N VAL A 115 4.06 6.14 6.42
CA VAL A 115 4.50 7.50 6.13
C VAL A 115 4.74 7.66 4.63
N GLU A 116 5.13 6.58 3.93
CA GLU A 116 5.34 6.67 2.49
C GLU A 116 4.03 6.85 1.75
N VAL A 117 2.93 6.27 2.25
CA VAL A 117 1.62 6.41 1.62
C VAL A 117 1.15 7.85 1.73
N ILE A 118 1.53 8.52 2.83
CA ILE A 118 1.15 9.90 3.07
C ILE A 118 1.91 10.81 2.10
N ASN A 119 3.14 10.41 1.74
CA ASN A 119 3.96 11.17 0.81
C ASN A 119 3.43 11.06 -0.62
N ILE A 120 2.66 10.02 -0.93
CA ILE A 120 2.10 9.86 -2.27
C ILE A 120 1.06 10.94 -2.53
N TYR A 121 0.26 11.28 -1.51
CA TYR A 121 -0.74 12.32 -1.66
C TYR A 121 -0.17 13.72 -1.87
N ASN A 122 0.95 14.01 -1.20
CA ASN A 122 1.63 15.29 -1.33
C ASN A 122 2.33 15.43 -2.67
N ASP A 123 2.71 14.31 -3.29
CA ASP A 123 3.37 14.31 -4.57
C ASP A 123 2.43 14.27 -5.76
N CYS A 124 1.36 13.48 -5.66
CA CYS A 124 0.35 13.38 -6.71
C CYS A 124 -0.43 14.70 -6.83
N PHE A 125 -0.39 15.53 -5.78
CA PHE A 125 -1.02 16.84 -5.80
C PHE A 125 -0.40 17.85 -6.76
N ASN A 126 0.71 17.43 -7.39
CA ASN A 126 1.43 18.22 -8.38
C ASN A 126 1.68 17.37 -9.63
N LEU A 127 0.98 16.23 -9.73
CA LEU A 127 1.14 15.27 -10.82
C LEU A 127 2.56 14.71 -10.93
N ASN A 128 3.32 14.68 -9.83
CA ASN A 128 4.67 14.15 -9.83
C ASN A 128 4.68 12.63 -10.07
N TYR A 129 5.86 12.09 -10.40
CA TYR A 129 6.03 10.66 -10.64
C TYR A 129 7.41 10.08 -10.32
N ASN A 130 8.32 10.91 -9.79
CA ASN A 130 9.73 10.54 -9.65
C ASN A 130 9.96 9.38 -8.68
N LYS A 131 8.97 9.02 -7.86
CA LYS A 131 9.07 7.86 -6.98
C LYS A 131 8.01 6.82 -7.32
N VAL A 132 6.84 7.27 -7.80
CA VAL A 132 5.75 6.37 -8.15
C VAL A 132 6.10 5.55 -9.40
N GLU A 133 6.80 6.15 -10.37
CA GLU A 133 7.23 5.44 -11.56
C GLU A 133 8.52 4.67 -11.30
N LYS A 134 9.42 5.23 -10.46
CA LYS A 134 10.71 4.63 -10.19
C LYS A 134 10.54 3.30 -9.45
N LEU A 135 9.69 3.26 -8.43
CA LEU A 135 9.43 2.04 -7.69
C LEU A 135 8.73 1.00 -8.56
N TYR A 136 8.04 1.44 -9.62
CA TYR A 136 7.38 0.54 -10.55
C TYR A 136 8.32 -0.08 -11.58
N LEU A 137 9.42 0.61 -11.87
CA LEU A 137 10.46 0.14 -12.78
C LEU A 137 11.46 -0.76 -12.05
N GLU A 138 11.80 -0.40 -10.81
CA GLU A 138 12.78 -1.15 -10.03
C GLU A 138 12.16 -2.46 -9.52
N TRP A 139 10.83 -2.49 -9.36
CA TRP A 139 10.14 -3.70 -8.95
C TRP A 139 10.23 -4.83 -9.97
N GLN A 140 10.38 -4.50 -11.25
CA GLN A 140 10.36 -5.51 -12.31
C GLN A 140 11.69 -6.24 -12.49
N GLU A 141 12.77 -5.76 -11.86
CA GLU A 141 14.10 -6.32 -12.12
C GLU A 141 14.23 -7.73 -11.53
N LYS A 142 13.34 -8.12 -10.62
CA LYS A 142 13.37 -9.44 -10.01
C LYS A 142 12.14 -10.26 -10.38
N GLN A 143 11.11 -9.64 -10.94
CA GLN A 143 9.93 -10.37 -11.41
C GLN A 143 10.25 -11.13 -12.69
N ARG A 144 11.34 -10.76 -13.36
CA ARG A 144 11.80 -11.42 -14.58
C ARG A 144 12.71 -12.62 -14.28
N THR A 145 12.80 -13.03 -13.01
CA THR A 145 13.69 -14.12 -12.62
C THR A 145 13.09 -14.92 -11.46
N LYS A 146 12.24 -14.30 -10.63
CA LYS A 146 11.55 -15.00 -9.55
C LYS A 146 10.21 -15.58 -10.02
N LYS A 147 9.93 -15.51 -11.33
CA LYS A 147 8.69 -16.03 -11.91
C LYS A 147 8.61 -17.56 -11.74
N SER A 148 7.40 -18.10 -11.76
CA SER A 148 7.12 -19.52 -11.56
C SER A 148 7.60 -20.39 -12.72
N LYS A 149 8.17 -19.79 -13.77
CA LYS A 149 8.66 -20.53 -14.93
C LYS A 149 9.88 -21.36 -14.59
N ARG A 150 10.12 -22.42 -15.37
CA ARG A 150 11.27 -23.30 -15.21
C ARG A 150 11.62 -23.96 -16.54
N VAL A 151 12.90 -24.12 -16.82
CA VAL A 151 13.36 -24.76 -18.05
C VAL A 151 13.13 -26.27 -17.96
N VAL A 152 12.24 -26.77 -18.81
CA VAL A 152 11.92 -28.19 -18.88
C VAL A 152 11.43 -28.58 -20.28
N HIS A 153 11.63 -29.85 -20.67
CA HIS A 153 11.17 -30.35 -21.97
C HIS A 153 9.66 -30.48 -21.98
N ILE A 154 9.05 -30.38 -23.17
CA ILE A 154 7.61 -30.46 -23.33
C ILE A 154 7.28 -31.07 -24.70
N GLU A 155 6.07 -31.63 -24.83
CA GLU A 155 5.62 -32.27 -26.06
C GLU A 155 5.16 -31.24 -27.10
N GLY A 156 5.34 -29.95 -26.81
CA GLY A 156 4.95 -28.87 -27.70
C GLY A 156 5.22 -27.52 -27.04
N SER B 1 -23.07 2.22 9.78
CA SER B 1 -22.49 3.40 10.42
C SER B 1 -21.04 3.17 10.84
N GLY B 2 -20.30 4.25 11.07
CA GLY B 2 -18.91 4.17 11.50
C GLY B 2 -18.79 3.71 12.95
N SER B 3 -17.55 3.47 13.39
CA SER B 3 -17.26 3.01 14.74
C SER B 3 -15.83 3.40 15.12
N GLN B 4 -15.42 3.00 16.33
CA GLN B 4 -14.09 3.30 16.87
C GLN B 4 -12.97 2.51 16.17
N HIS B 5 -13.29 1.76 15.11
CA HIS B 5 -12.31 0.98 14.37
C HIS B 5 -12.71 0.87 12.90
N MET B 6 -11.76 0.43 12.08
CA MET B 6 -11.94 0.29 10.65
C MET B 6 -11.30 -0.99 10.11
N ARG B 7 -10.64 -1.76 10.99
CA ARG B 7 -9.87 -2.94 10.59
C ARG B 7 -10.72 -3.90 9.76
N PRO B 8 -10.41 -4.06 8.47
CA PRO B 8 -11.07 -4.98 7.58
C PRO B 8 -10.60 -6.41 7.82
N ARG B 9 -11.11 -7.35 7.03
CA ARG B 9 -10.82 -8.77 7.14
C ARG B 9 -10.22 -9.34 5.86
N PHE B 10 -11.05 -9.52 4.85
CA PHE B 10 -10.60 -9.91 3.52
C PHE B 10 -11.50 -9.47 2.38
N ASN B 11 -10.90 -9.09 1.25
CA ASN B 11 -11.62 -8.69 0.06
C ASN B 11 -10.67 -8.78 -1.14
N ARG B 12 -11.22 -8.70 -2.35
CA ARG B 12 -10.42 -8.77 -3.57
C ARG B 12 -10.99 -7.85 -4.65
N GLU B 13 -11.91 -6.95 -4.27
CA GLU B 13 -12.49 -5.99 -5.20
C GLU B 13 -11.79 -4.64 -5.10
N ASN B 14 -11.23 -4.31 -3.93
CA ASN B 14 -10.55 -3.03 -3.74
C ASN B 14 -9.03 -3.17 -3.87
N LYS B 15 -8.53 -4.41 -3.91
CA LYS B 15 -7.10 -4.66 -4.00
C LYS B 15 -6.48 -3.94 -5.19
N VAL B 16 -5.24 -3.49 -5.03
CA VAL B 16 -4.52 -2.76 -6.07
C VAL B 16 -3.30 -3.54 -6.55
N SER B 17 -3.28 -3.88 -7.83
CA SER B 17 -2.15 -4.54 -8.47
C SER B 17 -1.11 -3.51 -8.85
N PRO B 18 0.19 -3.87 -8.85
CA PRO B 18 1.26 -2.99 -9.25
C PRO B 18 1.13 -2.59 -10.72
N ALA B 19 0.31 -3.29 -11.50
CA ALA B 19 0.12 -2.99 -12.91
C ALA B 19 -1.26 -2.41 -13.18
N ASP B 20 -2.28 -2.83 -12.46
CA ASP B 20 -3.65 -2.35 -12.69
C ASP B 20 -3.72 -0.84 -12.40
N ALA B 21 -2.77 -0.32 -11.63
CA ALA B 21 -2.69 1.10 -11.33
C ALA B 21 -1.66 1.79 -12.20
N ALA B 22 -0.81 1.03 -12.89
CA ALA B 22 0.23 1.60 -13.72
C ALA B 22 -0.27 1.77 -15.15
N LYS B 23 -1.07 0.82 -15.63
CA LYS B 23 -1.64 0.89 -16.97
C LYS B 23 -2.58 2.09 -17.14
N LYS B 24 -2.92 2.75 -16.03
CA LYS B 24 -3.76 3.94 -16.03
C LYS B 24 -3.00 5.19 -15.58
N ALA B 25 -1.93 5.02 -14.78
CA ALA B 25 -1.18 6.15 -14.24
C ALA B 25 0.03 6.53 -15.08
N LEU B 26 0.73 5.54 -15.64
CA LEU B 26 1.90 5.76 -16.47
C LEU B 26 1.54 6.59 -17.71
N SER A 1 23.96 9.47 -12.65
CA SER A 1 22.68 9.14 -13.31
C SER A 1 21.59 8.86 -12.29
N GLY A 2 21.73 7.76 -11.53
CA GLY A 2 20.76 7.38 -10.52
C GLY A 2 21.17 6.09 -9.81
N SER A 3 20.40 5.68 -8.81
CA SER A 3 20.67 4.48 -8.03
C SER A 3 19.38 3.96 -7.40
N HIS A 4 19.37 2.69 -6.98
CA HIS A 4 18.22 2.07 -6.36
C HIS A 4 17.90 2.72 -5.01
N MET A 5 16.66 2.52 -4.53
CA MET A 5 16.20 3.05 -3.26
C MET A 5 16.95 2.38 -2.11
N SER A 6 16.97 3.01 -0.94
CA SER A 6 17.68 2.51 0.23
C SER A 6 17.03 3.03 1.51
N THR A 7 17.43 2.48 2.66
CA THR A 7 16.86 2.84 3.95
C THR A 7 16.91 4.33 4.29
N GLN A 8 15.90 4.80 5.03
CA GLN A 8 15.76 6.20 5.39
C GLN A 8 14.86 6.33 6.62
N TYR A 9 14.66 7.56 7.08
CA TYR A 9 13.67 7.87 8.09
C TYR A 9 12.64 8.92 7.68
N ILE A 10 11.55 9.04 8.44
CA ILE A 10 10.42 9.86 8.05
C ILE A 10 9.95 10.75 9.19
N ASP A 11 8.90 10.36 9.90
CA ASP A 11 8.30 11.16 10.96
C ASP A 11 7.37 10.25 11.76
N GLU A 12 6.98 10.69 12.96
CA GLU A 12 6.13 9.91 13.85
C GLU A 12 4.70 10.46 13.89
N THR A 13 4.44 11.55 13.15
CA THR A 13 3.16 12.24 13.18
C THR A 13 2.75 12.81 11.82
N ALA A 14 3.28 12.25 10.74
CA ALA A 14 2.97 12.68 9.38
C ALA A 14 1.48 12.45 9.08
N PHE A 15 0.90 13.32 8.26
CA PHE A 15 -0.52 13.22 7.94
C PHE A 15 -0.80 14.14 6.74
N VAL A 16 -2.03 14.08 6.25
CA VAL A 16 -2.49 14.89 5.12
C VAL A 16 -3.96 15.23 5.39
N GLN A 17 -4.39 16.37 4.86
CA GLN A 17 -5.77 16.82 4.99
C GLN A 17 -6.22 17.58 3.74
N ALA A 18 -7.51 17.45 3.42
CA ALA A 18 -8.13 17.99 2.24
C ALA A 18 -8.41 19.49 2.39
N GLU A 19 -8.80 20.14 1.27
CA GLU A 19 -9.16 21.54 1.27
C GLU A 19 -10.58 21.72 1.81
N GLN A 20 -10.96 22.96 2.13
CA GLN A 20 -12.27 23.26 2.68
C GLN A 20 -13.37 23.08 1.63
N GLY A 21 -12.99 22.96 0.36
CA GLY A 21 -13.92 22.74 -0.73
C GLY A 21 -14.13 21.26 -1.02
N LYS A 22 -13.57 20.37 -0.18
CA LYS A 22 -13.63 18.93 -0.39
C LYS A 22 -14.17 18.19 0.83
N THR A 23 -14.55 16.93 0.62
CA THR A 23 -15.05 16.03 1.65
C THR A 23 -14.28 14.73 1.81
N ASN A 24 -13.22 14.59 1.02
CA ASN A 24 -12.31 13.46 1.03
C ASN A 24 -10.96 13.86 0.43
N LEU A 25 -9.92 13.08 0.70
CA LEU A 25 -8.58 13.33 0.16
C LEU A 25 -8.52 12.98 -1.33
N MET A 26 -9.56 12.31 -1.85
CA MET A 26 -9.61 11.96 -3.27
C MET A 26 -9.51 13.18 -4.17
N PHE A 27 -8.84 13.01 -5.31
CA PHE A 27 -8.64 14.04 -6.32
C PHE A 27 -9.81 14.26 -7.28
N SER A 28 -9.84 15.41 -7.95
CA SER A 28 -10.91 15.75 -8.89
C SER A 28 -10.75 15.03 -10.23
N ASP A 29 -9.56 14.52 -10.54
CA ASP A 29 -9.30 13.84 -11.81
C ASP A 29 -9.03 12.35 -11.68
N GLU A 30 -9.47 11.55 -12.65
CA GLU A 30 -9.28 10.11 -12.61
C GLU A 30 -7.82 9.75 -12.90
N LYS A 31 -7.13 10.54 -13.73
CA LYS A 31 -5.72 10.31 -14.01
C LYS A 31 -4.87 10.64 -12.79
N GLN A 32 -5.36 11.58 -11.97
CA GLN A 32 -4.67 11.98 -10.75
C GLN A 32 -4.86 10.92 -9.67
N GLN A 33 -5.97 10.16 -9.75
CA GLN A 33 -6.21 9.03 -8.86
C GLN A 33 -5.42 7.80 -9.31
N ALA A 34 -5.17 7.66 -10.61
CA ALA A 34 -4.39 6.56 -11.13
C ALA A 34 -2.96 6.61 -10.58
N ARG A 35 -2.33 7.77 -10.71
CA ARG A 35 -0.96 7.98 -10.22
C ARG A 35 -0.93 7.94 -8.70
N PHE A 36 -2.07 8.15 -8.05
CA PHE A 36 -2.15 8.05 -6.61
C PHE A 36 -2.29 6.63 -6.07
N GLU A 37 -2.98 5.76 -6.81
CA GLU A 37 -3.12 4.36 -6.42
C GLU A 37 -1.86 3.57 -6.73
N LEU A 38 -1.12 3.93 -7.78
CA LEU A 38 0.14 3.28 -8.11
C LEU A 38 1.18 3.61 -7.04
N GLY A 39 1.04 4.76 -6.40
CA GLY A 39 1.96 5.18 -5.35
C GLY A 39 1.80 4.38 -4.07
N VAL A 40 0.66 3.72 -3.85
CA VAL A 40 0.47 2.88 -2.67
C VAL A 40 0.89 1.43 -2.92
N SER A 41 0.56 0.91 -4.10
CA SER A 41 0.86 -0.48 -4.45
C SER A 41 2.37 -0.72 -4.47
N MET A 42 3.16 0.35 -4.64
CA MET A 42 4.62 0.25 -4.69
C MET A 42 5.27 0.26 -3.31
N VAL A 43 4.63 0.89 -2.32
CA VAL A 43 5.21 0.97 -0.97
C VAL A 43 4.83 -0.20 -0.09
N ILE A 44 3.64 -0.77 -0.30
CA ILE A 44 3.23 -1.96 0.45
C ILE A 44 4.05 -3.16 -0.04
N TYR A 45 4.54 -3.09 -1.28
CA TYR A 45 5.44 -4.08 -1.85
C TYR A 45 6.85 -4.13 -1.27
N LYS A 46 7.11 -3.32 -0.24
CA LYS A 46 8.41 -3.24 0.42
C LYS A 46 8.31 -3.49 1.92
N TRP A 47 7.13 -3.83 2.44
CA TRP A 47 6.96 -4.11 3.85
C TRP A 47 7.42 -5.54 4.14
N ASP A 48 8.43 -5.70 4.99
CA ASP A 48 9.04 -7.01 5.24
C ASP A 48 8.22 -8.00 6.04
N ALA A 49 7.30 -7.54 6.89
CA ALA A 49 6.51 -8.43 7.72
C ALA A 49 5.45 -9.15 6.89
N LEU A 50 4.91 -8.47 5.87
CA LEU A 50 3.90 -9.05 5.01
C LEU A 50 4.58 -9.93 3.96
N ASP A 51 5.75 -9.52 3.46
CA ASP A 51 6.46 -10.28 2.44
C ASP A 51 6.96 -11.63 2.92
N VAL A 52 7.01 -11.84 4.24
CA VAL A 52 7.37 -13.13 4.82
C VAL A 52 6.11 -13.97 4.96
N ALA A 53 4.97 -13.32 5.26
CA ALA A 53 3.72 -14.03 5.51
C ALA A 53 3.09 -14.54 4.23
N VAL A 54 3.34 -13.86 3.10
CA VAL A 54 2.82 -14.29 1.81
C VAL A 54 3.64 -15.43 1.18
N GLU A 55 4.92 -15.49 1.54
CA GLU A 55 5.82 -16.54 1.06
C GLU A 55 5.65 -17.82 1.88
N ASN A 56 5.22 -17.67 3.14
CA ASN A 56 4.95 -18.81 4.00
C ASN A 56 3.47 -19.17 4.02
N SER A 57 2.67 -18.45 3.21
CA SER A 57 1.23 -18.70 3.07
C SER A 57 0.48 -18.68 4.40
N TRP A 58 0.93 -17.86 5.34
CA TRP A 58 0.27 -17.72 6.64
C TRP A 58 -1.16 -17.21 6.52
N GLY A 59 -1.51 -16.61 5.36
CA GLY A 59 -2.82 -16.05 5.10
C GLY A 59 -3.75 -17.05 4.39
N GLY A 60 -3.30 -18.29 4.21
CA GLY A 60 -4.08 -19.31 3.51
C GLY A 60 -3.81 -19.26 2.00
N PRO A 61 -4.59 -20.02 1.22
CA PRO A 61 -4.43 -20.11 -0.23
C PRO A 61 -4.77 -18.79 -0.92
N ASP A 62 -5.57 -17.92 -0.28
CA ASP A 62 -5.93 -16.62 -0.81
C ASP A 62 -4.93 -15.52 -0.44
N SER A 63 -3.81 -15.89 0.18
CA SER A 63 -2.81 -14.97 0.66
C SER A 63 -2.16 -14.17 -0.47
N ALA A 64 -2.07 -14.74 -1.67
CA ALA A 64 -1.42 -14.08 -2.78
C ALA A 64 -2.26 -12.90 -3.28
N GLU A 65 -3.58 -13.01 -3.24
CA GLU A 65 -4.47 -11.91 -3.61
C GLU A 65 -4.60 -10.93 -2.44
N LYS A 66 -4.36 -11.40 -1.22
CA LYS A 66 -4.46 -10.59 -0.02
C LYS A 66 -3.32 -9.57 0.05
N ARG A 67 -2.19 -9.83 -0.63
CA ARG A 67 -1.06 -8.92 -0.65
C ARG A 67 -1.41 -7.65 -1.42
N ASP A 68 -2.29 -7.75 -2.42
CA ASP A 68 -2.77 -6.59 -3.16
C ASP A 68 -3.92 -5.90 -2.43
N TRP A 69 -4.54 -6.59 -1.48
CA TRP A 69 -5.66 -6.06 -0.74
C TRP A 69 -5.25 -5.11 0.37
N ILE A 70 -4.02 -5.26 0.87
CA ILE A 70 -3.48 -4.44 1.95
C ILE A 70 -3.29 -2.99 1.50
N THR A 71 -3.02 -2.75 0.23
CA THR A 71 -2.91 -1.39 -0.28
C THR A 71 -4.31 -0.90 -0.61
N GLY A 72 -5.23 -1.81 -0.95
CA GLY A 72 -6.59 -1.44 -1.31
C GLY A 72 -7.40 -0.94 -0.12
N ILE A 73 -7.11 -1.45 1.08
CA ILE A 73 -7.80 -1.00 2.30
C ILE A 73 -7.19 0.29 2.84
N VAL A 74 -5.90 0.54 2.54
CA VAL A 74 -5.23 1.74 3.00
C VAL A 74 -5.61 2.89 2.09
N VAL A 75 -5.71 2.62 0.78
CA VAL A 75 -6.03 3.69 -0.16
C VAL A 75 -7.45 4.21 0.01
N ASP A 76 -8.38 3.32 0.39
CA ASP A 76 -9.77 3.70 0.61
C ASP A 76 -10.02 4.62 1.80
N LEU A 77 -8.97 4.89 2.60
CA LEU A 77 -9.07 5.86 3.68
C LEU A 77 -9.16 7.26 3.08
N PHE A 78 -8.45 7.48 1.96
CA PHE A 78 -8.40 8.76 1.27
C PHE A 78 -9.67 8.98 0.45
N LYS A 79 -10.35 7.88 0.07
CA LYS A 79 -11.61 7.94 -0.67
C LYS A 79 -12.77 8.40 0.21
N ASN A 80 -12.72 8.07 1.50
CA ASN A 80 -13.83 8.26 2.41
C ASN A 80 -13.57 9.25 3.54
N GLU A 81 -12.31 9.68 3.74
CA GLU A 81 -12.01 10.67 4.77
C GLU A 81 -11.29 11.87 4.18
N LYS A 82 -11.61 13.06 4.69
CA LYS A 82 -10.99 14.31 4.26
C LYS A 82 -9.62 14.53 4.90
N VAL A 83 -9.16 13.64 5.78
CA VAL A 83 -7.86 13.78 6.40
C VAL A 83 -7.50 12.41 6.96
N VAL A 84 -6.21 12.08 6.89
CA VAL A 84 -5.69 10.78 7.28
C VAL A 84 -4.28 11.01 7.83
N ASP A 85 -3.89 10.23 8.82
CA ASP A 85 -2.55 10.30 9.40
C ASP A 85 -1.80 8.97 9.34
N ALA A 86 -0.48 9.01 9.52
CA ALA A 86 0.34 7.82 9.47
C ALA A 86 -0.08 6.81 10.53
N ALA A 87 -0.68 7.30 11.63
CA ALA A 87 -1.18 6.44 12.69
C ALA A 87 -2.43 5.68 12.26
N LEU A 88 -3.17 6.23 11.28
CA LEU A 88 -4.37 5.59 10.77
C LEU A 88 -3.98 4.39 9.92
N ILE A 89 -3.04 4.63 9.00
CA ILE A 89 -2.60 3.63 8.03
C ILE A 89 -1.83 2.51 8.73
N GLU A 90 -1.07 2.84 9.79
CA GLU A 90 -0.28 1.83 10.48
C GLU A 90 -1.20 0.82 11.17
N GLU A 91 -2.32 1.28 11.73
CA GLU A 91 -3.28 0.38 12.35
C GLU A 91 -3.98 -0.46 11.29
N THR A 92 -4.14 0.08 10.08
CA THR A 92 -4.71 -0.67 8.97
C THR A 92 -3.82 -1.79 8.46
N LEU A 93 -2.51 -1.67 8.71
CA LEU A 93 -1.53 -2.70 8.38
C LEU A 93 -1.39 -3.69 9.53
N LEU A 94 -1.28 -3.21 10.78
CA LEU A 94 -1.07 -4.09 11.91
C LEU A 94 -2.27 -5.00 12.12
N TYR A 95 -3.49 -4.47 12.02
CA TYR A 95 -4.67 -5.31 12.14
C TYR A 95 -4.89 -6.27 10.98
N ALA A 96 -4.36 -5.94 9.80
CA ALA A 96 -4.47 -6.79 8.64
C ALA A 96 -3.59 -8.04 8.79
N MET A 97 -2.52 -7.94 9.59
CA MET A 97 -1.64 -9.07 9.86
C MET A 97 -2.15 -9.92 11.01
N ILE A 98 -2.78 -9.30 12.02
CA ILE A 98 -3.25 -10.03 13.18
C ILE A 98 -4.60 -10.68 12.93
N ASP A 99 -5.42 -10.12 12.04
CA ASP A 99 -6.76 -10.61 11.80
C ASP A 99 -6.87 -11.84 10.91
N GLU A 100 -5.86 -12.12 10.08
CA GLU A 100 -5.91 -13.25 9.16
C GLU A 100 -4.53 -13.89 8.96
N PHE A 101 -3.45 -13.10 9.03
CA PHE A 101 -2.11 -13.65 8.99
C PHE A 101 -1.62 -14.26 10.31
N GLU A 102 -2.43 -14.10 11.37
CA GLU A 102 -2.10 -14.59 12.71
C GLU A 102 -0.72 -14.12 13.17
N THR A 103 -0.31 -12.93 12.72
CA THR A 103 1.01 -12.40 12.98
C THR A 103 0.92 -10.97 13.50
N ASN A 104 1.64 -10.70 14.58
CA ASN A 104 1.74 -9.36 15.13
C ASN A 104 2.94 -8.62 14.52
N VAL A 105 2.81 -7.31 14.37
CA VAL A 105 3.86 -6.45 13.82
C VAL A 105 4.14 -5.24 14.70
N GLU A 106 4.43 -5.53 15.96
CA GLU A 106 4.67 -4.52 17.00
C GLU A 106 6.10 -3.98 16.90
N ASP A 107 6.88 -4.46 15.93
CA ASP A 107 8.23 -3.98 15.68
C ASP A 107 8.26 -2.62 14.99
N ASP A 108 7.09 -2.00 14.80
CA ASP A 108 6.94 -0.70 14.16
C ASP A 108 7.44 -0.63 12.72
N SER A 109 7.60 -1.79 12.06
CA SER A 109 8.09 -1.84 10.70
C SER A 109 7.07 -1.26 9.72
N ALA A 110 5.82 -1.11 10.15
CA ALA A 110 4.76 -0.55 9.35
C ALA A 110 4.69 0.97 9.48
N LEU A 111 5.40 1.54 10.46
CA LEU A 111 5.40 2.98 10.69
C LEU A 111 5.88 3.75 9.45
N PRO A 112 7.07 3.46 8.91
CA PRO A 112 7.57 4.19 7.76
C PRO A 112 6.78 3.83 6.49
N ILE A 113 6.17 2.65 6.45
CA ILE A 113 5.35 2.25 5.31
C ILE A 113 4.09 3.11 5.26
N ALA A 114 3.58 3.52 6.42
CA ALA A 114 2.43 4.40 6.47
C ALA A 114 2.80 5.77 5.92
N VAL A 115 3.96 6.31 6.29
CA VAL A 115 4.36 7.62 5.82
C VAL A 115 4.69 7.62 4.33
N GLU A 116 5.16 6.49 3.79
CA GLU A 116 5.42 6.39 2.36
C GLU A 116 4.13 6.51 1.57
N VAL A 117 2.96 6.21 2.17
CA VAL A 117 1.68 6.38 1.52
C VAL A 117 1.19 7.83 1.69
N ILE A 118 1.50 8.45 2.82
CA ILE A 118 1.10 9.82 3.10
C ILE A 118 1.80 10.76 2.13
N ASN A 119 3.03 10.40 1.72
CA ASN A 119 3.81 11.20 0.78
C ASN A 119 3.24 11.10 -0.64
N ILE A 120 2.44 10.07 -0.93
CA ILE A 120 1.86 9.91 -2.25
C ILE A 120 0.81 10.99 -2.49
N TYR A 121 0.10 11.38 -1.43
CA TYR A 121 -0.88 12.45 -1.54
C TYR A 121 -0.24 13.82 -1.75
N ASN A 122 0.90 14.07 -1.09
CA ASN A 122 1.62 15.31 -1.22
C ASN A 122 2.27 15.43 -2.60
N ASP A 123 2.67 14.29 -3.18
CA ASP A 123 3.20 14.27 -4.53
C ASP A 123 2.15 14.46 -5.61
N CYS A 124 1.05 13.70 -5.53
CA CYS A 124 -0.02 13.81 -6.50
C CYS A 124 -0.76 15.13 -6.39
N PHE A 125 -0.58 15.85 -5.28
CA PHE A 125 -1.18 17.17 -5.09
C PHE A 125 -0.67 18.24 -6.04
N ASN A 126 0.44 17.93 -6.72
CA ASN A 126 1.02 18.78 -7.76
C ASN A 126 1.48 17.93 -8.94
N LEU A 127 0.80 16.79 -9.15
CA LEU A 127 1.04 15.87 -10.26
C LEU A 127 2.45 15.31 -10.32
N ASN A 128 3.17 15.25 -9.19
CA ASN A 128 4.47 14.61 -9.14
C ASN A 128 4.30 13.09 -9.04
N TYR A 129 5.23 12.34 -9.64
CA TYR A 129 5.22 10.88 -9.62
C TYR A 129 6.59 10.22 -9.72
N ASN A 130 7.66 10.97 -9.44
CA ASN A 130 9.02 10.49 -9.67
C ASN A 130 9.35 9.23 -8.88
N LYS A 131 8.87 9.12 -7.63
CA LYS A 131 9.12 7.94 -6.83
C LYS A 131 8.07 6.86 -7.11
N VAL A 132 6.89 7.26 -7.61
CA VAL A 132 5.82 6.32 -7.90
C VAL A 132 6.16 5.49 -9.12
N GLU A 133 6.72 6.11 -10.17
CA GLU A 133 7.09 5.39 -11.37
C GLU A 133 8.39 4.61 -11.15
N LYS A 134 9.35 5.20 -10.42
CA LYS A 134 10.66 4.58 -10.24
C LYS A 134 10.55 3.21 -9.58
N LEU A 135 9.72 3.10 -8.53
CA LEU A 135 9.53 1.83 -7.85
C LEU A 135 8.91 0.78 -8.77
N TYR A 136 8.20 1.22 -9.82
CA TYR A 136 7.54 0.30 -10.74
C TYR A 136 8.49 -0.37 -11.74
N LEU A 137 9.55 0.34 -12.15
CA LEU A 137 10.56 -0.24 -13.01
C LEU A 137 11.49 -1.14 -12.20
N GLU A 138 11.79 -0.74 -10.96
CA GLU A 138 12.67 -1.51 -10.09
C GLU A 138 11.96 -2.76 -9.55
N TRP A 139 10.63 -2.76 -9.52
CA TRP A 139 9.87 -3.93 -9.10
C TRP A 139 9.95 -5.10 -10.09
N GLN A 140 10.16 -4.81 -11.38
CA GLN A 140 10.19 -5.85 -12.40
C GLN A 140 11.52 -6.59 -12.46
N GLU A 141 12.54 -6.14 -11.72
CA GLU A 141 13.88 -6.70 -11.84
C GLU A 141 13.95 -8.12 -11.25
N LYS A 142 12.98 -8.50 -10.41
CA LYS A 142 12.96 -9.82 -9.80
C LYS A 142 11.76 -10.64 -10.28
N GLN A 143 10.76 -9.99 -10.89
CA GLN A 143 9.62 -10.71 -11.44
C GLN A 143 10.02 -11.46 -12.71
N ARG A 144 11.19 -11.12 -13.28
CA ARG A 144 11.73 -11.76 -14.47
C ARG A 144 12.59 -12.98 -14.13
N THR A 145 12.60 -13.40 -12.86
CA THR A 145 13.46 -14.51 -12.43
C THR A 145 12.75 -15.33 -11.36
N LYS A 146 11.92 -14.72 -10.51
CA LYS A 146 11.16 -15.45 -9.49
C LYS A 146 9.97 -16.19 -10.12
N LYS A 147 9.70 -15.93 -11.41
CA LYS A 147 8.64 -16.61 -12.13
C LYS A 147 9.01 -18.06 -12.45
N SER A 148 10.24 -18.45 -12.15
CA SER A 148 10.74 -19.81 -12.40
C SER A 148 10.21 -20.82 -11.38
N LYS A 149 9.38 -20.38 -10.43
CA LYS A 149 8.78 -21.25 -9.43
C LYS A 149 7.82 -22.24 -10.07
N ARG A 150 7.47 -23.29 -9.34
CA ARG A 150 6.57 -24.35 -9.81
C ARG A 150 5.93 -25.06 -8.63
N VAL A 151 4.88 -25.83 -8.90
CA VAL A 151 4.15 -26.56 -7.87
C VAL A 151 3.92 -28.04 -8.18
N VAL A 152 4.76 -28.59 -9.08
CA VAL A 152 4.66 -30.00 -9.46
C VAL A 152 5.05 -30.97 -8.34
N HIS A 153 5.60 -30.41 -7.26
CA HIS A 153 6.02 -31.15 -6.08
C HIS A 153 4.86 -31.40 -5.11
N ILE A 154 3.63 -31.20 -5.59
CA ILE A 154 2.42 -31.38 -4.79
C ILE A 154 2.24 -32.86 -4.45
N GLU A 155 1.59 -33.14 -3.30
CA GLU A 155 1.36 -34.50 -2.83
C GLU A 155 0.03 -34.57 -2.06
N GLY A 156 -0.76 -33.49 -2.11
CA GLY A 156 -2.04 -33.40 -1.41
C GLY A 156 -1.83 -33.31 0.10
N SER B 1 -19.69 -0.44 13.25
CA SER B 1 -20.26 0.62 14.11
C SER B 1 -19.22 1.69 14.43
N GLY B 2 -19.67 2.85 14.93
CA GLY B 2 -18.80 3.94 15.31
C GLY B 2 -18.02 3.62 16.57
N SER B 3 -17.11 4.53 16.95
CA SER B 3 -16.25 4.39 18.12
C SER B 3 -15.40 3.13 18.09
N GLN B 4 -15.17 2.56 16.90
CA GLN B 4 -14.40 1.35 16.71
C GLN B 4 -13.42 1.50 15.55
N HIS B 5 -12.39 0.65 15.50
CA HIS B 5 -11.38 0.68 14.45
C HIS B 5 -11.97 0.24 13.11
N MET B 6 -11.35 0.72 12.02
CA MET B 6 -11.76 0.45 10.66
C MET B 6 -11.23 -0.90 10.15
N ARG B 7 -10.45 -1.60 10.99
CA ARG B 7 -9.76 -2.84 10.64
C ARG B 7 -10.66 -3.83 9.89
N PRO B 8 -10.42 -4.01 8.58
CA PRO B 8 -11.10 -4.98 7.76
C PRO B 8 -10.54 -6.38 7.98
N ARG B 9 -11.09 -7.36 7.25
CA ARG B 9 -10.70 -8.77 7.37
C ARG B 9 -10.07 -9.28 6.09
N PHE B 10 -10.89 -9.44 5.05
CA PHE B 10 -10.42 -9.84 3.72
C PHE B 10 -11.35 -9.45 2.59
N ASN B 11 -10.77 -9.08 1.44
CA ASN B 11 -11.53 -8.73 0.25
C ASN B 11 -10.61 -8.82 -0.96
N ARG B 12 -11.19 -8.73 -2.16
CA ARG B 12 -10.42 -8.77 -3.40
C ARG B 12 -11.01 -7.84 -4.45
N GLU B 13 -11.91 -6.94 -4.04
CA GLU B 13 -12.51 -5.98 -4.95
C GLU B 13 -11.85 -4.61 -4.86
N ASN B 14 -11.29 -4.26 -3.69
CA ASN B 14 -10.65 -2.96 -3.49
C ASN B 14 -9.14 -3.05 -3.68
N LYS B 15 -8.61 -4.28 -3.78
CA LYS B 15 -7.18 -4.53 -3.89
C LYS B 15 -6.57 -3.76 -5.06
N VAL B 16 -5.29 -3.45 -4.95
CA VAL B 16 -4.54 -2.73 -5.98
C VAL B 16 -3.33 -3.52 -6.45
N SER B 17 -3.28 -3.84 -7.75
CA SER B 17 -2.16 -4.53 -8.36
C SER B 17 -1.07 -3.54 -8.74
N PRO B 18 0.19 -3.95 -8.75
CA PRO B 18 1.32 -3.13 -9.18
C PRO B 18 1.19 -2.75 -10.65
N ALA B 19 0.32 -3.43 -11.41
CA ALA B 19 0.14 -3.17 -12.83
C ALA B 19 -1.23 -2.57 -13.12
N ASP B 20 -2.27 -2.96 -12.39
CA ASP B 20 -3.62 -2.47 -12.63
C ASP B 20 -3.67 -0.96 -12.36
N ALA B 21 -2.70 -0.44 -11.59
CA ALA B 21 -2.61 0.97 -11.29
C ALA B 21 -1.57 1.64 -12.18
N ALA B 22 -0.73 0.87 -12.86
CA ALA B 22 0.33 1.41 -13.68
C ALA B 22 -0.14 1.57 -15.12
N LYS B 23 -0.95 0.62 -15.60
CA LYS B 23 -1.48 0.67 -16.96
C LYS B 23 -2.37 1.89 -17.16
N LYS B 24 -2.75 2.56 -16.07
CA LYS B 24 -3.57 3.78 -16.10
C LYS B 24 -2.78 5.01 -15.66
N ALA B 25 -1.74 4.83 -14.83
CA ALA B 25 -0.97 5.94 -14.28
C ALA B 25 0.25 6.30 -15.13
N LEU B 26 0.94 5.28 -15.68
CA LEU B 26 2.13 5.50 -16.50
C LEU B 26 1.78 6.30 -17.75
#